data_8DEF
#
_entry.id   8DEF
#
_cell.length_a   1.00
_cell.length_b   1.00
_cell.length_c   1.00
_cell.angle_alpha   90.00
_cell.angle_beta   90.00
_cell.angle_gamma   90.00
#
_symmetry.space_group_name_H-M   'P 1'
#
loop_
_entity.id
_entity.type
_entity.pdbx_description
1 polymer 'Spike glycoprotein E1'
2 polymer 'Spike glycoprotein E2'
3 polymer 'SKW24 Fab heavy chain'
4 polymer 'SKW24 Fab light chain'
#
loop_
_entity_poly.entity_id
_entity_poly.type
_entity_poly.pdbx_seq_one_letter_code
_entity_poly.pdbx_strand_id
1 'polypeptide(L)'
;FEHATTVPNVPGIPYKALVERAGYAPLNLEITVVSSELTPSTNKEYVTCRFHTVIPSPQVKCCGSLECKASSKADYTCRV
FGGVYPFMWGGAQCFCDSENTQLSEAYVEFAPDCTIDHAVALKVHTAALKVGLRIVYGNTTAHLDTFVNGVTPGSSRDLK
VIAGPISAAFSPFDHKVVIRKGLVYNYDFPEYGAMKPGAFGDIQASSLDATDIVARTDIRLLKPSVKNIHVPYTQAVSGY
EMWKNNSGRPLQETAPFGCKIEVEPLRASNCAYGHIPISIDIPDAAFVRSSESPTILEVSCTVADCIYSADFGGSLTLQY
KADREGHCPVHSHSTTAVLKEATTHVTAVGSITLHFSTSSPQANFIVSLCGKKTTCNAECKPPADHIIGEPHKVDQEFQA
AVSKTSWNWLLALFGGASSLIVVGLIVLVCSSMLINTRR
;
A,F,J
2 'polypeptide(L)'
;SITDDFTLTSPYLGFCPYCRHSAPCFSPIKIENVWDESDDGSIRIQVSAQFGYNQAGTADVTKFRYMSFDHDHDIKEDSM
DKIAISTSGPCRRLGHKGYFLLAQCPPGDSVTVSITSGASENSCTVEKKIRRKFVGREEYLFPPVHGKLVKCHVYDHLKE
TSAGYITMHRPGPHAYKSYLEEASGEVYIKPPSGKNVTYECKCGDYSTGIVSTRTKMNGCTKAKQCIAYKSDQTKWVFNS
PDLIRHTDHSVQGKLHIPFRLTPTVCPVPLAHTPTVTKWFKGITLHLTATRPTLLTTRKLGLRADATAEWITGTTSRNFS
VGREGLEYVWGNHEPVRVWAQESAPGDPHGWPHEIIIHYYHRHPVYTVIVLCGVALAILVGTASSAACIAKARRDCLTPY
ALAPNATVPTALAVLCCI
;
B,G,K
3 'polypeptide(L)'
;EVQLVESGGGLVQPGGSLRLSCVASGFTFSDYRMAWVRQATGKGLEWVSTISQPSGTNTYYLDPVKGRFTVSRDNAKNTL
YLQMHSLRAEDTAVYYCARVVTESRPPAAWFDVWGPGVLVTVSSASTKGPSVFPLAPSSRSTSESTAALGCLVKDYFPEP
VTVSWNSGSLTSGVHTFPAVLQSSGLYSLSSVVTVPSSSLGTQTYVCNVNHKPSNTKVDKRVEIKTCGGLEVLFQ
;
S,U
4 'polypeptide(L)'
;SYELTQPPSVSASPGQTARITCGGINIGSELVHWYQQKPPQAPVLVIYANGERPSGIPERFSGSNSGNTATLTISGVEAG
DEADYYCQLWDISSDHNYIFGDGTRLTVLGQPKAAPSVTLFPPSSEELQANKATLVCLISDFYPGAVEVAWKADGSAVNA
GVETTKPSKQSNNKYAASSYLSLTSDQWKSHKSYSCQVTHEGSTVEKTVAPAECS
;
T,V
#
# COMPACT_ATOMS: atom_id res chain seq x y z
N PHE A 1 2.13 31.33 73.02
CA PHE A 1 3.54 31.15 72.69
C PHE A 1 3.73 31.20 71.17
N GLU A 2 4.96 31.50 70.73
CA GLU A 2 5.28 31.65 69.33
C GLU A 2 6.48 30.78 68.97
N HIS A 3 6.41 30.11 67.83
CA HIS A 3 7.52 29.33 67.29
C HIS A 3 7.71 29.69 65.82
N ALA A 4 8.96 29.98 65.45
CA ALA A 4 9.32 30.29 64.07
C ALA A 4 10.24 29.21 63.54
N THR A 5 10.00 28.81 62.29
CA THR A 5 10.78 27.76 61.64
C THR A 5 10.78 28.04 60.14
N THR A 6 11.33 27.10 59.36
CA THR A 6 11.41 27.25 57.92
C THR A 6 11.15 25.87 57.31
N VAL A 7 9.93 25.66 56.83
CA VAL A 7 9.49 24.36 56.31
C VAL A 7 10.05 24.21 54.90
N PRO A 8 10.31 23.00 54.40
CA PRO A 8 10.60 22.85 52.97
C PRO A 8 9.34 22.80 52.13
N ASN A 9 9.44 23.38 50.94
CA ASN A 9 8.33 23.41 49.98
C ASN A 9 8.22 22.01 49.35
N VAL A 10 7.52 21.14 50.05
CA VAL A 10 7.29 19.76 49.63
C VAL A 10 5.83 19.41 49.85
N PRO A 11 5.01 19.25 48.80
CA PRO A 11 3.60 18.93 49.01
C PRO A 11 3.42 17.55 49.62
N GLY A 12 2.82 17.52 50.82
CA GLY A 12 2.36 16.30 51.43
C GLY A 12 3.36 15.58 52.32
N ILE A 13 4.62 15.99 52.33
CA ILE A 13 5.65 15.33 53.11
C ILE A 13 5.70 16.00 54.49
N PRO A 14 5.60 15.26 55.60
CA PRO A 14 5.60 15.92 56.92
C PRO A 14 6.95 16.52 57.28
N TYR A 15 6.87 17.61 58.03
CA TYR A 15 8.03 18.28 58.62
C TYR A 15 7.77 18.39 60.12
N LYS A 16 8.64 17.80 60.92
CA LYS A 16 8.41 17.56 62.34
C LYS A 16 9.30 18.45 63.18
N ALA A 17 8.74 19.03 64.24
CA ALA A 17 9.49 19.82 65.21
C ALA A 17 8.84 19.64 66.57
N LEU A 18 9.61 19.99 67.61
CA LEU A 18 9.17 19.87 69.00
C LEU A 18 9.35 21.23 69.67
N VAL A 19 8.24 21.91 69.94
CA VAL A 19 8.30 23.21 70.60
C VAL A 19 8.40 23.00 72.09
N GLU A 20 9.34 23.72 72.72
CA GLU A 20 9.66 23.56 74.14
C GLU A 20 9.73 24.93 74.79
N ARG A 21 8.78 25.21 75.67
CA ARG A 21 8.85 26.36 76.56
C ARG A 21 9.34 25.90 77.91
N ALA A 22 10.11 26.76 78.59
CA ALA A 22 10.95 26.33 79.71
C ALA A 22 10.11 25.68 80.81
N GLY A 23 9.03 26.33 81.22
CA GLY A 23 8.23 25.83 82.32
C GLY A 23 7.22 24.76 81.96
N TYR A 24 6.97 24.54 80.68
CA TYR A 24 5.89 23.67 80.22
C TYR A 24 6.44 22.49 79.44
N ALA A 25 5.62 21.44 79.34
CA ALA A 25 6.01 20.26 78.60
C ALA A 25 6.11 20.58 77.11
N PRO A 26 6.97 19.88 76.37
CA PRO A 26 7.05 20.13 74.93
C PRO A 26 5.80 19.63 74.21
N LEU A 27 5.56 20.24 73.04
CA LEU A 27 4.46 19.83 72.16
C LEU A 27 5.03 19.46 70.79
N ASN A 28 4.40 18.45 70.19
CA ASN A 28 4.70 18.10 68.81
C ASN A 28 4.22 19.20 67.87
N LEU A 29 4.80 19.22 66.66
CA LEU A 29 4.35 20.14 65.62
C LEU A 29 4.71 19.48 64.29
N GLU A 30 3.73 18.98 63.55
CA GLU A 30 4.01 18.49 62.20
C GLU A 30 3.21 19.32 61.21
N ILE A 31 3.95 19.80 60.21
CA ILE A 31 3.45 20.67 59.14
C ILE A 31 3.50 19.82 57.87
N THR A 32 2.39 19.76 57.13
CA THR A 32 2.44 19.21 55.77
C THR A 32 1.71 20.16 54.82
N VAL A 33 2.29 20.35 53.63
CA VAL A 33 1.66 21.15 52.58
C VAL A 33 0.70 20.25 51.79
N VAL A 34 -0.59 20.36 52.08
CA VAL A 34 -1.57 19.53 51.39
C VAL A 34 -1.60 19.88 49.91
N SER A 35 -1.56 21.18 49.59
CA SER A 35 -1.57 21.63 48.21
C SER A 35 -0.94 23.01 48.14
N SER A 36 -0.50 23.38 46.94
CA SER A 36 0.01 24.70 46.65
C SER A 36 -0.66 25.20 45.37
N GLU A 37 -0.67 26.51 45.19
CA GLU A 37 -1.30 27.13 44.03
C GLU A 37 -0.52 28.38 43.65
N LEU A 38 0.33 28.26 42.63
CA LEU A 38 1.11 29.37 42.11
C LEU A 38 0.33 30.02 40.97
N THR A 39 -0.43 31.06 41.28
CA THR A 39 -1.34 31.70 40.33
C THR A 39 -0.89 33.13 40.09
N PRO A 40 -0.75 33.58 38.81
CA PRO A 40 -0.44 35.00 38.56
C PRO A 40 -1.68 35.83 38.30
N SER A 41 -1.49 37.16 38.23
CA SER A 41 -2.53 38.08 37.80
C SER A 41 -2.38 38.31 36.31
N THR A 42 -3.38 37.88 35.53
CA THR A 42 -3.31 37.89 34.08
C THR A 42 -4.42 38.77 33.51
N ASN A 43 -4.27 39.10 32.23
CA ASN A 43 -5.25 39.89 31.51
C ASN A 43 -5.31 39.42 30.06
N LYS A 44 -6.50 39.50 29.47
CA LYS A 44 -6.72 39.02 28.11
C LYS A 44 -6.47 40.14 27.11
N GLU A 45 -5.77 39.81 26.02
CA GLU A 45 -5.48 40.76 24.95
C GLU A 45 -6.45 40.57 23.78
N TYR A 46 -6.63 39.32 23.35
CA TYR A 46 -7.51 39.01 22.23
C TYR A 46 -7.75 37.51 22.21
N VAL A 47 -8.69 37.09 21.37
CA VAL A 47 -8.95 35.69 21.08
C VAL A 47 -8.64 35.45 19.60
N THR A 48 -8.15 34.26 19.30
CA THR A 48 -7.73 33.93 17.95
C THR A 48 -8.13 32.49 17.64
N CYS A 49 -8.31 32.22 16.35
CA CYS A 49 -8.68 30.90 15.86
C CYS A 49 -8.50 30.91 14.35
N ARG A 50 -8.85 29.80 13.70
CA ARG A 50 -8.85 29.76 12.25
C ARG A 50 -9.96 30.67 11.71
N PHE A 51 -9.59 31.56 10.80
CA PHE A 51 -10.53 32.55 10.30
C PHE A 51 -11.41 31.94 9.19
N HIS A 52 -12.63 32.45 9.12
CA HIS A 52 -13.56 32.15 8.04
C HIS A 52 -13.51 33.29 7.03
N THR A 53 -13.09 32.97 5.81
CA THR A 53 -13.02 33.95 4.73
C THR A 53 -14.41 34.06 4.10
N VAL A 54 -15.05 35.20 4.32
CA VAL A 54 -16.33 35.50 3.69
C VAL A 54 -16.09 36.44 2.52
N ILE A 55 -16.58 36.05 1.36
CA ILE A 55 -16.39 36.79 0.12
C ILE A 55 -17.79 37.20 -0.36
N PRO A 56 -18.25 38.42 -0.10
CA PRO A 56 -19.63 38.77 -0.45
C PRO A 56 -19.91 38.61 -1.93
N SER A 57 -21.20 38.71 -2.25
CA SER A 57 -21.65 38.51 -3.61
C SER A 57 -21.18 39.67 -4.50
N PRO A 58 -20.68 39.40 -5.71
CA PRO A 58 -20.10 40.49 -6.52
C PRO A 58 -21.15 41.49 -6.97
N GLN A 59 -20.65 42.58 -7.57
CA GLN A 59 -21.47 43.66 -8.11
C GLN A 59 -20.90 44.07 -9.45
N VAL A 60 -21.81 44.43 -10.38
CA VAL A 60 -21.41 44.96 -11.69
C VAL A 60 -22.28 46.15 -12.02
N LYS A 61 -21.65 47.21 -12.53
CA LYS A 61 -22.32 48.30 -13.22
C LYS A 61 -21.70 48.27 -14.61
N CYS A 62 -22.45 47.76 -15.59
CA CYS A 62 -21.79 47.24 -16.77
C CYS A 62 -21.73 48.22 -17.94
N CYS A 63 -22.34 49.40 -17.82
CA CYS A 63 -21.87 50.58 -18.56
C CYS A 63 -22.03 51.85 -17.72
N GLY A 64 -21.58 51.77 -16.47
CA GLY A 64 -21.27 52.93 -15.66
C GLY A 64 -19.92 52.77 -15.00
N SER A 65 -19.74 53.28 -13.78
CA SER A 65 -18.49 53.14 -13.06
C SER A 65 -18.75 52.86 -11.58
N LEU A 66 -17.88 52.06 -10.98
CA LEU A 66 -17.94 51.70 -9.57
C LEU A 66 -16.60 52.01 -8.92
N GLU A 67 -16.63 52.30 -7.62
CA GLU A 67 -15.44 52.69 -6.87
C GLU A 67 -15.40 51.93 -5.55
N CYS A 68 -14.19 51.79 -5.02
CA CYS A 68 -13.96 51.02 -3.79
C CYS A 68 -14.24 51.90 -2.59
N LYS A 69 -15.31 51.61 -1.86
CA LYS A 69 -15.58 52.26 -0.59
C LYS A 69 -14.81 51.57 0.52
N ALA A 70 -14.59 52.32 1.61
CA ALA A 70 -13.83 51.84 2.75
C ALA A 70 -14.78 51.30 3.82
N SER A 71 -14.54 50.06 4.25
CA SER A 71 -15.33 49.40 5.26
C SER A 71 -14.50 49.20 6.52
N SER A 72 -15.12 48.60 7.54
CA SER A 72 -14.49 48.35 8.83
C SER A 72 -14.34 46.86 9.13
N LYS A 73 -14.54 46.00 8.12
CA LYS A 73 -14.42 44.58 8.34
C LYS A 73 -12.96 44.18 8.54
N ALA A 74 -12.75 43.00 9.11
CA ALA A 74 -11.40 42.51 9.36
C ALA A 74 -10.68 42.25 8.05
N ASP A 75 -9.55 42.93 7.86
CA ASP A 75 -8.76 42.87 6.63
C ASP A 75 -9.66 43.02 5.40
N TYR A 76 -10.51 44.04 5.42
CA TYR A 76 -11.37 44.28 4.28
C TYR A 76 -10.54 44.60 3.06
N THR A 77 -10.87 43.96 1.94
CA THR A 77 -10.17 44.20 0.69
C THR A 77 -11.22 44.32 -0.41
N CYS A 78 -11.04 45.30 -1.30
CA CYS A 78 -11.98 45.51 -2.38
C CYS A 78 -11.27 46.25 -3.51
N ARG A 79 -11.65 45.93 -4.74
CA ARG A 79 -11.03 46.52 -5.91
C ARG A 79 -12.02 46.51 -7.07
N VAL A 80 -11.60 47.11 -8.17
CA VAL A 80 -12.45 47.37 -9.32
C VAL A 80 -11.81 46.79 -10.58
N PHE A 81 -12.67 46.32 -11.48
CA PHE A 81 -12.26 45.82 -12.79
C PHE A 81 -13.10 46.50 -13.84
N GLY A 82 -12.60 46.50 -15.09
CA GLY A 82 -13.33 47.03 -16.22
C GLY A 82 -14.04 45.96 -17.02
N GLY A 83 -13.63 45.79 -18.28
CA GLY A 83 -14.28 44.85 -19.18
C GLY A 83 -14.20 43.40 -18.73
N VAL A 84 -15.33 42.82 -18.36
CA VAL A 84 -15.38 41.42 -17.90
C VAL A 84 -16.49 40.66 -18.63
N TYR A 85 -17.71 41.20 -18.63
CA TYR A 85 -18.88 40.62 -19.27
C TYR A 85 -19.13 39.20 -18.77
N PRO A 86 -19.63 39.04 -17.54
CA PRO A 86 -19.79 37.70 -16.97
C PRO A 86 -21.05 37.00 -17.47
N PHE A 87 -21.01 35.67 -17.39
CA PHE A 87 -22.15 34.80 -17.63
C PHE A 87 -22.47 34.08 -16.34
N MET A 88 -23.75 33.99 -15.98
CA MET A 88 -24.15 33.27 -14.78
C MET A 88 -24.97 32.02 -15.11
N TRP A 89 -26.10 32.15 -15.81
CA TRP A 89 -26.76 30.96 -16.33
C TRP A 89 -27.34 31.11 -17.74
N GLY A 90 -27.67 32.32 -18.19
CA GLY A 90 -28.28 32.52 -19.49
C GLY A 90 -27.30 32.77 -20.61
N GLY A 91 -26.00 32.67 -20.35
CA GLY A 91 -25.01 33.04 -21.34
C GLY A 91 -24.87 34.53 -21.55
N ALA A 92 -25.51 35.35 -20.70
CA ALA A 92 -25.37 36.79 -20.79
C ALA A 92 -26.00 37.44 -19.56
N GLN A 93 -25.24 38.32 -18.88
CA GLN A 93 -25.71 39.04 -17.71
C GLN A 93 -25.55 40.54 -17.86
N CYS A 94 -25.51 41.06 -19.10
CA CYS A 94 -25.25 42.47 -19.30
C CYS A 94 -25.57 42.94 -20.71
N PHE A 95 -25.72 44.26 -20.81
CA PHE A 95 -25.80 45.03 -22.04
C PHE A 95 -24.75 46.13 -21.97
N CYS A 96 -24.18 46.51 -23.13
CA CYS A 96 -22.91 47.24 -23.17
C CYS A 96 -21.77 46.33 -22.72
N ASP A 97 -21.48 45.27 -23.48
CA ASP A 97 -20.52 44.25 -23.06
C ASP A 97 -19.16 44.83 -22.68
N SER A 98 -18.73 45.91 -23.33
CA SER A 98 -17.47 46.57 -23.00
C SER A 98 -17.71 47.66 -21.96
N GLU A 99 -16.61 48.19 -21.41
CA GLU A 99 -16.61 49.21 -20.36
C GLU A 99 -17.62 48.84 -19.26
N ASN A 100 -17.27 47.75 -18.59
CA ASN A 100 -18.18 46.84 -17.92
C ASN A 100 -17.85 46.57 -16.45
N THR A 101 -17.84 47.62 -15.64
CA THR A 101 -17.09 47.58 -14.40
C THR A 101 -17.68 46.62 -13.38
N GLN A 102 -16.78 46.02 -12.59
CA GLN A 102 -17.09 45.03 -11.56
C GLN A 102 -16.39 45.42 -10.27
N LEU A 103 -17.10 45.25 -9.15
CA LEU A 103 -16.57 45.51 -7.82
C LEU A 103 -16.38 44.18 -7.11
N SER A 104 -15.13 43.83 -6.80
CA SER A 104 -14.78 42.57 -6.15
C SER A 104 -14.35 42.87 -4.72
N GLU A 105 -14.91 42.13 -3.77
CA GLU A 105 -14.72 42.40 -2.35
C GLU A 105 -14.52 41.10 -1.60
N ALA A 106 -13.91 41.21 -0.42
CA ALA A 106 -13.73 40.05 0.46
C ALA A 106 -13.24 40.53 1.81
N TYR A 107 -13.54 39.74 2.83
CA TYR A 107 -13.01 39.98 4.18
C TYR A 107 -13.11 38.67 4.97
N VAL A 108 -12.73 38.74 6.25
CA VAL A 108 -12.67 37.57 7.11
C VAL A 108 -13.43 37.86 8.40
N GLU A 109 -13.80 36.78 9.08
CA GLU A 109 -14.42 36.85 10.40
C GLU A 109 -14.02 35.61 11.17
N PHE A 110 -14.56 35.47 12.38
CA PHE A 110 -14.38 34.23 13.12
C PHE A 110 -15.23 33.12 12.51
N ALA A 111 -14.71 31.91 12.58
CA ALA A 111 -15.49 30.76 12.19
C ALA A 111 -16.67 30.61 13.14
N PRO A 112 -17.79 30.05 12.68
CA PRO A 112 -18.90 29.79 13.61
C PRO A 112 -18.54 28.80 14.70
N ASP A 113 -17.49 28.01 14.49
CA ASP A 113 -17.10 26.94 15.39
C ASP A 113 -15.88 27.29 16.25
N CYS A 114 -15.46 28.56 16.25
CA CYS A 114 -14.42 28.98 17.19
C CYS A 114 -14.93 29.05 18.62
N THR A 115 -16.23 28.88 18.84
CA THR A 115 -16.77 28.86 20.18
C THR A 115 -16.14 27.76 21.04
N ILE A 116 -15.61 26.71 20.42
CA ILE A 116 -14.87 25.66 21.10
C ILE A 116 -13.38 25.76 20.82
N ASP A 117 -12.99 25.67 19.55
CA ASP A 117 -11.59 25.65 19.14
C ASP A 117 -11.13 27.09 18.93
N HIS A 118 -10.51 27.67 19.96
CA HIS A 118 -9.98 29.02 19.86
C HIS A 118 -8.90 29.20 20.92
N ALA A 119 -7.86 29.95 20.57
CA ALA A 119 -6.79 30.29 21.50
C ALA A 119 -6.96 31.73 21.97
N VAL A 120 -6.52 31.97 23.21
CA VAL A 120 -6.60 33.29 23.83
C VAL A 120 -5.23 33.62 24.40
N ALA A 121 -4.82 34.88 24.24
CA ALA A 121 -3.48 35.33 24.61
C ALA A 121 -3.52 36.05 25.95
N LEU A 122 -2.53 35.79 26.80
CA LEU A 122 -2.48 36.32 28.16
C LEU A 122 -1.09 36.85 28.47
N LYS A 123 -1.04 37.97 29.20
CA LYS A 123 0.18 38.45 29.84
C LYS A 123 0.12 38.02 31.30
N VAL A 124 1.12 37.27 31.74
CA VAL A 124 1.21 36.88 33.15
C VAL A 124 2.07 37.89 33.88
N HIS A 125 1.85 37.99 35.20
CA HIS A 125 2.57 38.90 36.06
C HIS A 125 3.16 38.11 37.24
N THR A 126 3.63 38.82 38.26
CA THR A 126 4.17 38.19 39.47
C THR A 126 3.22 37.10 39.98
N ALA A 127 3.76 35.89 40.08
CA ALA A 127 2.94 34.71 40.37
C ALA A 127 2.65 34.65 41.87
N ALA A 128 1.38 34.83 42.22
CA ALA A 128 0.96 34.72 43.61
C ALA A 128 0.88 33.24 44.00
N LEU A 129 1.51 32.89 45.10
CA LEU A 129 1.60 31.51 45.57
C LEU A 129 0.75 31.39 46.84
N LYS A 130 -0.21 30.46 46.81
CA LYS A 130 -1.11 30.21 47.94
C LYS A 130 -1.10 28.73 48.25
N VAL A 131 -1.01 28.39 49.53
CA VAL A 131 -0.72 27.03 49.99
C VAL A 131 -1.76 26.61 51.02
N GLY A 132 -2.30 25.41 50.83
CA GLY A 132 -3.10 24.76 51.85
C GLY A 132 -2.22 23.89 52.73
N LEU A 133 -2.44 24.00 54.04
CA LEU A 133 -1.59 23.37 55.06
C LEU A 133 -2.46 22.57 56.00
N ARG A 134 -1.95 21.42 56.44
CA ARG A 134 -2.52 20.73 57.59
C ARG A 134 -1.44 20.58 58.66
N ILE A 135 -1.81 20.98 59.87
CA ILE A 135 -0.96 21.02 61.04
C ILE A 135 -1.54 20.06 62.07
N VAL A 136 -0.68 19.45 62.87
CA VAL A 136 -1.14 18.99 64.19
C VAL A 136 -0.11 19.40 65.24
N TYR A 137 -0.64 19.93 66.35
CA TYR A 137 0.13 20.38 67.50
C TYR A 137 -0.45 19.70 68.73
N GLY A 138 0.40 19.08 69.53
CA GLY A 138 -0.09 18.34 70.68
C GLY A 138 -1.09 17.28 70.29
N ASN A 139 -2.37 17.53 70.58
CA ASN A 139 -3.46 16.65 70.20
C ASN A 139 -4.36 17.22 69.11
N THR A 140 -4.33 18.53 68.89
CA THR A 140 -5.30 19.20 68.02
C THR A 140 -4.70 19.46 66.65
N THR A 141 -5.47 19.17 65.61
CA THR A 141 -5.06 19.38 64.22
C THR A 141 -5.95 20.44 63.57
N ALA A 142 -5.47 20.97 62.44
CA ALA A 142 -6.18 22.04 61.75
C ALA A 142 -5.77 22.08 60.29
N HIS A 143 -6.74 22.49 59.46
CA HIS A 143 -6.54 22.75 58.04
C HIS A 143 -6.69 24.25 57.79
N LEU A 144 -5.82 24.83 56.98
CA LEU A 144 -5.96 26.25 56.66
C LEU A 144 -5.17 26.59 55.41
N ASP A 145 -5.69 27.55 54.65
CA ASP A 145 -5.09 28.01 53.41
C ASP A 145 -4.59 29.44 53.59
N THR A 146 -3.36 29.69 53.15
CA THR A 146 -2.72 30.98 53.40
C THR A 146 -1.82 31.37 52.23
N PHE A 147 -1.62 32.67 52.08
CA PHE A 147 -0.70 33.21 51.08
C PHE A 147 0.71 33.23 51.66
N VAL A 148 1.69 32.90 50.82
CA VAL A 148 3.09 32.92 51.23
C VAL A 148 3.73 34.24 50.79
N ASN A 149 3.63 35.25 51.65
CA ASN A 149 4.25 36.55 51.39
C ASN A 149 4.94 37.15 52.61
N GLY A 150 4.83 36.55 53.78
CA GLY A 150 5.33 37.17 54.99
C GLY A 150 4.45 38.26 55.55
N VAL A 151 3.26 38.45 54.99
CA VAL A 151 2.34 39.51 55.41
C VAL A 151 0.99 38.89 55.75
N THR A 152 0.45 38.10 54.83
CA THR A 152 -0.90 37.57 54.98
C THR A 152 -0.94 36.49 56.06
N PRO A 153 -1.76 36.65 57.12
CA PRO A 153 -1.86 35.57 58.11
C PRO A 153 -2.98 34.58 57.84
N GLY A 154 -2.66 33.30 58.00
CA GLY A 154 -3.66 32.26 58.02
C GLY A 154 -4.14 32.00 59.44
N SER A 155 -5.45 31.78 59.58
CA SER A 155 -6.08 31.65 60.88
C SER A 155 -7.03 30.46 60.91
N SER A 156 -6.94 29.67 61.99
CA SER A 156 -7.94 28.64 62.30
C SER A 156 -8.34 28.79 63.77
N ARG A 157 -9.24 29.75 64.02
CA ARG A 157 -10.18 29.80 65.14
C ARG A 157 -9.57 29.87 66.53
N ASP A 158 -8.30 29.45 66.68
CA ASP A 158 -7.45 29.88 67.80
C ASP A 158 -6.02 30.08 67.33
N LEU A 159 -5.69 29.57 66.15
CA LEU A 159 -4.30 29.48 65.67
C LEU A 159 -4.07 30.57 64.64
N LYS A 160 -2.99 31.33 64.83
CA LYS A 160 -2.53 32.32 63.85
C LYS A 160 -1.16 31.91 63.34
N VAL A 161 -0.93 32.11 62.04
CA VAL A 161 0.36 31.80 61.44
C VAL A 161 0.61 32.78 60.31
N ILE A 162 1.88 33.12 60.10
CA ILE A 162 2.30 33.92 58.95
C ILE A 162 3.33 33.11 58.17
N ALA A 163 3.20 33.14 56.84
CA ALA A 163 3.98 32.30 55.95
C ALA A 163 4.70 33.16 54.93
N GLY A 164 5.96 32.81 54.65
CA GLY A 164 6.70 33.40 53.56
C GLY A 164 7.56 34.58 53.97
N PRO A 165 8.17 35.25 52.97
CA PRO A 165 8.09 34.98 51.52
C PRO A 165 8.88 33.75 51.10
N ILE A 166 8.61 33.24 49.88
CA ILE A 166 9.32 32.08 49.36
C ILE A 166 10.82 32.34 49.37
N SER A 167 11.59 31.32 49.76
CA SER A 167 13.03 31.47 49.84
C SER A 167 13.62 31.77 48.46
N ALA A 168 13.18 31.06 47.43
CA ALA A 168 13.64 31.27 46.06
C ALA A 168 12.41 31.39 45.17
N ALA A 169 12.16 32.60 44.65
CA ALA A 169 11.01 32.82 43.79
C ALA A 169 11.16 32.07 42.47
N PHE A 170 10.03 31.62 41.94
CA PHE A 170 10.03 30.87 40.68
C PHE A 170 8.65 30.99 40.05
N SER A 171 8.62 31.02 38.72
CA SER A 171 7.38 31.04 37.95
C SER A 171 7.57 30.30 36.64
N PRO A 172 6.87 29.18 36.40
CA PRO A 172 7.06 28.46 35.12
C PRO A 172 6.44 29.17 33.93
N PHE A 173 5.69 30.24 34.14
CA PHE A 173 4.98 30.93 33.07
C PHE A 173 5.85 32.08 32.55
N ASP A 174 6.13 32.06 31.25
CA ASP A 174 6.77 33.19 30.60
C ASP A 174 5.79 34.35 30.47
N HIS A 175 6.32 35.54 30.21
CA HIS A 175 5.51 36.76 30.27
C HIS A 175 4.36 36.73 29.27
N LYS A 176 4.48 35.95 28.20
CA LYS A 176 3.43 35.78 27.21
C LYS A 176 3.02 34.32 27.18
N VAL A 177 1.71 34.05 27.31
CA VAL A 177 1.20 32.68 27.29
C VAL A 177 -0.06 32.63 26.44
N VAL A 178 -0.39 31.40 26.02
CA VAL A 178 -1.52 31.12 25.14
C VAL A 178 -2.30 29.97 25.75
N ILE A 179 -3.63 30.11 25.78
CA ILE A 179 -4.53 29.12 26.36
C ILE A 179 -5.42 28.62 25.23
N ARG A 180 -5.49 27.29 25.05
CA ARG A 180 -6.36 26.69 24.06
C ARG A 180 -6.95 25.41 24.62
N LYS A 181 -8.24 25.44 24.95
CA LYS A 181 -8.96 24.25 25.41
C LYS A 181 -8.28 23.61 26.61
N GLY A 182 -7.81 24.45 27.53
CA GLY A 182 -7.14 23.99 28.73
C GLY A 182 -5.68 23.66 28.56
N LEU A 183 -5.12 23.78 27.36
CA LEU A 183 -3.71 23.52 27.10
C LEU A 183 -2.96 24.85 27.09
N VAL A 184 -1.78 24.86 27.70
CA VAL A 184 -1.03 26.08 27.97
C VAL A 184 0.26 26.06 27.15
N TYR A 185 0.62 27.21 26.59
CA TYR A 185 1.86 27.34 25.83
C TYR A 185 2.55 28.66 26.18
N ASN A 186 3.87 28.61 26.37
CA ASN A 186 4.66 29.82 26.57
C ASN A 186 5.16 30.35 25.23
N TYR A 187 4.22 30.89 24.46
CA TYR A 187 4.50 31.37 23.11
C TYR A 187 4.48 32.90 23.08
N ASP A 188 5.43 33.47 22.36
CA ASP A 188 5.54 34.93 22.19
C ASP A 188 4.53 35.35 21.13
N PHE A 189 3.29 35.55 21.55
CA PHE A 189 2.27 36.01 20.63
C PHE A 189 2.46 37.51 20.32
N PRO A 190 2.05 37.97 19.15
CA PRO A 190 2.18 39.39 18.84
C PRO A 190 1.24 40.24 19.69
N GLU A 191 1.63 41.49 19.90
CA GLU A 191 0.80 42.43 20.63
C GLU A 191 -0.49 42.70 19.85
N TYR A 192 -1.53 43.10 20.58
CA TYR A 192 -2.81 43.37 19.95
C TYR A 192 -2.68 44.45 18.88
N GLY A 193 -3.23 44.19 17.70
CA GLY A 193 -3.08 45.05 16.56
C GLY A 193 -1.86 44.76 15.70
N ALA A 194 -0.89 44.03 16.21
CA ALA A 194 0.28 43.62 15.44
C ALA A 194 0.08 42.23 14.82
N MET A 195 -1.04 42.09 14.11
CA MET A 195 -1.29 40.86 13.37
C MET A 195 -0.26 40.71 12.26
N LYS A 196 0.05 39.45 11.92
CA LYS A 196 0.94 39.13 10.82
C LYS A 196 0.31 38.02 9.99
N PRO A 197 0.34 38.11 8.65
CA PRO A 197 -0.21 37.00 7.84
C PRO A 197 0.56 35.70 8.08
N GLY A 198 -0.18 34.59 8.06
CA GLY A 198 0.43 33.28 8.18
C GLY A 198 1.12 33.02 9.50
N ALA A 199 0.85 33.83 10.53
CA ALA A 199 1.44 33.68 11.85
C ALA A 199 0.34 33.65 12.90
N PHE A 200 0.68 33.16 14.09
CA PHE A 200 -0.30 33.07 15.16
C PHE A 200 -0.78 34.47 15.50
N GLY A 201 -2.08 34.59 15.79
CA GLY A 201 -2.67 35.88 16.05
C GLY A 201 -2.95 36.71 14.83
N ASP A 202 -2.98 36.10 13.64
CA ASP A 202 -3.36 36.83 12.44
C ASP A 202 -4.76 37.41 12.55
N ILE A 203 -5.64 36.78 13.32
CA ILE A 203 -6.97 37.26 13.62
C ILE A 203 -7.03 37.57 15.12
N GLN A 204 -7.51 38.76 15.46
CA GLN A 204 -7.61 39.19 16.85
C GLN A 204 -8.91 39.93 17.09
N ALA A 205 -9.41 39.84 18.33
CA ALA A 205 -10.56 40.61 18.78
C ALA A 205 -10.66 40.46 20.29
N SER A 206 -11.25 41.46 20.93
CA SER A 206 -11.33 41.46 22.39
C SER A 206 -12.13 40.27 22.91
N SER A 207 -13.09 39.79 22.15
CA SER A 207 -13.90 38.65 22.54
C SER A 207 -14.39 37.92 21.31
N LEU A 208 -14.87 36.69 21.51
CA LEU A 208 -15.39 35.91 20.39
C LEU A 208 -16.61 36.59 19.78
N ASP A 209 -17.49 37.14 20.61
CA ASP A 209 -18.65 37.87 20.14
C ASP A 209 -18.34 39.32 19.80
N ALA A 210 -17.11 39.79 20.05
CA ALA A 210 -16.77 41.18 19.80
C ALA A 210 -16.84 41.49 18.32
N THR A 211 -17.34 42.69 18.00
CA THR A 211 -17.47 43.13 16.61
C THR A 211 -16.23 43.86 16.11
N ASP A 212 -15.22 44.05 16.95
CA ASP A 212 -13.98 44.72 16.54
C ASP A 212 -12.94 43.70 16.08
N ILE A 213 -13.35 42.84 15.13
CA ILE A 213 -12.44 41.86 14.58
C ILE A 213 -11.43 42.59 13.70
N VAL A 214 -10.14 42.38 13.97
CA VAL A 214 -9.05 43.00 13.23
C VAL A 214 -8.17 41.90 12.67
N ALA A 215 -7.78 42.05 11.41
CA ALA A 215 -6.91 41.07 10.77
C ALA A 215 -6.09 41.74 9.69
N ARG A 216 -4.96 41.10 9.35
CA ARG A 216 -4.30 41.29 8.06
C ARG A 216 -3.80 39.89 7.66
N THR A 217 -4.54 39.24 6.78
CA THR A 217 -4.25 37.89 6.33
C THR A 217 -3.67 37.83 4.92
N ASP A 218 -3.27 38.98 4.36
CA ASP A 218 -2.63 39.03 3.05
C ASP A 218 -3.53 38.44 1.96
N ILE A 219 -4.83 38.67 2.11
CA ILE A 219 -5.79 38.40 1.04
C ILE A 219 -5.47 39.27 -0.16
N ARG A 220 -5.59 38.70 -1.36
CA ARG A 220 -5.58 39.50 -2.57
C ARG A 220 -6.49 38.89 -3.62
N LEU A 221 -7.36 39.73 -4.18
CA LEU A 221 -8.33 39.29 -5.18
C LEU A 221 -7.72 39.44 -6.57
N LEU A 222 -7.96 38.44 -7.42
CA LEU A 222 -7.37 38.35 -8.74
C LEU A 222 -8.43 38.63 -9.80
N LYS A 223 -7.98 38.79 -11.04
CA LYS A 223 -8.87 39.20 -12.11
C LYS A 223 -9.64 37.99 -12.65
N PRO A 224 -10.96 38.09 -12.84
CA PRO A 224 -11.68 36.96 -13.43
C PRO A 224 -11.16 36.64 -14.83
N SER A 225 -11.05 35.33 -15.10
CA SER A 225 -10.50 34.84 -16.36
C SER A 225 -11.54 34.16 -17.24
N VAL A 226 -12.24 33.15 -16.73
CA VAL A 226 -13.27 32.50 -17.51
C VAL A 226 -14.47 33.42 -17.65
N LYS A 227 -15.27 33.19 -18.70
CA LYS A 227 -16.39 34.07 -18.99
C LYS A 227 -17.45 34.01 -17.90
N ASN A 228 -17.47 32.95 -17.11
CA ASN A 228 -18.50 32.77 -16.10
C ASN A 228 -18.26 33.69 -14.90
N ILE A 229 -19.35 34.20 -14.32
CA ILE A 229 -19.23 35.08 -13.16
C ILE A 229 -18.64 34.32 -11.99
N HIS A 230 -17.68 34.94 -11.32
CA HIS A 230 -17.04 34.38 -10.13
C HIS A 230 -16.12 35.44 -9.58
N VAL A 231 -15.56 35.16 -8.40
CA VAL A 231 -14.55 36.01 -7.77
C VAL A 231 -13.32 35.15 -7.47
N PRO A 232 -12.22 35.30 -8.20
CA PRO A 232 -11.00 34.58 -7.84
C PRO A 232 -10.13 35.37 -6.88
N TYR A 233 -9.35 34.64 -6.09
CA TYR A 233 -8.58 35.25 -5.02
C TYR A 233 -7.49 34.28 -4.59
N THR A 234 -6.56 34.78 -3.78
CA THR A 234 -5.62 33.93 -3.07
C THR A 234 -5.39 34.50 -1.69
N GLN A 235 -5.13 33.59 -0.75
CA GLN A 235 -5.12 33.88 0.67
C GLN A 235 -3.94 33.15 1.31
N ALA A 236 -3.43 33.75 2.38
CA ALA A 236 -2.38 33.11 3.16
C ALA A 236 -3.00 32.12 4.15
N VAL A 237 -2.27 31.03 4.39
CA VAL A 237 -2.76 29.99 5.28
C VAL A 237 -3.00 30.55 6.67
N SER A 238 -4.00 30.01 7.35
CA SER A 238 -4.32 30.42 8.71
C SER A 238 -3.11 30.17 9.60
N GLY A 239 -2.51 31.26 10.10
CA GLY A 239 -1.39 31.12 11.00
C GLY A 239 -1.75 30.41 12.30
N TYR A 240 -3.03 30.47 12.68
CA TYR A 240 -3.50 29.69 13.82
C TYR A 240 -3.32 28.20 13.55
N GLU A 241 -3.66 27.75 12.34
CA GLU A 241 -3.52 26.34 12.02
C GLU A 241 -2.05 25.96 11.92
N MET A 242 -1.21 26.86 11.40
CA MET A 242 0.22 26.57 11.35
C MET A 242 0.81 26.44 12.75
N TRP A 243 0.41 27.31 13.67
CA TRP A 243 0.84 27.18 15.05
C TRP A 243 0.33 25.87 15.64
N LYS A 244 -0.93 25.52 15.38
CA LYS A 244 -1.48 24.28 15.88
C LYS A 244 -0.67 23.08 15.40
N ASN A 245 -0.23 23.11 14.14
CA ASN A 245 0.63 22.07 13.62
C ASN A 245 2.00 22.09 14.28
N ASN A 246 2.51 23.28 14.62
CA ASN A 246 3.84 23.45 15.20
C ASN A 246 3.77 24.09 16.58
N SER A 247 2.70 23.82 17.34
CA SER A 247 2.56 24.42 18.67
C SER A 247 3.60 23.92 19.65
N GLY A 248 4.22 22.77 19.39
CA GLY A 248 5.18 22.25 20.33
C GLY A 248 4.48 21.63 21.54
N ARG A 249 5.26 21.46 22.59
CA ARG A 249 4.75 20.80 23.80
C ARG A 249 4.14 21.82 24.75
N PRO A 250 2.89 21.64 25.18
CA PRO A 250 2.37 22.52 26.23
C PRO A 250 3.06 22.26 27.57
N LEU A 251 2.97 23.27 28.45
CA LEU A 251 3.75 23.24 29.68
C LEU A 251 3.25 22.21 30.68
N GLN A 252 2.10 21.57 30.44
CA GLN A 252 1.61 20.56 31.37
C GLN A 252 2.61 19.43 31.56
N GLU A 253 3.43 19.14 30.53
CA GLU A 253 4.46 18.11 30.60
C GLU A 253 5.86 18.69 30.48
N THR A 254 6.02 20.01 30.63
CA THR A 254 7.30 20.67 30.46
C THR A 254 7.65 21.63 31.60
N ALA A 255 6.71 21.98 32.46
CA ALA A 255 7.02 22.88 33.56
C ALA A 255 8.02 22.20 34.50
N PRO A 256 9.19 22.81 34.76
CA PRO A 256 10.08 22.22 35.77
C PRO A 256 9.44 22.27 37.15
N PHE A 257 9.99 21.45 38.05
CA PHE A 257 9.49 21.23 39.41
C PHE A 257 8.19 20.44 39.43
N GLY A 258 7.69 20.01 38.28
CA GLY A 258 6.62 19.02 38.24
C GLY A 258 5.34 19.48 38.90
N CYS A 259 4.89 20.69 38.60
CA CYS A 259 3.67 21.23 39.19
C CYS A 259 2.60 21.49 38.14
N LYS A 260 1.40 20.95 38.40
CA LYS A 260 0.40 20.80 37.37
C LYS A 260 -0.24 22.13 37.03
N ILE A 261 -0.31 22.46 35.75
CA ILE A 261 -0.86 23.74 35.32
C ILE A 261 -2.37 23.59 35.15
N GLU A 262 -3.13 24.27 35.99
CA GLU A 262 -4.58 24.21 36.01
C GLU A 262 -5.14 25.53 35.49
N VAL A 263 -6.12 25.43 34.60
CA VAL A 263 -6.72 26.58 33.93
C VAL A 263 -8.04 26.91 34.60
N GLU A 264 -8.45 28.18 34.51
CA GLU A 264 -9.70 28.66 35.08
C GLU A 264 -9.71 28.44 36.59
N PRO A 265 -8.91 29.21 37.35
CA PRO A 265 -7.93 30.22 36.94
C PRO A 265 -6.58 29.61 36.57
N LEU A 266 -5.74 30.33 35.84
CA LEU A 266 -4.39 29.85 35.56
C LEU A 266 -3.60 29.74 36.86
N ARG A 267 -2.92 28.62 37.05
CA ARG A 267 -2.19 28.37 38.28
C ARG A 267 -1.31 27.15 38.08
N ALA A 268 -0.30 27.02 38.95
CA ALA A 268 0.54 25.83 39.02
C ALA A 268 0.40 25.23 40.40
N SER A 269 0.14 23.93 40.47
CA SER A 269 -0.29 23.27 41.68
C SER A 269 0.74 22.25 42.16
N ASN A 270 0.94 22.22 43.48
CA ASN A 270 1.82 21.27 44.17
C ASN A 270 3.25 21.36 43.65
N CYS A 271 3.88 22.51 43.92
CA CYS A 271 5.08 22.89 43.17
C CYS A 271 6.21 23.03 44.18
N ALA A 272 7.07 22.02 44.22
CA ALA A 272 8.04 21.83 45.30
C ALA A 272 9.35 22.52 44.92
N TYR A 273 9.70 23.57 45.66
CA TYR A 273 10.96 24.28 45.45
C TYR A 273 11.27 25.25 46.58
N GLY A 274 12.53 25.27 47.01
CA GLY A 274 12.96 26.22 48.02
C GLY A 274 12.42 25.88 49.40
N HIS A 275 12.19 26.93 50.17
CA HIS A 275 11.76 26.82 51.56
C HIS A 275 10.82 27.97 51.89
N ILE A 276 10.00 27.77 52.92
CA ILE A 276 9.00 28.74 53.33
C ILE A 276 9.25 29.07 54.79
N PRO A 277 9.64 30.30 55.13
CA PRO A 277 9.68 30.69 56.56
C PRO A 277 8.27 30.84 57.11
N ILE A 278 8.03 30.20 58.25
CA ILE A 278 6.73 30.20 58.92
C ILE A 278 6.94 30.68 60.34
N SER A 279 5.98 31.42 60.88
CA SER A 279 5.95 31.70 62.30
C SER A 279 4.51 31.55 62.81
N ILE A 280 4.36 30.75 63.85
CA ILE A 280 3.05 30.31 64.35
C ILE A 280 2.91 30.80 65.78
N ASP A 281 1.80 31.50 66.05
CA ASP A 281 1.44 31.90 67.42
C ASP A 281 0.58 30.78 68.00
N ILE A 282 1.24 29.72 68.44
CA ILE A 282 0.51 28.57 69.00
C ILE A 282 -0.22 29.01 70.27
N PRO A 283 -1.50 28.64 70.46
CA PRO A 283 -2.17 28.98 71.72
C PRO A 283 -1.50 28.28 72.89
N ASP A 284 -1.47 28.97 74.04
CA ASP A 284 -0.86 28.40 75.24
C ASP A 284 -1.73 27.30 75.84
N ALA A 285 -3.04 27.29 75.56
CA ALA A 285 -3.89 26.25 76.09
C ALA A 285 -3.50 24.87 75.58
N ALA A 286 -2.92 24.80 74.37
CA ALA A 286 -2.44 23.53 73.85
C ALA A 286 -1.34 22.94 74.71
N PHE A 287 -0.54 23.80 75.34
CA PHE A 287 0.57 23.31 76.17
C PHE A 287 0.06 22.76 77.50
N VAL A 288 0.88 21.90 78.09
CA VAL A 288 0.63 21.33 79.41
C VAL A 288 1.93 21.42 80.20
N ARG A 289 1.80 21.64 81.51
CA ARG A 289 2.97 21.83 82.34
C ARG A 289 3.77 20.52 82.44
N SER A 290 5.08 20.66 82.63
CA SER A 290 5.96 19.49 82.63
C SER A 290 5.66 18.55 83.79
N SER A 291 5.07 19.06 84.87
CA SER A 291 4.83 18.21 86.03
C SER A 291 3.86 17.07 85.73
N GLU A 292 2.77 17.35 85.03
CA GLU A 292 1.79 16.32 84.68
C GLU A 292 2.24 15.45 83.51
N SER A 293 3.16 15.93 82.68
CA SER A 293 3.73 15.07 81.65
C SER A 293 4.52 13.96 82.34
N PRO A 294 4.43 12.70 81.86
CA PRO A 294 5.14 11.62 82.57
C PRO A 294 6.64 11.73 82.40
N THR A 295 7.34 12.18 83.44
CA THR A 295 8.78 12.32 83.39
C THR A 295 9.41 10.93 83.39
N ILE A 296 10.39 10.74 82.51
CA ILE A 296 11.02 9.44 82.32
C ILE A 296 12.32 9.37 83.13
N LEU A 297 12.43 8.31 83.95
CA LEU A 297 13.57 8.18 84.86
C LEU A 297 14.86 7.79 84.16
N GLU A 298 14.81 6.84 83.23
CA GLU A 298 15.97 6.60 82.37
C GLU A 298 15.49 6.03 81.05
N VAL A 299 16.33 6.21 80.02
CA VAL A 299 16.12 5.55 78.73
C VAL A 299 17.46 5.18 78.13
N SER A 300 17.44 4.18 77.25
CA SER A 300 18.56 3.90 76.37
C SER A 300 18.01 3.46 75.00
N CYS A 301 18.69 3.94 73.96
CA CYS A 301 18.32 3.70 72.57
C CYS A 301 19.18 2.61 71.95
N THR A 302 18.55 1.75 71.15
CA THR A 302 19.23 0.71 70.39
C THR A 302 18.73 0.82 68.95
N VAL A 303 19.64 1.15 68.03
CA VAL A 303 19.27 1.26 66.62
C VAL A 303 19.20 -0.15 66.03
N ALA A 304 18.04 -0.47 65.46
CA ALA A 304 17.86 -1.76 64.79
C ALA A 304 18.46 -1.66 63.39
N ASP A 305 18.15 -2.64 62.54
CA ASP A 305 18.64 -2.60 61.16
C ASP A 305 18.11 -1.34 60.47
N CYS A 306 19.01 -0.41 60.17
CA CYS A 306 18.66 0.85 59.54
C CYS A 306 19.30 0.93 58.16
N ILE A 307 18.61 1.60 57.24
CA ILE A 307 19.05 1.78 55.87
C ILE A 307 18.68 3.19 55.44
N TYR A 308 19.60 3.89 54.79
CA TYR A 308 19.35 5.28 54.40
C TYR A 308 18.67 5.27 53.04
N SER A 309 17.35 5.27 53.07
CA SER A 309 16.51 5.29 51.88
C SER A 309 15.54 6.45 51.99
N ALA A 310 14.82 6.71 50.89
CA ALA A 310 13.84 7.79 50.88
C ALA A 310 12.71 7.54 51.87
N ASP A 311 12.38 6.29 52.14
CA ASP A 311 11.26 5.93 52.99
C ASP A 311 11.74 5.70 54.42
N PHE A 312 10.82 5.31 55.29
CA PHE A 312 11.13 4.97 56.67
C PHE A 312 11.84 3.62 56.70
N GLY A 313 13.09 3.60 56.22
CA GLY A 313 13.83 2.37 56.05
C GLY A 313 14.55 1.85 57.27
N GLY A 314 14.45 2.54 58.41
CA GLY A 314 15.13 2.09 59.61
C GLY A 314 14.18 2.01 60.79
N SER A 315 14.61 1.25 61.79
CA SER A 315 13.85 1.07 63.03
C SER A 315 14.81 1.14 64.22
N LEU A 316 14.24 1.37 65.39
CA LEU A 316 15.00 1.48 66.63
C LEU A 316 14.09 1.12 67.79
N THR A 317 14.69 0.92 68.96
CA THR A 317 13.94 0.62 70.17
C THR A 317 14.49 1.43 71.33
N LEU A 318 13.59 2.10 72.05
CA LEU A 318 13.91 2.83 73.26
C LEU A 318 13.41 2.02 74.45
N GLN A 319 14.32 1.61 75.33
CA GLN A 319 13.94 0.96 76.58
C GLN A 319 13.93 2.03 77.66
N TYR A 320 12.84 2.09 78.43
CA TYR A 320 12.55 3.20 79.32
C TYR A 320 12.06 2.72 80.68
N LYS A 321 12.43 3.48 81.72
CA LYS A 321 11.75 3.46 83.01
C LYS A 321 11.23 4.88 83.25
N ALA A 322 9.92 5.00 83.44
CA ALA A 322 9.24 6.24 83.80
C ALA A 322 8.49 6.06 85.11
N ASP A 323 7.76 7.10 85.50
CA ASP A 323 7.05 7.12 86.78
C ASP A 323 5.56 6.87 86.66
N ARG A 324 4.94 7.21 85.53
CA ARG A 324 3.50 7.07 85.39
C ARG A 324 3.17 6.88 83.92
N GLU A 325 1.88 6.69 83.64
CA GLU A 325 1.40 6.42 82.29
C GLU A 325 0.95 7.72 81.64
N GLY A 326 1.43 7.97 80.42
CA GLY A 326 1.03 9.14 79.65
C GLY A 326 1.38 9.02 78.19
N HIS A 327 1.58 10.17 77.54
CA HIS A 327 1.63 10.27 76.08
C HIS A 327 2.81 11.14 75.64
N CYS A 328 4.01 10.77 76.08
CA CYS A 328 5.22 11.54 75.76
C CYS A 328 5.33 11.80 74.26
N PRO A 329 5.73 13.00 73.82
CA PRO A 329 6.09 13.18 72.42
C PRO A 329 7.55 12.88 72.17
N VAL A 330 7.81 12.27 71.02
CA VAL A 330 9.15 11.84 70.61
C VAL A 330 9.57 12.67 69.41
N HIS A 331 10.82 13.13 69.44
CA HIS A 331 11.35 13.97 68.38
C HIS A 331 12.80 13.61 68.08
N SER A 332 13.14 13.63 66.79
CA SER A 332 14.52 13.49 66.35
C SER A 332 15.16 14.87 66.24
N HIS A 333 16.31 15.04 66.89
CA HIS A 333 17.08 16.28 66.80
C HIS A 333 18.12 16.22 65.69
N SER A 334 17.90 15.36 64.68
CA SER A 334 18.79 15.27 63.53
C SER A 334 18.11 15.87 62.31
N THR A 335 18.83 16.73 61.60
CA THR A 335 18.35 17.22 60.31
C THR A 335 18.39 16.12 59.24
N THR A 336 19.14 15.04 59.47
CA THR A 336 19.28 13.95 58.52
C THR A 336 18.54 12.69 58.95
N ALA A 337 17.61 12.81 59.91
CA ALA A 337 16.79 11.68 60.31
C ALA A 337 15.43 12.18 60.78
N VAL A 338 14.36 11.55 60.30
CA VAL A 338 12.99 11.93 60.62
C VAL A 338 12.25 10.69 61.11
N LEU A 339 11.57 10.83 62.26
CA LEU A 339 10.80 9.73 62.82
C LEU A 339 9.48 9.53 62.08
N LYS A 340 8.99 8.29 62.15
CA LYS A 340 7.66 7.95 61.66
C LYS A 340 6.56 8.28 62.67
N GLU A 341 6.91 8.53 63.93
CA GLU A 341 5.97 8.76 65.00
C GLU A 341 6.29 10.08 65.69
N ALA A 342 5.23 10.73 66.18
CA ALA A 342 5.35 12.00 66.90
C ALA A 342 5.15 11.84 68.39
N THR A 343 4.17 11.04 68.82
CA THR A 343 3.92 10.78 70.22
C THR A 343 3.43 9.36 70.41
N THR A 344 3.79 8.76 71.53
CA THR A 344 3.45 7.39 71.86
C THR A 344 2.96 7.31 73.30
N HIS A 345 2.04 6.39 73.56
CA HIS A 345 1.65 6.12 74.93
C HIS A 345 2.79 5.44 75.67
N VAL A 346 3.11 5.95 76.85
CA VAL A 346 4.26 5.51 77.63
C VAL A 346 3.77 4.94 78.94
N THR A 347 4.43 3.88 79.41
CA THR A 347 4.15 3.24 80.69
C THR A 347 5.23 3.60 81.69
N ALA A 348 5.11 3.02 82.90
CA ALA A 348 6.13 3.24 83.92
C ALA A 348 7.43 2.52 83.57
N VAL A 349 7.33 1.38 82.90
CA VAL A 349 8.49 0.58 82.53
C VAL A 349 8.18 -0.15 81.22
N GLY A 350 9.18 -0.26 80.36
CA GLY A 350 9.01 -1.08 79.15
C GLY A 350 9.96 -0.68 78.05
N SER A 351 9.53 -0.90 76.81
CA SER A 351 10.29 -0.50 75.64
C SER A 351 9.35 -0.28 74.47
N ILE A 352 9.66 0.71 73.64
CA ILE A 352 8.87 1.06 72.46
C ILE A 352 9.74 0.97 71.22
N THR A 353 9.18 0.40 70.15
CA THR A 353 9.83 0.34 68.86
C THR A 353 9.31 1.46 67.96
N LEU A 354 10.20 2.04 67.17
CA LEU A 354 9.88 3.17 66.32
C LEU A 354 10.58 3.00 64.97
N HIS A 355 10.12 3.77 63.99
CA HIS A 355 10.67 3.76 62.64
C HIS A 355 11.12 5.16 62.25
N PHE A 356 12.03 5.22 61.27
CA PHE A 356 12.60 6.49 60.85
C PHE A 356 13.17 6.36 59.44
N SER A 357 13.33 7.52 58.81
CA SER A 357 13.95 7.66 57.50
C SER A 357 15.19 8.54 57.63
N THR A 358 16.28 8.14 56.96
CA THR A 358 17.53 8.87 57.03
C THR A 358 18.20 8.84 55.66
N SER A 359 19.12 9.79 55.46
CA SER A 359 19.90 9.89 54.24
C SER A 359 21.39 9.72 54.45
N SER A 360 21.84 9.49 55.70
CA SER A 360 23.25 9.36 56.03
C SER A 360 23.64 7.89 56.20
N PRO A 361 24.84 7.48 55.80
CA PRO A 361 25.26 6.10 56.07
C PRO A 361 25.37 5.79 57.55
N GLN A 362 25.59 6.80 58.39
CA GLN A 362 25.69 6.63 59.84
C GLN A 362 24.51 7.31 60.50
N ALA A 363 23.74 6.54 61.27
CA ALA A 363 22.67 7.07 62.12
C ALA A 363 23.27 7.18 63.52
N ASN A 364 23.80 8.35 63.84
CA ASN A 364 24.59 8.60 65.05
C ASN A 364 24.07 9.81 65.80
N PHE A 365 22.77 9.81 66.08
CA PHE A 365 22.07 11.05 66.42
C PHE A 365 21.28 10.90 67.72
N ILE A 366 20.61 12.00 68.06
CA ILE A 366 19.93 12.19 69.35
C ILE A 366 18.43 12.06 69.14
N VAL A 367 17.73 11.52 70.14
CA VAL A 367 16.28 11.49 70.17
C VAL A 367 15.82 11.92 71.56
N SER A 368 14.74 12.69 71.58
CA SER A 368 14.19 13.24 72.81
C SER A 368 12.78 12.70 73.03
N LEU A 369 12.52 12.25 74.26
CA LEU A 369 11.20 11.80 74.68
C LEU A 369 10.89 12.52 76.00
N CYS A 370 9.70 13.12 76.06
CA CYS A 370 9.34 14.11 77.08
C CYS A 370 10.52 15.01 77.42
N GLY A 371 11.16 15.56 76.39
CA GLY A 371 12.26 16.47 76.59
C GLY A 371 13.59 15.77 76.80
N LYS A 372 13.63 14.72 77.63
CA LYS A 372 14.91 14.13 77.97
C LYS A 372 15.50 13.42 76.76
N LYS A 373 16.81 13.59 76.57
CA LYS A 373 17.49 13.25 75.33
C LYS A 373 18.38 12.03 75.51
N THR A 374 18.70 11.39 74.39
CA THR A 374 19.62 10.26 74.40
C THR A 374 20.20 10.06 73.00
N THR A 375 21.50 9.83 72.95
CA THR A 375 22.19 9.57 71.68
C THR A 375 22.22 8.07 71.42
N CYS A 376 22.22 7.71 70.14
CA CYS A 376 22.51 6.34 69.75
C CYS A 376 23.04 6.28 68.33
N ASN A 377 23.77 5.20 68.06
CA ASN A 377 24.79 5.14 67.02
C ASN A 377 24.73 3.80 66.31
N ALA A 378 24.70 3.83 64.98
CA ALA A 378 24.74 2.62 64.18
C ALA A 378 25.07 3.00 62.74
N GLU A 379 25.35 1.98 61.93
CA GLU A 379 25.74 2.15 60.52
C GLU A 379 24.57 1.72 59.65
N CYS A 380 24.07 2.64 58.84
CA CYS A 380 22.98 2.34 57.92
C CYS A 380 23.55 1.88 56.58
N LYS A 381 23.09 0.72 56.11
CA LYS A 381 23.67 0.10 54.94
C LYS A 381 23.23 0.84 53.67
N PRO A 382 23.92 0.62 52.55
CA PRO A 382 23.45 1.20 51.30
C PRO A 382 22.05 0.71 50.97
N PRO A 383 21.22 1.55 50.36
CA PRO A 383 19.85 1.10 50.03
C PRO A 383 19.87 -0.09 49.09
N ALA A 384 19.39 -1.23 49.58
CA ALA A 384 19.32 -2.43 48.74
C ALA A 384 18.39 -2.21 47.56
N ASP A 385 17.22 -1.63 47.81
CA ASP A 385 16.39 -1.14 46.72
C ASP A 385 17.07 0.06 46.08
N HIS A 386 16.68 0.37 44.85
CA HIS A 386 17.39 1.35 44.05
C HIS A 386 16.52 2.52 43.62
N ILE A 387 15.27 2.28 43.26
CA ILE A 387 14.35 3.32 42.83
C ILE A 387 13.02 3.12 43.53
N ILE A 388 12.43 4.22 44.00
CA ILE A 388 11.16 4.20 44.72
C ILE A 388 10.27 5.30 44.17
N GLY A 389 8.96 5.14 44.35
CA GLY A 389 7.99 6.06 43.77
C GLY A 389 7.53 7.16 44.71
N GLU A 390 8.32 7.46 45.75
CA GLU A 390 8.01 8.53 46.69
C GLU A 390 9.27 9.35 46.93
N PRO A 391 9.14 10.66 47.23
CA PRO A 391 10.33 11.51 47.34
C PRO A 391 11.11 11.24 48.61
N HIS A 392 12.39 11.62 48.57
CA HIS A 392 13.23 11.56 49.75
C HIS A 392 12.72 12.54 50.80
N LYS A 393 12.31 12.01 51.95
CA LYS A 393 11.87 12.85 53.06
C LYS A 393 13.02 13.51 53.80
N VAL A 394 14.26 13.17 53.46
CA VAL A 394 15.45 13.69 54.13
C VAL A 394 16.43 14.15 53.07
N ASP A 395 17.06 15.30 53.30
CA ASP A 395 18.08 15.82 52.39
C ASP A 395 19.40 15.10 52.61
N PRO B 11 -32.62 28.23 -1.82
CA PRO B 11 -32.55 27.19 -2.86
C PRO B 11 -31.97 27.71 -4.18
N TYR B 12 -30.87 28.46 -4.09
CA TYR B 12 -30.24 29.07 -5.27
C TYR B 12 -29.30 28.04 -5.91
N LEU B 13 -28.73 28.40 -7.07
CA LEU B 13 -27.71 27.58 -7.73
C LEU B 13 -26.41 28.36 -7.82
N GLY B 14 -25.31 27.65 -7.58
CA GLY B 14 -23.98 28.23 -7.62
C GLY B 14 -23.07 27.62 -8.66
N PHE B 15 -21.91 28.25 -8.86
CA PHE B 15 -20.97 27.89 -9.93
C PHE B 15 -19.94 26.92 -9.37
N CYS B 16 -20.24 25.63 -9.45
CA CYS B 16 -19.33 24.62 -8.96
C CYS B 16 -18.08 24.56 -9.83
N PRO B 17 -16.88 24.46 -9.25
CA PRO B 17 -15.68 24.34 -10.09
C PRO B 17 -15.55 23.01 -10.80
N TYR B 18 -16.23 21.97 -10.34
CA TYR B 18 -16.16 20.64 -10.95
C TYR B 18 -17.55 20.00 -10.90
N CYS B 19 -18.26 20.09 -12.02
CA CYS B 19 -19.53 19.40 -12.16
C CYS B 19 -19.25 17.93 -12.45
N ARG B 20 -20.27 17.19 -12.91
CA ARG B 20 -20.08 15.78 -13.22
C ARG B 20 -18.94 15.58 -14.21
N HIS B 21 -19.08 16.10 -15.42
CA HIS B 21 -18.21 15.65 -16.51
C HIS B 21 -16.74 15.98 -16.29
N SER B 22 -16.31 17.24 -16.44
CA SER B 22 -15.01 17.65 -15.91
C SER B 22 -14.97 19.12 -15.49
N ALA B 23 -15.83 19.97 -16.10
CA ALA B 23 -15.56 21.40 -16.10
C ALA B 23 -16.43 22.13 -15.07
N PRO B 24 -16.04 23.35 -14.70
CA PRO B 24 -16.93 24.17 -13.87
C PRO B 24 -18.26 24.41 -14.57
N CYS B 25 -19.34 24.40 -13.80
CA CYS B 25 -20.65 24.75 -14.33
C CYS B 25 -21.59 25.06 -13.19
N PHE B 26 -22.79 25.52 -13.54
CA PHE B 26 -23.74 26.06 -12.57
C PHE B 26 -24.73 24.96 -12.18
N SER B 27 -24.77 24.63 -10.89
CA SER B 27 -25.61 23.58 -10.36
C SER B 27 -26.25 24.00 -9.04
N PRO B 28 -27.40 23.44 -8.67
CA PRO B 28 -27.96 23.71 -7.34
C PRO B 28 -27.17 23.11 -6.19
N ILE B 29 -26.23 22.21 -6.46
CA ILE B 29 -25.59 21.39 -5.44
C ILE B 29 -24.16 21.85 -5.14
N LYS B 30 -23.80 23.08 -5.49
CA LYS B 30 -22.44 23.54 -5.25
C LYS B 30 -22.14 23.54 -3.75
N ILE B 31 -20.96 23.04 -3.39
CA ILE B 31 -20.43 23.25 -2.06
C ILE B 31 -19.61 24.54 -2.06
N GLU B 32 -19.88 25.43 -1.10
CA GLU B 32 -19.11 26.66 -0.99
C GLU B 32 -18.31 26.78 0.31
N ASN B 33 -18.54 25.90 1.29
CA ASN B 33 -17.74 25.82 2.50
C ASN B 33 -17.85 24.42 3.08
N VAL B 34 -16.80 24.01 3.80
CA VAL B 34 -16.74 22.71 4.45
C VAL B 34 -16.02 22.88 5.78
N TRP B 35 -16.49 22.14 6.80
CA TRP B 35 -15.89 22.15 8.12
C TRP B 35 -15.68 20.72 8.60
N ASP B 36 -14.51 20.47 9.21
CA ASP B 36 -14.14 19.13 9.63
C ASP B 36 -13.41 19.09 10.97
N GLU B 37 -13.50 20.16 11.78
CA GLU B 37 -12.73 20.22 13.01
C GLU B 37 -13.15 19.16 14.03
N SER B 38 -14.35 18.60 13.88
CA SER B 38 -14.93 17.74 14.92
C SER B 38 -14.02 16.55 15.19
N ASP B 39 -13.84 16.25 16.49
CA ASP B 39 -12.86 15.23 16.90
C ASP B 39 -13.22 13.84 16.39
N ASP B 40 -14.50 13.57 16.14
CA ASP B 40 -14.94 12.25 15.70
C ASP B 40 -14.80 12.05 14.20
N GLY B 41 -14.32 13.06 13.46
CA GLY B 41 -14.20 12.96 12.03
C GLY B 41 -15.44 13.39 11.26
N SER B 42 -16.54 13.65 11.94
CA SER B 42 -17.74 14.17 11.27
C SER B 42 -17.45 15.53 10.66
N ILE B 43 -18.03 15.77 9.49
CA ILE B 43 -17.78 16.99 8.73
C ILE B 43 -19.11 17.66 8.41
N ARG B 44 -19.13 18.99 8.54
CA ARG B 44 -20.28 19.81 8.18
C ARG B 44 -20.01 20.49 6.85
N ILE B 45 -21.01 20.48 5.97
CA ILE B 45 -20.90 20.97 4.61
C ILE B 45 -22.00 21.99 4.37
N GLN B 46 -21.77 22.87 3.38
CA GLN B 46 -22.76 23.90 3.06
C GLN B 46 -22.86 24.04 1.55
N VAL B 47 -24.10 23.89 1.07
CA VAL B 47 -24.47 23.97 -0.33
C VAL B 47 -25.67 24.90 -0.47
N SER B 48 -26.13 25.07 -1.71
CA SER B 48 -27.13 26.08 -2.04
C SER B 48 -28.57 25.57 -2.02
N ALA B 49 -28.78 24.26 -1.89
CA ALA B 49 -30.12 23.69 -1.87
C ALA B 49 -30.68 23.70 -0.45
N GLN B 50 -31.99 23.44 -0.36
CA GLN B 50 -32.71 23.42 0.90
C GLN B 50 -33.12 21.99 1.22
N PHE B 51 -32.49 21.40 2.23
CA PHE B 51 -32.73 20.02 2.62
C PHE B 51 -33.77 19.94 3.74
N GLY B 52 -34.61 18.91 3.66
CA GLY B 52 -35.70 18.73 4.59
C GLY B 52 -36.90 19.62 4.35
N TYR B 53 -37.11 20.08 3.11
CA TYR B 53 -38.14 21.05 2.80
C TYR B 53 -38.80 20.73 1.46
N ASN B 54 -40.11 20.98 1.39
CA ASN B 54 -40.88 20.79 0.16
C ASN B 54 -40.89 22.11 -0.62
N GLN B 55 -41.78 22.22 -1.61
CA GLN B 55 -41.83 23.41 -2.47
C GLN B 55 -42.00 24.68 -1.65
N ALA B 56 -42.98 24.70 -0.76
CA ALA B 56 -43.27 25.91 0.03
C ALA B 56 -42.29 26.11 1.18
N GLY B 57 -41.40 25.16 1.43
CA GLY B 57 -40.49 25.26 2.56
C GLY B 57 -40.95 24.55 3.81
N THR B 58 -42.04 23.80 3.75
CA THR B 58 -42.54 23.09 4.92
C THR B 58 -41.57 22.00 5.32
N ALA B 59 -41.30 21.89 6.62
CA ALA B 59 -40.32 20.93 7.11
C ALA B 59 -40.80 19.51 6.87
N ASP B 60 -39.98 18.73 6.16
CA ASP B 60 -40.26 17.31 5.94
C ASP B 60 -38.93 16.62 5.62
N VAL B 61 -38.55 15.67 6.47
CA VAL B 61 -37.21 15.09 6.39
C VAL B 61 -37.03 14.31 5.09
N THR B 62 -38.09 13.67 4.61
CA THR B 62 -37.94 12.67 3.54
C THR B 62 -37.49 13.30 2.24
N LYS B 63 -37.90 14.52 1.93
CA LYS B 63 -37.66 15.15 0.64
C LYS B 63 -37.02 16.52 0.82
N PHE B 64 -36.46 17.03 -0.28
CA PHE B 64 -35.78 18.31 -0.30
C PHE B 64 -36.10 19.05 -1.59
N ARG B 65 -35.89 20.37 -1.56
CA ARG B 65 -36.11 21.26 -2.70
C ARG B 65 -34.78 21.83 -3.18
N TYR B 66 -34.78 22.31 -4.42
CA TYR B 66 -33.58 22.91 -5.01
C TYR B 66 -33.98 23.60 -6.31
N MET B 67 -33.01 24.29 -6.92
CA MET B 67 -33.24 25.08 -8.12
C MET B 67 -33.29 24.18 -9.35
N SER B 68 -34.04 24.63 -10.36
CA SER B 68 -34.30 23.85 -11.55
C SER B 68 -33.53 24.39 -12.75
N PHE B 69 -33.23 23.50 -13.68
CA PHE B 69 -32.52 23.82 -14.93
C PHE B 69 -33.49 24.22 -16.03
N ASP B 70 -34.28 25.27 -15.81
CA ASP B 70 -35.24 25.74 -16.81
C ASP B 70 -35.29 27.26 -16.78
N HIS B 71 -35.85 27.82 -17.85
CA HIS B 71 -35.87 29.28 -18.00
C HIS B 71 -36.85 29.93 -17.02
N ASP B 72 -37.95 29.26 -16.70
CA ASP B 72 -38.79 29.71 -15.60
C ASP B 72 -38.09 29.56 -14.26
N HIS B 73 -37.10 28.67 -14.19
CA HIS B 73 -36.27 28.40 -13.01
C HIS B 73 -37.09 28.39 -11.72
N ASP B 74 -38.07 27.49 -11.70
CA ASP B 74 -38.86 27.26 -10.49
C ASP B 74 -38.03 26.40 -9.53
N ILE B 75 -38.63 26.04 -8.40
CA ILE B 75 -38.02 25.16 -7.42
C ILE B 75 -38.63 23.78 -7.59
N LYS B 76 -37.77 22.76 -7.73
CA LYS B 76 -38.22 21.38 -7.88
C LYS B 76 -37.55 20.52 -6.82
N GLU B 77 -38.18 19.37 -6.54
CA GLU B 77 -37.90 18.61 -5.34
C GLU B 77 -37.54 17.16 -5.67
N ASP B 78 -36.89 16.52 -4.72
CA ASP B 78 -36.47 15.12 -4.86
C ASP B 78 -36.48 14.48 -3.48
N SER B 79 -36.27 13.16 -3.45
CA SER B 79 -36.26 12.39 -2.21
C SER B 79 -34.84 12.23 -1.68
N MET B 80 -34.75 11.80 -0.42
CA MET B 80 -33.46 11.79 0.27
C MET B 80 -32.61 10.59 -0.12
N ASP B 81 -33.23 9.53 -0.64
CA ASP B 81 -32.45 8.35 -1.02
C ASP B 81 -31.61 8.59 -2.27
N LYS B 82 -31.80 9.71 -2.96
CA LYS B 82 -31.13 9.99 -4.22
C LYS B 82 -29.86 10.82 -4.06
N ILE B 83 -29.68 11.50 -2.93
CA ILE B 83 -28.50 12.32 -2.67
C ILE B 83 -27.44 11.45 -1.98
N ALA B 84 -26.18 11.69 -2.30
CA ALA B 84 -25.07 10.89 -1.79
C ALA B 84 -23.84 11.77 -1.63
N ILE B 85 -22.91 11.31 -0.79
CA ILE B 85 -21.72 12.06 -0.40
C ILE B 85 -20.53 11.13 -0.54
N SER B 86 -19.40 11.65 -1.03
CA SER B 86 -18.23 10.79 -1.21
C SER B 86 -16.96 11.62 -1.31
N THR B 87 -15.90 11.17 -0.63
CA THR B 87 -14.56 11.73 -0.81
C THR B 87 -13.61 10.73 -1.43
N SER B 88 -13.42 9.56 -0.80
CA SER B 88 -12.69 8.44 -1.37
C SER B 88 -13.59 7.22 -1.52
N GLY B 89 -14.26 6.83 -0.45
CA GLY B 89 -15.39 5.93 -0.51
C GLY B 89 -16.66 6.69 -0.21
N PRO B 90 -17.81 6.03 -0.31
CA PRO B 90 -19.08 6.72 -0.02
C PRO B 90 -19.13 7.18 1.44
N CYS B 91 -19.67 8.38 1.64
CA CYS B 91 -19.77 9.00 2.94
C CYS B 91 -21.23 8.99 3.38
N ARG B 92 -21.45 8.81 4.68
CA ARG B 92 -22.78 8.53 5.22
C ARG B 92 -23.36 9.78 5.86
N ARG B 93 -24.56 10.14 5.45
CA ARG B 93 -25.24 11.30 6.00
C ARG B 93 -25.62 11.05 7.45
N LEU B 94 -25.40 12.06 8.30
CA LEU B 94 -25.82 12.01 9.70
C LEU B 94 -26.80 13.12 10.05
N GLY B 95 -26.89 14.16 9.24
CA GLY B 95 -27.86 15.22 9.50
C GLY B 95 -27.95 16.15 8.31
N HIS B 96 -29.06 16.90 8.27
CA HIS B 96 -29.31 17.79 7.15
C HIS B 96 -30.34 18.83 7.56
N LYS B 97 -30.11 20.08 7.18
CA LYS B 97 -31.10 21.14 7.39
C LYS B 97 -30.80 22.26 6.41
N GLY B 98 -31.72 22.51 5.48
CA GLY B 98 -31.59 23.63 4.57
C GLY B 98 -30.30 23.55 3.79
N TYR B 99 -29.50 24.61 3.87
CA TYR B 99 -28.23 24.65 3.16
C TYR B 99 -27.24 23.60 3.67
N PHE B 100 -27.35 23.17 4.92
CA PHE B 100 -26.24 22.52 5.61
C PHE B 100 -26.43 21.01 5.69
N LEU B 101 -25.30 20.30 5.66
CA LEU B 101 -25.23 18.86 5.79
C LEU B 101 -24.23 18.51 6.89
N LEU B 102 -24.41 17.33 7.48
CA LEU B 102 -23.40 16.74 8.36
C LEU B 102 -23.29 15.27 8.03
N ALA B 103 -22.05 14.79 7.88
CA ALA B 103 -21.83 13.40 7.50
C ALA B 103 -20.50 12.93 8.07
N GLN B 104 -20.47 11.64 8.44
CA GLN B 104 -19.21 10.96 8.70
C GLN B 104 -18.71 10.47 7.36
N CYS B 105 -17.39 10.33 7.21
CA CYS B 105 -16.87 10.17 5.87
C CYS B 105 -15.43 9.64 5.90
N PRO B 106 -15.06 8.72 5.01
CA PRO B 106 -13.66 8.30 4.95
C PRO B 106 -12.77 9.41 4.48
N PRO B 107 -11.45 9.28 4.62
CA PRO B 107 -10.55 10.37 4.25
C PRO B 107 -10.46 10.56 2.74
N GLY B 108 -9.93 11.71 2.35
CA GLY B 108 -9.72 11.98 0.94
C GLY B 108 -9.16 13.37 0.72
N ASP B 109 -8.95 13.69 -0.55
CA ASP B 109 -8.45 15.00 -0.95
C ASP B 109 -9.56 15.96 -1.37
N SER B 110 -10.77 15.47 -1.62
CA SER B 110 -11.86 16.31 -2.08
C SER B 110 -13.18 15.71 -1.61
N VAL B 111 -14.22 16.55 -1.60
CA VAL B 111 -15.56 16.16 -1.19
C VAL B 111 -16.49 16.34 -2.37
N THR B 112 -17.41 15.39 -2.53
CA THR B 112 -18.31 15.35 -3.68
C THR B 112 -19.73 15.11 -3.19
N VAL B 113 -20.67 15.89 -3.71
CA VAL B 113 -22.09 15.76 -3.42
C VAL B 113 -22.79 15.46 -4.74
N SER B 114 -23.56 14.37 -4.77
CA SER B 114 -24.15 13.87 -6.01
C SER B 114 -25.62 13.55 -5.81
N ILE B 115 -26.47 14.17 -6.62
CA ILE B 115 -27.90 13.88 -6.65
C ILE B 115 -28.19 13.02 -7.88
N THR B 116 -28.88 11.90 -7.66
CA THR B 116 -29.11 10.90 -8.69
C THR B 116 -30.60 10.82 -9.00
N SER B 117 -31.05 11.69 -9.92
CA SER B 117 -32.40 11.60 -10.48
C SER B 117 -32.37 10.67 -11.68
N GLY B 118 -32.43 9.38 -11.40
CA GLY B 118 -32.27 8.39 -12.44
C GLY B 118 -30.88 8.50 -13.05
N ALA B 119 -30.84 8.54 -14.39
CA ALA B 119 -29.58 8.75 -15.08
C ALA B 119 -29.03 10.16 -14.90
N SER B 120 -29.86 11.11 -14.48
CA SER B 120 -29.38 12.46 -14.21
C SER B 120 -28.61 12.49 -12.90
N GLU B 121 -27.31 12.19 -12.96
CA GLU B 121 -26.46 12.13 -11.78
C GLU B 121 -25.60 13.39 -11.74
N ASN B 122 -26.12 14.45 -11.14
CA ASN B 122 -25.44 15.72 -11.06
C ASN B 122 -24.56 15.74 -9.81
N SER B 123 -23.25 15.93 -10.01
CA SER B 123 -22.28 15.87 -8.93
C SER B 123 -21.40 17.10 -8.94
N CYS B 124 -21.15 17.66 -7.76
CA CYS B 124 -20.21 18.76 -7.57
C CYS B 124 -19.11 18.34 -6.62
N THR B 125 -17.86 18.63 -6.99
CA THR B 125 -16.69 18.26 -6.20
C THR B 125 -15.87 19.50 -5.88
N VAL B 126 -15.36 19.57 -4.64
CA VAL B 126 -14.53 20.67 -4.18
C VAL B 126 -13.40 20.10 -3.35
N GLU B 127 -12.18 20.62 -3.55
CA GLU B 127 -11.02 20.11 -2.85
C GLU B 127 -11.10 20.46 -1.37
N LYS B 128 -10.78 19.47 -0.52
CA LYS B 128 -10.65 19.71 0.91
C LYS B 128 -9.92 18.50 1.49
N LYS B 129 -8.78 18.74 2.14
CA LYS B 129 -7.96 17.66 2.67
C LYS B 129 -8.46 17.29 4.06
N ILE B 130 -9.16 16.17 4.15
CA ILE B 130 -9.63 15.62 5.42
C ILE B 130 -8.78 14.41 5.78
N ARG B 131 -8.38 14.33 7.05
CA ARG B 131 -7.50 13.28 7.55
C ARG B 131 -8.13 12.63 8.78
N ARG B 132 -7.74 11.38 9.04
CA ARG B 132 -8.20 10.67 10.22
C ARG B 132 -7.58 11.31 11.46
N LYS B 133 -8.38 12.07 12.20
CA LYS B 133 -7.93 12.77 13.39
C LYS B 133 -8.48 12.05 14.63
N PHE B 134 -7.60 11.86 15.61
CA PHE B 134 -7.92 11.17 16.85
C PHE B 134 -7.67 12.13 18.01
N VAL B 135 -8.13 11.73 19.20
CA VAL B 135 -7.91 12.47 20.43
C VAL B 135 -7.16 11.58 21.40
N GLY B 136 -6.37 12.20 22.26
CA GLY B 136 -5.51 11.49 23.18
C GLY B 136 -4.10 11.37 22.66
N ARG B 137 -3.30 10.61 23.40
CA ARG B 137 -1.87 10.49 23.13
C ARG B 137 -1.52 9.22 22.36
N GLU B 138 -2.51 8.45 21.90
CA GLU B 138 -2.29 7.25 21.12
C GLU B 138 -3.12 7.34 19.84
N GLU B 139 -2.48 7.05 18.71
CA GLU B 139 -3.20 6.98 17.44
C GLU B 139 -4.03 5.69 17.36
N TYR B 140 -5.20 5.79 16.74
CA TYR B 140 -6.08 4.64 16.60
C TYR B 140 -7.05 4.90 15.45
N LEU B 141 -7.42 3.82 14.75
CA LEU B 141 -8.51 3.92 13.79
C LEU B 141 -9.84 4.21 14.48
N PHE B 142 -10.19 3.38 15.46
CA PHE B 142 -11.55 3.27 15.99
C PHE B 142 -11.55 3.62 17.47
N PRO B 143 -12.62 4.25 17.97
CA PRO B 143 -12.73 4.43 19.43
C PRO B 143 -12.77 3.08 20.14
N PRO B 144 -11.83 2.80 21.04
CA PRO B 144 -11.79 1.45 21.62
C PRO B 144 -13.00 1.19 22.51
N VAL B 145 -13.37 -0.09 22.60
CA VAL B 145 -14.48 -0.48 23.49
C VAL B 145 -14.12 -0.18 24.93
N HIS B 146 -12.87 -0.41 25.31
CA HIS B 146 -12.36 -0.08 26.63
C HIS B 146 -11.36 1.05 26.51
N GLY B 147 -11.55 2.10 27.31
CA GLY B 147 -10.68 3.26 27.24
C GLY B 147 -11.05 4.27 28.30
N LYS B 148 -10.11 5.18 28.55
CA LYS B 148 -10.40 6.31 29.41
C LYS B 148 -11.39 7.25 28.71
N LEU B 149 -12.33 7.78 29.47
CA LEU B 149 -13.30 8.75 28.96
C LEU B 149 -12.71 10.14 29.14
N VAL B 150 -12.06 10.64 28.10
CA VAL B 150 -11.37 11.93 28.16
C VAL B 150 -12.24 12.99 27.48
N LYS B 151 -11.91 14.26 27.73
CA LYS B 151 -12.72 15.38 27.27
C LYS B 151 -12.47 15.60 25.77
N CYS B 152 -13.53 15.48 24.97
CA CYS B 152 -13.46 15.70 23.53
C CYS B 152 -14.60 16.63 23.12
N HIS B 153 -14.57 17.08 21.87
CA HIS B 153 -15.59 17.97 21.34
C HIS B 153 -15.98 17.48 19.96
N VAL B 154 -17.27 17.15 19.77
CA VAL B 154 -17.75 16.56 18.53
C VAL B 154 -19.05 17.24 18.15
N TYR B 155 -19.38 17.17 16.86
CA TYR B 155 -20.59 17.81 16.36
C TYR B 155 -21.81 17.19 17.00
N ASP B 156 -22.82 18.03 17.24
CA ASP B 156 -24.10 17.54 17.76
C ASP B 156 -24.95 17.00 16.64
N HIS B 157 -25.43 15.76 16.79
CA HIS B 157 -26.38 15.20 15.84
C HIS B 157 -27.76 15.82 15.95
N LEU B 158 -28.04 16.53 17.05
CA LEU B 158 -29.32 17.17 17.25
C LEU B 158 -29.50 18.26 16.19
N LYS B 159 -30.48 18.07 15.31
CA LYS B 159 -30.59 18.90 14.11
C LYS B 159 -30.99 20.34 14.43
N GLU B 160 -31.53 20.61 15.61
CA GLU B 160 -32.01 21.93 15.99
C GLU B 160 -31.01 22.73 16.82
N THR B 161 -29.74 22.36 16.82
CA THR B 161 -28.71 23.13 17.51
C THR B 161 -28.36 24.38 16.70
N SER B 162 -27.34 25.11 17.15
CA SER B 162 -26.90 26.31 16.46
C SER B 162 -25.43 26.57 16.80
N ALA B 163 -24.54 26.25 15.87
CA ALA B 163 -23.14 26.67 15.98
C ALA B 163 -22.96 28.17 15.79
N GLY B 164 -23.98 28.87 15.33
CA GLY B 164 -23.88 30.28 15.03
C GLY B 164 -25.10 30.72 14.21
N TYR B 165 -24.86 31.69 13.33
CA TYR B 165 -25.91 32.17 12.45
C TYR B 165 -25.27 32.65 11.14
N ILE B 166 -26.10 32.74 10.10
CA ILE B 166 -25.65 33.17 8.79
C ILE B 166 -26.75 34.02 8.16
N THR B 167 -26.33 35.06 7.43
CA THR B 167 -27.23 36.10 6.94
C THR B 167 -27.53 35.88 5.46
N MET B 168 -28.82 35.93 5.11
CA MET B 168 -29.28 35.91 3.74
C MET B 168 -29.81 37.30 3.36
N HIS B 169 -29.98 37.49 2.05
CA HIS B 169 -30.40 38.77 1.48
C HIS B 169 -31.42 38.52 0.37
N ARG B 170 -31.88 39.60 -0.24
CA ARG B 170 -32.84 39.47 -1.33
C ARG B 170 -32.12 38.98 -2.59
N PRO B 171 -32.77 38.18 -3.44
CA PRO B 171 -32.11 37.73 -4.67
C PRO B 171 -31.78 38.90 -5.59
N GLY B 172 -30.69 38.74 -6.33
CA GLY B 172 -30.21 39.76 -7.23
C GLY B 172 -30.65 39.51 -8.67
N PRO B 173 -29.89 40.00 -9.64
CA PRO B 173 -30.25 39.77 -11.04
C PRO B 173 -30.28 38.29 -11.39
N HIS B 174 -31.28 37.92 -12.21
CA HIS B 174 -31.34 36.61 -12.85
C HIS B 174 -31.83 36.83 -14.28
N ALA B 175 -30.88 37.14 -15.17
CA ALA B 175 -31.20 37.51 -16.54
C ALA B 175 -31.27 36.28 -17.43
N TYR B 176 -31.97 36.41 -18.54
CA TYR B 176 -32.17 35.33 -19.48
C TYR B 176 -32.23 35.89 -20.89
N LYS B 177 -31.84 35.05 -21.85
CA LYS B 177 -32.04 35.33 -23.27
C LYS B 177 -33.16 34.50 -23.88
N SER B 178 -33.64 33.49 -23.17
CA SER B 178 -34.90 32.85 -23.56
C SER B 178 -36.07 33.80 -23.37
N TYR B 179 -36.01 34.65 -22.34
CA TYR B 179 -36.99 35.72 -22.21
C TYR B 179 -36.94 36.65 -23.42
N LEU B 180 -35.75 36.83 -24.00
CA LEU B 180 -35.56 37.66 -25.18
C LEU B 180 -35.80 36.84 -26.44
N GLU B 181 -36.20 37.53 -27.51
CA GLU B 181 -36.47 36.91 -28.80
C GLU B 181 -35.96 37.85 -29.89
N GLU B 182 -35.27 37.28 -30.87
CA GLU B 182 -34.75 38.01 -32.03
C GLU B 182 -35.49 37.55 -33.28
N ALA B 183 -36.03 38.50 -34.02
CA ALA B 183 -36.75 38.20 -35.27
C ALA B 183 -36.63 39.39 -36.19
N SER B 184 -36.07 39.17 -37.38
CA SER B 184 -35.87 40.24 -38.36
C SER B 184 -35.04 41.39 -37.79
N GLY B 185 -34.02 41.04 -37.02
CA GLY B 185 -33.19 42.06 -36.39
C GLY B 185 -33.95 42.96 -35.45
N GLU B 186 -34.75 42.37 -34.55
CA GLU B 186 -35.64 43.12 -33.69
C GLU B 186 -35.83 42.36 -32.39
N VAL B 187 -35.99 43.08 -31.28
CA VAL B 187 -35.97 42.48 -29.95
C VAL B 187 -37.38 42.48 -29.37
N TYR B 188 -37.77 41.32 -28.83
CA TYR B 188 -39.03 41.16 -28.13
C TYR B 188 -38.76 40.46 -26.81
N ILE B 189 -39.68 40.62 -25.87
CA ILE B 189 -39.65 39.93 -24.59
C ILE B 189 -40.89 39.06 -24.49
N LYS B 190 -40.70 37.78 -24.16
CA LYS B 190 -41.79 36.81 -24.01
C LYS B 190 -41.77 36.29 -22.57
N PRO B 191 -42.49 36.95 -21.67
CA PRO B 191 -42.54 36.46 -20.30
C PRO B 191 -43.27 35.14 -20.21
N PRO B 192 -43.08 34.37 -19.15
CA PRO B 192 -43.97 33.24 -18.90
C PRO B 192 -45.39 33.72 -18.67
N SER B 193 -46.36 32.85 -18.95
CA SER B 193 -47.76 33.25 -18.95
C SER B 193 -48.17 33.81 -17.59
N GLY B 194 -48.78 35.01 -17.62
CA GLY B 194 -49.30 35.62 -16.41
C GLY B 194 -48.27 36.17 -15.46
N LYS B 195 -47.03 36.35 -15.91
CA LYS B 195 -45.95 36.83 -15.06
C LYS B 195 -45.47 38.18 -15.54
N ASN B 196 -45.37 39.14 -14.62
CA ASN B 196 -44.85 40.47 -14.92
C ASN B 196 -43.32 40.41 -14.85
N VAL B 197 -42.67 40.33 -16.01
CA VAL B 197 -41.21 40.23 -16.10
C VAL B 197 -40.63 41.61 -16.34
N THR B 198 -39.64 41.97 -15.53
CA THR B 198 -38.99 43.26 -15.64
C THR B 198 -37.90 43.21 -16.71
N TYR B 199 -38.00 44.12 -17.68
CA TYR B 199 -37.07 44.23 -18.79
C TYR B 199 -36.36 45.57 -18.72
N GLU B 200 -35.18 45.62 -19.34
CA GLU B 200 -34.40 46.85 -19.38
C GLU B 200 -33.37 46.74 -20.48
N CYS B 201 -33.12 47.84 -21.18
CA CYS B 201 -32.29 47.80 -22.37
C CYS B 201 -31.68 49.16 -22.63
N LYS B 202 -30.66 49.16 -23.50
CA LYS B 202 -30.02 50.38 -23.96
C LYS B 202 -29.59 50.17 -25.41
N CYS B 203 -30.25 50.86 -26.33
CA CYS B 203 -29.96 50.81 -27.76
C CYS B 203 -29.70 52.22 -28.27
N GLY B 204 -28.81 52.92 -27.57
CA GLY B 204 -28.76 54.37 -27.63
C GLY B 204 -29.29 54.91 -26.32
N ASP B 205 -30.53 55.37 -26.33
CA ASP B 205 -31.18 55.79 -25.10
C ASP B 205 -31.36 54.60 -24.16
N TYR B 206 -31.15 54.85 -22.87
CA TYR B 206 -31.34 53.85 -21.82
C TYR B 206 -32.82 53.87 -21.39
N SER B 207 -33.46 52.69 -21.38
CA SER B 207 -34.88 52.62 -21.05
C SER B 207 -35.19 51.31 -20.36
N THR B 208 -36.06 51.38 -19.35
CA THR B 208 -36.43 50.25 -18.50
C THR B 208 -37.94 50.01 -18.60
N GLY B 209 -38.41 49.01 -17.87
CA GLY B 209 -39.84 48.80 -17.75
C GLY B 209 -40.13 47.39 -17.25
N ILE B 210 -41.43 47.10 -17.15
CA ILE B 210 -41.92 45.76 -16.86
C ILE B 210 -43.01 45.42 -17.88
N VAL B 211 -42.91 44.23 -18.46
CA VAL B 211 -43.89 43.73 -19.43
C VAL B 211 -44.36 42.36 -18.96
N SER B 212 -45.66 42.12 -19.06
CA SER B 212 -46.26 40.86 -18.64
C SER B 212 -46.68 39.98 -19.82
N THR B 213 -46.49 40.43 -21.05
CA THR B 213 -46.87 39.68 -22.24
C THR B 213 -45.82 39.88 -23.33
N ARG B 214 -46.02 39.18 -24.45
CA ARG B 214 -45.14 39.31 -25.60
C ARG B 214 -45.09 40.76 -26.04
N THR B 215 -43.92 41.39 -25.88
CA THR B 215 -43.78 42.82 -26.06
C THR B 215 -42.62 43.15 -27.00
N LYS B 216 -42.92 43.96 -28.01
CA LYS B 216 -41.96 44.52 -28.94
C LYS B 216 -41.15 45.62 -28.25
N MET B 217 -39.91 45.82 -28.72
CA MET B 217 -39.20 47.05 -28.41
C MET B 217 -38.57 47.62 -29.67
N ASN B 218 -38.43 48.95 -29.72
CA ASN B 218 -37.99 49.66 -30.92
C ASN B 218 -36.58 50.19 -30.76
N GLY B 219 -35.95 50.45 -31.90
CA GLY B 219 -34.61 51.01 -31.93
C GLY B 219 -33.51 50.02 -31.60
N CYS B 220 -33.87 48.74 -31.52
CA CYS B 220 -32.95 47.69 -31.09
C CYS B 220 -32.83 46.64 -32.18
N THR B 221 -31.59 46.28 -32.50
CA THR B 221 -31.30 45.25 -33.50
C THR B 221 -30.53 44.06 -32.97
N LYS B 222 -29.89 44.18 -31.81
CA LYS B 222 -29.09 43.12 -31.21
C LYS B 222 -29.69 42.74 -29.85
N ALA B 223 -29.86 41.45 -29.63
CA ALA B 223 -30.40 40.99 -28.35
C ALA B 223 -29.42 41.19 -27.20
N LYS B 224 -28.12 41.32 -27.49
CA LYS B 224 -27.13 41.52 -26.45
C LYS B 224 -27.31 42.84 -25.70
N GLN B 225 -28.05 43.79 -26.27
CA GLN B 225 -28.20 45.11 -25.69
C GLN B 225 -29.34 45.21 -24.67
N CYS B 226 -30.16 44.16 -24.54
CA CYS B 226 -31.31 44.17 -23.64
C CYS B 226 -31.21 43.00 -22.67
N ILE B 227 -32.01 43.07 -21.61
CA ILE B 227 -32.06 42.02 -20.59
C ILE B 227 -33.47 41.95 -20.03
N ALA B 228 -33.86 40.76 -19.58
CA ALA B 228 -35.15 40.54 -18.95
C ALA B 228 -34.98 39.56 -17.80
N TYR B 229 -35.84 39.70 -16.79
CA TYR B 229 -35.72 38.90 -15.58
C TYR B 229 -37.00 39.05 -14.76
N LYS B 230 -37.42 37.97 -14.12
CA LYS B 230 -38.64 38.02 -13.32
C LYS B 230 -38.41 38.83 -12.05
N SER B 231 -39.43 39.61 -11.66
CA SER B 231 -39.38 40.40 -10.44
C SER B 231 -39.66 39.47 -9.26
N ASP B 232 -38.61 38.78 -8.84
CA ASP B 232 -38.69 37.74 -7.80
C ASP B 232 -38.02 38.27 -6.54
N GLN B 233 -38.82 38.61 -5.54
CA GLN B 233 -38.37 38.86 -4.18
C GLN B 233 -38.96 37.87 -3.18
N THR B 234 -39.50 36.75 -3.66
CA THR B 234 -40.12 35.74 -2.81
C THR B 234 -39.13 34.72 -2.28
N LYS B 235 -37.83 35.01 -2.33
CA LYS B 235 -36.78 34.10 -1.90
C LYS B 235 -35.78 34.87 -1.06
N TRP B 236 -35.04 34.14 -0.22
CA TRP B 236 -33.87 34.66 0.47
C TRP B 236 -32.66 33.83 0.08
N VAL B 237 -31.60 34.51 -0.35
CA VAL B 237 -30.43 33.86 -0.93
C VAL B 237 -29.23 34.14 -0.03
N PHE B 238 -28.39 33.13 0.15
CA PHE B 238 -27.10 33.30 0.80
C PHE B 238 -26.28 34.36 0.06
N ASN B 239 -25.44 35.08 0.81
CA ASN B 239 -24.55 36.06 0.19
C ASN B 239 -23.41 35.34 -0.53
N SER B 240 -23.76 34.61 -1.58
CA SER B 240 -22.81 33.74 -2.25
C SER B 240 -21.95 34.54 -3.22
N PRO B 241 -20.67 34.18 -3.41
CA PRO B 241 -19.86 34.88 -4.41
C PRO B 241 -20.22 34.53 -5.84
N ASP B 242 -21.06 33.52 -6.07
CA ASP B 242 -21.37 33.02 -7.40
C ASP B 242 -22.62 33.67 -8.01
N LEU B 243 -23.32 34.51 -7.27
CA LEU B 243 -24.51 35.20 -7.77
C LEU B 243 -24.27 36.70 -7.74
N ILE B 244 -24.58 37.37 -8.83
CA ILE B 244 -24.65 38.83 -8.82
C ILE B 244 -25.77 39.23 -7.87
N ARG B 245 -25.56 40.32 -7.13
CA ARG B 245 -26.37 40.63 -5.96
C ARG B 245 -27.35 41.77 -6.21
N HIS B 246 -28.32 41.87 -5.30
CA HIS B 246 -29.23 43.01 -5.25
C HIS B 246 -28.50 44.23 -4.70
N THR B 247 -28.90 45.41 -5.19
CA THR B 247 -28.27 46.65 -4.70
C THR B 247 -28.54 46.85 -3.22
N ASP B 248 -29.80 46.75 -2.81
CA ASP B 248 -30.17 46.81 -1.39
C ASP B 248 -29.83 45.48 -0.73
N HIS B 249 -28.54 45.31 -0.47
CA HIS B 249 -28.03 44.09 0.16
C HIS B 249 -27.97 44.22 1.68
N SER B 250 -29.07 44.66 2.26
CA SER B 250 -29.19 44.69 3.72
C SER B 250 -29.43 43.28 4.24
N VAL B 251 -29.05 43.05 5.49
CA VAL B 251 -29.28 41.74 6.11
C VAL B 251 -30.78 41.58 6.29
N GLN B 252 -31.39 40.70 5.49
CA GLN B 252 -32.83 40.52 5.45
C GLN B 252 -33.27 39.20 6.07
N GLY B 253 -32.40 38.56 6.85
CA GLY B 253 -32.75 37.30 7.48
C GLY B 253 -31.53 36.56 7.99
N LYS B 254 -31.65 35.98 9.18
CA LYS B 254 -30.55 35.25 9.82
C LYS B 254 -31.05 33.87 10.17
N LEU B 255 -30.38 32.85 9.65
CA LEU B 255 -30.73 31.46 9.91
C LEU B 255 -29.60 30.79 10.69
N HIS B 256 -29.97 29.96 11.65
CA HIS B 256 -29.02 29.37 12.57
C HIS B 256 -28.04 28.47 11.81
N ILE B 257 -27.04 27.98 12.54
CA ILE B 257 -26.05 27.06 11.98
C ILE B 257 -26.17 25.74 12.74
N PRO B 258 -27.04 24.80 12.30
CA PRO B 258 -27.25 23.57 13.08
C PRO B 258 -25.99 22.76 13.26
N PHE B 259 -26.08 21.72 14.10
CA PHE B 259 -24.94 20.86 14.42
C PHE B 259 -23.83 21.65 15.11
N ARG B 260 -24.17 22.23 16.25
CA ARG B 260 -23.18 22.95 17.04
C ARG B 260 -22.14 21.98 17.59
N LEU B 261 -20.89 22.41 17.59
CA LEU B 261 -19.78 21.58 18.05
C LEU B 261 -19.84 21.50 19.57
N THR B 262 -20.47 20.38 20.11
CA THR B 262 -20.72 20.29 21.55
C THR B 262 -19.56 19.60 22.26
N PRO B 263 -19.37 19.88 23.56
CA PRO B 263 -18.42 19.09 24.35
C PRO B 263 -19.03 17.79 24.83
N THR B 264 -18.18 16.78 24.96
CA THR B 264 -18.60 15.47 25.46
C THR B 264 -17.34 14.71 25.87
N VAL B 265 -17.51 13.40 26.12
CA VAL B 265 -16.42 12.53 26.52
C VAL B 265 -16.27 11.43 25.47
N CYS B 266 -15.01 11.08 25.18
CA CYS B 266 -14.67 10.10 24.16
C CYS B 266 -13.79 9.03 24.77
N PRO B 267 -13.88 7.78 24.30
CA PRO B 267 -12.98 6.74 24.80
C PRO B 267 -11.65 6.74 24.07
N VAL B 268 -10.56 6.60 24.83
CA VAL B 268 -9.22 6.55 24.27
C VAL B 268 -8.50 5.32 24.83
N PRO B 269 -7.58 4.72 24.08
CA PRO B 269 -7.09 3.38 24.45
C PRO B 269 -6.10 3.40 25.60
N LEU B 270 -5.85 2.20 26.12
CA LEU B 270 -4.86 1.97 27.19
C LEU B 270 -3.65 1.31 26.56
N ALA B 271 -2.53 2.04 26.54
CA ALA B 271 -1.32 1.51 25.94
C ALA B 271 -0.69 0.44 26.83
N HIS B 272 0.37 -0.18 26.32
CA HIS B 272 1.09 -1.20 27.08
C HIS B 272 1.69 -0.57 28.34
N THR B 273 1.71 -1.34 29.42
CA THR B 273 2.35 -0.87 30.64
C THR B 273 3.85 -1.11 30.54
N PRO B 274 4.71 -0.08 30.56
CA PRO B 274 6.15 -0.30 30.44
C PRO B 274 6.68 -1.29 31.47
N THR B 275 7.88 -1.79 31.18
CA THR B 275 8.67 -2.61 32.09
C THR B 275 9.94 -1.84 32.41
N VAL B 276 10.10 -1.45 33.66
CA VAL B 276 11.22 -0.62 34.09
C VAL B 276 12.39 -1.51 34.48
N THR B 277 13.56 -1.22 33.90
CA THR B 277 14.81 -1.90 34.23
C THR B 277 15.78 -0.81 34.68
N LYS B 278 16.20 -0.87 35.95
CA LYS B 278 16.87 0.23 36.60
C LYS B 278 18.37 -0.01 36.71
N TRP B 279 19.16 1.04 36.49
CA TRP B 279 20.59 1.03 36.72
C TRP B 279 20.95 2.27 37.54
N PHE B 280 22.23 2.36 37.91
CA PHE B 280 22.66 3.38 38.87
C PHE B 280 22.34 4.78 38.38
N LYS B 281 21.40 5.45 39.05
CA LYS B 281 20.94 6.79 38.67
C LYS B 281 20.42 6.80 37.23
N GLY B 282 19.55 5.85 36.92
CA GLY B 282 18.94 5.80 35.60
C GLY B 282 18.04 4.60 35.48
N ILE B 283 17.20 4.64 34.44
CA ILE B 283 16.21 3.60 34.19
C ILE B 283 16.23 3.21 32.73
N THR B 284 15.75 2.00 32.43
CA THR B 284 15.59 1.53 31.05
C THR B 284 14.16 1.02 30.91
N LEU B 285 13.31 1.80 30.26
CA LEU B 285 11.91 1.47 30.08
C LEU B 285 11.74 0.71 28.78
N HIS B 286 11.26 -0.54 28.88
CA HIS B 286 10.92 -1.35 27.72
C HIS B 286 9.48 -1.06 27.35
N LEU B 287 9.23 -0.81 26.06
CA LEU B 287 7.99 -0.22 25.59
C LEU B 287 7.46 -1.00 24.40
N THR B 288 6.13 -1.06 24.32
CA THR B 288 5.42 -1.67 23.19
C THR B 288 4.24 -0.77 22.84
N ALA B 289 4.11 -0.43 21.56
CA ALA B 289 2.97 0.36 21.09
C ALA B 289 2.82 0.10 19.60
N THR B 290 1.82 -0.72 19.24
CA THR B 290 1.59 -1.01 17.83
C THR B 290 1.30 0.26 17.03
N ARG B 291 0.69 1.26 17.67
CA ARG B 291 0.32 2.51 17.04
C ARG B 291 1.23 3.64 17.53
N PRO B 292 1.24 4.79 16.85
CA PRO B 292 1.90 5.98 17.41
C PRO B 292 1.41 6.31 18.81
N THR B 293 2.30 6.26 19.79
CA THR B 293 2.00 6.61 21.18
C THR B 293 2.99 7.65 21.65
N LEU B 294 2.50 8.65 22.40
CA LEU B 294 3.33 9.77 22.83
C LEU B 294 3.87 9.52 24.23
N LEU B 295 5.19 9.51 24.35
CA LEU B 295 5.89 9.50 25.62
C LEU B 295 6.43 10.90 25.87
N THR B 296 6.10 11.47 27.04
CA THR B 296 6.64 12.77 27.44
C THR B 296 7.29 12.64 28.82
N THR B 297 8.56 13.01 28.91
CA THR B 297 9.34 12.95 30.14
C THR B 297 9.76 14.37 30.51
N ARG B 298 9.98 14.59 31.81
CA ARG B 298 10.50 15.87 32.28
C ARG B 298 11.15 15.69 33.65
N LYS B 299 12.36 16.24 33.78
CA LYS B 299 13.01 16.29 35.08
C LYS B 299 12.24 17.19 36.03
N LEU B 300 12.40 16.92 37.33
CA LEU B 300 11.67 17.64 38.37
C LEU B 300 12.57 18.61 39.13
N GLY B 301 13.69 19.03 38.51
CA GLY B 301 14.59 19.98 39.12
C GLY B 301 14.47 21.36 38.53
N LEU B 302 15.55 22.15 38.61
CA LEU B 302 15.51 23.52 38.09
C LEU B 302 15.29 23.53 36.58
N ARG B 303 15.77 22.50 35.89
CA ARG B 303 15.55 22.34 34.46
C ARG B 303 14.58 21.18 34.25
N ALA B 304 13.56 21.40 33.43
CA ALA B 304 12.62 20.33 33.13
C ALA B 304 13.27 19.28 32.24
N ASP B 305 14.09 19.71 31.28
CA ASP B 305 14.71 18.80 30.32
C ASP B 305 13.65 17.97 29.61
N ALA B 306 12.54 18.62 29.26
CA ALA B 306 11.39 17.89 28.76
C ALA B 306 11.67 17.28 27.39
N THR B 307 11.26 16.03 27.22
CA THR B 307 11.41 15.30 25.97
C THR B 307 10.05 14.75 25.56
N ALA B 308 9.79 14.73 24.26
CA ALA B 308 8.56 14.19 23.70
C ALA B 308 8.91 13.30 22.51
N GLU B 309 8.15 12.21 22.35
CA GLU B 309 8.48 11.26 21.30
C GLU B 309 7.27 10.41 20.97
N TRP B 310 6.99 10.23 19.68
CA TRP B 310 5.92 9.38 19.18
C TRP B 310 6.56 8.06 18.72
N ILE B 311 6.05 6.94 19.25
CA ILE B 311 6.68 5.64 19.07
C ILE B 311 5.70 4.65 18.45
N THR B 312 6.24 3.81 17.56
CA THR B 312 5.59 2.61 17.07
C THR B 312 6.53 1.42 17.30
N GLY B 313 5.97 0.22 17.21
CA GLY B 313 6.75 -0.97 17.45
C GLY B 313 7.08 -1.19 18.92
N THR B 314 8.09 -2.02 19.15
CA THR B 314 8.60 -2.30 20.49
C THR B 314 10.05 -1.87 20.56
N THR B 315 10.47 -1.37 21.73
CA THR B 315 11.77 -0.74 21.86
C THR B 315 12.12 -0.61 23.34
N SER B 316 13.20 0.12 23.62
CA SER B 316 13.60 0.41 24.99
C SER B 316 14.32 1.75 25.02
N ARG B 317 14.04 2.54 26.06
CA ARG B 317 14.60 3.88 26.23
C ARG B 317 15.37 3.96 27.53
N ASN B 318 16.61 4.46 27.45
CA ASN B 318 17.43 4.71 28.63
C ASN B 318 17.26 6.17 29.03
N PHE B 319 16.82 6.40 30.26
CA PHE B 319 16.58 7.75 30.79
C PHE B 319 17.31 7.91 32.11
N SER B 320 18.21 8.89 32.17
CA SER B 320 18.90 9.18 33.42
C SER B 320 17.91 9.74 34.45
N VAL B 321 18.03 9.28 35.69
CA VAL B 321 17.17 9.73 36.78
C VAL B 321 18.08 10.27 37.89
N GLY B 322 17.84 11.53 38.27
CA GLY B 322 18.61 12.17 39.32
C GLY B 322 17.94 12.03 40.67
N ARG B 323 18.63 12.52 41.70
CA ARG B 323 18.09 12.46 43.05
C ARG B 323 16.83 13.32 43.18
N GLU B 324 16.80 14.47 42.51
CA GLU B 324 15.63 15.33 42.56
C GLU B 324 14.40 14.63 42.00
N GLY B 325 14.60 13.69 41.08
CA GLY B 325 13.53 12.86 40.55
C GLY B 325 13.27 13.14 39.09
N LEU B 326 12.32 12.37 38.56
CA LEU B 326 11.95 12.43 37.16
C LEU B 326 10.46 12.13 37.08
N GLU B 327 9.82 12.63 36.01
CA GLU B 327 8.41 12.35 35.78
C GLU B 327 8.21 11.96 34.33
N TYR B 328 7.28 11.04 34.09
CA TYR B 328 6.97 10.63 32.74
C TYR B 328 5.49 10.31 32.60
N VAL B 329 4.98 10.57 31.40
CA VAL B 329 3.64 10.20 30.98
C VAL B 329 3.78 9.34 29.72
N TRP B 330 3.16 8.16 29.74
CA TRP B 330 3.28 7.19 28.65
C TRP B 330 1.87 7.02 28.07
N GLY B 331 1.64 7.61 26.90
CA GLY B 331 0.29 7.62 26.37
C GLY B 331 -0.64 8.39 27.28
N ASN B 332 -1.92 8.00 27.27
CA ASN B 332 -2.91 8.65 28.10
C ASN B 332 -2.77 8.33 29.58
N HIS B 333 -1.90 7.39 29.94
CA HIS B 333 -1.75 6.93 31.31
C HIS B 333 -1.40 8.09 32.24
N GLU B 334 -1.59 7.85 33.53
CA GLU B 334 -1.40 8.88 34.55
C GLU B 334 0.09 9.21 34.70
N PRO B 335 0.43 10.42 35.16
CA PRO B 335 1.83 10.74 35.39
C PRO B 335 2.45 9.83 36.44
N VAL B 336 3.69 9.42 36.21
CA VAL B 336 4.44 8.56 37.12
C VAL B 336 5.75 9.25 37.46
N ARG B 337 6.07 9.28 38.75
CA ARG B 337 7.21 10.02 39.28
C ARG B 337 8.15 9.07 40.00
N VAL B 338 9.46 9.31 39.84
CA VAL B 338 10.48 8.48 40.46
C VAL B 338 11.55 9.38 41.08
N TRP B 339 12.31 8.82 42.01
CA TRP B 339 13.39 9.53 42.70
C TRP B 339 14.55 8.57 42.88
N ALA B 340 15.71 8.95 42.34
CA ALA B 340 16.90 8.12 42.45
C ALA B 340 17.57 8.30 43.80
N GLN B 341 18.52 7.42 44.09
CA GLN B 341 19.25 7.42 45.35
C GLN B 341 20.65 7.99 45.18
N PHE C 1 29.13 61.47 -43.13
CA PHE C 1 30.07 61.43 -42.01
C PHE C 1 30.06 60.05 -41.37
N GLU C 2 31.17 59.70 -40.71
CA GLU C 2 31.34 58.42 -40.06
C GLU C 2 31.70 58.61 -38.59
N HIS C 3 31.03 57.87 -37.72
CA HIS C 3 31.34 57.84 -36.29
C HIS C 3 31.43 56.39 -35.84
N ALA C 4 32.47 56.07 -35.07
CA ALA C 4 32.71 54.73 -34.58
C ALA C 4 32.77 54.73 -33.06
N THR C 5 32.16 53.73 -32.44
CA THR C 5 32.16 53.59 -30.99
C THR C 5 32.02 52.10 -30.67
N THR C 6 31.85 51.80 -29.38
CA THR C 6 31.66 50.43 -28.92
C THR C 6 30.57 50.43 -27.87
N VAL C 7 29.37 50.01 -28.25
CA VAL C 7 28.22 50.02 -27.35
C VAL C 7 28.30 48.79 -26.45
N PRO C 8 27.62 48.76 -25.30
CA PRO C 8 27.56 47.53 -24.51
C PRO C 8 26.39 46.63 -24.96
N ASN C 9 26.60 45.33 -24.81
CA ASN C 9 25.58 44.35 -25.16
C ASN C 9 24.54 44.32 -24.05
N VAL C 10 23.61 45.26 -24.13
CA VAL C 10 22.52 45.41 -23.17
C VAL C 10 21.21 45.59 -23.93
N PRO C 11 20.29 44.62 -23.91
CA PRO C 11 19.03 44.81 -24.65
C PRO C 11 18.16 45.88 -24.03
N GLY C 12 17.84 46.92 -24.82
CA GLY C 12 16.84 47.90 -24.46
C GLY C 12 17.33 49.08 -23.67
N ILE C 13 18.58 49.09 -23.21
CA ILE C 13 19.12 50.18 -22.41
C ILE C 13 19.77 51.17 -23.37
N PRO C 14 19.40 52.46 -23.34
CA PRO C 14 20.02 53.39 -24.29
C PRO C 14 21.49 53.64 -24.00
N TYR C 15 22.24 53.86 -25.08
CA TYR C 15 23.63 54.31 -25.03
C TYR C 15 23.69 55.61 -25.81
N LYS C 16 24.13 56.68 -25.15
CA LYS C 16 24.08 58.03 -25.68
C LYS C 16 25.48 58.51 -26.05
N ALA C 17 25.58 59.19 -27.19
CA ALA C 17 26.82 59.83 -27.61
C ALA C 17 26.47 61.12 -28.32
N LEU C 18 27.46 61.99 -28.47
CA LEU C 18 27.31 63.27 -29.16
C LEU C 18 28.34 63.35 -30.27
N VAL C 19 27.89 63.25 -31.51
CA VAL C 19 28.80 63.34 -32.66
C VAL C 19 29.01 64.81 -32.99
N GLU C 20 30.26 65.17 -33.33
CA GLU C 20 30.65 66.55 -33.57
C GLU C 20 31.67 66.59 -34.70
N ARG C 21 31.32 67.26 -35.80
CA ARG C 21 32.28 67.66 -36.82
C ARG C 21 32.60 69.13 -36.61
N ALA C 22 33.81 69.53 -37.00
CA ALA C 22 34.35 70.83 -36.61
C ALA C 22 33.46 71.98 -37.09
N GLY C 23 33.05 71.95 -38.36
CA GLY C 23 32.32 73.05 -38.94
C GLY C 23 30.80 72.99 -38.79
N TYR C 24 30.29 72.01 -38.05
CA TYR C 24 28.85 71.77 -37.97
C TYR C 24 28.43 71.47 -36.54
N ALA C 25 27.14 71.67 -36.27
CA ALA C 25 26.63 71.53 -34.91
C ALA C 25 26.69 70.06 -34.47
N PRO C 26 26.84 69.82 -33.17
CA PRO C 26 26.82 68.43 -32.69
C PRO C 26 25.40 67.88 -32.66
N LEU C 27 25.31 66.55 -32.70
CA LEU C 27 24.02 65.86 -32.68
C LEU C 27 24.03 64.69 -31.72
N ASN C 28 22.88 64.48 -31.09
CA ASN C 28 22.66 63.29 -30.27
C ASN C 28 22.70 62.03 -31.13
N LEU C 29 23.08 60.93 -30.48
CA LEU C 29 23.04 59.60 -31.10
C LEU C 29 22.71 58.63 -29.97
N GLU C 30 21.47 58.12 -29.93
CA GLU C 30 21.15 57.13 -28.90
C GLU C 30 20.84 55.82 -29.59
N ILE C 31 21.46 54.76 -29.07
CA ILE C 31 21.45 53.41 -29.62
C ILE C 31 20.77 52.52 -28.61
N THR C 32 19.79 51.73 -29.05
CA THR C 32 19.15 50.73 -28.20
C THR C 32 19.10 49.40 -28.93
N VAL C 33 19.52 48.34 -28.25
CA VAL C 33 19.37 46.99 -28.78
C VAL C 33 17.97 46.51 -28.39
N VAL C 34 17.01 46.64 -29.30
CA VAL C 34 15.64 46.28 -28.95
C VAL C 34 15.53 44.76 -28.78
N SER C 35 16.33 44.01 -29.53
CA SER C 35 16.37 42.56 -29.37
C SER C 35 17.67 42.03 -29.94
N SER C 36 18.06 40.85 -29.48
CA SER C 36 19.21 40.13 -30.00
C SER C 36 18.76 38.70 -30.31
N GLU C 37 19.50 38.03 -31.18
CA GLU C 37 19.16 36.66 -31.59
C GLU C 37 20.45 35.91 -31.86
N LEU C 38 20.92 35.16 -30.86
CA LEU C 38 22.11 34.32 -30.99
C LEU C 38 21.65 32.93 -31.44
N THR C 39 21.78 32.65 -32.74
CA THR C 39 21.27 31.42 -33.34
C THR C 39 22.42 30.67 -34.01
N PRO C 40 22.57 29.34 -33.78
CA PRO C 40 23.60 28.59 -34.49
C PRO C 40 23.08 27.91 -35.75
N SER C 41 24.00 27.34 -36.54
CA SER C 41 23.65 26.48 -37.67
C SER C 41 23.66 25.04 -37.19
N THR C 42 22.48 24.41 -37.21
CA THR C 42 22.28 23.08 -36.65
C THR C 42 21.84 22.12 -37.74
N ASN C 43 21.97 20.83 -37.46
CA ASN C 43 21.54 19.78 -38.38
C ASN C 43 20.94 18.64 -37.56
N LYS C 44 20.00 17.92 -38.16
CA LYS C 44 19.28 16.85 -37.46
C LYS C 44 20.01 15.53 -37.62
N GLU C 45 20.22 14.83 -36.50
CA GLU C 45 20.82 13.50 -36.51
C GLU C 45 19.75 12.41 -36.55
N TYR C 46 18.71 12.54 -35.73
CA TYR C 46 17.66 11.54 -35.65
C TYR C 46 16.56 12.05 -34.74
N VAL C 47 15.50 11.26 -34.63
CA VAL C 47 14.42 11.48 -33.67
C VAL C 47 14.33 10.25 -32.77
N THR C 48 13.84 10.46 -31.55
CA THR C 48 13.70 9.36 -30.59
C THR C 48 12.48 9.61 -29.72
N CYS C 49 11.93 8.52 -29.21
CA CYS C 49 10.75 8.55 -28.33
C CYS C 49 10.63 7.18 -27.68
N ARG C 50 9.55 6.97 -26.94
CA ARG C 50 9.30 5.66 -26.36
C ARG C 50 8.89 4.68 -27.47
N PHE C 51 9.61 3.57 -27.55
CA PHE C 51 9.38 2.60 -28.61
C PHE C 51 8.17 1.72 -28.28
N HIS C 52 7.47 1.30 -29.32
CA HIS C 52 6.38 0.34 -29.24
C HIS C 52 6.92 -1.02 -29.64
N THR C 53 6.86 -1.98 -28.73
CA THR C 53 7.39 -3.32 -28.94
C THR C 53 6.31 -4.17 -29.60
N VAL C 54 6.38 -4.28 -30.93
CA VAL C 54 5.47 -5.15 -31.66
C VAL C 54 6.02 -6.57 -31.64
N ILE C 55 5.16 -7.50 -31.25
CA ILE C 55 5.46 -8.93 -31.23
C ILE C 55 4.51 -9.62 -32.21
N PRO C 56 4.98 -10.08 -33.38
CA PRO C 56 4.04 -10.63 -34.36
C PRO C 56 3.49 -11.97 -33.91
N SER C 57 2.34 -12.31 -34.48
CA SER C 57 1.64 -13.51 -34.07
C SER C 57 2.49 -14.75 -34.36
N PRO C 58 2.50 -15.75 -33.49
CA PRO C 58 3.48 -16.85 -33.62
C PRO C 58 3.15 -17.77 -34.78
N GLN C 59 4.16 -18.56 -35.16
CA GLN C 59 4.03 -19.57 -36.20
C GLN C 59 4.64 -20.87 -35.72
N VAL C 60 4.03 -21.98 -36.13
CA VAL C 60 4.45 -23.33 -35.73
C VAL C 60 4.45 -24.23 -36.95
N LYS C 61 5.47 -25.08 -37.05
CA LYS C 61 5.52 -26.20 -37.98
C LYS C 61 5.76 -27.42 -37.08
N CYS C 62 4.71 -28.20 -36.84
CA CYS C 62 4.71 -29.02 -35.64
C CYS C 62 5.12 -30.47 -35.85
N CYS C 63 5.39 -30.91 -37.08
CA CYS C 63 6.41 -31.95 -37.33
C CYS C 63 7.17 -31.67 -38.62
N GLY C 64 7.63 -30.44 -38.77
CA GLY C 64 8.69 -30.10 -39.71
C GLY C 64 9.75 -29.28 -39.00
N SER C 65 10.43 -28.38 -39.72
CA SER C 65 11.46 -27.52 -39.15
C SER C 65 11.28 -26.09 -39.63
N LEU C 66 11.64 -25.14 -38.77
CA LEU C 66 11.64 -23.72 -39.08
C LEU C 66 13.00 -23.12 -38.75
N GLU C 67 13.33 -22.04 -39.45
CA GLU C 67 14.63 -21.39 -39.29
C GLU C 67 14.43 -19.88 -39.26
N CYS C 68 15.41 -19.20 -38.66
CA CYS C 68 15.36 -17.75 -38.50
C CYS C 68 15.82 -17.07 -39.78
N LYS C 69 14.91 -16.37 -40.44
CA LYS C 69 15.27 -15.49 -41.54
C LYS C 69 15.68 -14.12 -41.00
N ALA C 70 16.54 -13.43 -41.74
CA ALA C 70 17.05 -12.14 -41.34
C ALA C 70 16.17 -11.03 -41.93
N SER C 71 15.67 -10.16 -41.06
CA SER C 71 14.81 -9.05 -41.44
C SER C 71 15.57 -7.74 -41.26
N SER C 72 14.93 -6.64 -41.68
CA SER C 72 15.51 -5.31 -41.60
C SER C 72 14.81 -4.42 -40.57
N LYS C 73 13.97 -5.00 -39.72
CA LYS C 73 13.26 -4.20 -38.73
C LYS C 73 14.20 -3.73 -37.65
N ALA C 74 13.72 -2.80 -36.83
CA ALA C 74 14.52 -2.24 -35.75
C ALA C 74 14.68 -3.26 -34.62
N ASP C 75 15.93 -3.60 -34.31
CA ASP C 75 16.25 -4.56 -33.25
C ASP C 75 15.48 -5.86 -33.43
N TYR C 76 15.41 -6.33 -34.67
CA TYR C 76 14.68 -7.54 -34.95
C TYR C 76 15.31 -8.73 -34.24
N THR C 77 14.46 -9.53 -33.60
CA THR C 77 14.90 -10.71 -32.86
C THR C 77 14.00 -11.88 -33.24
N CYS C 78 14.61 -13.01 -33.58
CA CYS C 78 13.89 -14.21 -33.95
C CYS C 78 14.62 -15.42 -33.39
N ARG C 79 13.88 -16.45 -33.03
CA ARG C 79 14.48 -17.65 -32.45
C ARG C 79 13.52 -18.82 -32.65
N VAL C 80 14.07 -20.03 -32.48
CA VAL C 80 13.34 -21.27 -32.74
C VAL C 80 13.26 -22.10 -31.46
N PHE C 81 12.10 -22.74 -31.27
CA PHE C 81 11.90 -23.71 -30.21
C PHE C 81 11.54 -25.04 -30.85
N GLY C 82 11.77 -26.13 -30.12
CA GLY C 82 11.40 -27.46 -30.55
C GLY C 82 10.05 -27.91 -30.01
N GLY C 83 10.06 -28.99 -29.23
CA GLY C 83 8.83 -29.53 -28.66
C GLY C 83 8.11 -28.57 -27.74
N VAL C 84 6.94 -28.09 -28.16
CA VAL C 84 6.17 -27.12 -27.40
C VAL C 84 4.72 -27.59 -27.22
N TYR C 85 4.05 -27.93 -28.32
CA TYR C 85 2.66 -28.38 -28.30
C TYR C 85 1.77 -27.30 -27.69
N PRO C 86 1.56 -26.18 -28.38
CA PRO C 86 0.75 -25.11 -27.80
C PRO C 86 -0.74 -25.38 -27.92
N PHE C 87 -1.49 -24.80 -26.98
CA PHE C 87 -2.95 -24.84 -26.97
C PHE C 87 -3.45 -23.41 -27.14
N MET C 88 -4.51 -23.23 -27.92
CA MET C 88 -5.06 -21.90 -28.16
C MET C 88 -6.45 -21.73 -27.54
N TRP C 89 -7.44 -22.50 -27.97
CA TRP C 89 -8.74 -22.51 -27.31
C TRP C 89 -9.32 -23.91 -27.10
N GLY C 90 -9.00 -24.88 -27.94
CA GLY C 90 -9.50 -26.23 -27.82
C GLY C 90 -8.59 -27.19 -27.09
N GLY C 91 -7.57 -26.70 -26.42
CA GLY C 91 -6.64 -27.56 -25.72
C GLY C 91 -5.72 -28.36 -26.61
N ALA C 92 -5.73 -28.09 -27.92
CA ALA C 92 -4.84 -28.78 -28.85
C ALA C 92 -4.82 -28.05 -30.19
N GLN C 93 -3.63 -27.68 -30.66
CA GLN C 93 -3.46 -27.00 -31.94
C GLN C 93 -2.45 -27.71 -32.83
N CYS C 94 -2.25 -29.02 -32.64
CA CYS C 94 -1.23 -29.72 -33.40
C CYS C 94 -1.44 -31.23 -33.38
N PHE C 95 -0.84 -31.85 -34.40
CA PHE C 95 -0.69 -33.29 -34.59
C PHE C 95 0.80 -33.53 -34.78
N CYS C 96 1.29 -34.69 -34.32
CA CYS C 96 2.72 -34.90 -34.07
C CYS C 96 3.17 -34.04 -32.89
N ASP C 97 2.65 -34.32 -31.69
CA ASP C 97 2.90 -33.43 -30.55
C ASP C 97 4.38 -33.17 -30.30
N SER C 98 5.25 -34.16 -30.57
CA SER C 98 6.67 -33.99 -30.40
C SER C 98 7.32 -33.52 -31.70
N GLU C 99 8.54 -33.00 -31.59
CA GLU C 99 9.26 -32.42 -32.73
C GLU C 99 8.41 -31.33 -33.37
N ASN C 100 8.20 -30.26 -32.61
CA ASN C 100 7.05 -29.39 -32.79
C ASN C 100 7.47 -27.94 -32.97
N THR C 101 8.30 -27.66 -33.98
CA THR C 101 9.07 -26.43 -33.97
C THR C 101 8.17 -25.19 -34.01
N GLN C 102 8.62 -24.15 -33.30
CA GLN C 102 7.93 -22.86 -33.23
C GLN C 102 8.94 -21.77 -33.56
N LEU C 103 8.49 -20.78 -34.32
CA LEU C 103 9.31 -19.63 -34.70
C LEU C 103 8.77 -18.39 -34.00
N SER C 104 9.57 -17.82 -33.11
CA SER C 104 9.17 -16.70 -32.27
C SER C 104 9.90 -15.44 -32.73
N GLU C 105 9.16 -14.32 -32.81
CA GLU C 105 9.68 -13.07 -33.36
C GLU C 105 9.36 -11.92 -32.42
N ALA C 106 10.08 -10.81 -32.60
CA ALA C 106 9.76 -9.55 -31.93
C ALA C 106 10.63 -8.44 -32.50
N TYR C 107 10.08 -7.22 -32.51
CA TYR C 107 10.83 -6.04 -32.94
C TYR C 107 10.04 -4.81 -32.49
N VAL C 108 10.52 -3.62 -32.89
CA VAL C 108 10.02 -2.37 -32.35
C VAL C 108 9.76 -1.36 -33.46
N GLU C 109 8.90 -0.39 -33.15
CA GLU C 109 8.71 0.81 -33.98
C GLU C 109 8.68 2.03 -33.05
N PHE C 110 8.48 3.20 -33.64
CA PHE C 110 8.00 4.34 -32.89
C PHE C 110 6.57 4.08 -32.42
N ALA C 111 6.18 4.74 -31.34
CA ALA C 111 4.79 4.66 -30.90
C ALA C 111 3.91 5.47 -31.85
N PRO C 112 2.63 5.12 -31.96
CA PRO C 112 1.72 5.96 -32.77
C PRO C 112 1.55 7.36 -32.23
N ASP C 113 1.85 7.58 -30.94
CA ASP C 113 1.71 8.87 -30.30
C ASP C 113 3.02 9.65 -30.23
N CYS C 114 4.09 9.16 -30.87
CA CYS C 114 5.34 9.91 -30.91
C CYS C 114 5.24 11.16 -31.77
N THR C 115 4.16 11.33 -32.53
CA THR C 115 4.01 12.52 -33.36
C THR C 115 4.01 13.80 -32.55
N ILE C 116 3.64 13.74 -31.27
CA ILE C 116 3.71 14.87 -30.35
C ILE C 116 4.87 14.72 -29.37
N ASP C 117 4.92 13.60 -28.65
CA ASP C 117 5.93 13.37 -27.62
C ASP C 117 7.12 12.66 -28.27
N HIS C 118 8.14 13.44 -28.63
CA HIS C 118 9.35 12.87 -29.23
C HIS C 118 10.49 13.88 -29.07
N ALA C 119 11.69 13.36 -28.84
CA ALA C 119 12.89 14.18 -28.76
C ALA C 119 13.69 14.06 -30.05
N VAL C 120 14.36 15.16 -30.40
CA VAL C 120 15.20 15.23 -31.60
C VAL C 120 16.58 15.72 -31.20
N ALA C 121 17.61 15.11 -31.78
CA ALA C 121 19.00 15.36 -31.41
C ALA C 121 19.65 16.27 -32.46
N LEU C 122 20.40 17.27 -31.98
CA LEU C 122 20.98 18.30 -32.83
C LEU C 122 22.45 18.51 -32.47
N LYS C 123 23.29 18.67 -33.50
CA LYS C 123 24.60 19.29 -33.36
C LYS C 123 24.40 20.79 -33.55
N VAL C 124 25.03 21.59 -32.69
CA VAL C 124 25.08 23.03 -32.90
C VAL C 124 26.48 23.42 -33.34
N HIS C 125 26.57 24.57 -34.00
CA HIS C 125 27.83 25.09 -34.52
C HIS C 125 28.02 26.52 -34.05
N THR C 126 28.98 27.24 -34.63
CA THR C 126 29.23 28.64 -34.29
C THR C 126 27.94 29.44 -34.28
N ALA C 127 27.67 30.09 -33.15
CA ALA C 127 26.40 30.76 -32.91
C ALA C 127 26.41 32.11 -33.60
N ALA C 128 25.55 32.26 -34.61
CA ALA C 128 25.41 33.54 -35.31
C ALA C 128 24.55 34.48 -34.48
N LEU C 129 25.04 35.71 -34.30
CA LEU C 129 24.39 36.70 -33.44
C LEU C 129 23.84 37.80 -34.34
N LYS C 130 22.52 38.02 -34.25
CA LYS C 130 21.82 39.04 -35.04
C LYS C 130 20.97 39.89 -34.11
N VAL C 131 21.06 41.21 -34.26
CA VAL C 131 20.50 42.16 -33.31
C VAL C 131 19.59 43.14 -34.04
N GLY C 132 18.41 43.38 -33.47
CA GLY C 132 17.58 44.49 -33.87
C GLY C 132 17.92 45.73 -33.07
N LEU C 133 17.99 46.87 -33.76
CA LEU C 133 18.55 48.09 -33.23
C LEU C 133 17.63 49.25 -33.56
N ARG C 134 17.39 50.11 -32.57
CA ARG C 134 16.67 51.37 -32.77
C ARG C 134 17.62 52.52 -32.47
N ILE C 135 17.74 53.42 -33.43
CA ILE C 135 18.64 54.56 -33.38
C ILE C 135 17.78 55.82 -33.43
N VAL C 136 18.23 56.88 -32.75
CA VAL C 136 17.83 58.21 -33.22
C VAL C 136 19.07 59.09 -33.27
N TYR C 137 19.19 59.82 -34.37
CA TYR C 137 20.24 60.79 -34.62
C TYR C 137 19.57 62.12 -34.95
N GLY C 138 19.97 63.18 -34.27
CA GLY C 138 19.35 64.47 -34.47
C GLY C 138 17.86 64.41 -34.21
N ASN C 139 17.07 64.46 -35.28
CA ASN C 139 15.63 64.34 -35.20
C ASN C 139 15.09 63.03 -35.76
N THR C 140 15.86 62.33 -36.59
CA THR C 140 15.36 61.18 -37.33
C THR C 140 15.76 59.88 -36.64
N THR C 141 14.80 58.97 -36.51
CA THR C 141 15.00 57.66 -35.90
C THR C 141 14.81 56.55 -36.93
N ALA C 142 15.32 55.37 -36.59
CA ALA C 142 15.28 54.25 -37.52
C ALA C 142 15.37 52.93 -36.77
N HIS C 143 14.77 51.90 -37.36
CA HIS C 143 14.86 50.52 -36.91
C HIS C 143 15.61 49.71 -37.96
N LEU C 144 16.50 48.83 -37.52
CA LEU C 144 17.21 47.97 -38.46
C LEU C 144 17.76 46.75 -37.75
N ASP C 145 17.78 45.62 -38.46
CA ASP C 145 18.30 44.37 -37.95
C ASP C 145 19.58 44.01 -38.70
N THR C 146 20.64 43.69 -37.95
CA THR C 146 21.95 43.48 -38.55
C THR C 146 22.69 42.37 -37.82
N PHE C 147 23.62 41.74 -38.54
CA PHE C 147 24.47 40.69 -38.00
C PHE C 147 25.68 41.30 -37.31
N VAL C 148 26.09 40.70 -36.20
CA VAL C 148 27.30 41.11 -35.47
C VAL C 148 28.45 40.25 -35.95
N ASN C 149 29.13 40.69 -37.01
CA ASN C 149 30.34 40.05 -37.48
C ASN C 149 31.44 41.02 -37.89
N GLY C 150 31.16 42.32 -37.98
CA GLY C 150 32.11 43.27 -38.52
C GLY C 150 32.18 43.28 -40.03
N VAL C 151 31.28 42.58 -40.71
CA VAL C 151 31.28 42.49 -42.17
C VAL C 151 29.91 42.90 -42.69
N THR C 152 28.86 42.30 -42.16
CA THR C 152 27.51 42.50 -42.67
C THR C 152 27.02 43.91 -42.34
N PRO C 153 26.64 44.73 -43.33
CA PRO C 153 26.09 46.05 -43.00
C PRO C 153 24.57 46.06 -42.90
N GLY C 154 24.08 46.76 -41.88
CA GLY C 154 22.68 47.11 -41.78
C GLY C 154 22.42 48.45 -42.44
N SER C 155 21.22 48.60 -43.01
CA SER C 155 20.86 49.76 -43.80
C SER C 155 19.43 50.19 -43.55
N SER C 156 19.22 51.49 -43.37
CA SER C 156 17.88 52.09 -43.37
C SER C 156 17.89 53.31 -44.31
N ARG C 157 17.78 53.04 -45.61
CA ARG C 157 17.27 53.92 -46.64
C ARG C 157 18.05 55.22 -46.87
N ASP C 158 18.81 55.67 -45.88
CA ASP C 158 19.91 56.62 -46.06
C ASP C 158 21.08 56.28 -45.15
N LEU C 159 20.86 55.43 -44.16
CA LEU C 159 21.82 55.19 -43.08
C LEU C 159 22.46 53.83 -43.30
N LYS C 160 23.80 53.79 -43.19
CA LYS C 160 24.56 52.55 -43.25
C LYS C 160 25.30 52.37 -41.93
N VAL C 161 25.41 51.12 -41.48
CA VAL C 161 26.10 50.79 -40.24
C VAL C 161 26.72 49.41 -40.38
N ILE C 162 27.88 49.21 -39.74
CA ILE C 162 28.51 47.91 -39.65
C ILE C 162 28.79 47.61 -38.18
N ALA C 163 28.40 46.40 -37.76
CA ALA C 163 28.39 46.02 -36.34
C ALA C 163 29.28 44.82 -36.13
N GLY C 164 29.89 44.75 -34.93
CA GLY C 164 30.62 43.58 -34.52
C GLY C 164 32.06 43.57 -34.99
N PRO C 165 32.77 42.47 -34.72
CA PRO C 165 32.33 41.24 -34.05
C PRO C 165 32.17 41.42 -32.54
N ILE C 166 31.49 40.47 -31.88
CA ILE C 166 31.31 40.53 -30.44
C ILE C 166 32.65 40.62 -29.73
N SER C 167 32.71 41.45 -28.69
CA SER C 167 33.95 41.61 -27.94
C SER C 167 34.38 40.30 -27.29
N ALA C 168 33.43 39.57 -26.71
CA ALA C 168 33.68 38.28 -26.07
C ALA C 168 32.65 37.28 -26.58
N ALA C 169 33.10 36.32 -27.38
CA ALA C 169 32.20 35.33 -27.94
C ALA C 169 31.65 34.43 -26.84
N PHE C 170 30.38 34.03 -27.01
CA PHE C 170 29.73 33.14 -26.06
C PHE C 170 28.63 32.37 -26.77
N SER C 171 28.36 31.17 -26.28
CA SER C 171 27.25 30.35 -26.77
C SER C 171 26.75 29.46 -25.64
N PRO C 172 25.51 29.60 -25.16
CA PRO C 172 25.04 28.73 -24.07
C PRO C 172 24.80 27.29 -24.50
N PHE C 173 24.89 26.98 -25.79
CA PHE C 173 24.62 25.64 -26.31
C PHE C 173 25.93 24.87 -26.39
N ASP C 174 25.96 23.69 -25.77
CA ASP C 174 27.05 22.76 -26.02
C ASP C 174 26.85 22.10 -27.38
N HIS C 175 27.87 21.35 -27.81
CA HIS C 175 27.87 20.81 -29.17
C HIS C 175 26.69 19.87 -29.42
N LYS C 176 26.17 19.21 -28.38
CA LYS C 176 25.11 18.23 -28.51
C LYS C 176 23.90 18.70 -27.69
N VAL C 177 22.77 18.91 -28.38
CA VAL C 177 21.55 19.37 -27.73
C VAL C 177 20.38 18.48 -28.12
N VAL C 178 19.35 18.51 -27.28
CA VAL C 178 18.15 17.70 -27.45
C VAL C 178 16.94 18.63 -27.31
N ILE C 179 15.97 18.45 -28.20
CA ILE C 179 14.78 19.29 -28.24
C ILE C 179 13.56 18.39 -28.07
N ARG C 180 12.69 18.74 -27.12
CA ARG C 180 11.40 18.06 -26.97
C ARG C 180 10.34 19.08 -26.57
N LYS C 181 9.35 19.27 -27.45
CA LYS C 181 8.19 20.13 -27.17
C LYS C 181 8.66 21.55 -26.79
N GLY C 182 9.67 22.03 -27.49
CA GLY C 182 10.19 23.36 -27.25
C GLY C 182 11.14 23.47 -26.07
N LEU C 183 11.40 22.38 -25.36
CA LEU C 183 12.31 22.36 -24.23
C LEU C 183 13.67 21.89 -24.70
N VAL C 184 14.72 22.60 -24.29
CA VAL C 184 16.09 22.37 -24.75
C VAL C 184 16.89 21.75 -23.62
N TYR C 185 17.74 20.79 -23.95
CA TYR C 185 18.62 20.14 -22.99
C TYR C 185 20.02 20.00 -23.58
N ASN C 186 21.03 20.32 -22.79
CA ASN C 186 22.43 20.10 -23.17
C ASN C 186 22.86 18.68 -22.77
N TYR C 187 22.34 17.70 -23.50
CA TYR C 187 22.59 16.29 -23.24
C TYR C 187 23.55 15.74 -24.28
N ASP C 188 24.51 14.94 -23.83
CA ASP C 188 25.46 14.26 -24.71
C ASP C 188 24.79 13.00 -25.23
N PHE C 189 24.04 13.16 -26.32
CA PHE C 189 23.35 12.02 -26.91
C PHE C 189 24.32 11.17 -27.73
N PRO C 190 24.07 9.87 -27.87
CA PRO C 190 24.96 9.04 -28.69
C PRO C 190 24.85 9.39 -30.16
N GLU C 191 25.94 9.14 -30.90
CA GLU C 191 25.94 9.38 -32.32
C GLU C 191 24.95 8.45 -33.02
N TYR C 192 24.62 8.78 -34.26
CA TYR C 192 23.63 7.99 -35.00
C TYR C 192 24.15 6.57 -35.22
N GLY C 193 23.27 5.60 -34.96
CA GLY C 193 23.62 4.20 -35.08
C GLY C 193 24.21 3.57 -33.84
N ALA C 194 24.61 4.38 -32.85
CA ALA C 194 25.19 3.87 -31.60
C ALA C 194 24.12 3.74 -30.52
N MET C 195 23.11 2.93 -30.83
CA MET C 195 22.00 2.75 -29.90
C MET C 195 22.41 1.85 -28.75
N LYS C 196 22.19 2.31 -27.52
CA LYS C 196 22.53 1.56 -26.32
C LYS C 196 21.22 1.24 -25.60
N PRO C 197 21.03 0.01 -25.12
CA PRO C 197 19.77 -0.31 -24.42
C PRO C 197 19.63 0.49 -23.13
N GLY C 198 18.39 0.85 -22.80
CA GLY C 198 18.12 1.55 -21.56
C GLY C 198 18.72 2.92 -21.44
N ALA C 199 19.17 3.51 -22.55
CA ALA C 199 19.77 4.83 -22.56
C ALA C 199 19.05 5.71 -23.58
N PHE C 200 19.20 7.02 -23.43
CA PHE C 200 18.54 7.94 -24.33
C PHE C 200 19.03 7.72 -25.76
N GLY C 201 18.11 7.84 -26.72
CA GLY C 201 18.45 7.53 -28.09
C GLY C 201 18.54 6.06 -28.39
N ASP C 202 17.94 5.21 -27.56
CA ASP C 202 17.90 3.77 -27.84
C ASP C 202 17.19 3.49 -29.16
N ILE C 203 16.19 4.30 -29.50
CA ILE C 203 15.51 4.23 -30.80
C ILE C 203 15.87 5.48 -31.58
N GLN C 204 16.25 5.29 -32.85
CA GLN C 204 16.68 6.38 -33.72
C GLN C 204 16.10 6.20 -35.12
N ALA C 205 15.94 7.32 -35.82
CA ALA C 205 15.48 7.33 -37.19
C ALA C 205 15.64 8.74 -37.74
N SER C 206 15.90 8.83 -39.05
CA SER C 206 16.09 10.14 -39.68
C SER C 206 14.84 11.01 -39.57
N SER C 207 13.65 10.39 -39.51
CA SER C 207 12.41 11.13 -39.38
C SER C 207 11.37 10.24 -38.71
N LEU C 208 10.30 10.87 -38.24
CA LEU C 208 9.21 10.10 -37.63
C LEU C 208 8.58 9.16 -38.64
N ASP C 209 8.38 9.63 -39.87
CA ASP C 209 7.82 8.80 -40.93
C ASP C 209 8.87 7.97 -41.65
N ALA C 210 10.16 8.13 -41.32
CA ALA C 210 11.21 7.37 -41.97
C ALA C 210 11.05 5.88 -41.69
N THR C 211 11.39 5.07 -42.68
CA THR C 211 11.33 3.61 -42.54
C THR C 211 12.63 2.98 -42.09
N ASP C 212 13.71 3.76 -41.98
CA ASP C 212 15.00 3.24 -41.50
C ASP C 212 15.04 3.29 -39.96
N ILE C 213 14.10 2.58 -39.35
CA ILE C 213 14.04 2.53 -37.89
C ILE C 213 15.13 1.58 -37.40
N VAL C 214 16.00 2.08 -36.53
CA VAL C 214 17.14 1.33 -36.01
C VAL C 214 17.11 1.40 -34.50
N ALA C 215 17.33 0.26 -33.84
CA ALA C 215 17.34 0.22 -32.40
C ALA C 215 18.16 -0.98 -31.92
N ARG C 216 18.61 -0.89 -30.67
CA ARG C 216 19.15 -2.03 -29.93
C ARG C 216 18.59 -1.91 -28.52
N THR C 217 17.40 -2.49 -28.31
CA THR C 217 16.70 -2.39 -27.03
C THR C 217 17.04 -3.51 -26.08
N ASP C 218 17.91 -4.45 -26.48
CA ASP C 218 18.28 -5.59 -25.64
C ASP C 218 17.04 -6.41 -25.29
N ILE C 219 16.23 -6.69 -26.31
CA ILE C 219 15.09 -7.59 -26.17
C ILE C 219 15.57 -9.03 -26.26
N ARG C 220 14.86 -9.94 -25.59
CA ARG C 220 15.10 -11.36 -25.80
C ARG C 220 13.83 -12.16 -25.53
N LEU C 221 13.57 -13.08 -26.44
CA LEU C 221 12.44 -13.99 -26.36
C LEU C 221 12.78 -15.17 -25.47
N LEU C 222 11.83 -15.59 -24.65
CA LEU C 222 12.03 -16.66 -23.68
C LEU C 222 11.25 -17.89 -24.11
N LYS C 223 11.66 -19.04 -23.61
CA LYS C 223 11.02 -20.29 -24.01
C LYS C 223 9.61 -20.37 -23.41
N PRO C 224 8.57 -20.69 -24.20
CA PRO C 224 7.25 -20.89 -23.59
C PRO C 224 7.30 -21.99 -22.55
N SER C 225 6.61 -21.76 -21.43
CA SER C 225 6.50 -22.71 -20.34
C SER C 225 5.10 -23.27 -20.18
N VAL C 226 4.08 -22.41 -20.27
CA VAL C 226 2.70 -22.85 -20.14
C VAL C 226 2.27 -23.60 -21.39
N LYS C 227 1.25 -24.45 -21.24
CA LYS C 227 0.73 -25.19 -22.39
C LYS C 227 0.11 -24.27 -23.43
N ASN C 228 -0.53 -23.19 -22.99
CA ASN C 228 -1.26 -22.33 -23.92
C ASN C 228 -0.29 -21.56 -24.82
N ILE C 229 -0.74 -21.28 -26.05
CA ILE C 229 0.10 -20.56 -26.99
C ILE C 229 0.28 -19.13 -26.53
N HIS C 230 1.54 -18.70 -26.46
CA HIS C 230 1.90 -17.32 -26.13
C HIS C 230 3.41 -17.20 -26.30
N VAL C 231 3.85 -15.98 -26.60
CA VAL C 231 5.27 -15.68 -26.75
C VAL C 231 5.72 -14.91 -25.51
N PRO C 232 6.42 -15.54 -24.57
CA PRO C 232 7.04 -14.78 -23.47
C PRO C 232 8.35 -14.15 -23.90
N TYR C 233 8.66 -13.00 -23.31
CA TYR C 233 9.86 -12.26 -23.65
C TYR C 233 10.16 -11.27 -22.52
N THR C 234 11.31 -10.62 -22.65
CA THR C 234 11.63 -9.52 -21.75
C THR C 234 12.46 -8.49 -22.50
N GLN C 235 12.37 -7.24 -22.03
CA GLN C 235 12.86 -6.09 -22.76
C GLN C 235 13.38 -5.06 -21.76
N ALA C 236 14.40 -4.33 -22.17
CA ALA C 236 14.93 -3.25 -21.34
C ALA C 236 14.00 -2.04 -21.40
N VAL C 237 13.97 -1.29 -20.29
CA VAL C 237 13.07 -0.15 -20.19
C VAL C 237 13.44 0.89 -21.25
N SER C 238 12.44 1.68 -21.64
CA SER C 238 12.64 2.73 -22.63
C SER C 238 13.63 3.76 -22.07
N GLY C 239 14.83 3.79 -22.65
CA GLY C 239 15.80 4.78 -22.22
C GLY C 239 15.33 6.20 -22.43
N TYR C 240 14.46 6.41 -23.43
CA TYR C 240 13.83 7.71 -23.60
C TYR C 240 13.03 8.09 -22.36
N GLU C 241 12.23 7.16 -21.84
CA GLU C 241 11.44 7.45 -20.65
C GLU C 241 12.33 7.66 -19.43
N MET C 242 13.42 6.90 -19.33
CA MET C 242 14.32 7.07 -18.19
C MET C 242 15.01 8.43 -18.24
N TRP C 243 15.44 8.87 -19.42
CA TRP C 243 15.98 10.21 -19.55
C TRP C 243 14.92 11.26 -19.21
N LYS C 244 13.67 11.02 -19.65
CA LYS C 244 12.59 11.93 -19.31
C LYS C 244 12.44 12.06 -17.81
N ASN C 245 12.55 10.94 -17.10
CA ASN C 245 12.49 10.96 -15.64
C ASN C 245 13.70 11.69 -15.06
N ASN C 246 14.87 11.57 -15.70
CA ASN C 246 16.11 12.18 -15.22
C ASN C 246 16.66 13.16 -16.24
N SER C 247 15.78 13.87 -16.95
CA SER C 247 16.24 14.85 -17.94
C SER C 247 16.90 16.06 -17.28
N GLY C 248 16.65 16.29 -16.01
CA GLY C 248 17.21 17.47 -15.38
C GLY C 248 16.51 18.73 -15.85
N ARG C 249 17.17 19.85 -15.62
CA ARG C 249 16.59 21.14 -15.96
C ARG C 249 16.89 21.50 -17.41
N PRO C 250 15.88 21.88 -18.20
CA PRO C 250 16.18 22.44 -19.53
C PRO C 250 16.87 23.80 -19.41
N LEU C 251 17.46 24.23 -20.52
CA LEU C 251 18.29 25.43 -20.49
C LEU C 251 17.47 26.71 -20.51
N GLN C 252 16.14 26.63 -20.61
CA GLN C 252 15.33 27.85 -20.58
C GLN C 252 15.47 28.59 -19.26
N GLU C 253 15.78 27.88 -18.17
CA GLU C 253 15.96 28.47 -16.85
C GLU C 253 17.38 28.26 -16.31
N THR C 254 18.32 27.89 -17.18
CA THR C 254 19.70 27.62 -16.78
C THR C 254 20.72 28.35 -17.63
N ALA C 255 20.35 28.90 -18.77
CA ALA C 255 21.32 29.60 -19.62
C ALA C 255 21.83 30.83 -18.89
N PRO C 256 23.15 30.99 -18.70
CA PRO C 256 23.66 32.20 -18.07
C PRO C 256 23.46 33.41 -18.97
N PHE C 257 23.64 34.59 -18.38
CA PHE C 257 23.29 35.89 -18.95
C PHE C 257 21.78 36.08 -19.08
N GLY C 258 20.98 35.16 -18.56
CA GLY C 258 19.54 35.36 -18.47
C GLY C 258 18.87 35.61 -19.81
N CYS C 259 19.14 34.77 -20.79
CA CYS C 259 18.67 35.03 -22.15
C CYS C 259 17.85 33.87 -22.69
N LYS C 260 16.67 34.21 -23.22
CA LYS C 260 15.63 33.21 -23.37
C LYS C 260 15.88 32.36 -24.61
N ILE C 261 15.76 31.05 -24.46
CA ILE C 261 16.00 30.13 -25.57
C ILE C 261 14.68 29.90 -26.30
N GLU C 262 14.67 30.19 -27.59
CA GLU C 262 13.50 30.08 -28.44
C GLU C 262 13.76 29.07 -29.54
N VAL C 263 12.77 28.21 -29.79
CA VAL C 263 12.90 27.11 -30.73
C VAL C 263 12.18 27.52 -32.02
N GLU C 264 12.38 26.73 -33.09
CA GLU C 264 11.85 26.98 -34.43
C GLU C 264 12.04 28.44 -34.85
N PRO C 265 13.28 28.86 -35.16
CA PRO C 265 14.55 28.12 -35.07
C PRO C 265 15.19 28.19 -33.69
N LEU C 266 16.16 27.34 -33.41
CA LEU C 266 16.90 27.41 -32.15
C LEU C 266 17.66 28.73 -32.09
N ARG C 267 17.62 29.40 -30.94
CA ARG C 267 18.25 30.70 -30.79
C ARG C 267 18.17 31.12 -29.33
N ALA C 268 19.05 32.05 -28.95
CA ALA C 268 19.03 32.69 -27.64
C ALA C 268 18.80 34.18 -27.84
N SER C 269 17.83 34.74 -27.12
CA SER C 269 17.32 36.07 -27.36
C SER C 269 17.55 36.99 -26.17
N ASN C 270 17.89 38.24 -26.50
CA ASN C 270 18.06 39.35 -25.56
C ASN C 270 19.13 39.02 -24.52
N CYS C 271 20.36 38.85 -24.99
CA CYS C 271 21.33 38.05 -24.24
C CYS C 271 22.57 38.92 -24.02
N ALA C 272 22.68 39.47 -22.80
CA ALA C 272 23.59 40.58 -22.51
C ALA C 272 24.95 40.05 -22.08
N TYR C 273 25.98 40.33 -22.89
CA TYR C 273 27.36 39.96 -22.58
C TYR C 273 28.32 40.65 -23.54
N GLY C 274 29.40 41.20 -23.02
CA GLY C 274 30.40 41.81 -23.87
C GLY C 274 29.94 43.13 -24.45
N HIS C 275 30.59 43.51 -25.55
CA HIS C 275 30.36 44.80 -26.20
C HIS C 275 30.37 44.61 -27.72
N ILE C 276 29.79 45.59 -28.40
CA ILE C 276 29.63 45.56 -29.85
C ILE C 276 30.38 46.76 -30.42
N PRO C 277 31.50 46.59 -31.10
CA PRO C 277 32.05 47.69 -31.90
C PRO C 277 31.12 48.01 -33.07
N ILE C 278 30.82 49.29 -33.23
CA ILE C 278 29.82 49.75 -34.18
C ILE C 278 30.39 50.95 -34.93
N SER C 279 30.19 50.98 -36.24
CA SER C 279 30.61 52.10 -37.07
C SER C 279 29.48 52.51 -37.99
N ILE C 280 29.07 53.78 -37.86
CA ILE C 280 27.86 54.29 -38.49
C ILE C 280 28.27 55.39 -39.46
N ASP C 281 27.80 55.28 -40.71
CA ASP C 281 28.01 56.33 -41.71
C ASP C 281 26.79 57.25 -41.67
N ILE C 282 26.85 58.27 -40.83
CA ILE C 282 25.70 59.17 -40.66
C ILE C 282 25.56 60.02 -41.91
N PRO C 283 24.37 60.15 -42.51
CA PRO C 283 24.23 61.03 -43.68
C PRO C 283 24.53 62.48 -43.33
N ASP C 284 25.14 63.19 -44.27
CA ASP C 284 25.50 64.59 -44.04
C ASP C 284 24.28 65.49 -43.96
N ALA C 285 23.15 65.09 -44.54
CA ALA C 285 21.95 65.92 -44.47
C ALA C 285 21.43 66.06 -43.05
N ALA C 286 21.64 65.04 -42.21
CA ALA C 286 21.20 65.13 -40.82
C ALA C 286 21.95 66.21 -40.05
N PHE C 287 23.22 66.43 -40.40
CA PHE C 287 24.03 67.48 -39.80
C PHE C 287 23.51 68.86 -40.17
N VAL C 288 23.70 69.79 -39.23
CA VAL C 288 23.38 71.21 -39.42
C VAL C 288 24.57 72.04 -38.98
N ARG C 289 24.64 73.26 -39.52
CA ARG C 289 25.80 74.11 -39.28
C ARG C 289 25.61 74.90 -37.98
N SER C 290 26.73 75.15 -37.30
CA SER C 290 26.67 75.57 -35.89
C SER C 290 26.03 76.95 -35.72
N SER C 291 26.25 77.87 -36.66
CA SER C 291 25.65 79.21 -36.58
C SER C 291 24.15 79.16 -36.35
N GLU C 292 23.40 78.39 -37.15
CA GLU C 292 21.96 78.33 -36.96
C GLU C 292 21.56 77.58 -35.69
N SER C 293 22.43 76.73 -35.14
CA SER C 293 22.20 76.20 -33.82
C SER C 293 22.36 77.32 -32.80
N PRO C 294 21.45 77.44 -31.81
CA PRO C 294 21.54 78.59 -30.90
C PRO C 294 22.74 78.51 -29.97
N THR C 295 23.76 79.30 -30.22
CA THR C 295 24.95 79.33 -29.38
C THR C 295 24.58 79.92 -28.02
N ILE C 296 25.07 79.31 -26.96
CA ILE C 296 24.75 79.74 -25.59
C ILE C 296 25.85 80.67 -25.10
N LEU C 297 25.48 81.89 -24.72
CA LEU C 297 26.46 82.87 -24.27
C LEU C 297 27.10 82.50 -22.95
N GLU C 298 26.33 82.04 -21.96
CA GLU C 298 26.92 81.47 -20.76
C GLU C 298 26.03 80.35 -20.25
N VAL C 299 26.66 79.42 -19.51
CA VAL C 299 25.93 78.38 -18.80
C VAL C 299 26.66 78.09 -17.50
N SER C 300 25.89 77.66 -16.51
CA SER C 300 26.45 77.09 -15.29
C SER C 300 25.52 75.99 -14.79
N CYS C 301 26.13 74.97 -14.17
CA CYS C 301 25.43 73.79 -13.67
C CYS C 301 25.36 73.81 -12.16
N THR C 302 24.22 73.33 -11.64
CA THR C 302 24.01 73.14 -10.20
C THR C 302 23.44 71.73 -10.03
N VAL C 303 24.19 70.85 -9.38
CA VAL C 303 23.73 69.48 -9.16
C VAL C 303 22.75 69.48 -8.00
N ALA C 304 21.55 68.97 -8.24
CA ALA C 304 20.54 68.82 -7.21
C ALA C 304 20.87 67.57 -6.39
N ASP C 305 19.93 67.14 -5.54
CA ASP C 305 20.15 65.92 -4.78
C ASP C 305 20.32 64.74 -5.72
N CYS C 306 21.52 64.16 -5.72
CA CYS C 306 21.87 63.07 -6.62
C CYS C 306 22.17 61.81 -5.82
N ILE C 307 21.94 60.66 -6.44
CA ILE C 307 22.09 59.37 -5.80
C ILE C 307 22.55 58.38 -6.87
N TYR C 308 23.52 57.54 -6.54
CA TYR C 308 24.07 56.60 -7.52
C TYR C 308 23.29 55.29 -7.41
N SER C 309 22.29 55.15 -8.29
CA SER C 309 21.42 54.00 -8.33
C SER C 309 21.27 53.53 -9.78
N ALA C 310 20.53 52.45 -9.96
CA ALA C 310 20.32 51.90 -11.30
C ALA C 310 19.47 52.82 -12.17
N ASP C 311 18.58 53.60 -11.57
CA ASP C 311 17.66 54.46 -12.30
C ASP C 311 18.23 55.88 -12.40
N PHE C 312 17.46 56.76 -13.04
CA PHE C 312 17.82 58.17 -13.12
C PHE C 312 17.57 58.83 -11.76
N GLY C 313 18.39 58.48 -10.78
CA GLY C 313 18.19 58.91 -9.41
C GLY C 313 18.66 60.30 -9.08
N GLY C 314 19.33 61.00 -10.00
CA GLY C 314 19.84 62.32 -9.73
C GLY C 314 19.23 63.35 -10.65
N SER C 315 19.26 64.60 -10.19
CA SER C 315 18.75 65.73 -10.95
C SER C 315 19.76 66.87 -10.89
N LEU C 316 19.66 67.79 -11.85
CA LEU C 316 20.54 68.94 -11.94
C LEU C 316 19.79 70.05 -12.66
N THR C 317 20.33 71.27 -12.58
CA THR C 317 19.75 72.41 -13.29
C THR C 317 20.87 73.22 -13.92
N LEU C 318 20.72 73.49 -15.21
CA LEU C 318 21.62 74.35 -15.96
C LEU C 318 20.94 75.70 -16.16
N GLN C 319 21.54 76.77 -15.63
CA GLN C 319 21.06 78.12 -15.93
C GLN C 319 21.90 78.67 -17.07
N TYR C 320 21.24 79.29 -18.06
CA TYR C 320 21.83 79.64 -19.33
C TYR C 320 21.38 81.02 -19.78
N LYS C 321 22.27 81.73 -20.47
CA LYS C 321 21.91 82.83 -21.36
C LYS C 321 22.38 82.46 -22.76
N ALA C 322 21.44 82.39 -23.69
CA ALA C 322 21.69 82.15 -25.11
C ALA C 322 21.20 83.32 -25.93
N ASP C 323 21.42 83.24 -27.25
CA ASP C 323 21.08 84.32 -28.16
C ASP C 323 19.70 84.17 -28.78
N ARG C 324 19.25 82.95 -29.04
CA ARG C 324 18.00 82.72 -29.77
C ARG C 324 17.32 81.48 -29.21
N GLU C 325 16.21 81.12 -29.83
CA GLU C 325 15.42 79.96 -29.43
C GLU C 325 15.71 78.80 -30.37
N GLY C 326 16.04 77.65 -29.81
CA GLY C 326 16.31 76.45 -30.60
C GLY C 326 16.32 75.19 -29.76
N HIS C 327 17.05 74.19 -30.22
CA HIS C 327 16.92 72.80 -29.74
C HIS C 327 18.30 72.18 -29.50
N CYS C 328 19.13 72.82 -28.69
CA CYS C 328 20.45 72.29 -28.38
C CYS C 328 20.36 70.83 -27.95
N PRO C 329 21.29 69.97 -28.38
CA PRO C 329 21.42 68.65 -27.75
C PRO C 329 22.33 68.70 -26.53
N VAL C 330 21.95 67.94 -25.50
CA VAL C 330 22.67 67.90 -24.24
C VAL C 330 23.30 66.53 -24.09
N HIS C 331 24.57 66.50 -23.68
CA HIS C 331 25.29 65.25 -23.50
C HIS C 331 26.15 65.29 -22.26
N SER C 332 26.21 64.16 -21.55
CA SER C 332 27.13 64.00 -20.43
C SER C 332 28.42 63.36 -20.93
N HIS C 333 29.55 64.00 -20.64
CA HIS C 333 30.85 63.51 -21.04
C HIS C 333 31.48 62.58 -20.00
N SER C 334 30.67 62.01 -19.11
CA SER C 334 31.14 61.07 -18.10
C SER C 334 30.78 59.65 -18.51
N THR C 335 31.76 58.75 -18.43
CA THR C 335 31.48 57.33 -18.60
C THR C 335 30.75 56.74 -17.40
N THR C 336 30.64 57.48 -16.30
CA THR C 336 29.94 57.03 -15.09
C THR C 336 28.67 57.84 -14.82
N ALA C 337 28.15 58.56 -15.81
CA ALA C 337 26.90 59.29 -15.66
C ALA C 337 26.22 59.40 -17.02
N VAL C 338 24.91 59.12 -17.04
CA VAL C 338 24.13 59.10 -18.27
C VAL C 338 22.89 59.95 -18.04
N LEU C 339 22.65 60.88 -18.96
CA LEU C 339 21.51 61.78 -18.85
C LEU C 339 20.21 61.08 -19.21
N LYS C 340 19.10 61.62 -18.68
CA LYS C 340 17.77 61.17 -19.08
C LYS C 340 17.28 61.83 -20.35
N GLU C 341 17.91 62.92 -20.78
CA GLU C 341 17.48 63.69 -21.93
C GLU C 341 18.63 63.85 -22.92
N ALA C 342 18.28 63.91 -24.20
CA ALA C 342 19.24 64.07 -25.29
C ALA C 342 19.24 65.49 -25.86
N THR C 343 18.06 66.08 -26.04
CA THR C 343 17.95 67.44 -26.53
C THR C 343 16.75 68.12 -25.89
N THR C 344 16.86 69.44 -25.69
CA THR C 344 15.84 70.24 -25.06
C THR C 344 15.65 71.53 -25.85
N HIS C 345 14.42 72.05 -25.84
CA HIS C 345 14.19 73.37 -26.40
C HIS C 345 14.82 74.43 -25.51
N VAL C 346 15.59 75.33 -26.11
CA VAL C 346 16.37 76.33 -25.40
C VAL C 346 15.85 77.71 -25.76
N THR C 347 15.87 78.62 -24.80
CA THR C 347 15.46 80.00 -25.00
C THR C 347 16.68 80.91 -24.93
N ALA C 348 16.44 82.22 -24.99
CA ALA C 348 17.53 83.18 -24.89
C ALA C 348 18.08 83.25 -23.46
N VAL C 349 17.22 83.06 -22.47
CA VAL C 349 17.60 83.15 -21.06
C VAL C 349 16.71 82.22 -20.26
N GLY C 350 17.27 81.55 -19.26
CA GLY C 350 16.45 80.75 -18.36
C GLY C 350 17.26 79.68 -17.64
N SER C 351 16.56 78.60 -17.30
CA SER C 351 17.20 77.46 -16.67
C SER C 351 16.37 76.20 -16.95
N ILE C 352 17.07 75.09 -17.20
CA ILE C 352 16.45 73.81 -17.51
C ILE C 352 16.88 72.79 -16.47
N THR C 353 15.92 72.03 -15.96
CA THR C 353 16.18 70.91 -15.06
C THR C 353 16.29 69.62 -15.87
N LEU C 354 17.20 68.74 -15.44
CA LEU C 354 17.46 67.48 -16.13
C LEU C 354 17.69 66.39 -15.08
N HIS C 355 17.62 65.15 -15.54
CA HIS C 355 17.81 63.97 -14.71
C HIS C 355 18.95 63.12 -15.26
N PHE C 356 19.51 62.28 -14.40
CA PHE C 356 20.64 61.44 -14.78
C PHE C 356 20.76 60.26 -13.84
N SER C 357 21.47 59.24 -14.31
CA SER C 357 21.81 58.05 -13.53
C SER C 357 23.33 57.93 -13.46
N THR C 358 23.85 57.61 -12.28
CA THR C 358 25.28 57.50 -12.06
C THR C 358 25.57 56.32 -11.15
N SER C 359 26.82 55.86 -11.17
CA SER C 359 27.29 54.77 -10.33
C SER C 359 28.37 55.19 -9.34
N SER C 360 28.79 56.46 -9.37
CA SER C 360 29.87 56.93 -8.51
C SER C 360 29.30 57.70 -7.31
N PRO C 361 29.94 57.62 -6.14
CA PRO C 361 29.49 58.47 -5.01
C PRO C 361 29.64 59.95 -5.28
N GLN C 362 30.54 60.33 -6.18
CA GLN C 362 30.80 61.72 -6.51
C GLN C 362 30.39 61.99 -7.96
N ALA C 363 29.59 63.03 -8.17
CA ALA C 363 29.24 63.49 -9.51
C ALA C 363 30.02 64.80 -9.72
N ASN C 364 31.15 64.69 -10.42
CA ASN C 364 32.11 65.79 -10.59
C ASN C 364 32.49 65.94 -12.06
N PHE C 365 31.49 66.02 -12.93
CA PHE C 365 31.73 65.75 -14.35
C PHE C 365 31.27 66.92 -15.23
N ILE C 366 31.50 66.74 -16.53
CA ILE C 366 31.29 67.74 -17.56
C ILE C 366 29.99 67.43 -18.29
N VAL C 367 29.26 68.48 -18.66
CA VAL C 367 28.08 68.35 -19.52
C VAL C 367 28.18 69.42 -20.62
N SER C 368 27.74 69.04 -21.81
CA SER C 368 27.83 69.87 -23.00
C SER C 368 26.45 70.17 -23.55
N LEU C 369 26.20 71.43 -23.85
CA LEU C 369 24.96 71.90 -24.47
C LEU C 369 25.34 72.80 -25.64
N CYS C 370 24.75 72.54 -26.82
CA CYS C 370 25.23 73.11 -28.08
C CYS C 370 26.75 73.16 -28.14
N GLY C 371 27.39 72.06 -27.76
CA GLY C 371 28.84 71.98 -27.79
C GLY C 371 29.52 72.55 -26.56
N LYS C 372 29.05 73.71 -26.07
CA LYS C 372 29.77 74.38 -25.00
C LYS C 372 29.63 73.57 -23.71
N LYS C 373 30.74 73.47 -22.97
CA LYS C 373 30.87 72.54 -21.86
C LYS C 373 30.85 73.27 -20.53
N THR C 374 30.53 72.54 -19.47
CA THR C 374 30.58 73.07 -18.12
C THR C 374 30.74 71.92 -17.13
N THR C 375 31.62 72.10 -16.15
CA THR C 375 31.81 71.12 -15.10
C THR C 375 30.92 71.44 -13.91
N CYS C 376 30.51 70.41 -13.18
CA CYS C 376 29.84 70.62 -11.90
C CYS C 376 29.98 69.40 -11.00
N ASN C 377 29.74 69.66 -9.72
CA ASN C 377 30.41 69.01 -8.59
C ASN C 377 29.43 68.85 -7.43
N ALA C 378 29.21 67.61 -7.01
CA ALA C 378 28.39 67.33 -5.84
C ALA C 378 28.65 65.88 -5.41
N GLU C 379 28.15 65.55 -4.22
CA GLU C 379 28.32 64.23 -3.61
C GLU C 379 26.99 63.48 -3.68
N CYS C 380 27.02 62.31 -4.29
CA CYS C 380 25.82 61.48 -4.40
C CYS C 380 25.77 60.51 -3.23
N LYS C 381 24.66 60.53 -2.48
CA LYS C 381 24.55 59.74 -1.28
C LYS C 381 24.42 58.25 -1.61
N PRO C 382 24.63 57.38 -0.64
CA PRO C 382 24.41 55.95 -0.89
C PRO C 382 22.96 55.71 -1.27
N PRO C 383 22.70 54.72 -2.14
CA PRO C 383 21.30 54.46 -2.53
C PRO C 383 20.45 54.07 -1.34
N ALA C 384 19.47 54.92 -1.02
CA ALA C 384 18.55 54.61 0.07
C ALA C 384 17.73 53.36 -0.23
N ASP C 385 17.16 53.29 -1.43
CA ASP C 385 16.59 52.05 -1.92
C ASP C 385 17.72 51.06 -2.17
N HIS C 386 17.40 49.78 -2.16
CA HIS C 386 18.42 48.73 -2.14
C HIS C 386 18.37 47.81 -3.34
N ILE C 387 17.18 47.43 -3.80
CA ILE C 387 17.03 46.49 -4.91
C ILE C 387 16.01 47.09 -5.89
N ILE C 388 16.34 47.02 -7.18
CA ILE C 388 15.52 47.57 -8.24
C ILE C 388 15.38 46.52 -9.34
N GLY C 389 14.21 46.47 -9.97
CA GLY C 389 13.97 45.55 -11.06
C GLY C 389 14.28 46.13 -12.42
N GLU C 390 15.41 46.84 -12.51
CA GLU C 390 15.85 47.45 -13.77
C GLU C 390 17.38 47.47 -13.75
N PRO C 391 18.04 47.07 -14.84
CA PRO C 391 19.51 46.94 -14.79
C PRO C 391 20.19 48.29 -14.61
N HIS C 392 21.35 48.23 -13.94
CA HIS C 392 22.20 49.40 -13.79
C HIS C 392 22.63 49.91 -15.16
N LYS C 393 22.15 51.11 -15.50
CA LYS C 393 22.52 51.74 -16.77
C LYS C 393 23.95 52.25 -16.79
N VAL C 394 24.63 52.25 -15.64
CA VAL C 394 26.00 52.75 -15.53
C VAL C 394 26.84 51.69 -14.82
N ASP C 395 28.06 51.48 -15.30
CA ASP C 395 28.97 50.54 -14.68
C ASP C 395 29.67 51.19 -13.50
N PRO D 11 -13.88 -8.45 -33.26
CA PRO D 11 -14.63 -9.14 -32.19
C PRO D 11 -14.02 -10.50 -31.84
N TYR D 12 -12.69 -10.57 -31.82
CA TYR D 12 -11.99 -11.81 -31.52
C TYR D 12 -11.85 -11.93 -30.00
N LEU D 13 -11.12 -12.96 -29.56
CA LEU D 13 -10.91 -13.23 -28.14
C LEU D 13 -9.41 -13.22 -27.85
N GLY D 14 -9.06 -12.61 -26.72
CA GLY D 14 -7.69 -12.57 -26.26
C GLY D 14 -7.52 -13.34 -24.96
N PHE D 15 -6.30 -13.81 -24.71
CA PHE D 15 -5.97 -14.59 -23.52
C PHE D 15 -5.70 -13.61 -22.37
N CYS D 16 -6.79 -13.10 -21.78
CA CYS D 16 -6.65 -12.13 -20.70
C CYS D 16 -5.94 -12.77 -19.51
N PRO D 17 -4.93 -12.12 -18.93
CA PRO D 17 -4.23 -12.74 -17.78
C PRO D 17 -5.08 -12.86 -16.53
N TYR D 18 -6.03 -11.96 -16.29
CA TYR D 18 -6.83 -11.97 -15.06
C TYR D 18 -8.31 -11.90 -15.40
N CYS D 19 -9.02 -12.97 -15.08
CA CYS D 19 -10.43 -13.12 -15.39
C CYS D 19 -11.26 -12.50 -14.27
N ARG D 20 -12.56 -12.81 -14.28
CA ARG D 20 -13.41 -12.41 -13.16
C ARG D 20 -12.91 -13.03 -11.86
N HIS D 21 -12.51 -14.31 -11.90
CA HIS D 21 -12.25 -15.02 -10.64
C HIS D 21 -10.82 -14.82 -10.12
N SER D 22 -9.79 -15.42 -10.72
CA SER D 22 -8.41 -15.04 -10.39
C SER D 22 -7.44 -15.23 -11.54
N ALA D 23 -7.74 -16.20 -12.49
CA ALA D 23 -6.74 -16.77 -13.36
C ALA D 23 -6.82 -16.17 -14.76
N PRO D 24 -5.91 -16.55 -15.67
CA PRO D 24 -6.09 -16.20 -17.08
C PRO D 24 -7.20 -16.99 -17.74
N CYS D 25 -7.86 -16.38 -18.72
CA CYS D 25 -8.82 -17.11 -19.56
C CYS D 25 -8.71 -16.56 -20.97
N PHE D 26 -9.55 -17.07 -21.86
CA PHE D 26 -9.72 -16.50 -23.20
C PHE D 26 -11.09 -15.82 -23.24
N SER D 27 -11.08 -14.49 -23.39
CA SER D 27 -12.30 -13.70 -23.31
C SER D 27 -12.31 -12.62 -24.37
N PRO D 28 -13.49 -12.11 -24.74
CA PRO D 28 -13.55 -11.01 -25.72
C PRO D 28 -12.91 -9.72 -25.25
N ILE D 29 -12.77 -9.52 -23.94
CA ILE D 29 -12.53 -8.21 -23.35
C ILE D 29 -11.06 -8.06 -22.91
N LYS D 30 -10.14 -8.79 -23.52
CA LYS D 30 -8.74 -8.66 -23.13
C LYS D 30 -8.20 -7.29 -23.54
N ILE D 31 -7.63 -6.59 -22.58
CA ILE D 31 -6.83 -5.41 -22.90
C ILE D 31 -5.47 -5.88 -23.40
N GLU D 32 -5.04 -5.38 -24.55
CA GLU D 32 -3.72 -5.67 -25.08
C GLU D 32 -2.81 -4.46 -25.23
N ASN D 33 -3.29 -3.25 -24.91
CA ASN D 33 -2.41 -2.10 -24.77
C ASN D 33 -3.18 -0.97 -24.10
N VAL D 34 -2.44 -0.08 -23.45
CA VAL D 34 -3.02 1.03 -22.69
C VAL D 34 -2.14 2.26 -22.89
N TRP D 35 -2.78 3.42 -23.00
CA TRP D 35 -2.10 4.68 -23.21
C TRP D 35 -2.65 5.73 -22.24
N ASP D 36 -1.75 6.54 -21.67
CA ASP D 36 -2.13 7.53 -20.67
C ASP D 36 -1.38 8.85 -20.81
N GLU D 37 -0.73 9.12 -21.94
CA GLU D 37 0.14 10.28 -22.03
C GLU D 37 -0.63 11.61 -22.00
N SER D 38 -1.95 11.57 -22.13
CA SER D 38 -2.73 12.81 -22.17
C SER D 38 -2.57 13.58 -20.86
N ASP D 39 -2.48 14.91 -20.99
CA ASP D 39 -2.23 15.75 -19.83
C ASP D 39 -3.41 15.79 -18.87
N ASP D 40 -4.63 15.56 -19.35
CA ASP D 40 -5.83 15.64 -18.53
C ASP D 40 -6.10 14.36 -17.74
N GLY D 41 -5.26 13.33 -17.89
CA GLY D 41 -5.48 12.07 -17.22
C GLY D 41 -6.36 11.08 -17.96
N SER D 42 -6.96 11.49 -19.09
CA SER D 42 -7.74 10.56 -19.89
C SER D 42 -6.83 9.49 -20.49
N ILE D 43 -7.33 8.26 -20.52
CA ILE D 43 -6.55 7.10 -20.93
C ILE D 43 -7.26 6.39 -22.07
N ARG D 44 -6.48 5.98 -23.07
CA ARG D 44 -6.96 5.25 -24.24
C ARG D 44 -6.63 3.77 -24.05
N ILE D 45 -7.65 2.93 -24.23
CA ILE D 45 -7.56 1.49 -23.94
C ILE D 45 -7.82 0.74 -25.25
N GLN D 46 -7.21 -0.43 -25.37
CA GLN D 46 -7.37 -1.27 -26.55
C GLN D 46 -7.75 -2.69 -26.16
N VAL D 47 -8.89 -3.15 -26.69
CA VAL D 47 -9.41 -4.49 -26.46
C VAL D 47 -9.75 -5.11 -27.81
N SER D 48 -10.25 -6.35 -27.77
CA SER D 48 -10.56 -7.11 -28.97
C SER D 48 -12.01 -6.98 -29.43
N ALA D 49 -12.86 -6.28 -28.67
CA ALA D 49 -14.27 -6.12 -29.04
C ALA D 49 -14.43 -5.00 -30.05
N GLN D 50 -15.65 -4.86 -30.57
CA GLN D 50 -16.00 -3.84 -31.55
C GLN D 50 -17.14 -2.98 -30.98
N PHE D 51 -16.81 -1.78 -30.51
CA PHE D 51 -17.77 -0.91 -29.86
C PHE D 51 -18.41 0.03 -30.88
N GLY D 52 -19.71 0.27 -30.68
CA GLY D 52 -20.49 1.07 -31.60
C GLY D 52 -20.95 0.33 -32.83
N TYR D 53 -21.04 -0.99 -32.79
CA TYR D 53 -21.32 -1.81 -33.96
C TYR D 53 -22.26 -2.96 -33.62
N ASN D 54 -23.20 -3.23 -34.52
CA ASN D 54 -24.13 -4.35 -34.36
C ASN D 54 -23.51 -5.58 -35.05
N GLN D 55 -24.33 -6.62 -35.27
CA GLN D 55 -23.81 -7.88 -35.81
C GLN D 55 -23.07 -7.67 -37.12
N ALA D 56 -23.67 -6.95 -38.07
CA ALA D 56 -23.06 -6.76 -39.37
C ALA D 56 -21.95 -5.72 -39.37
N GLY D 57 -21.75 -5.00 -38.26
CA GLY D 57 -20.76 -3.96 -38.18
C GLY D 57 -21.28 -2.57 -38.47
N THR D 58 -22.59 -2.39 -38.58
CA THR D 58 -23.15 -1.07 -38.85
C THR D 58 -22.98 -0.17 -37.63
N ALA D 59 -22.60 1.08 -37.88
CA ALA D 59 -22.31 2.01 -36.79
C ALA D 59 -23.57 2.31 -35.99
N ASP D 60 -23.51 2.05 -34.69
CA ASP D 60 -24.60 2.39 -33.78
C ASP D 60 -24.03 2.45 -32.36
N VAL D 61 -24.04 3.65 -31.78
CA VAL D 61 -23.35 3.87 -30.50
C VAL D 61 -23.97 3.04 -29.39
N THR D 62 -25.29 2.86 -29.42
CA THR D 62 -26.00 2.30 -28.27
C THR D 62 -25.60 0.85 -27.98
N LYS D 63 -25.06 0.14 -28.97
CA LYS D 63 -24.75 -1.28 -28.81
C LYS D 63 -23.43 -1.62 -29.49
N PHE D 64 -22.90 -2.78 -29.10
CA PHE D 64 -21.62 -3.28 -29.57
C PHE D 64 -21.68 -4.78 -29.78
N ARG D 65 -20.71 -5.29 -30.52
CA ARG D 65 -20.59 -6.71 -30.87
C ARG D 65 -19.30 -7.28 -30.27
N TYR D 66 -19.28 -8.60 -30.06
CA TYR D 66 -18.11 -9.25 -29.46
C TYR D 66 -18.26 -10.76 -29.62
N MET D 67 -17.20 -11.47 -29.21
CA MET D 67 -17.09 -12.92 -29.36
C MET D 67 -18.10 -13.63 -28.46
N SER D 68 -18.48 -14.84 -28.86
CA SER D 68 -19.50 -15.62 -28.17
C SER D 68 -18.93 -16.93 -27.66
N PHE D 69 -19.16 -17.21 -26.38
CA PHE D 69 -18.65 -18.42 -25.74
C PHE D 69 -19.43 -19.65 -26.17
N ASP D 70 -19.29 -20.04 -27.44
CA ASP D 70 -19.97 -21.21 -27.97
C ASP D 70 -19.10 -21.85 -29.04
N HIS D 71 -19.42 -23.10 -29.36
CA HIS D 71 -18.61 -23.86 -30.31
C HIS D 71 -18.80 -23.36 -31.75
N ASP D 72 -19.97 -22.81 -32.06
CA ASP D 72 -20.13 -22.08 -33.31
C ASP D 72 -19.38 -20.75 -33.28
N HIS D 73 -19.14 -20.22 -32.08
CA HIS D 73 -18.45 -18.95 -31.84
C HIS D 73 -18.86 -17.87 -32.85
N ASP D 74 -20.16 -17.61 -32.88
CA ASP D 74 -20.69 -16.49 -33.64
C ASP D 74 -20.38 -15.20 -32.88
N ILE D 75 -20.85 -14.07 -33.39
CA ILE D 75 -20.69 -12.77 -32.75
C ILE D 75 -22.03 -12.41 -32.11
N LYS D 76 -22.00 -12.01 -30.84
CA LYS D 76 -23.19 -11.61 -30.12
C LYS D 76 -22.98 -10.21 -29.54
N GLU D 77 -24.09 -9.54 -29.24
CA GLU D 77 -24.10 -8.10 -29.06
C GLU D 77 -24.71 -7.73 -27.71
N ASP D 78 -24.40 -6.51 -27.26
CA ASP D 78 -24.87 -6.00 -25.98
C ASP D 78 -24.92 -4.47 -26.05
N SER D 79 -25.32 -3.85 -24.95
CA SER D 79 -25.54 -2.41 -24.88
C SER D 79 -24.41 -1.71 -24.13
N MET D 80 -24.38 -0.38 -24.28
CA MET D 80 -23.37 0.44 -23.62
C MET D 80 -23.52 0.39 -22.10
N ASP D 81 -24.76 0.44 -21.60
CA ASP D 81 -24.98 0.66 -20.17
C ASP D 81 -24.38 -0.46 -19.31
N LYS D 82 -24.12 -1.62 -19.88
CA LYS D 82 -23.65 -2.77 -19.12
C LYS D 82 -22.13 -2.92 -19.09
N ILE D 83 -21.38 -2.04 -19.77
CA ILE D 83 -19.92 -2.04 -19.73
C ILE D 83 -19.47 -1.04 -18.68
N ALA D 84 -18.42 -1.40 -17.94
CA ALA D 84 -17.85 -0.54 -16.92
C ALA D 84 -16.33 -0.65 -16.95
N ILE D 85 -15.66 0.41 -16.49
CA ILE D 85 -14.20 0.47 -16.42
C ILE D 85 -13.82 0.99 -15.05
N SER D 86 -12.72 0.46 -14.50
CA SER D 86 -12.32 0.84 -13.15
C SER D 86 -10.86 0.53 -12.94
N THR D 87 -10.15 1.43 -12.26
CA THR D 87 -8.76 1.20 -11.86
C THR D 87 -8.64 1.08 -10.35
N SER D 88 -9.08 2.09 -9.60
CA SER D 88 -9.26 2.01 -8.16
C SER D 88 -10.71 2.19 -7.78
N GLY D 89 -11.33 3.30 -8.21
CA GLY D 89 -12.76 3.46 -8.20
C GLY D 89 -13.30 3.33 -9.61
N PRO D 90 -14.63 3.42 -9.78
CA PRO D 90 -15.20 3.32 -11.12
C PRO D 90 -14.72 4.44 -12.03
N CYS D 91 -14.48 4.10 -13.29
CA CYS D 91 -14.12 5.07 -14.31
C CYS D 91 -15.37 5.53 -15.06
N ARG D 92 -15.19 6.58 -15.84
CA ARG D 92 -16.25 7.14 -16.68
C ARG D 92 -15.83 6.97 -18.14
N ARG D 93 -16.70 6.34 -18.94
CA ARG D 93 -16.42 6.20 -20.36
C ARG D 93 -16.55 7.55 -21.04
N LEU D 94 -15.50 7.96 -21.75
CA LEU D 94 -15.52 9.18 -22.54
C LEU D 94 -15.77 8.93 -24.02
N GLY D 95 -15.52 7.72 -24.50
CA GLY D 95 -15.85 7.39 -25.88
C GLY D 95 -15.41 5.98 -26.20
N HIS D 96 -15.90 5.50 -27.35
CA HIS D 96 -15.64 4.12 -27.77
C HIS D 96 -15.80 4.01 -29.28
N LYS D 97 -14.87 3.30 -29.92
CA LYS D 97 -15.00 2.97 -31.33
C LYS D 97 -14.22 1.70 -31.61
N GLY D 98 -14.91 0.66 -32.08
CA GLY D 98 -14.23 -0.55 -32.52
C GLY D 98 -13.45 -1.18 -31.39
N TYR D 99 -12.14 -1.31 -31.59
CA TYR D 99 -11.28 -1.89 -30.57
C TYR D 99 -11.06 -0.95 -29.38
N PHE D 100 -11.18 0.36 -29.58
CA PHE D 100 -10.57 1.33 -28.68
C PHE D 100 -11.61 2.00 -27.79
N LEU D 101 -11.18 2.34 -26.58
CA LEU D 101 -11.96 3.14 -25.62
C LEU D 101 -11.14 4.35 -25.22
N LEU D 102 -11.85 5.39 -24.77
CA LEU D 102 -11.24 6.50 -24.06
C LEU D 102 -12.05 6.72 -22.78
N ALA D 103 -11.37 6.81 -21.65
CA ALA D 103 -12.06 6.98 -20.37
C ALA D 103 -11.21 7.80 -19.42
N GLN D 104 -11.90 8.44 -18.47
CA GLN D 104 -11.27 9.17 -17.38
C GLN D 104 -11.34 8.30 -16.13
N CYS D 105 -10.19 8.09 -15.50
CA CYS D 105 -10.07 7.11 -14.42
C CYS D 105 -9.41 7.73 -13.20
N PRO D 106 -9.73 7.26 -11.99
CA PRO D 106 -8.95 7.64 -10.82
C PRO D 106 -7.58 6.98 -10.87
N PRO D 107 -6.59 7.54 -10.18
CA PRO D 107 -5.25 6.90 -10.19
C PRO D 107 -5.30 5.49 -9.60
N GLY D 108 -4.48 4.62 -10.17
CA GLY D 108 -4.42 3.26 -9.70
C GLY D 108 -3.26 2.52 -10.31
N ASP D 109 -3.12 1.25 -9.91
CA ASP D 109 -2.04 0.39 -10.39
C ASP D 109 -2.47 -0.61 -11.46
N SER D 110 -3.76 -0.74 -11.72
CA SER D 110 -4.26 -1.64 -12.76
C SER D 110 -5.53 -1.04 -13.36
N VAL D 111 -5.90 -1.57 -14.53
CA VAL D 111 -7.11 -1.16 -15.22
C VAL D 111 -7.94 -2.40 -15.52
N THR D 112 -9.25 -2.28 -15.31
CA THR D 112 -10.18 -3.39 -15.44
C THR D 112 -11.36 -2.95 -16.29
N VAL D 113 -11.78 -3.81 -17.22
CA VAL D 113 -13.00 -3.63 -17.98
C VAL D 113 -13.92 -4.80 -17.70
N SER D 114 -15.17 -4.50 -17.31
CA SER D 114 -16.15 -5.50 -16.92
C SER D 114 -17.40 -5.35 -17.77
N ILE D 115 -17.88 -6.48 -18.31
CA ILE D 115 -19.15 -6.55 -19.00
C ILE D 115 -20.13 -7.34 -18.13
N THR D 116 -21.30 -6.76 -17.90
CA THR D 116 -22.26 -7.27 -16.92
C THR D 116 -23.54 -7.67 -17.65
N SER D 117 -23.57 -8.90 -18.16
CA SER D 117 -24.80 -9.50 -18.70
C SER D 117 -25.53 -10.19 -17.56
N GLY D 118 -26.28 -9.38 -16.80
CA GLY D 118 -26.92 -9.90 -15.61
C GLY D 118 -25.87 -10.38 -14.62
N ALA D 119 -26.06 -11.61 -14.13
CA ALA D 119 -25.08 -12.21 -13.24
C ALA D 119 -23.78 -12.58 -13.96
N SER D 120 -23.79 -12.65 -15.29
CA SER D 120 -22.57 -12.94 -16.04
C SER D 120 -21.69 -11.70 -16.08
N GLU D 121 -20.82 -11.55 -15.09
CA GLU D 121 -19.96 -10.38 -14.97
C GLU D 121 -18.53 -10.82 -15.35
N ASN D 122 -18.17 -10.63 -16.61
CA ASN D 122 -16.86 -10.99 -17.11
C ASN D 122 -15.95 -9.77 -17.09
N SER D 123 -14.86 -9.86 -16.32
CA SER D 123 -13.95 -8.76 -16.14
C SER D 123 -12.53 -9.17 -16.53
N CYS D 124 -11.84 -8.29 -17.24
CA CYS D 124 -10.43 -8.46 -17.55
C CYS D 124 -9.63 -7.32 -16.93
N THR D 125 -8.56 -7.67 -16.22
CA THR D 125 -7.70 -6.72 -15.53
C THR D 125 -6.28 -6.85 -16.04
N VAL D 126 -5.61 -5.71 -16.21
CA VAL D 126 -4.20 -5.68 -16.62
C VAL D 126 -3.47 -4.60 -15.83
N GLU D 127 -2.25 -4.91 -15.42
CA GLU D 127 -1.47 -3.97 -14.62
C GLU D 127 -1.05 -2.77 -15.47
N LYS D 128 -1.22 -1.58 -14.91
CA LYS D 128 -0.69 -0.36 -15.51
C LYS D 128 -0.77 0.73 -14.45
N LYS D 129 0.38 1.32 -14.13
CA LYS D 129 0.44 2.35 -13.08
C LYS D 129 -0.01 3.68 -13.69
N ILE D 130 -1.21 4.11 -13.34
CA ILE D 130 -1.77 5.38 -13.76
C ILE D 130 -1.73 6.34 -12.57
N ARG D 131 -0.92 7.39 -12.68
CA ARG D 131 -0.75 8.37 -11.62
C ARG D 131 -1.43 9.67 -12.00
N ARG D 132 -1.94 10.36 -10.98
CA ARG D 132 -2.53 11.68 -11.19
C ARG D 132 -1.44 12.61 -11.69
N LYS D 133 -1.57 13.06 -12.94
CA LYS D 133 -0.59 13.93 -13.57
C LYS D 133 -1.21 15.28 -13.88
N PHE D 134 -0.38 16.32 -13.85
CA PHE D 134 -0.79 17.70 -14.02
C PHE D 134 0.08 18.36 -15.07
N VAL D 135 -0.14 19.67 -15.27
CA VAL D 135 0.70 20.49 -16.13
C VAL D 135 1.00 21.79 -15.41
N GLY D 136 2.10 22.42 -15.79
CA GLY D 136 2.54 23.64 -15.15
C GLY D 136 3.55 23.38 -14.04
N ARG D 137 3.80 24.41 -13.26
CA ARG D 137 4.81 24.40 -12.21
C ARG D 137 4.20 24.27 -10.81
N GLU D 138 2.90 23.99 -10.71
CA GLU D 138 2.21 23.85 -9.43
C GLU D 138 1.39 22.58 -9.45
N GLU D 139 1.63 21.71 -8.48
CA GLU D 139 0.75 20.56 -8.29
C GLU D 139 -0.66 21.04 -7.94
N TYR D 140 -1.65 20.38 -8.54
CA TYR D 140 -3.04 20.68 -8.23
C TYR D 140 -3.88 19.44 -8.47
N LEU D 141 -4.91 19.27 -7.64
CA LEU D 141 -5.83 18.15 -7.82
C LEU D 141 -6.72 18.36 -9.04
N PHE D 142 -7.27 19.56 -9.20
CA PHE D 142 -8.30 19.89 -10.17
C PHE D 142 -7.86 21.11 -10.98
N PRO D 143 -8.28 21.24 -12.24
CA PRO D 143 -8.00 22.47 -12.99
C PRO D 143 -8.67 23.65 -12.32
N PRO D 144 -7.91 24.69 -11.93
CA PRO D 144 -8.54 25.84 -11.25
C PRO D 144 -9.52 26.56 -12.14
N VAL D 145 -10.54 27.14 -11.51
CA VAL D 145 -11.50 27.96 -12.24
C VAL D 145 -10.80 29.18 -12.83
N HIS D 146 -9.84 29.76 -12.11
CA HIS D 146 -9.07 30.90 -12.56
C HIS D 146 -7.60 30.54 -12.58
N GLY D 147 -6.92 30.92 -13.65
CA GLY D 147 -5.50 30.62 -13.77
C GLY D 147 -5.01 30.91 -15.18
N LYS D 148 -3.70 30.76 -15.35
CA LYS D 148 -3.10 31.02 -16.64
C LYS D 148 -3.48 29.92 -17.63
N LEU D 149 -3.72 30.32 -18.88
CA LEU D 149 -4.03 29.40 -19.96
C LEU D 149 -2.72 29.01 -20.64
N VAL D 150 -2.20 27.83 -20.32
CA VAL D 150 -0.90 27.39 -20.79
C VAL D 150 -1.08 26.26 -21.81
N LYS D 151 -0.10 26.10 -22.68
CA LYS D 151 -0.16 25.12 -23.77
C LYS D 151 -0.12 23.72 -23.17
N CYS D 152 -1.07 22.87 -23.56
CA CYS D 152 -1.16 21.49 -23.10
C CYS D 152 -1.61 20.61 -24.27
N HIS D 153 -1.54 19.30 -24.07
CA HIS D 153 -1.92 18.33 -25.10
C HIS D 153 -2.79 17.27 -24.45
N VAL D 154 -4.01 17.09 -24.96
CA VAL D 154 -4.98 16.15 -24.40
C VAL D 154 -5.67 15.40 -25.53
N TYR D 155 -6.23 14.24 -25.18
CA TYR D 155 -6.95 13.43 -26.15
C TYR D 155 -8.21 14.17 -26.59
N ASP D 156 -8.44 14.24 -27.92
CA ASP D 156 -9.61 14.94 -28.43
C ASP D 156 -10.80 14.00 -28.35
N HIS D 157 -11.90 14.49 -27.79
CA HIS D 157 -13.08 13.66 -27.60
C HIS D 157 -13.74 13.25 -28.91
N LEU D 158 -13.35 13.86 -30.03
CA LEU D 158 -13.93 13.54 -31.34
C LEU D 158 -13.53 12.13 -31.73
N LYS D 159 -14.52 11.26 -31.94
CA LYS D 159 -14.24 9.85 -32.21
C LYS D 159 -13.83 9.58 -33.65
N GLU D 160 -13.96 10.56 -34.55
CA GLU D 160 -13.56 10.40 -35.94
C GLU D 160 -12.11 10.81 -36.19
N THR D 161 -11.38 11.16 -35.14
CA THR D 161 -9.99 11.61 -35.29
C THR D 161 -9.10 10.39 -35.52
N SER D 162 -7.78 10.60 -35.54
CA SER D 162 -6.86 9.50 -35.82
C SER D 162 -5.48 9.82 -35.26
N ALA D 163 -5.09 9.13 -34.20
CA ALA D 163 -3.72 9.17 -33.68
C ALA D 163 -2.74 8.36 -34.52
N GLY D 164 -3.24 7.61 -35.49
CA GLY D 164 -2.40 6.73 -36.29
C GLY D 164 -3.26 5.69 -36.98
N TYR D 165 -2.67 4.51 -37.20
CA TYR D 165 -3.37 3.42 -37.83
C TYR D 165 -2.83 2.10 -37.31
N ILE D 166 -3.72 1.10 -37.22
CA ILE D 166 -3.38 -0.25 -36.82
C ILE D 166 -3.77 -1.17 -37.96
N THR D 167 -2.94 -2.19 -38.19
CA THR D 167 -3.13 -3.16 -39.27
C THR D 167 -3.83 -4.40 -38.73
N MET D 168 -4.66 -5.01 -39.57
CA MET D 168 -5.30 -6.28 -39.28
C MET D 168 -5.11 -7.23 -40.47
N HIS D 169 -5.31 -8.52 -40.19
CA HIS D 169 -5.00 -9.60 -41.11
C HIS D 169 -6.17 -10.58 -41.14
N ARG D 170 -6.05 -11.58 -42.02
CA ARG D 170 -7.08 -12.60 -42.10
C ARG D 170 -7.09 -13.42 -40.81
N PRO D 171 -8.26 -13.81 -40.30
CA PRO D 171 -8.29 -14.63 -39.09
C PRO D 171 -7.57 -15.95 -39.29
N GLY D 172 -6.88 -16.38 -38.24
CA GLY D 172 -6.10 -17.60 -38.28
C GLY D 172 -6.92 -18.81 -37.91
N PRO D 173 -6.25 -19.91 -37.55
CA PRO D 173 -6.98 -21.13 -37.17
C PRO D 173 -7.81 -20.91 -35.91
N HIS D 174 -8.93 -21.63 -35.84
CA HIS D 174 -9.76 -21.71 -34.63
C HIS D 174 -10.21 -23.16 -34.49
N ALA D 175 -9.37 -23.95 -33.82
CA ALA D 175 -9.62 -25.38 -33.69
C ALA D 175 -10.66 -25.66 -32.62
N TYR D 176 -11.25 -26.85 -32.69
CA TYR D 176 -12.25 -27.29 -31.74
C TYR D 176 -12.24 -28.81 -31.66
N LYS D 177 -12.72 -29.33 -30.53
CA LYS D 177 -12.99 -30.75 -30.39
C LYS D 177 -14.47 -31.07 -30.28
N SER D 178 -15.34 -30.06 -30.19
CA SER D 178 -16.76 -30.30 -30.37
C SER D 178 -17.09 -30.62 -31.81
N TYR D 179 -16.35 -30.02 -32.76
CA TYR D 179 -16.46 -30.44 -34.14
C TYR D 179 -16.09 -31.91 -34.29
N LEU D 180 -15.12 -32.37 -33.51
CA LEU D 180 -14.72 -33.77 -33.47
C LEU D 180 -15.63 -34.54 -32.51
N GLU D 181 -15.68 -35.85 -32.69
CA GLU D 181 -16.30 -36.74 -31.72
C GLU D 181 -15.69 -38.13 -31.82
N GLU D 182 -15.59 -38.80 -30.68
CA GLU D 182 -15.01 -40.14 -30.56
C GLU D 182 -16.13 -41.13 -30.28
N ALA D 183 -16.15 -42.23 -31.03
CA ALA D 183 -17.13 -43.28 -30.83
C ALA D 183 -16.51 -44.61 -31.22
N SER D 184 -16.41 -45.53 -30.26
CA SER D 184 -15.82 -46.85 -30.50
C SER D 184 -14.40 -46.74 -31.04
N GLY D 185 -13.65 -45.76 -30.53
CA GLY D 185 -12.30 -45.55 -31.00
C GLY D 185 -12.22 -45.14 -32.46
N GLU D 186 -13.13 -44.28 -32.90
CA GLU D 186 -13.13 -43.76 -34.26
C GLU D 186 -13.46 -42.27 -34.19
N VAL D 187 -12.90 -41.51 -35.13
CA VAL D 187 -13.02 -40.05 -35.13
C VAL D 187 -13.99 -39.64 -36.23
N TYR D 188 -15.00 -38.86 -35.84
CA TYR D 188 -15.95 -38.27 -36.77
C TYR D 188 -15.88 -36.76 -36.63
N ILE D 189 -16.25 -36.06 -37.71
CA ILE D 189 -16.40 -34.62 -37.71
C ILE D 189 -17.87 -34.28 -37.87
N LYS D 190 -18.40 -33.43 -36.98
CA LYS D 190 -19.79 -32.98 -37.02
C LYS D 190 -19.80 -31.46 -37.21
N PRO D 191 -19.83 -30.97 -38.44
CA PRO D 191 -19.91 -29.53 -38.66
C PRO D 191 -21.27 -29.01 -38.21
N PRO D 192 -21.38 -27.70 -37.96
CA PRO D 192 -22.71 -27.12 -37.79
C PRO D 192 -23.51 -27.22 -39.08
N SER D 193 -24.83 -27.17 -38.94
CA SER D 193 -25.72 -27.43 -40.07
C SER D 193 -25.45 -26.47 -41.21
N GLY D 194 -25.25 -27.02 -42.41
CA GLY D 194 -25.06 -26.23 -43.60
C GLY D 194 -23.74 -25.50 -43.71
N LYS D 195 -22.74 -25.88 -42.93
CA LYS D 195 -21.45 -25.21 -42.91
C LYS D 195 -20.36 -26.16 -43.40
N ASN D 196 -19.55 -25.69 -44.34
CA ASN D 196 -18.41 -26.45 -44.84
C ASN D 196 -17.23 -26.20 -43.90
N VAL D 197 -16.84 -27.23 -43.14
CA VAL D 197 -15.79 -27.13 -42.14
C VAL D 197 -14.55 -27.85 -42.65
N THR D 198 -13.40 -27.16 -42.60
CA THR D 198 -12.14 -27.73 -43.04
C THR D 198 -11.56 -28.61 -41.94
N TYR D 199 -11.24 -29.86 -42.28
CA TYR D 199 -10.65 -30.81 -41.36
C TYR D 199 -9.28 -31.25 -41.89
N GLU D 200 -8.41 -31.61 -40.96
CA GLU D 200 -7.11 -32.16 -41.31
C GLU D 200 -6.61 -33.01 -40.16
N CYS D 201 -5.92 -34.11 -40.49
CA CYS D 201 -5.55 -35.09 -39.48
C CYS D 201 -4.31 -35.84 -39.93
N LYS D 202 -3.70 -36.54 -38.97
CA LYS D 202 -2.56 -37.40 -39.25
C LYS D 202 -2.62 -38.58 -38.30
N CYS D 203 -2.89 -39.77 -38.84
CA CYS D 203 -2.98 -41.02 -38.10
C CYS D 203 -2.02 -42.04 -38.72
N GLY D 204 -0.78 -41.62 -38.87
CA GLY D 204 0.13 -42.22 -39.84
C GLY D 204 0.33 -41.24 -40.97
N ASP D 205 -0.33 -41.49 -42.10
CA ASP D 205 -0.31 -40.52 -43.18
C ASP D 205 -1.06 -39.25 -42.77
N TYR D 206 -0.57 -38.11 -43.28
CA TYR D 206 -1.29 -36.85 -43.18
C TYR D 206 -2.32 -36.72 -44.30
N SER D 207 -3.53 -36.31 -43.94
CA SER D 207 -4.63 -36.19 -44.89
C SER D 207 -5.53 -35.04 -44.49
N THR D 208 -6.00 -34.29 -45.49
CA THR D 208 -6.77 -33.07 -45.30
C THR D 208 -8.13 -33.21 -46.00
N GLY D 209 -8.95 -32.18 -45.87
CA GLY D 209 -10.20 -32.14 -46.61
C GLY D 209 -11.14 -31.11 -46.02
N ILE D 210 -12.34 -31.07 -46.61
CA ILE D 210 -13.44 -30.24 -46.12
C ILE D 210 -14.69 -31.11 -46.09
N VAL D 211 -15.39 -31.09 -44.96
CA VAL D 211 -16.63 -31.84 -44.79
C VAL D 211 -17.70 -30.87 -44.31
N SER D 212 -18.87 -30.93 -44.94
CA SER D 212 -20.01 -30.11 -44.57
C SER D 212 -21.04 -30.86 -43.74
N THR D 213 -20.83 -32.15 -43.48
CA THR D 213 -21.79 -32.98 -42.76
C THR D 213 -21.05 -33.97 -41.87
N ARG D 214 -21.83 -34.69 -41.07
CA ARG D 214 -21.34 -35.76 -40.21
C ARG D 214 -20.53 -36.76 -41.02
N THR D 215 -19.22 -36.82 -40.76
CA THR D 215 -18.29 -37.56 -41.63
C THR D 215 -17.37 -38.44 -40.81
N LYS D 216 -17.14 -39.64 -41.32
CA LYS D 216 -16.20 -40.62 -40.75
C LYS D 216 -14.77 -40.28 -41.15
N MET D 217 -13.81 -40.75 -40.35
CA MET D 217 -12.43 -40.87 -40.82
C MET D 217 -11.88 -42.23 -40.39
N ASN D 218 -11.01 -42.79 -41.23
CA ASN D 218 -10.48 -44.14 -41.04
C ASN D 218 -9.03 -44.09 -40.56
N GLY D 219 -8.61 -45.18 -39.92
CA GLY D 219 -7.24 -45.33 -39.46
C GLY D 219 -6.93 -44.52 -38.21
N CYS D 220 -7.95 -43.91 -37.61
CA CYS D 220 -7.78 -42.97 -36.50
C CYS D 220 -8.50 -43.52 -35.28
N THR D 221 -7.80 -43.54 -34.13
CA THR D 221 -8.35 -44.00 -32.88
C THR D 221 -8.35 -42.94 -31.78
N LYS D 222 -7.56 -41.89 -31.91
CA LYS D 222 -7.45 -40.83 -30.92
C LYS D 222 -7.90 -39.51 -31.54
N ALA D 223 -8.77 -38.79 -30.83
CA ALA D 223 -9.25 -37.50 -31.33
C ALA D 223 -8.16 -36.43 -31.31
N LYS D 224 -7.11 -36.60 -30.51
CA LYS D 224 -6.03 -35.63 -30.47
C LYS D 224 -5.27 -35.52 -31.78
N GLN D 225 -5.38 -36.52 -32.66
CA GLN D 225 -4.63 -36.56 -33.90
C GLN D 225 -5.28 -35.76 -35.03
N CYS D 226 -6.55 -35.37 -34.89
CA CYS D 226 -7.29 -34.67 -35.93
C CYS D 226 -7.76 -33.31 -35.41
N ILE D 227 -7.97 -32.38 -36.34
CA ILE D 227 -8.42 -31.03 -36.02
C ILE D 227 -9.43 -30.61 -37.08
N ALA D 228 -10.40 -29.78 -36.68
CA ALA D 228 -11.40 -29.24 -37.59
C ALA D 228 -11.68 -27.80 -37.21
N TYR D 229 -12.02 -26.99 -38.22
CA TYR D 229 -12.29 -25.58 -38.00
C TYR D 229 -12.98 -25.01 -39.23
N LYS D 230 -13.80 -23.98 -39.00
CA LYS D 230 -14.54 -23.36 -40.08
C LYS D 230 -13.62 -22.60 -41.03
N SER D 231 -14.04 -22.52 -42.30
CA SER D 231 -13.36 -21.70 -43.30
C SER D 231 -13.90 -20.29 -43.19
N ASP D 232 -13.47 -19.59 -42.14
CA ASP D 232 -13.97 -18.26 -41.80
C ASP D 232 -12.92 -17.23 -42.23
N GLN D 233 -13.07 -16.71 -43.44
CA GLN D 233 -12.32 -15.56 -43.91
C GLN D 233 -13.14 -14.27 -43.84
N THR D 234 -14.38 -14.33 -43.38
CA THR D 234 -15.31 -13.22 -43.41
C THR D 234 -15.02 -12.13 -42.36
N LYS D 235 -13.86 -12.16 -41.71
CA LYS D 235 -13.54 -11.18 -40.68
C LYS D 235 -12.10 -10.72 -40.90
N TRP D 236 -11.71 -9.69 -40.18
CA TRP D 236 -10.32 -9.25 -40.06
C TRP D 236 -9.99 -9.15 -38.57
N VAL D 237 -8.82 -9.64 -38.18
CA VAL D 237 -8.40 -9.70 -36.78
C VAL D 237 -7.12 -8.90 -36.61
N PHE D 238 -6.99 -8.23 -35.47
CA PHE D 238 -5.76 -7.54 -35.14
C PHE D 238 -4.62 -8.54 -34.97
N ASN D 239 -3.40 -8.11 -35.29
CA ASN D 239 -2.22 -8.95 -35.14
C ASN D 239 -1.89 -9.13 -33.66
N SER D 240 -2.76 -9.83 -32.93
CA SER D 240 -2.58 -10.01 -31.51
C SER D 240 -1.63 -11.17 -31.24
N PRO D 241 -0.87 -11.15 -30.13
CA PRO D 241 0.00 -12.28 -29.81
C PRO D 241 -0.73 -13.49 -29.24
N ASP D 242 -2.02 -13.37 -28.95
CA ASP D 242 -2.79 -14.42 -28.29
C ASP D 242 -3.47 -15.37 -29.26
N LEU D 243 -3.30 -15.18 -30.57
CA LEU D 243 -3.94 -16.00 -31.59
C LEU D 243 -2.88 -16.58 -32.52
N ILE D 244 -2.95 -17.89 -32.76
CA ILE D 244 -2.14 -18.49 -33.80
C ILE D 244 -2.61 -17.95 -35.15
N ARG D 245 -1.68 -17.73 -36.06
CA ARG D 245 -1.90 -16.85 -37.20
C ARG D 245 -2.08 -17.62 -38.51
N HIS D 246 -2.74 -16.94 -39.46
CA HIS D 246 -2.81 -17.41 -40.83
C HIS D 246 -1.45 -17.28 -41.49
N THR D 247 -1.13 -18.23 -42.37
CA THR D 247 0.17 -18.21 -43.05
C THR D 247 0.32 -16.96 -43.91
N ASP D 248 -0.70 -16.63 -44.69
CA ASP D 248 -0.69 -15.43 -45.52
C ASP D 248 -1.07 -14.23 -44.66
N HIS D 249 -0.11 -13.84 -43.81
CA HIS D 249 -0.31 -12.74 -42.87
C HIS D 249 0.11 -11.41 -43.49
N SER D 250 -0.40 -11.13 -44.69
CA SER D 250 -0.19 -9.84 -45.30
C SER D 250 -1.11 -8.81 -44.66
N VAL D 251 -0.72 -7.54 -44.74
CA VAL D 251 -1.55 -6.46 -44.22
C VAL D 251 -2.80 -6.39 -45.07
N GLN D 252 -3.94 -6.82 -44.52
CA GLN D 252 -5.20 -6.91 -45.25
C GLN D 252 -6.20 -5.84 -44.81
N GLY D 253 -5.74 -4.82 -44.10
CA GLY D 253 -6.63 -3.76 -43.66
C GLY D 253 -5.99 -2.86 -42.64
N LYS D 254 -6.23 -1.55 -42.77
CA LYS D 254 -5.69 -0.53 -41.88
C LYS D 254 -6.84 0.31 -41.37
N LEU D 255 -7.04 0.33 -40.05
CA LEU D 255 -8.06 1.18 -39.45
C LEU D 255 -7.44 2.22 -38.53
N HIS D 256 -8.08 3.36 -38.46
CA HIS D 256 -7.54 4.53 -37.79
C HIS D 256 -7.49 4.33 -36.29
N ILE D 257 -6.66 5.12 -35.63
CA ILE D 257 -6.53 5.11 -34.18
C ILE D 257 -7.27 6.32 -33.64
N PRO D 258 -8.59 6.22 -33.35
CA PRO D 258 -9.34 7.40 -32.91
C PRO D 258 -8.75 8.08 -31.68
N PHE D 259 -9.25 9.28 -31.38
CA PHE D 259 -8.89 10.05 -30.19
C PHE D 259 -7.42 10.49 -30.25
N ARG D 260 -7.11 11.24 -31.30
CA ARG D 260 -5.77 11.78 -31.50
C ARG D 260 -5.37 12.68 -30.34
N LEU D 261 -4.10 12.60 -29.94
CA LEU D 261 -3.58 13.46 -28.88
C LEU D 261 -3.38 14.87 -29.46
N THR D 262 -4.43 15.77 -29.27
CA THR D 262 -4.42 17.06 -29.92
C THR D 262 -3.90 18.16 -29.00
N PRO D 263 -3.42 19.27 -29.55
CA PRO D 263 -3.00 20.39 -28.72
C PRO D 263 -4.17 21.29 -28.34
N THR D 264 -4.05 21.94 -27.18
CA THR D 264 -5.04 22.91 -26.72
C THR D 264 -4.41 23.72 -25.59
N VAL D 265 -5.26 24.46 -24.86
CA VAL D 265 -4.83 25.26 -23.72
C VAL D 265 -5.55 24.78 -22.48
N CYS D 266 -4.84 24.77 -21.35
CA CYS D 266 -5.34 24.28 -20.08
C CYS D 266 -5.16 25.36 -19.02
N PRO D 267 -6.04 25.41 -18.02
CA PRO D 267 -5.84 26.37 -16.93
C PRO D 267 -4.93 25.80 -15.84
N VAL D 268 -4.03 26.64 -15.36
CA VAL D 268 -3.11 26.25 -14.29
C VAL D 268 -3.11 27.32 -13.21
N PRO D 269 -2.91 26.95 -11.94
CA PRO D 269 -3.15 27.90 -10.84
C PRO D 269 -2.11 29.01 -10.80
N LEU D 270 -2.38 29.98 -9.94
CA LEU D 270 -1.50 31.10 -9.66
C LEU D 270 -1.11 31.03 -8.19
N ALA D 271 0.15 30.77 -7.91
CA ALA D 271 0.59 30.56 -6.54
C ALA D 271 0.60 31.89 -5.78
N HIS D 272 1.03 31.82 -4.53
CA HIS D 272 1.09 33.00 -3.69
C HIS D 272 2.12 33.99 -4.22
N THR D 273 1.80 35.26 -4.15
CA THR D 273 2.74 36.31 -4.54
C THR D 273 3.81 36.44 -3.45
N PRO D 274 5.10 36.24 -3.74
CA PRO D 274 6.11 36.28 -2.68
C PRO D 274 6.22 37.68 -2.07
N THR D 275 6.74 37.70 -0.84
CA THR D 275 7.06 38.92 -0.11
C THR D 275 8.57 39.04 -0.01
N VAL D 276 9.13 40.06 -0.62
CA VAL D 276 10.58 40.26 -0.67
C VAL D 276 11.02 40.99 0.59
N THR D 277 12.05 40.43 1.24
CA THR D 277 12.71 41.06 2.39
C THR D 277 14.20 41.10 2.08
N LYS D 278 14.75 42.30 1.96
CA LYS D 278 16.07 42.51 1.36
C LYS D 278 17.10 42.86 2.42
N TRP D 279 18.27 42.24 2.30
CA TRP D 279 19.45 42.59 3.09
C TRP D 279 20.61 42.79 2.15
N PHE D 280 21.75 43.24 2.68
CA PHE D 280 22.84 43.74 1.86
C PHE D 280 23.31 42.71 0.84
N LYS D 281 23.08 43.01 -0.44
CA LYS D 281 23.39 42.11 -1.54
C LYS D 281 22.72 40.75 -1.34
N GLY D 282 21.41 40.77 -1.11
CA GLY D 282 20.66 39.55 -0.92
C GLY D 282 19.21 39.85 -0.62
N ILE D 283 18.36 38.85 -0.85
CA ILE D 283 16.93 38.96 -0.63
C ILE D 283 16.47 37.80 0.24
N THR D 284 15.31 37.95 0.87
CA THR D 284 14.71 36.89 1.67
C THR D 284 13.25 36.77 1.24
N LEU D 285 12.95 35.77 0.42
CA LEU D 285 11.62 35.55 -0.11
C LEU D 285 10.80 34.72 0.87
N HIS D 286 9.73 35.30 1.39
CA HIS D 286 8.75 34.59 2.21
C HIS D 286 7.72 33.98 1.28
N LEU D 287 7.52 32.66 1.40
CA LEU D 287 6.77 31.90 0.40
C LEU D 287 5.67 31.09 1.07
N THR D 288 4.54 30.99 0.36
CA THR D 288 3.41 30.16 0.74
C THR D 288 2.98 29.34 -0.47
N ALA D 289 2.80 28.04 -0.29
CA ALA D 289 2.33 27.18 -1.38
C ALA D 289 1.73 25.93 -0.75
N THR D 290 0.40 25.83 -0.79
CA THR D 290 -0.26 24.67 -0.19
C THR D 290 0.14 23.38 -0.89
N ARG D 291 0.33 23.42 -2.20
CA ARG D 291 0.70 22.28 -3.02
C ARG D 291 2.15 22.41 -3.46
N PRO D 292 2.77 21.30 -3.91
CA PRO D 292 4.12 21.41 -4.50
C PRO D 292 4.21 22.44 -5.62
N THR D 293 4.98 23.50 -5.40
CA THR D 293 5.19 24.56 -6.39
C THR D 293 6.68 24.63 -6.69
N LEU D 294 7.01 24.80 -7.98
CA LEU D 294 8.40 24.84 -8.42
C LEU D 294 8.91 26.28 -8.41
N LEU D 295 9.93 26.52 -7.60
CA LEU D 295 10.70 27.75 -7.65
C LEU D 295 12.02 27.48 -8.35
N THR D 296 12.33 28.28 -9.37
CA THR D 296 13.63 28.21 -10.03
C THR D 296 14.27 29.59 -10.05
N THR D 297 15.59 29.62 -9.95
CA THR D 297 16.35 30.87 -10.00
C THR D 297 17.62 30.66 -10.80
N ARG D 298 18.21 31.77 -11.25
CA ARG D 298 19.49 31.72 -11.97
C ARG D 298 20.12 33.10 -11.98
N LYS D 299 21.43 33.15 -11.78
CA LYS D 299 22.17 34.39 -11.91
C LYS D 299 22.28 34.78 -13.38
N LEU D 300 22.52 36.07 -13.63
CA LEU D 300 22.59 36.62 -14.98
C LEU D 300 24.02 36.98 -15.38
N GLY D 301 25.01 36.39 -14.74
CA GLY D 301 26.41 36.64 -15.07
C GLY D 301 27.02 35.53 -15.90
N LEU D 302 28.32 35.30 -15.72
CA LEU D 302 28.99 34.23 -16.45
C LEU D 302 28.44 32.86 -16.06
N ARG D 303 28.18 32.67 -14.76
CA ARG D 303 27.64 31.42 -14.23
C ARG D 303 26.17 31.64 -13.93
N ALA D 304 25.32 30.75 -14.42
CA ALA D 304 23.90 30.81 -14.08
C ALA D 304 23.67 30.43 -12.62
N ASP D 305 24.37 29.40 -12.14
CA ASP D 305 24.19 28.88 -10.78
C ASP D 305 22.73 28.56 -10.53
N ALA D 306 22.09 27.94 -11.52
CA ALA D 306 20.64 27.75 -11.47
C ALA D 306 20.24 26.80 -10.35
N THR D 307 19.16 27.15 -9.66
CA THR D 307 18.62 26.36 -8.57
C THR D 307 17.15 26.08 -8.83
N ALA D 308 16.68 24.92 -8.38
CA ALA D 308 15.29 24.51 -8.53
C ALA D 308 14.84 23.78 -7.26
N GLU D 309 13.56 23.93 -6.92
CA GLU D 309 13.09 23.41 -5.64
C GLU D 309 11.57 23.37 -5.63
N TRP D 310 11.00 22.21 -5.29
CA TRP D 310 9.57 22.01 -5.17
C TRP D 310 9.18 22.16 -3.71
N ILE D 311 8.24 23.07 -3.42
CA ILE D 311 7.97 23.52 -2.06
C ILE D 311 6.50 23.31 -1.73
N THR D 312 6.26 22.89 -0.48
CA THR D 312 4.95 22.88 0.13
C THR D 312 5.02 23.65 1.44
N GLY D 313 3.84 23.96 1.99
CA GLY D 313 3.80 24.72 3.23
C GLY D 313 4.20 26.17 3.03
N THR D 314 4.61 26.79 4.14
CA THR D 314 5.11 28.17 4.15
C THR D 314 6.53 28.18 4.69
N THR D 315 7.38 28.97 4.07
CA THR D 315 8.80 28.98 4.43
C THR D 315 9.42 30.30 4.02
N SER D 316 10.75 30.37 4.11
CA SER D 316 11.51 31.55 3.71
C SER D 316 12.84 31.10 3.12
N ARG D 317 13.28 31.79 2.07
CA ARG D 317 14.51 31.46 1.37
C ARG D 317 15.40 32.70 1.27
N ASN D 318 16.64 32.57 1.75
CA ASN D 318 17.64 33.63 1.64
C ASN D 318 18.45 33.37 0.37
N PHE D 319 18.45 34.32 -0.56
CA PHE D 319 19.12 34.18 -1.84
C PHE D 319 19.99 35.41 -2.08
N SER D 320 21.30 35.20 -2.21
CA SER D 320 22.20 36.32 -2.51
C SER D 320 21.94 36.83 -3.92
N VAL D 321 21.94 38.16 -4.06
CA VAL D 321 21.84 38.84 -5.35
C VAL D 321 23.09 39.69 -5.53
N GLY D 322 23.69 39.61 -6.72
CA GLY D 322 24.90 40.32 -7.01
C GLY D 322 24.65 41.56 -7.86
N ARG D 323 25.73 42.27 -8.16
CA ARG D 323 25.63 43.47 -9.00
C ARG D 323 25.13 43.12 -10.39
N GLU D 324 25.58 41.97 -10.92
CA GLU D 324 25.10 41.52 -12.22
C GLU D 324 23.60 41.27 -12.21
N GLY D 325 23.06 40.75 -11.11
CA GLY D 325 21.64 40.56 -10.92
C GLY D 325 21.26 39.10 -10.76
N LEU D 326 19.94 38.88 -10.70
CA LEU D 326 19.35 37.58 -10.45
C LEU D 326 18.00 37.52 -11.14
N GLU D 327 17.58 36.30 -11.50
CA GLU D 327 16.24 36.08 -12.05
C GLU D 327 15.62 34.89 -11.34
N TYR D 328 14.31 34.95 -11.14
CA TYR D 328 13.59 33.84 -10.52
C TYR D 328 12.20 33.73 -11.12
N VAL D 329 11.72 32.49 -11.18
CA VAL D 329 10.35 32.16 -11.55
C VAL D 329 9.74 31.40 -10.39
N TRP D 330 8.58 31.88 -9.93
CA TRP D 330 7.84 31.28 -8.81
C TRP D 330 6.57 30.67 -9.38
N GLY D 331 6.56 29.34 -9.49
CA GLY D 331 5.40 28.69 -10.07
C GLY D 331 5.19 29.11 -11.51
N ASN D 332 3.92 29.21 -11.90
CA ASN D 332 3.59 29.61 -13.26
C ASN D 332 3.66 31.12 -13.48
N HIS D 333 4.05 31.90 -12.48
CA HIS D 333 4.16 33.33 -12.64
C HIS D 333 5.25 33.68 -13.66
N GLU D 334 5.29 34.94 -14.05
CA GLU D 334 6.25 35.41 -15.02
C GLU D 334 7.64 35.55 -14.37
N PRO D 335 8.71 35.48 -15.16
CA PRO D 335 10.05 35.68 -14.58
C PRO D 335 10.20 37.09 -14.03
N VAL D 336 10.93 37.20 -12.91
CA VAL D 336 11.18 38.46 -12.24
C VAL D 336 12.69 38.62 -12.08
N ARG D 337 13.19 39.79 -12.43
CA ARG D 337 14.62 40.07 -12.46
C ARG D 337 14.94 41.21 -11.52
N VAL D 338 16.09 41.09 -10.83
CA VAL D 338 16.54 42.09 -9.87
C VAL D 338 18.03 42.35 -10.09
N TRP D 339 18.47 43.52 -9.60
CA TRP D 339 19.86 43.94 -9.75
C TRP D 339 20.30 44.61 -8.45
N ALA D 340 21.32 44.06 -7.81
CA ALA D 340 21.79 44.58 -6.54
C ALA D 340 22.64 45.82 -6.76
N GLN D 341 23.02 46.45 -5.65
CA GLN D 341 23.83 47.67 -5.66
C GLN D 341 25.24 47.39 -5.16
N PHE E 1 48.85 -52.07 -5.07
CA PHE E 1 49.76 -50.95 -4.82
C PHE E 1 49.02 -49.81 -4.12
N GLU E 2 49.76 -48.97 -3.41
CA GLU E 2 49.20 -47.88 -2.62
C GLU E 2 49.81 -46.55 -3.06
N HIS E 3 48.95 -45.53 -3.19
CA HIS E 3 49.39 -44.17 -3.47
C HIS E 3 48.66 -43.23 -2.52
N ALA E 4 49.40 -42.33 -1.89
CA ALA E 4 48.87 -41.31 -1.01
C ALA E 4 49.14 -39.92 -1.59
N THR E 5 48.17 -39.04 -1.44
CA THR E 5 48.27 -37.67 -1.97
C THR E 5 47.38 -36.77 -1.12
N THR E 6 47.27 -35.50 -1.52
CA THR E 6 46.41 -34.54 -0.85
C THR E 6 45.68 -33.73 -1.92
N VAL E 7 44.42 -34.07 -2.16
CA VAL E 7 43.61 -33.41 -3.18
C VAL E 7 43.16 -32.07 -2.61
N PRO E 8 42.91 -31.05 -3.43
CA PRO E 8 42.28 -29.83 -2.90
C PRO E 8 40.76 -29.94 -2.87
N ASN E 9 40.17 -29.29 -1.88
CA ASN E 9 38.72 -29.32 -1.68
C ASN E 9 38.08 -28.40 -2.71
N VAL E 10 37.87 -28.96 -3.90
CA VAL E 10 37.24 -28.26 -5.03
C VAL E 10 36.20 -29.17 -5.66
N PRO E 11 34.89 -28.87 -5.54
CA PRO E 11 33.90 -29.75 -6.17
C PRO E 11 33.95 -29.70 -7.69
N GLY E 12 34.15 -30.87 -8.29
CA GLY E 12 33.99 -31.03 -9.72
C GLY E 12 35.22 -30.75 -10.56
N ILE E 13 36.28 -30.19 -9.99
CA ILE E 13 37.48 -29.87 -10.73
C ILE E 13 38.41 -31.07 -10.67
N PRO E 14 38.87 -31.62 -11.80
CA PRO E 14 39.75 -32.79 -11.73
C PRO E 14 41.09 -32.46 -11.12
N TYR E 15 41.64 -33.46 -10.42
CA TYR E 15 42.98 -33.40 -9.84
C TYR E 15 43.77 -34.57 -10.40
N LYS E 16 44.95 -34.28 -10.95
CA LYS E 16 45.69 -35.21 -11.80
C LYS E 16 46.96 -35.70 -11.12
N ALA E 17 47.25 -36.99 -11.30
CA ALA E 17 48.50 -37.57 -10.81
C ALA E 17 48.85 -38.78 -11.68
N LEU E 18 50.11 -39.18 -11.63
CA LEU E 18 50.62 -40.33 -12.36
C LEU E 18 51.33 -41.24 -11.36
N VAL E 19 50.71 -42.38 -11.04
CA VAL E 19 51.32 -43.33 -10.13
C VAL E 19 52.32 -44.19 -10.91
N GLU E 20 53.51 -44.35 -10.35
CA GLU E 20 54.57 -45.15 -10.97
C GLU E 20 55.07 -46.18 -9.96
N ARG E 21 55.18 -47.43 -10.40
CA ARG E 21 55.91 -48.47 -9.69
C ARG E 21 57.08 -48.91 -10.55
N ALA E 22 58.18 -49.28 -9.90
CA ALA E 22 59.46 -49.41 -10.59
C ALA E 22 59.40 -50.42 -11.73
N GLY E 23 58.80 -51.58 -11.47
CA GLY E 23 58.76 -52.64 -12.47
C GLY E 23 57.57 -52.62 -13.40
N TYR E 24 56.72 -51.62 -13.32
CA TYR E 24 55.48 -51.58 -14.08
C TYR E 24 55.25 -50.20 -14.68
N ALA E 25 54.43 -50.16 -15.74
CA ALA E 25 54.13 -48.91 -16.41
C ALA E 25 53.35 -47.98 -15.49
N PRO E 26 53.48 -46.67 -15.66
CA PRO E 26 52.69 -45.74 -14.84
C PRO E 26 51.22 -45.78 -15.24
N LEU E 27 50.37 -45.40 -14.28
CA LEU E 27 48.94 -45.27 -14.50
C LEU E 27 48.49 -43.85 -14.19
N ASN E 28 47.55 -43.37 -15.01
CA ASN E 28 46.89 -42.11 -14.72
C ASN E 28 46.01 -42.23 -13.49
N LEU E 29 45.73 -41.09 -12.85
CA LEU E 29 44.84 -41.04 -11.71
C LEU E 29 44.19 -39.67 -11.75
N GLU E 30 42.88 -39.62 -12.01
CA GLU E 30 42.15 -38.36 -11.94
C GLU E 30 41.08 -38.49 -10.88
N ILE E 31 40.94 -37.42 -10.08
CA ILE E 31 40.14 -37.40 -8.86
C ILE E 31 39.24 -36.17 -8.94
N THR E 32 37.92 -36.39 -8.97
CA THR E 32 36.95 -35.30 -9.03
C THR E 32 35.93 -35.42 -7.91
N VAL E 33 35.87 -34.40 -7.06
CA VAL E 33 34.90 -34.35 -5.99
C VAL E 33 33.55 -33.98 -6.61
N VAL E 34 32.73 -34.99 -6.88
CA VAL E 34 31.45 -34.74 -7.54
C VAL E 34 30.55 -33.90 -6.65
N SER E 35 30.51 -34.21 -5.36
CA SER E 35 29.69 -33.47 -4.41
C SER E 35 30.28 -33.63 -3.01
N SER E 36 29.91 -32.70 -2.14
CA SER E 36 30.27 -32.74 -0.73
C SER E 36 29.01 -32.54 0.09
N GLU E 37 29.05 -32.99 1.34
CA GLU E 37 27.90 -32.86 2.24
C GLU E 37 28.42 -32.65 3.66
N LEU E 38 28.53 -31.38 4.07
CA LEU E 38 28.94 -31.01 5.42
C LEU E 38 27.68 -30.96 6.30
N THR E 39 27.42 -32.04 7.03
CA THR E 39 26.21 -32.19 7.82
C THR E 39 26.57 -32.38 9.28
N PRO E 40 25.96 -31.61 10.21
CA PRO E 40 26.21 -31.87 11.64
C PRO E 40 25.17 -32.77 12.28
N SER E 41 25.42 -33.16 13.53
CA SER E 41 24.45 -33.90 14.33
C SER E 41 23.66 -32.89 15.16
N THR E 42 22.36 -32.80 14.89
CA THR E 42 21.51 -31.77 15.48
C THR E 42 20.40 -32.43 16.30
N ASN E 43 19.77 -31.62 17.14
CA ASN E 43 18.64 -32.06 17.95
C ASN E 43 17.67 -30.90 18.08
N LYS E 44 16.38 -31.22 18.12
CA LYS E 44 15.34 -30.20 18.18
C LYS E 44 15.07 -29.82 19.63
N GLU E 45 15.10 -28.52 19.91
CA GLU E 45 14.82 -28.01 21.25
C GLU E 45 13.33 -27.72 21.43
N TYR E 46 12.72 -27.08 20.45
CA TYR E 46 11.29 -26.80 20.50
C TYR E 46 10.85 -26.29 19.12
N VAL E 47 9.56 -26.01 19.00
CA VAL E 47 8.97 -25.40 17.81
C VAL E 47 8.26 -24.12 18.23
N THR E 48 8.15 -23.19 17.29
CA THR E 48 7.57 -21.88 17.58
C THR E 48 6.90 -21.33 16.35
N CYS E 49 5.95 -20.43 16.58
CA CYS E 49 5.19 -19.74 15.53
C CYS E 49 4.43 -18.61 16.21
N ARG E 50 3.59 -17.92 15.45
CA ARG E 50 2.74 -16.89 16.06
C ARG E 50 1.63 -17.56 16.86
N PHE E 51 1.46 -17.11 18.10
CA PHE E 51 0.51 -17.73 19.00
C PHE E 51 -0.91 -17.23 18.73
N HIS E 52 -1.87 -18.11 18.96
CA HIS E 52 -3.29 -17.78 18.94
C HIS E 52 -3.75 -17.58 20.38
N THR E 53 -4.28 -16.40 20.67
CA THR E 53 -4.71 -16.04 22.03
C THR E 53 -6.17 -16.43 22.19
N VAL E 54 -6.40 -17.56 22.85
CA VAL E 54 -7.75 -17.98 23.19
C VAL E 54 -8.16 -17.31 24.51
N ILE E 55 -9.31 -16.66 24.48
CA ILE E 55 -9.90 -15.99 25.64
C ILE E 55 -11.24 -16.67 25.95
N PRO E 56 -11.26 -17.62 26.89
CA PRO E 56 -12.50 -18.38 27.12
C PRO E 56 -13.66 -17.49 27.53
N SER E 57 -14.85 -18.07 27.44
CA SER E 57 -16.07 -17.32 27.74
C SER E 57 -16.09 -16.93 29.22
N PRO E 58 -16.52 -15.72 29.57
CA PRO E 58 -16.44 -15.28 30.97
C PRO E 58 -17.42 -16.03 31.86
N GLN E 59 -17.25 -15.82 33.17
CA GLN E 59 -18.07 -16.45 34.19
C GLN E 59 -18.38 -15.42 35.26
N VAL E 60 -19.62 -15.44 35.75
CA VAL E 60 -20.07 -14.51 36.78
C VAL E 60 -20.80 -15.29 37.87
N LYS E 61 -20.46 -14.99 39.13
CA LYS E 61 -21.24 -15.39 40.29
C LYS E 61 -21.64 -14.06 40.94
N CYS E 62 -22.89 -13.65 40.70
CA CYS E 62 -23.18 -12.23 40.79
C CYS E 62 -23.71 -11.80 42.16
N CYS E 63 -23.96 -12.73 43.09
CA CYS E 63 -23.82 -12.43 44.52
C CYS E 63 -23.32 -13.64 45.29
N GLY E 64 -22.26 -14.25 44.78
CA GLY E 64 -21.41 -15.14 45.55
C GLY E 64 -19.95 -14.73 45.41
N SER E 65 -19.03 -15.69 45.46
CA SER E 65 -17.60 -15.39 45.31
C SER E 65 -16.94 -16.41 44.41
N LEU E 66 -16.00 -15.93 43.59
CA LEU E 66 -15.19 -16.74 42.70
C LEU E 66 -13.73 -16.46 43.00
N GLU E 67 -12.88 -17.48 42.81
CA GLU E 67 -11.48 -17.40 43.16
C GLU E 67 -10.63 -17.90 41.99
N CYS E 68 -9.32 -17.71 42.12
CA CYS E 68 -8.37 -17.94 41.03
C CYS E 68 -7.81 -19.35 41.10
N LYS E 69 -8.22 -20.22 40.17
CA LYS E 69 -7.67 -21.56 40.08
C LYS E 69 -6.45 -21.57 39.17
N ALA E 70 -5.59 -22.55 39.39
CA ALA E 70 -4.35 -22.71 38.63
C ALA E 70 -4.53 -23.81 37.59
N SER E 71 -4.27 -23.48 36.33
CA SER E 71 -4.31 -24.43 35.22
C SER E 71 -2.89 -24.67 34.70
N SER E 72 -2.80 -25.52 33.67
CA SER E 72 -1.54 -25.86 33.04
C SER E 72 -1.45 -25.32 31.62
N LYS E 73 -2.31 -24.38 31.25
CA LYS E 73 -2.27 -23.82 29.91
C LYS E 73 -1.07 -22.89 29.74
N ALA E 74 -0.76 -22.56 28.49
CA ALA E 74 0.41 -21.76 28.20
C ALA E 74 0.17 -20.30 28.56
N ASP E 75 1.04 -19.76 29.41
CA ASP E 75 0.91 -18.39 29.91
C ASP E 75 -0.50 -18.14 30.45
N TYR E 76 -1.01 -19.13 31.18
CA TYR E 76 -2.37 -19.04 31.69
C TYR E 76 -2.49 -17.84 32.63
N THR E 77 -3.49 -17.02 32.37
CA THR E 77 -3.73 -15.83 33.18
C THR E 77 -5.21 -15.78 33.52
N CYS E 78 -5.51 -15.46 34.78
CA CYS E 78 -6.89 -15.30 35.19
C CYS E 78 -6.93 -14.45 36.45
N ARG E 79 -8.07 -13.79 36.67
CA ARG E 79 -8.18 -12.79 37.72
C ARG E 79 -9.67 -12.60 38.03
N VAL E 80 -9.94 -11.94 39.16
CA VAL E 80 -11.28 -11.79 39.70
C VAL E 80 -11.62 -10.30 39.81
N PHE E 81 -12.82 -9.95 39.37
CA PHE E 81 -13.40 -8.62 39.54
C PHE E 81 -14.58 -8.71 40.49
N GLY E 82 -14.94 -7.58 41.08
CA GLY E 82 -16.10 -7.50 41.95
C GLY E 82 -17.34 -7.01 41.23
N GLY E 83 -17.86 -5.85 41.65
CA GLY E 83 -19.07 -5.30 41.07
C GLY E 83 -18.90 -4.88 39.61
N VAL E 84 -19.60 -5.56 38.71
CA VAL E 84 -19.51 -5.29 37.27
C VAL E 84 -20.89 -5.10 36.66
N TYR E 85 -21.82 -6.03 36.90
CA TYR E 85 -23.18 -5.98 36.39
C TYR E 85 -23.17 -5.94 34.87
N PRO E 86 -22.83 -7.05 34.20
CA PRO E 86 -22.72 -7.02 32.74
C PRO E 86 -24.06 -7.21 32.06
N PHE E 87 -24.16 -6.61 30.86
CA PHE E 87 -25.33 -6.72 30.00
C PHE E 87 -24.93 -7.49 28.75
N MET E 88 -25.81 -8.36 28.25
CA MET E 88 -25.50 -9.14 27.05
C MET E 88 -26.47 -8.83 25.91
N TRP E 89 -27.78 -9.05 26.10
CA TRP E 89 -28.76 -8.55 25.13
C TRP E 89 -30.02 -7.97 25.75
N GLY E 90 -30.40 -8.36 26.97
CA GLY E 90 -31.59 -7.87 27.62
C GLY E 90 -31.38 -6.64 28.48
N GLY E 91 -30.17 -6.09 28.52
CA GLY E 91 -29.88 -4.98 29.39
C GLY E 91 -29.57 -5.34 30.82
N ALA E 92 -29.63 -6.62 31.18
CA ALA E 92 -29.26 -7.08 32.51
C ALA E 92 -29.16 -8.60 32.53
N GLN E 93 -28.06 -9.13 33.07
CA GLN E 93 -27.81 -10.56 33.17
C GLN E 93 -27.59 -11.00 34.61
N CYS E 94 -28.21 -10.33 35.58
CA CYS E 94 -27.96 -10.64 36.98
C CYS E 94 -29.05 -10.10 37.90
N PHE E 95 -29.12 -10.71 39.07
CA PHE E 95 -29.86 -10.26 40.24
C PHE E 95 -28.88 -10.17 41.39
N CYS E 96 -29.10 -9.24 42.31
CA CYS E 96 -28.06 -8.74 43.22
C CYS E 96 -26.99 -7.98 42.45
N ASP E 97 -27.34 -6.82 41.87
CA ASP E 97 -26.42 -6.12 40.97
C ASP E 97 -25.05 -5.86 41.60
N SER E 98 -25.01 -5.60 42.90
CA SER E 98 -23.74 -5.32 43.58
C SER E 98 -23.14 -6.60 44.17
N GLU E 99 -21.84 -6.52 44.48
CA GLU E 99 -21.05 -7.66 44.92
C GLU E 99 -21.25 -8.80 43.93
N ASN E 100 -20.65 -8.60 42.76
CA ASN E 100 -21.03 -9.29 41.53
C ASN E 100 -19.85 -9.97 40.85
N THR E 101 -19.21 -10.89 41.55
CA THR E 101 -17.86 -11.30 41.17
C THR E 101 -17.84 -11.92 39.78
N GLN E 102 -16.75 -11.65 39.07
CA GLN E 102 -16.53 -12.13 37.71
C GLN E 102 -15.14 -12.75 37.63
N LEU E 103 -15.04 -13.90 36.96
CA LEU E 103 -13.78 -14.57 36.71
C LEU E 103 -13.40 -14.36 35.25
N SER E 104 -12.26 -13.72 35.01
CA SER E 104 -11.78 -13.43 33.68
C SER E 104 -10.51 -14.23 33.43
N GLU E 105 -10.39 -14.84 32.25
CA GLU E 105 -9.32 -15.79 31.97
C GLU E 105 -8.87 -15.67 30.52
N ALA E 106 -7.65 -16.17 30.27
CA ALA E 106 -7.09 -16.19 28.92
C ALA E 106 -5.81 -17.03 28.91
N TYR E 107 -5.49 -17.55 27.74
CA TYR E 107 -4.24 -18.29 27.51
C TYR E 107 -4.01 -18.39 26.01
N VAL E 108 -2.95 -19.11 25.62
CA VAL E 108 -2.49 -19.13 24.23
C VAL E 108 -2.22 -20.56 23.78
N GLU E 109 -2.23 -20.75 22.46
CA GLU E 109 -1.81 -22.01 21.84
C GLU E 109 -1.06 -21.69 20.55
N PHE E 110 -0.62 -22.72 19.85
CA PHE E 110 -0.22 -22.58 18.46
C PHE E 110 -1.45 -22.25 17.60
N ALA E 111 -1.20 -21.50 16.54
CA ALA E 111 -2.26 -21.19 15.59
C ALA E 111 -2.61 -22.45 14.79
N PRO E 112 -3.84 -22.55 14.28
CA PRO E 112 -4.16 -23.70 13.42
C PRO E 112 -3.35 -23.75 12.14
N ASP E 113 -2.77 -22.63 11.72
CA ASP E 113 -1.97 -22.56 10.50
C ASP E 113 -0.47 -22.70 10.76
N CYS E 114 -0.07 -23.02 11.99
CA CYS E 114 1.35 -23.25 12.26
C CYS E 114 1.85 -24.56 11.65
N THR E 115 0.95 -25.39 11.11
CA THR E 115 1.37 -26.63 10.45
C THR E 115 2.29 -26.36 9.27
N ILE E 116 2.23 -25.15 8.68
CA ILE E 116 3.09 -24.75 7.57
C ILE E 116 4.08 -23.67 8.01
N ASP E 117 3.57 -22.56 8.52
CA ASP E 117 4.40 -21.42 8.93
C ASP E 117 4.79 -21.60 10.38
N HIS E 118 5.97 -22.18 10.61
CA HIS E 118 6.48 -22.38 11.96
C HIS E 118 7.99 -22.53 11.90
N ALA E 119 8.67 -21.99 12.91
CA ALA E 119 10.11 -22.11 13.04
C ALA E 119 10.45 -23.17 14.08
N VAL E 120 11.53 -23.90 13.81
CA VAL E 120 12.03 -24.95 14.70
C VAL E 120 13.46 -24.61 15.07
N ALA E 121 13.81 -24.86 16.34
CA ALA E 121 15.08 -24.44 16.90
C ALA E 121 16.01 -25.63 17.05
N LEU E 122 17.25 -25.49 16.60
CA LEU E 122 18.21 -26.57 16.53
C LEU E 122 19.54 -26.16 17.17
N LYS E 123 20.15 -27.11 17.88
CA LYS E 123 21.53 -26.98 18.34
C LYS E 123 22.40 -27.89 17.47
N VAL E 124 23.37 -27.30 16.78
CA VAL E 124 24.25 -28.06 15.90
C VAL E 124 25.50 -28.47 16.66
N HIS E 125 26.16 -29.51 16.14
CA HIS E 125 27.37 -30.06 16.73
C HIS E 125 28.45 -30.15 15.66
N THR E 126 29.53 -30.88 15.94
CA THR E 126 30.62 -31.08 14.99
C THR E 126 30.08 -31.51 13.63
N ALA E 127 30.50 -30.79 12.60
CA ALA E 127 29.94 -30.96 11.26
C ALA E 127 30.65 -32.11 10.56
N ALA E 128 29.95 -33.22 10.36
CA ALA E 128 30.48 -34.35 9.61
C ALA E 128 30.38 -34.06 8.12
N LEU E 129 31.47 -34.29 7.39
CA LEU E 129 31.55 -33.96 5.98
C LEU E 129 31.71 -35.25 5.20
N LYS E 130 30.89 -35.43 4.17
CA LYS E 130 30.91 -36.63 3.34
C LYS E 130 30.93 -36.20 1.88
N VAL E 131 31.78 -36.86 1.08
CA VAL E 131 32.05 -36.45 -0.29
C VAL E 131 31.71 -37.60 -1.23
N GLY E 132 30.94 -37.28 -2.27
CA GLY E 132 30.82 -38.14 -3.42
C GLY E 132 31.98 -37.87 -4.37
N LEU E 133 32.51 -38.95 -4.95
CA LEU E 133 33.80 -38.89 -5.62
C LEU E 133 33.75 -39.73 -6.89
N ARG E 134 34.31 -39.19 -7.97
CA ARG E 134 34.46 -39.92 -9.22
C ARG E 134 35.95 -39.96 -9.57
N ILE E 135 36.45 -41.15 -9.88
CA ILE E 135 37.85 -41.36 -10.17
C ILE E 135 37.96 -42.12 -11.48
N VAL E 136 39.09 -41.95 -12.17
CA VAL E 136 39.49 -42.95 -13.17
C VAL E 136 40.98 -43.22 -13.05
N TYR E 137 41.33 -44.50 -13.15
CA TYR E 137 42.69 -44.99 -13.07
C TYR E 137 42.91 -45.93 -14.25
N GLY E 138 44.03 -45.74 -14.95
CA GLY E 138 44.28 -46.55 -16.13
C GLY E 138 43.16 -46.40 -17.15
N ASN E 139 42.33 -47.44 -17.24
CA ASN E 139 41.16 -47.44 -18.11
C ASN E 139 39.83 -47.44 -17.34
N THR E 140 39.83 -47.87 -16.08
CA THR E 140 38.60 -48.12 -15.34
C THR E 140 38.30 -46.98 -14.38
N THR E 141 37.02 -46.60 -14.31
CA THR E 141 36.55 -45.51 -13.47
C THR E 141 35.60 -46.02 -12.40
N ALA E 142 35.32 -45.17 -11.42
CA ALA E 142 34.51 -45.57 -10.28
C ALA E 142 33.88 -44.37 -9.60
N HIS E 143 32.69 -44.58 -9.04
CA HIS E 143 31.98 -43.62 -8.21
C HIS E 143 31.89 -44.18 -6.79
N LEU E 144 32.07 -43.33 -5.78
CA LEU E 144 31.93 -43.78 -4.41
C LEU E 144 31.78 -42.59 -3.47
N ASP E 145 31.11 -42.84 -2.34
CA ASP E 145 30.80 -41.82 -1.35
C ASP E 145 31.47 -42.18 -0.02
N THR E 146 32.24 -41.25 0.54
CA THR E 146 33.07 -41.55 1.69
C THR E 146 33.13 -40.35 2.63
N PHE E 147 33.38 -40.64 3.91
CA PHE E 147 33.54 -39.63 4.94
C PHE E 147 34.98 -39.14 4.98
N VAL E 148 35.19 -37.89 5.40
CA VAL E 148 36.54 -37.37 5.60
C VAL E 148 36.87 -37.39 7.09
N ASN E 149 37.53 -38.45 7.54
CA ASN E 149 38.03 -38.51 8.91
C ASN E 149 39.40 -39.16 9.03
N GLY E 150 39.94 -39.76 7.97
CA GLY E 150 41.14 -40.58 8.10
C GLY E 150 40.89 -41.94 8.69
N VAL E 151 39.63 -42.33 8.87
CA VAL E 151 39.26 -43.60 9.50
C VAL E 151 38.33 -44.37 8.57
N THR E 152 37.25 -43.72 8.13
CA THR E 152 36.22 -44.40 7.35
C THR E 152 36.73 -44.68 5.94
N PRO E 153 36.76 -45.94 5.48
CA PRO E 153 37.16 -46.20 4.10
C PRO E 153 35.98 -46.27 3.14
N GLY E 154 36.18 -45.67 1.97
CA GLY E 154 35.28 -45.87 0.85
C GLY E 154 35.80 -46.99 -0.04
N SER E 155 34.87 -47.76 -0.59
CA SER E 155 35.21 -48.95 -1.35
C SER E 155 34.40 -49.03 -2.63
N SER E 156 35.07 -49.40 -3.74
CA SER E 156 34.40 -49.78 -4.97
C SER E 156 34.97 -51.11 -5.44
N ARG E 157 34.50 -52.19 -4.82
CA ARG E 157 34.38 -53.54 -5.38
C ARG E 157 35.70 -54.21 -5.77
N ASP E 158 36.77 -53.43 -5.95
CA ASP E 158 38.14 -53.92 -5.89
C ASP E 158 39.04 -52.88 -5.21
N LEU E 159 38.55 -51.65 -5.07
CA LEU E 159 39.36 -50.52 -4.63
C LEU E 159 38.97 -50.12 -3.22
N LYS E 160 39.97 -49.79 -2.39
CA LYS E 160 39.76 -49.17 -1.09
C LYS E 160 40.48 -47.83 -1.06
N VAL E 161 39.89 -46.87 -0.35
CA VAL E 161 40.48 -45.55 -0.18
C VAL E 161 40.11 -45.04 1.20
N ILE E 162 41.05 -44.34 1.83
CA ILE E 162 40.80 -43.68 3.10
C ILE E 162 41.06 -42.19 2.92
N ALA E 163 40.14 -41.37 3.41
CA ALA E 163 40.13 -39.93 3.16
C ALA E 163 40.12 -39.19 4.49
N GLY E 164 40.90 -38.10 4.55
CA GLY E 164 40.83 -37.18 5.65
C GLY E 164 41.92 -37.35 6.68
N PRO E 165 41.86 -36.57 7.77
CA PRO E 165 40.84 -35.54 8.07
C PRO E 165 41.03 -34.26 7.24
N ILE E 166 40.02 -33.38 7.24
CA ILE E 166 40.12 -32.13 6.50
C ILE E 166 41.34 -31.33 6.97
N SER E 167 42.01 -30.69 6.01
CA SER E 167 43.21 -29.91 6.35
C SER E 167 42.87 -28.75 7.28
N ALA E 168 41.77 -28.06 7.01
CA ALA E 168 41.31 -26.95 7.85
C ALA E 168 39.82 -27.14 8.11
N ALA E 169 39.47 -27.44 9.37
CA ALA E 169 38.08 -27.65 9.72
C ALA E 169 37.30 -26.35 9.60
N PHE E 170 36.04 -26.48 9.17
CA PHE E 170 35.16 -25.34 9.05
C PHE E 170 33.71 -25.79 9.18
N SER E 171 32.86 -24.91 9.68
CA SER E 171 31.42 -25.13 9.75
C SER E 171 30.70 -23.79 9.64
N PRO E 172 29.92 -23.54 8.58
CA PRO E 172 29.22 -22.24 8.50
C PRO E 172 28.08 -22.08 9.48
N PHE E 173 27.75 -23.12 10.25
CA PHE E 173 26.59 -23.10 11.14
C PHE E 173 27.04 -22.73 12.55
N ASP E 174 26.48 -21.65 13.09
CA ASP E 174 26.67 -21.34 14.50
C ASP E 174 25.96 -22.38 15.35
N HIS E 175 26.37 -22.48 16.62
CA HIS E 175 25.88 -23.54 17.50
C HIS E 175 24.35 -23.50 17.63
N LYS E 176 23.74 -22.34 17.44
CA LYS E 176 22.30 -22.14 17.63
C LYS E 176 21.71 -21.70 16.29
N VAL E 177 20.79 -22.49 15.74
CA VAL E 177 20.22 -22.22 14.43
C VAL E 177 18.71 -22.37 14.46
N VAL E 178 18.06 -21.73 13.50
CA VAL E 178 16.61 -21.73 13.36
C VAL E 178 16.27 -22.09 11.92
N ILE E 179 15.29 -22.98 11.75
CA ILE E 179 14.83 -23.43 10.45
C ILE E 179 13.36 -23.06 10.29
N ARG E 180 13.02 -22.43 9.16
CA ARG E 180 11.63 -22.14 8.83
C ARG E 180 11.42 -22.33 7.33
N LYS E 181 10.59 -23.31 6.97
CA LYS E 181 10.20 -23.56 5.57
C LYS E 181 11.42 -23.69 4.67
N GLY E 182 12.46 -24.34 5.18
CA GLY E 182 13.68 -24.56 4.42
C GLY E 182 14.71 -23.45 4.49
N LEU E 183 14.45 -22.39 5.24
CA LEU E 183 15.37 -21.26 5.35
C LEU E 183 16.06 -21.31 6.71
N VAL E 184 17.40 -21.17 6.69
CA VAL E 184 18.24 -21.33 7.86
C VAL E 184 18.71 -19.95 8.33
N TYR E 185 18.68 -19.74 9.64
CA TYR E 185 19.19 -18.52 10.26
C TYR E 185 20.09 -18.89 11.44
N ASN E 186 21.21 -18.20 11.56
CA ASN E 186 22.12 -18.41 12.69
C ASN E 186 21.71 -17.50 13.85
N TYR E 187 20.53 -17.81 14.41
CA TYR E 187 19.90 -16.99 15.43
C TYR E 187 20.08 -17.64 16.79
N ASP E 188 20.48 -16.86 17.79
CA ASP E 188 20.67 -17.33 19.15
C ASP E 188 19.31 -17.36 19.84
N PHE E 189 18.58 -18.46 19.65
CA PHE E 189 17.26 -18.55 20.24
C PHE E 189 17.36 -18.86 21.74
N PRO E 190 16.40 -18.44 22.54
CA PRO E 190 16.48 -18.72 23.98
C PRO E 190 16.35 -20.22 24.25
N GLU E 191 16.96 -20.65 25.35
CA GLU E 191 16.89 -22.04 25.74
C GLU E 191 15.45 -22.41 26.09
N TYR E 192 15.16 -23.71 25.96
CA TYR E 192 13.81 -24.19 26.23
C TYR E 192 13.40 -23.87 27.66
N GLY E 193 12.19 -23.33 27.80
CA GLY E 193 11.70 -22.86 29.08
C GLY E 193 12.01 -21.41 29.40
N ALA E 194 12.95 -20.79 28.68
CA ALA E 194 13.28 -19.38 28.87
C ALA E 194 12.55 -18.50 27.85
N MET E 195 11.22 -18.63 27.83
CA MET E 195 10.43 -17.77 26.97
C MET E 195 10.50 -16.32 27.45
N LYS E 196 10.64 -15.39 26.50
CA LYS E 196 10.64 -13.97 26.77
C LYS E 196 9.50 -13.34 25.98
N PRO E 197 8.69 -12.45 26.57
CA PRO E 197 7.61 -11.84 25.78
C PRO E 197 8.16 -10.95 24.68
N GLY E 198 7.45 -10.91 23.56
CA GLY E 198 7.83 -10.06 22.44
C GLY E 198 9.16 -10.41 21.80
N ALA E 199 9.68 -11.61 22.04
CA ALA E 199 10.94 -12.06 21.46
C ALA E 199 10.73 -13.41 20.81
N PHE E 200 11.65 -13.77 19.91
CA PHE E 200 11.55 -15.05 19.22
C PHE E 200 11.62 -16.19 20.24
N GLY E 201 10.82 -17.23 20.00
CA GLY E 201 10.70 -18.29 20.96
C GLY E 201 9.85 -17.96 22.16
N ASP E 202 9.02 -16.91 22.07
CA ASP E 202 8.06 -16.63 23.14
C ASP E 202 7.12 -17.81 23.38
N ILE E 203 6.84 -18.60 22.34
CA ILE E 203 6.03 -19.80 22.44
C ILE E 203 6.94 -20.98 22.09
N GLN E 204 6.93 -22.01 22.95
CA GLN E 204 7.80 -23.16 22.77
C GLN E 204 7.01 -24.44 23.06
N ALA E 205 7.39 -25.51 22.37
CA ALA E 205 6.82 -26.84 22.62
C ALA E 205 7.70 -27.88 21.95
N SER E 206 7.62 -29.12 22.47
CA SER E 206 8.44 -30.20 21.92
C SER E 206 8.00 -30.54 20.50
N SER E 207 6.72 -30.39 20.17
CA SER E 207 6.24 -30.64 18.82
C SER E 207 4.95 -29.85 18.60
N LEU E 208 4.55 -29.76 17.34
CA LEU E 208 3.32 -29.03 17.00
C LEU E 208 2.11 -29.66 17.67
N ASP E 209 2.03 -30.98 17.70
CA ASP E 209 0.93 -31.67 18.37
C ASP E 209 1.16 -31.85 19.87
N ALA E 210 2.33 -31.46 20.38
CA ALA E 210 2.61 -31.62 21.80
C ALA E 210 1.67 -30.74 22.64
N THR E 211 1.20 -31.31 23.75
CA THR E 211 0.29 -30.61 24.64
C THR E 211 1.01 -29.81 25.73
N ASP E 212 2.34 -29.88 25.81
CA ASP E 212 3.10 -29.16 26.82
C ASP E 212 3.49 -27.77 26.31
N ILE E 213 2.47 -27.03 25.87
CA ILE E 213 2.72 -25.71 25.30
C ILE E 213 3.10 -24.79 26.45
N VAL E 214 4.27 -24.16 26.34
CA VAL E 214 4.80 -23.27 27.37
C VAL E 214 5.03 -21.89 26.76
N ALA E 215 4.62 -20.85 27.47
CA ALA E 215 4.71 -19.50 26.94
C ALA E 215 4.73 -18.49 28.09
N ARG E 216 5.35 -17.34 27.81
CA ARG E 216 5.20 -16.13 28.62
C ARG E 216 5.06 -14.98 27.63
N THR E 217 3.83 -14.69 27.23
CA THR E 217 3.54 -13.64 26.26
C THR E 217 3.30 -12.28 26.90
N ASP E 218 3.36 -12.19 28.23
CA ASP E 218 3.10 -10.94 28.95
C ASP E 218 1.70 -10.43 28.63
N ILE E 219 0.71 -11.31 28.82
CA ILE E 219 -0.69 -10.94 28.73
C ILE E 219 -1.17 -10.43 30.08
N ARG E 220 -2.02 -9.41 30.05
CA ARG E 220 -2.68 -8.95 31.27
C ARG E 220 -4.11 -8.53 30.97
N LEU E 221 -5.03 -8.99 31.81
CA LEU E 221 -6.44 -8.75 31.61
C LEU E 221 -6.90 -7.55 32.42
N LEU E 222 -7.69 -6.68 31.78
CA LEU E 222 -8.06 -5.39 32.33
C LEU E 222 -9.49 -5.45 32.88
N LYS E 223 -9.84 -4.45 33.68
CA LYS E 223 -11.15 -4.43 34.30
C LYS E 223 -12.19 -3.97 33.29
N PRO E 224 -13.34 -4.65 33.17
CA PRO E 224 -14.36 -4.19 32.20
C PRO E 224 -14.88 -2.81 32.58
N SER E 225 -15.20 -2.03 31.54
CA SER E 225 -15.65 -0.65 31.70
C SER E 225 -17.10 -0.45 31.26
N VAL E 226 -17.42 -0.77 30.01
CA VAL E 226 -18.78 -0.56 29.52
C VAL E 226 -19.72 -1.61 30.11
N LYS E 227 -21.01 -1.29 30.14
CA LYS E 227 -21.98 -2.15 30.81
C LYS E 227 -22.10 -3.50 30.12
N ASN E 228 -21.76 -3.58 28.83
CA ASN E 228 -21.92 -4.82 28.10
C ASN E 228 -20.89 -5.85 28.52
N ILE E 229 -21.29 -7.12 28.54
CA ILE E 229 -20.38 -8.19 28.93
C ILE E 229 -19.27 -8.31 27.90
N HIS E 230 -18.04 -8.44 28.38
CA HIS E 230 -16.87 -8.63 27.53
C HIS E 230 -15.69 -8.88 28.44
N VAL E 231 -14.56 -9.25 27.83
CA VAL E 231 -13.29 -9.40 28.54
C VAL E 231 -12.26 -8.51 27.85
N PRO E 232 -11.83 -7.41 28.46
CA PRO E 232 -10.73 -6.64 27.88
C PRO E 232 -9.37 -7.13 28.38
N TYR E 233 -8.39 -7.05 27.50
CA TYR E 233 -7.05 -7.52 27.82
C TYR E 233 -6.06 -6.84 26.89
N THR E 234 -4.78 -6.92 27.25
CA THR E 234 -3.72 -6.45 26.39
C THR E 234 -2.60 -7.48 26.39
N GLN E 235 -1.95 -7.61 25.24
CA GLN E 235 -0.99 -8.68 24.97
C GLN E 235 0.18 -8.11 24.18
N ALA E 236 1.36 -8.66 24.43
CA ALA E 236 2.55 -8.26 23.70
C ALA E 236 2.53 -8.86 22.30
N VAL E 237 3.18 -8.15 21.36
CA VAL E 237 3.21 -8.60 19.98
C VAL E 237 3.91 -9.95 19.90
N SER E 238 3.51 -10.75 18.90
CA SER E 238 4.12 -12.05 18.69
C SER E 238 5.59 -11.86 18.33
N GLY E 239 6.48 -12.25 19.26
CA GLY E 239 7.90 -12.12 19.00
C GLY E 239 8.35 -12.92 17.79
N TYR E 240 7.63 -14.00 17.48
CA TYR E 240 7.88 -14.72 16.24
C TYR E 240 7.69 -13.79 15.04
N GLU E 241 6.61 -13.01 15.05
CA GLU E 241 6.35 -12.08 13.95
C GLU E 241 7.40 -10.98 13.91
N MET E 242 7.83 -10.48 15.07
CA MET E 242 8.85 -9.44 15.09
C MET E 242 10.17 -9.96 14.53
N TRP E 243 10.57 -11.16 14.93
CA TRP E 243 11.77 -11.77 14.34
C TRP E 243 11.59 -11.98 12.84
N LYS E 244 10.39 -12.39 12.43
CA LYS E 244 10.10 -12.57 11.01
C LYS E 244 10.33 -11.26 10.25
N ASN E 245 9.86 -10.15 10.82
CA ASN E 245 10.09 -8.85 10.21
C ASN E 245 11.57 -8.48 10.22
N ASN E 246 12.31 -8.90 11.24
CA ASN E 246 13.72 -8.57 11.40
C ASN E 246 14.60 -9.82 11.42
N SER E 247 14.21 -10.86 10.67
CA SER E 247 14.99 -12.09 10.64
C SER E 247 16.35 -11.91 9.98
N GLY E 248 16.52 -10.84 9.20
CA GLY E 248 17.76 -10.69 8.47
C GLY E 248 17.86 -11.68 7.32
N ARG E 249 19.08 -11.90 6.87
CA ARG E 249 19.31 -12.77 5.73
C ARG E 249 19.51 -14.21 6.19
N PRO E 250 18.81 -15.18 5.61
CA PRO E 250 19.14 -16.58 5.90
C PRO E 250 20.51 -16.95 5.34
N LEU E 251 21.07 -18.03 5.88
CA LEU E 251 22.44 -18.39 5.55
C LEU E 251 22.58 -18.95 4.14
N GLN E 252 21.48 -19.18 3.43
CA GLN E 252 21.57 -19.72 2.07
C GLN E 252 22.35 -18.78 1.15
N GLU E 253 22.29 -17.47 1.41
CA GLU E 253 23.03 -16.47 0.63
C GLU E 253 24.11 -15.78 1.46
N THR E 254 24.47 -16.35 2.61
CA THR E 254 25.47 -15.77 3.50
C THR E 254 26.56 -16.76 3.92
N ALA E 255 26.42 -18.04 3.62
CA ALA E 255 27.44 -19.00 4.01
C ALA E 255 28.72 -18.76 3.20
N PRO E 256 29.85 -18.49 3.84
CA PRO E 256 31.10 -18.42 3.08
C PRO E 256 31.49 -19.78 2.52
N PHE E 257 32.41 -19.74 1.56
CA PHE E 257 32.79 -20.88 0.72
C PHE E 257 31.67 -21.29 -0.24
N GLY E 258 30.66 -20.45 -0.39
CA GLY E 258 29.71 -20.59 -1.49
C GLY E 258 29.02 -21.93 -1.56
N CYS E 259 28.59 -22.45 -0.42
CA CYS E 259 28.12 -23.83 -0.35
C CYS E 259 26.69 -23.92 0.16
N LYS E 260 25.88 -24.69 -0.57
CA LYS E 260 24.43 -24.48 -0.51
C LYS E 260 23.87 -25.26 0.66
N ILE E 261 23.05 -24.61 1.47
CA ILE E 261 22.52 -25.23 2.68
C ILE E 261 21.24 -25.96 2.34
N GLU E 262 21.28 -27.28 2.48
CA GLU E 262 20.16 -28.16 2.17
C GLU E 262 19.54 -28.66 3.46
N VAL E 263 18.21 -28.75 3.47
CA VAL E 263 17.44 -29.07 4.66
C VAL E 263 16.82 -30.44 4.48
N GLU E 264 16.60 -31.13 5.61
CA GLU E 264 16.05 -32.48 5.63
C GLU E 264 16.96 -33.41 4.82
N PRO E 265 18.15 -33.74 5.33
CA PRO E 265 18.79 -33.28 6.58
C PRO E 265 19.53 -31.95 6.42
N LEU E 266 19.81 -31.28 7.53
CA LEU E 266 20.62 -30.07 7.49
C LEU E 266 22.05 -30.40 7.06
N ARG E 267 22.55 -29.67 6.08
CA ARG E 267 23.87 -29.94 5.52
C ARG E 267 24.29 -28.76 4.65
N ALA E 268 25.59 -28.67 4.37
CA ALA E 268 26.15 -27.72 3.41
C ALA E 268 26.83 -28.51 2.30
N SER E 269 26.51 -28.17 1.06
CA SER E 269 26.89 -28.97 -0.10
C SER E 269 27.83 -28.24 -1.04
N ASN E 270 28.79 -29.00 -1.58
CA ASN E 270 29.74 -28.55 -2.61
C ASN E 270 30.57 -27.37 -2.11
N CYS E 271 31.36 -27.61 -1.07
CA CYS E 271 31.77 -26.52 -0.19
C CYS E 271 33.30 -26.50 -0.13
N ALA E 272 33.89 -25.59 -0.90
CA ALA E 272 35.32 -25.64 -1.24
C ALA E 272 36.13 -24.89 -0.20
N TYR E 273 36.99 -25.61 0.53
CA TYR E 273 37.90 -25.02 1.49
C TYR E 273 38.94 -26.05 1.95
N GLY E 274 40.20 -25.65 2.00
CA GLY E 274 41.24 -26.54 2.48
C GLY E 274 41.54 -27.67 1.50
N HIS E 275 42.10 -28.74 2.06
CA HIS E 275 42.53 -29.90 1.28
C HIS E 275 42.20 -31.16 2.05
N ILE E 276 42.15 -32.28 1.32
CA ILE E 276 41.81 -33.58 1.89
C ILE E 276 42.96 -34.52 1.61
N PRO E 277 43.64 -35.07 2.62
CA PRO E 277 44.58 -36.17 2.36
C PRO E 277 43.83 -37.44 2.00
N ILE E 278 44.29 -38.11 0.95
CA ILE E 278 43.67 -39.33 0.44
C ILE E 278 44.76 -40.39 0.35
N SER E 279 44.38 -41.66 0.54
CA SER E 279 45.28 -42.79 0.32
C SER E 279 44.48 -43.95 -0.26
N ILE E 280 44.91 -44.41 -1.45
CA ILE E 280 44.18 -45.40 -2.23
C ILE E 280 45.07 -46.62 -2.33
N ASP E 281 44.48 -47.83 -2.21
CA ASP E 281 45.24 -49.05 -2.48
C ASP E 281 44.81 -49.54 -3.86
N ILE E 282 45.51 -49.06 -4.88
CA ILE E 282 45.12 -49.37 -6.26
C ILE E 282 45.38 -50.86 -6.51
N PRO E 283 44.43 -51.62 -7.06
CA PRO E 283 44.72 -53.02 -7.37
C PRO E 283 45.85 -53.14 -8.39
N ASP E 284 46.71 -54.14 -8.18
CA ASP E 284 47.82 -54.36 -9.10
C ASP E 284 47.36 -54.82 -10.47
N ALA E 285 46.14 -55.35 -10.57
CA ALA E 285 45.62 -55.75 -11.88
C ALA E 285 45.46 -54.54 -12.80
N ALA E 286 45.14 -53.37 -12.23
CA ALA E 286 45.04 -52.17 -13.05
C ALA E 286 46.38 -51.81 -13.69
N PHE E 287 47.48 -52.08 -12.99
CA PHE E 287 48.80 -51.79 -13.52
C PHE E 287 49.16 -52.77 -14.64
N VAL E 288 50.07 -52.33 -15.50
CA VAL E 288 50.60 -53.14 -16.58
C VAL E 288 52.11 -52.97 -16.60
N ARG E 289 52.81 -54.04 -16.99
CA ARG E 289 54.26 -54.02 -17.01
C ARG E 289 54.77 -53.06 -18.08
N SER E 290 55.89 -52.40 -17.77
CA SER E 290 56.42 -51.37 -18.67
C SER E 290 56.82 -51.93 -20.02
N SER E 291 57.12 -53.23 -20.10
CA SER E 291 57.57 -53.82 -21.36
C SER E 291 56.50 -53.71 -22.45
N GLU E 292 55.25 -54.04 -22.13
CA GLU E 292 54.19 -53.95 -23.13
C GLU E 292 53.70 -52.52 -23.36
N SER E 293 53.96 -51.60 -22.44
CA SER E 293 53.67 -50.20 -22.70
C SER E 293 54.57 -49.72 -23.83
N PRO E 294 54.06 -48.93 -24.79
CA PRO E 294 54.91 -48.54 -25.91
C PRO E 294 56.00 -47.56 -25.47
N THR E 295 57.23 -48.03 -25.36
CA THR E 295 58.34 -47.18 -24.96
C THR E 295 58.67 -46.22 -26.09
N ILE E 296 58.84 -44.95 -25.74
CA ILE E 296 59.09 -43.90 -26.73
C ILE E 296 60.59 -43.68 -26.86
N LEU E 297 61.08 -43.69 -28.10
CA LEU E 297 62.51 -43.56 -28.35
C LEU E 297 63.00 -42.13 -28.14
N GLU E 298 62.25 -41.13 -28.61
CA GLU E 298 62.58 -39.75 -28.30
C GLU E 298 61.35 -38.88 -28.45
N VAL E 299 61.33 -37.77 -27.71
CA VAL E 299 60.30 -36.76 -27.84
C VAL E 299 60.92 -35.37 -27.70
N SER E 300 60.20 -34.37 -28.20
CA SER E 300 60.49 -32.98 -27.87
C SER E 300 59.18 -32.20 -27.82
N CYS E 301 59.08 -31.34 -26.81
CA CYS E 301 57.91 -30.51 -26.57
C CYS E 301 58.12 -29.11 -27.14
N THR E 302 57.09 -28.59 -27.81
CA THR E 302 57.07 -27.22 -28.33
C THR E 302 55.81 -26.56 -27.78
N VAL E 303 55.99 -25.51 -26.97
CA VAL E 303 54.85 -24.83 -26.38
C VAL E 303 54.27 -23.87 -27.42
N ALA E 304 52.97 -24.01 -27.69
CA ALA E 304 52.27 -23.11 -28.59
C ALA E 304 51.93 -21.83 -27.82
N ASP E 305 51.07 -21.00 -28.41
CA ASP E 305 50.62 -19.80 -27.71
C ASP E 305 49.91 -20.20 -26.42
N CYS E 306 50.51 -19.85 -25.28
CA CYS E 306 49.99 -20.20 -23.97
C CYS E 306 49.63 -18.93 -23.22
N ILE E 307 48.65 -19.04 -22.34
CA ILE E 307 48.12 -17.91 -21.57
C ILE E 307 47.72 -18.45 -20.21
N TYR E 308 48.07 -17.73 -19.15
CA TYR E 308 47.79 -18.20 -17.79
C TYR E 308 46.42 -17.65 -17.38
N SER E 309 45.39 -18.48 -17.60
CA SER E 309 44.01 -18.16 -17.28
C SER E 309 43.42 -19.30 -16.47
N ALA E 310 42.19 -19.09 -15.99
CA ALA E 310 41.53 -20.10 -15.18
C ALA E 310 41.19 -21.35 -15.99
N ASP E 311 41.09 -21.24 -17.31
CA ASP E 311 40.71 -22.34 -18.19
C ASP E 311 41.94 -22.91 -18.90
N PHE E 312 41.70 -23.92 -19.74
CA PHE E 312 42.77 -24.51 -20.53
C PHE E 312 43.17 -23.55 -21.64
N GLY E 313 43.82 -22.46 -21.28
CA GLY E 313 44.16 -21.41 -22.20
C GLY E 313 45.42 -21.61 -23.01
N GLY E 314 46.18 -22.68 -22.77
CA GLY E 314 47.41 -22.92 -23.47
C GLY E 314 47.40 -24.24 -24.20
N SER E 315 48.24 -24.33 -25.23
CA SER E 315 48.40 -25.53 -26.04
C SER E 315 49.88 -25.77 -26.31
N LEU E 316 50.19 -27.00 -26.68
CA LEU E 316 51.56 -27.41 -26.97
C LEU E 316 51.51 -28.62 -27.87
N THR E 317 52.68 -29.06 -28.34
CA THR E 317 52.78 -30.23 -29.21
C THR E 317 54.03 -31.01 -28.89
N LEU E 318 53.86 -32.31 -28.68
CA LEU E 318 54.97 -33.25 -28.49
C LEU E 318 55.19 -33.98 -29.81
N GLN E 319 56.39 -33.85 -30.38
CA GLN E 319 56.79 -34.65 -31.54
C GLN E 319 57.58 -35.84 -31.02
N TYR E 320 57.20 -37.04 -31.48
CA TYR E 320 57.64 -38.29 -30.88
C TYR E 320 58.02 -39.32 -31.93
N LYS E 321 59.10 -40.05 -31.64
CA LYS E 321 59.41 -41.33 -32.27
C LYS E 321 59.32 -42.40 -31.19
N ALA E 322 58.45 -43.38 -31.41
CA ALA E 322 58.26 -44.54 -30.54
C ALA E 322 58.46 -45.82 -31.36
N ASP E 323 58.23 -46.96 -30.70
CA ASP E 323 58.46 -48.27 -31.31
C ASP E 323 57.20 -48.98 -31.77
N ARG E 324 56.07 -48.76 -31.09
CA ARG E 324 54.84 -49.47 -31.42
C ARG E 324 53.65 -48.60 -31.06
N GLU E 325 52.46 -49.11 -31.36
CA GLU E 325 51.22 -48.37 -31.16
C GLU E 325 50.61 -48.73 -29.81
N GLY E 326 50.28 -47.73 -29.01
CA GLY E 326 49.66 -47.93 -27.72
C GLY E 326 49.04 -46.66 -27.16
N HIS E 327 48.95 -46.61 -25.84
CA HIS E 327 48.10 -45.64 -25.13
C HIS E 327 48.85 -45.01 -23.94
N CYS E 328 50.02 -44.44 -24.20
CA CYS E 328 50.79 -43.78 -23.14
C CYS E 328 49.91 -42.84 -22.32
N PRO E 329 50.07 -42.78 -21.00
CA PRO E 329 49.49 -41.67 -20.23
C PRO E 329 50.45 -40.50 -20.16
N VAL E 330 49.87 -39.30 -20.25
CA VAL E 330 50.62 -38.05 -20.24
C VAL E 330 50.31 -37.31 -18.95
N HIS E 331 51.35 -36.80 -18.29
CA HIS E 331 51.19 -36.12 -17.02
C HIS E 331 52.10 -34.90 -16.96
N SER E 332 51.58 -33.82 -16.38
CA SER E 332 52.36 -32.63 -16.08
C SER E 332 52.99 -32.78 -14.70
N HIS E 333 54.30 -32.64 -14.62
CA HIS E 333 55.02 -32.67 -13.35
C HIS E 333 55.09 -31.30 -12.70
N SER E 334 54.24 -30.36 -13.13
CA SER E 334 54.21 -29.01 -12.59
C SER E 334 53.02 -28.85 -11.66
N THR E 335 53.25 -28.21 -10.52
CA THR E 335 52.16 -27.82 -9.64
C THR E 335 51.45 -26.56 -10.12
N THR E 336 51.99 -25.87 -11.12
CA THR E 336 51.40 -24.66 -11.67
C THR E 336 50.93 -24.85 -13.11
N ALA E 337 50.83 -26.10 -13.57
CA ALA E 337 50.29 -26.38 -14.90
C ALA E 337 49.62 -27.74 -14.88
N VAL E 338 48.40 -27.82 -15.40
CA VAL E 338 47.62 -29.06 -15.45
C VAL E 338 47.15 -29.27 -16.88
N LEU E 339 47.32 -30.50 -17.37
CA LEU E 339 46.93 -30.85 -18.74
C LEU E 339 45.43 -31.06 -18.86
N LYS E 340 44.94 -30.91 -20.10
CA LYS E 340 43.57 -31.24 -20.43
C LYS E 340 43.36 -32.72 -20.73
N GLU E 341 44.43 -33.48 -20.97
CA GLU E 341 44.36 -34.87 -21.38
C GLU E 341 45.14 -35.76 -20.41
N ALA E 342 44.68 -37.00 -20.30
CA ALA E 342 45.28 -38.02 -19.44
C ALA E 342 46.13 -39.02 -20.21
N THR E 343 45.59 -39.58 -21.28
CA THR E 343 46.27 -40.59 -22.06
C THR E 343 45.83 -40.44 -23.51
N THR E 344 46.77 -40.66 -24.42
CA THR E 344 46.52 -40.49 -25.85
C THR E 344 47.02 -41.71 -26.58
N HIS E 345 46.32 -42.07 -27.66
CA HIS E 345 46.82 -43.14 -28.51
C HIS E 345 48.10 -42.67 -29.20
N VAL E 346 49.14 -43.50 -29.09
CA VAL E 346 50.48 -43.15 -29.57
C VAL E 346 50.81 -44.09 -30.72
N THR E 347 51.54 -43.57 -31.70
CA THR E 347 51.98 -44.33 -32.85
C THR E 347 53.50 -44.52 -32.78
N ALA E 348 54.06 -45.14 -33.82
CA ALA E 348 55.51 -45.29 -33.87
C ALA E 348 56.21 -43.96 -34.10
N VAL E 349 55.60 -43.07 -34.89
CA VAL E 349 56.18 -41.77 -35.21
C VAL E 349 55.04 -40.78 -35.42
N GLY E 350 55.25 -39.54 -35.00
CA GLY E 350 54.28 -38.50 -35.29
C GLY E 350 54.40 -37.32 -34.33
N SER E 351 53.27 -36.64 -34.11
CA SER E 351 53.20 -35.57 -33.14
C SER E 351 51.76 -35.42 -32.66
N ILE E 352 51.62 -35.14 -31.36
CA ILE E 352 50.31 -34.97 -30.72
C ILE E 352 50.25 -33.58 -30.09
N THR E 353 49.14 -32.89 -30.33
CA THR E 353 48.88 -31.60 -29.69
C THR E 353 48.04 -31.80 -28.43
N LEU E 354 48.29 -30.95 -27.44
CA LEU E 354 47.64 -31.07 -26.14
C LEU E 354 47.33 -29.67 -25.62
N HIS E 355 46.42 -29.61 -24.64
CA HIS E 355 46.00 -28.37 -24.01
C HIS E 355 46.28 -28.42 -22.52
N PHE E 356 46.40 -27.25 -21.92
CA PHE E 356 46.75 -27.13 -20.51
C PHE E 356 46.32 -25.78 -19.97
N SER E 357 46.19 -25.71 -18.64
CA SER E 357 45.92 -24.48 -17.92
C SER E 357 47.03 -24.23 -16.91
N THR E 358 47.44 -22.97 -16.79
CA THR E 358 48.52 -22.57 -15.89
C THR E 358 48.20 -21.22 -15.29
N SER E 359 48.89 -20.91 -14.18
CA SER E 359 48.77 -19.64 -13.49
C SER E 359 50.04 -18.81 -13.54
N SER E 360 51.14 -19.35 -14.07
CA SER E 360 52.41 -18.65 -14.09
C SER E 360 52.61 -17.90 -15.40
N PRO E 361 53.24 -16.73 -15.41
CA PRO E 361 53.56 -16.09 -16.69
C PRO E 361 54.50 -16.90 -17.55
N GLN E 362 55.30 -17.77 -16.94
CA GLN E 362 56.24 -18.63 -17.65
C GLN E 362 55.80 -20.07 -17.54
N ALA E 363 55.60 -20.74 -18.67
CA ALA E 363 55.37 -22.18 -18.72
C ALA E 363 56.72 -22.83 -19.05
N ASN E 364 57.41 -23.27 -18.01
CA ASN E 364 58.83 -23.64 -18.09
C ASN E 364 59.06 -25.01 -17.48
N PHE E 365 58.22 -25.97 -17.83
CA PHE E 365 58.03 -27.13 -16.96
C PHE E 365 58.18 -28.44 -17.72
N ILE E 366 58.00 -29.54 -16.96
CA ILE E 366 58.29 -30.89 -17.39
C ILE E 366 56.99 -31.59 -17.71
N VAL E 367 57.02 -32.48 -18.70
CA VAL E 367 55.90 -33.34 -19.04
C VAL E 367 56.43 -34.75 -19.30
N SER E 368 55.67 -35.73 -18.82
CA SER E 368 56.06 -37.14 -18.90
C SER E 368 55.04 -37.90 -19.74
N LEU E 369 55.55 -38.72 -20.67
CA LEU E 369 54.74 -39.59 -21.52
C LEU E 369 55.40 -40.96 -21.50
N CYS E 370 54.59 -42.01 -21.29
CA CYS E 370 55.08 -43.35 -20.95
C CYS E 370 56.28 -43.27 -20.01
N GLY E 371 56.17 -42.44 -18.97
CA GLY E 371 57.24 -42.30 -18.00
C GLY E 371 58.32 -41.32 -18.42
N LYS E 372 58.78 -41.40 -19.66
CA LYS E 372 59.93 -40.60 -20.07
C LYS E 372 59.54 -39.13 -20.11
N LYS E 373 60.47 -38.28 -19.69
CA LYS E 373 60.21 -36.89 -19.36
C LYS E 373 60.87 -35.95 -20.37
N THR E 374 60.35 -34.72 -20.43
CA THR E 374 60.94 -33.68 -21.27
C THR E 374 60.51 -32.32 -20.76
N THR E 375 61.45 -31.37 -20.75
CA THR E 375 61.16 -30.00 -20.36
C THR E 375 60.81 -29.18 -21.59
N CYS E 376 60.00 -28.15 -21.39
CA CYS E 376 59.78 -27.14 -22.43
C CYS E 376 59.36 -25.81 -21.83
N ASN E 377 59.60 -24.75 -22.61
CA ASN E 377 59.92 -23.40 -22.17
C ASN E 377 59.24 -22.38 -23.07
N ALA E 378 58.38 -21.55 -22.47
CA ALA E 378 57.75 -20.46 -23.22
C ALA E 378 57.15 -19.47 -22.22
N GLU E 379 56.76 -18.29 -22.74
CA GLU E 379 56.23 -17.19 -21.95
C GLU E 379 54.73 -17.12 -22.19
N CYS E 380 53.95 -17.27 -21.11
CA CYS E 380 52.49 -17.16 -21.21
C CYS E 380 52.09 -15.70 -20.96
N LYS E 381 51.35 -15.14 -21.90
CA LYS E 381 51.01 -13.73 -21.85
C LYS E 381 49.93 -13.47 -20.80
N PRO E 382 49.73 -12.21 -20.42
CA PRO E 382 48.65 -11.91 -19.48
C PRO E 382 47.32 -12.33 -20.07
N PRO E 383 46.37 -12.77 -19.23
CA PRO E 383 45.05 -13.18 -19.75
C PRO E 383 44.37 -12.03 -20.48
N ALA E 384 44.17 -12.20 -21.78
CA ALA E 384 43.48 -11.20 -22.57
C ALA E 384 42.04 -11.03 -22.10
N ASP E 385 41.36 -12.13 -21.82
CA ASP E 385 40.08 -12.07 -21.15
C ASP E 385 40.29 -11.68 -19.69
N HIS E 386 39.23 -11.24 -19.04
CA HIS E 386 39.34 -10.62 -17.72
C HIS E 386 38.59 -11.38 -16.63
N ILE E 387 37.39 -11.86 -16.91
CA ILE E 387 36.57 -12.57 -15.93
C ILE E 387 35.99 -13.82 -16.58
N ILE E 388 36.04 -14.94 -15.86
CA ILE E 388 35.56 -16.22 -16.34
C ILE E 388 34.65 -16.84 -15.28
N GLY E 389 33.59 -17.52 -15.74
CA GLY E 389 32.68 -18.19 -14.84
C GLY E 389 33.06 -19.63 -14.58
N GLU E 390 34.34 -19.88 -14.31
CA GLU E 390 34.86 -21.21 -14.03
C GLU E 390 36.07 -21.05 -13.12
N PRO E 391 36.18 -21.82 -12.04
CA PRO E 391 37.26 -21.57 -11.07
C PRO E 391 38.63 -21.85 -11.66
N HIS E 392 39.61 -21.11 -11.15
CA HIS E 392 41.01 -21.40 -11.46
C HIS E 392 41.34 -22.82 -11.05
N LYS E 393 41.59 -23.67 -12.04
CA LYS E 393 41.97 -25.06 -11.77
C LYS E 393 43.37 -25.19 -11.19
N VAL E 394 44.13 -24.11 -11.16
CA VAL E 394 45.52 -24.11 -10.72
C VAL E 394 45.75 -22.93 -9.78
N ASP E 395 46.54 -23.17 -8.73
CA ASP E 395 46.86 -22.12 -7.78
C ASP E 395 47.96 -21.20 -8.32
N PRO F 11 -25.02 -20.59 15.13
CA PRO F 11 -25.84 -19.45 14.71
C PRO F 11 -26.22 -18.58 15.91
N TYR F 12 -25.21 -18.19 16.69
CA TYR F 12 -25.37 -17.26 17.80
C TYR F 12 -25.01 -15.86 17.31
N LEU F 13 -25.00 -14.89 18.24
CA LEU F 13 -24.64 -13.52 17.93
C LEU F 13 -23.54 -13.04 18.87
N GLY F 14 -22.65 -12.22 18.32
CA GLY F 14 -21.54 -11.67 19.07
C GLY F 14 -21.60 -10.15 19.12
N PHE F 15 -20.84 -9.57 20.06
CA PHE F 15 -20.87 -8.14 20.32
C PHE F 15 -19.87 -7.46 19.39
N CYS F 16 -20.29 -7.22 18.15
CA CYS F 16 -19.41 -6.62 17.16
C CYS F 16 -19.02 -5.21 17.63
N PRO F 17 -17.74 -4.83 17.54
CA PRO F 17 -17.35 -3.47 17.97
C PRO F 17 -17.83 -2.38 17.04
N TYR F 18 -18.08 -2.67 15.76
CA TYR F 18 -18.53 -1.67 14.80
C TYR F 18 -19.65 -2.28 13.97
N CYS F 19 -20.89 -1.94 14.33
CA CYS F 19 -22.06 -2.33 13.57
C CYS F 19 -22.22 -1.39 12.39
N ARG F 20 -23.41 -1.40 11.78
CA ARG F 20 -23.69 -0.48 10.68
C ARG F 20 -23.41 0.96 11.08
N HIS F 21 -24.20 1.51 12.00
CA HIS F 21 -24.25 2.96 12.16
C HIS F 21 -22.91 3.55 12.63
N SER F 22 -22.52 3.39 13.90
CA SER F 22 -21.14 3.63 14.29
C SER F 22 -20.68 2.75 15.45
N ALA F 23 -21.66 2.29 16.31
CA ALA F 23 -21.29 1.84 17.64
C ALA F 23 -21.29 0.31 17.72
N PRO F 24 -20.69 -0.25 18.78
CA PRO F 24 -20.79 -1.70 18.99
C PRO F 24 -22.23 -2.13 19.20
N CYS F 25 -22.56 -3.34 18.76
CA CYS F 25 -23.84 -3.93 19.12
C CYS F 25 -23.78 -5.43 18.86
N PHE F 26 -24.83 -6.13 19.31
CA PHE F 26 -24.86 -7.58 19.28
C PHE F 26 -25.54 -8.01 17.99
N SER F 27 -24.75 -8.59 17.08
CA SER F 27 -25.21 -8.98 15.75
C SER F 27 -24.81 -10.41 15.44
N PRO F 28 -25.54 -11.11 14.57
CA PRO F 28 -25.13 -12.46 14.16
C PRO F 28 -23.84 -12.50 13.36
N ILE F 29 -23.35 -11.38 12.85
CA ILE F 29 -22.31 -11.35 11.84
C ILE F 29 -20.98 -10.86 12.41
N LYS F 30 -20.75 -11.05 13.71
CA LYS F 30 -19.51 -10.57 14.31
C LYS F 30 -18.33 -11.39 13.80
N ILE F 31 -17.31 -10.69 13.29
CA ILE F 31 -16.05 -11.34 12.98
C ILE F 31 -15.27 -11.50 14.29
N GLU F 32 -14.86 -12.73 14.58
CA GLU F 32 -14.13 -13.01 15.81
C GLU F 32 -12.64 -13.18 15.60
N ASN F 33 -12.21 -13.66 14.43
CA ASN F 33 -10.80 -13.80 14.10
C ASN F 33 -10.66 -13.77 12.59
N VAL F 34 -9.45 -13.46 12.14
CA VAL F 34 -9.14 -13.34 10.73
C VAL F 34 -7.75 -13.89 10.47
N TRP F 35 -7.60 -14.62 9.37
CA TRP F 35 -6.33 -15.21 8.98
C TRP F 35 -6.01 -14.80 7.55
N ASP F 36 -4.72 -14.49 7.30
CA ASP F 36 -4.29 -14.04 5.99
C ASP F 36 -2.93 -14.63 5.58
N GLU F 37 -2.52 -15.75 6.17
CA GLU F 37 -1.18 -16.27 5.92
C GLU F 37 -1.01 -16.84 4.52
N SER F 38 -2.11 -17.04 3.78
CA SER F 38 -2.02 -17.61 2.44
C SER F 38 -1.23 -16.69 1.52
N ASP F 39 -0.40 -17.29 0.66
CA ASP F 39 0.53 -16.53 -0.16
C ASP F 39 -0.14 -15.75 -1.28
N ASP F 40 -1.32 -16.15 -1.73
CA ASP F 40 -2.00 -15.42 -2.80
C ASP F 40 -2.75 -14.18 -2.29
N GLY F 41 -2.80 -13.96 -0.98
CA GLY F 41 -3.59 -12.89 -0.41
C GLY F 41 -4.99 -13.28 0.02
N SER F 42 -5.39 -14.54 -0.20
CA SER F 42 -6.69 -15.00 0.28
C SER F 42 -6.71 -14.98 1.81
N ILE F 43 -7.87 -14.68 2.37
CA ILE F 43 -8.04 -14.49 3.80
C ILE F 43 -9.20 -15.34 4.29
N ARG F 44 -9.00 -15.97 5.44
CA ARG F 44 -10.01 -16.79 6.11
C ARG F 44 -10.58 -16.00 7.28
N ILE F 45 -11.90 -16.02 7.42
CA ILE F 45 -12.62 -15.25 8.41
C ILE F 45 -13.49 -16.22 9.19
N GLN F 46 -13.87 -15.83 10.42
CA GLN F 46 -14.80 -16.64 11.18
C GLN F 46 -15.80 -15.74 11.88
N VAL F 47 -17.07 -16.14 11.80
CA VAL F 47 -18.20 -15.41 12.34
C VAL F 47 -19.09 -16.38 13.10
N SER F 48 -20.17 -15.84 13.67
CA SER F 48 -21.11 -16.60 14.48
C SER F 48 -22.21 -17.28 13.66
N ALA F 49 -22.35 -16.94 12.38
CA ALA F 49 -23.38 -17.50 11.54
C ALA F 49 -22.96 -18.87 11.00
N GLN F 50 -23.94 -19.63 10.55
CA GLN F 50 -23.74 -20.95 9.96
C GLN F 50 -24.07 -20.87 8.48
N PHE F 51 -23.04 -20.89 7.62
CA PHE F 51 -23.25 -20.78 6.19
C PHE F 51 -23.27 -22.16 5.54
N GLY F 52 -24.05 -22.27 4.46
CA GLY F 52 -24.27 -23.54 3.79
C GLY F 52 -25.29 -24.42 4.47
N TYR F 53 -26.19 -23.86 5.27
CA TYR F 53 -27.09 -24.63 6.13
C TYR F 53 -28.46 -23.98 6.21
N ASN F 54 -29.50 -24.81 6.24
CA ASN F 54 -30.87 -24.35 6.40
C ASN F 54 -31.22 -24.33 7.89
N GLN F 55 -32.52 -24.23 8.22
CA GLN F 55 -32.95 -24.16 9.62
C GLN F 55 -32.42 -25.36 10.41
N ALA F 56 -32.63 -26.57 9.90
CA ALA F 56 -32.24 -27.78 10.63
C ALA F 56 -30.74 -28.08 10.53
N GLY F 57 -30.00 -27.35 9.70
CA GLY F 57 -28.58 -27.60 9.54
C GLY F 57 -28.21 -28.47 8.36
N THR F 58 -29.16 -28.82 7.50
CA THR F 58 -28.86 -29.64 6.34
C THR F 58 -27.98 -28.87 5.37
N ALA F 59 -26.99 -29.55 4.80
CA ALA F 59 -26.02 -28.88 3.93
C ALA F 59 -26.70 -28.39 2.65
N ASP F 60 -26.62 -27.08 2.41
CA ASP F 60 -27.12 -26.48 1.19
C ASP F 60 -26.43 -25.15 0.95
N VAL F 61 -25.64 -25.08 -0.13
CA VAL F 61 -24.77 -23.93 -0.33
C VAL F 61 -25.58 -22.66 -0.57
N THR F 62 -26.73 -22.78 -1.24
CA THR F 62 -27.44 -21.61 -1.73
C THR F 62 -27.94 -20.71 -0.60
N LYS F 63 -28.13 -21.25 0.60
CA LYS F 63 -28.70 -20.50 1.70
C LYS F 63 -27.96 -20.80 3.00
N PHE F 64 -28.18 -19.93 3.98
CA PHE F 64 -27.55 -20.00 5.29
C PHE F 64 -28.54 -19.64 6.37
N ARG F 65 -28.26 -20.13 7.58
CA ARG F 65 -29.01 -19.82 8.79
C ARG F 65 -28.20 -18.87 9.66
N TYR F 66 -28.88 -18.14 10.54
CA TYR F 66 -28.21 -17.20 11.42
C TYR F 66 -29.19 -16.75 12.51
N MET F 67 -28.67 -15.92 13.41
CA MET F 67 -29.31 -15.62 14.67
C MET F 67 -30.28 -14.46 14.45
N SER F 68 -31.41 -14.50 15.17
CA SER F 68 -32.51 -13.58 14.90
C SER F 68 -32.61 -12.49 15.96
N PHE F 69 -33.22 -11.38 15.56
CA PHE F 69 -33.49 -10.23 16.42
C PHE F 69 -34.92 -10.25 16.95
N ASP F 70 -35.27 -11.22 17.79
CA ASP F 70 -36.60 -11.28 18.36
C ASP F 70 -36.51 -11.92 19.74
N HIS F 71 -37.66 -11.97 20.43
CA HIS F 71 -37.67 -12.42 21.82
C HIS F 71 -37.78 -13.93 21.94
N ASP F 72 -38.57 -14.58 21.09
CA ASP F 72 -38.47 -16.02 20.96
C ASP F 72 -37.11 -16.44 20.43
N HIS F 73 -36.44 -15.52 19.73
CA HIS F 73 -35.05 -15.62 19.27
C HIS F 73 -34.75 -16.98 18.63
N ASP F 74 -35.46 -17.23 17.52
CA ASP F 74 -35.24 -18.43 16.73
C ASP F 74 -34.09 -18.17 15.75
N ILE F 75 -33.89 -19.11 14.81
CA ILE F 75 -32.88 -19.00 13.77
C ILE F 75 -33.59 -18.77 12.45
N LYS F 76 -33.13 -17.76 11.70
CA LYS F 76 -33.74 -17.42 10.41
C LYS F 76 -32.67 -17.40 9.33
N GLU F 77 -33.12 -17.48 8.07
CA GLU F 77 -32.25 -17.86 6.96
C GLU F 77 -32.28 -16.82 5.85
N ASP F 78 -31.23 -16.86 5.02
CA ASP F 78 -31.08 -15.95 3.89
C ASP F 78 -30.20 -16.66 2.85
N SER F 79 -29.85 -15.93 1.78
CA SER F 79 -29.23 -16.51 0.59
C SER F 79 -27.81 -15.97 0.38
N MET F 80 -27.05 -16.69 -0.46
CA MET F 80 -25.67 -16.32 -0.73
C MET F 80 -25.56 -14.97 -1.44
N ASP F 81 -26.58 -14.61 -2.22
CA ASP F 81 -26.52 -13.35 -2.95
C ASP F 81 -26.48 -12.15 -2.00
N LYS F 82 -27.03 -12.28 -0.80
CA LYS F 82 -27.24 -11.14 0.08
C LYS F 82 -26.07 -10.88 1.03
N ILE F 83 -25.05 -11.74 1.05
CA ILE F 83 -23.84 -11.51 1.85
C ILE F 83 -22.77 -10.89 0.98
N ALA F 84 -22.15 -9.82 1.49
CA ALA F 84 -21.01 -9.19 0.84
C ALA F 84 -19.93 -8.96 1.88
N ILE F 85 -18.68 -8.93 1.43
CA ILE F 85 -17.53 -8.69 2.29
C ILE F 85 -16.67 -7.64 1.60
N SER F 86 -15.98 -6.81 2.39
CA SER F 86 -15.22 -5.70 1.84
C SER F 86 -14.20 -5.21 2.85
N THR F 87 -13.00 -4.84 2.36
CA THR F 87 -11.99 -4.18 3.18
C THR F 87 -11.75 -2.74 2.71
N SER F 88 -11.35 -2.57 1.46
CA SER F 88 -11.29 -1.27 0.80
C SER F 88 -12.23 -1.22 -0.39
N GLY F 89 -12.14 -2.20 -1.29
CA GLY F 89 -13.15 -2.46 -2.27
C GLY F 89 -13.91 -3.72 -1.89
N PRO F 90 -14.94 -4.08 -2.65
CA PRO F 90 -15.71 -5.28 -2.33
C PRO F 90 -14.84 -6.53 -2.42
N CYS F 91 -15.07 -7.46 -1.49
CA CYS F 91 -14.40 -8.76 -1.50
C CYS F 91 -15.26 -9.78 -2.24
N ARG F 92 -14.59 -10.62 -3.01
CA ARG F 92 -15.22 -11.73 -3.73
C ARG F 92 -15.14 -12.98 -2.87
N ARG F 93 -16.27 -13.58 -2.59
CA ARG F 93 -16.31 -14.82 -1.82
C ARG F 93 -15.64 -15.94 -2.61
N LEU F 94 -14.84 -16.75 -1.92
CA LEU F 94 -14.30 -17.98 -2.48
C LEU F 94 -14.90 -19.22 -1.86
N GLY F 95 -15.36 -19.17 -0.62
CA GLY F 95 -16.06 -20.31 -0.04
C GLY F 95 -16.57 -20.00 1.35
N HIS F 96 -17.48 -20.86 1.81
CA HIS F 96 -18.14 -20.68 3.09
C HIS F 96 -18.52 -22.04 3.66
N LYS F 97 -18.24 -22.25 4.95
CA LYS F 97 -18.77 -23.40 5.68
C LYS F 97 -19.02 -22.97 7.12
N GLY F 98 -20.28 -22.96 7.52
CA GLY F 98 -20.60 -22.72 8.92
C GLY F 98 -20.09 -21.36 9.38
N TYR F 99 -19.21 -21.38 10.38
CA TYR F 99 -18.64 -20.15 10.92
C TYR F 99 -17.68 -19.48 9.96
N PHE F 100 -17.10 -20.22 9.02
CA PHE F 100 -15.87 -19.81 8.37
C PHE F 100 -16.10 -19.40 6.93
N LEU F 101 -15.32 -18.40 6.50
CA LEU F 101 -15.35 -17.83 5.17
C LEU F 101 -13.94 -17.84 4.61
N LEU F 102 -13.83 -17.88 3.28
CA LEU F 102 -12.58 -17.58 2.60
C LEU F 102 -12.86 -16.67 1.41
N ALA F 103 -12.09 -15.60 1.29
CA ALA F 103 -12.28 -14.62 0.23
C ALA F 103 -10.96 -13.97 -0.14
N GLN F 104 -10.87 -13.49 -1.39
CA GLN F 104 -9.72 -12.76 -1.89
C GLN F 104 -10.15 -11.33 -2.17
N CYS F 105 -9.41 -10.35 -1.63
CA CYS F 105 -9.81 -8.97 -1.86
C CYS F 105 -8.72 -7.98 -1.46
N PRO F 106 -8.78 -6.72 -1.94
CA PRO F 106 -7.57 -5.92 -2.02
C PRO F 106 -7.06 -5.51 -0.65
N PRO F 107 -5.91 -4.86 -0.57
CA PRO F 107 -5.37 -4.44 0.73
C PRO F 107 -6.26 -3.41 1.41
N GLY F 108 -6.19 -3.39 2.73
CA GLY F 108 -6.96 -2.45 3.52
C GLY F 108 -6.54 -2.50 4.97
N ASP F 109 -7.22 -1.67 5.78
CA ASP F 109 -6.94 -1.61 7.21
C ASP F 109 -7.98 -2.33 8.06
N SER F 110 -9.15 -2.63 7.53
CA SER F 110 -10.19 -3.32 8.27
C SER F 110 -10.99 -4.18 7.31
N VAL F 111 -11.72 -5.14 7.89
CA VAL F 111 -12.56 -6.06 7.12
C VAL F 111 -13.99 -5.90 7.61
N THR F 112 -14.94 -6.08 6.69
CA THR F 112 -16.36 -5.87 6.96
C THR F 112 -17.16 -6.95 6.27
N VAL F 113 -18.18 -7.46 6.95
CA VAL F 113 -19.14 -8.40 6.37
C VAL F 113 -20.54 -7.85 6.58
N SER F 114 -21.35 -7.89 5.52
CA SER F 114 -22.67 -7.26 5.52
C SER F 114 -23.70 -8.18 4.88
N ILE F 115 -24.78 -8.44 5.63
CA ILE F 115 -25.97 -9.10 5.09
C ILE F 115 -26.96 -8.02 4.69
N THR F 116 -27.39 -8.04 3.43
CA THR F 116 -28.28 -7.03 2.88
C THR F 116 -29.65 -7.65 2.64
N SER F 117 -30.46 -7.72 3.69
CA SER F 117 -31.86 -8.16 3.59
C SER F 117 -32.71 -6.95 3.19
N GLY F 118 -32.71 -6.67 1.89
CA GLY F 118 -33.36 -5.47 1.40
C GLY F 118 -32.72 -4.24 1.99
N ALA F 119 -33.54 -3.34 2.52
CA ALA F 119 -33.02 -2.17 3.20
C ALA F 119 -32.35 -2.51 4.52
N SER F 120 -32.64 -3.68 5.10
CA SER F 120 -31.98 -4.12 6.32
C SER F 120 -30.57 -4.59 6.00
N GLU F 121 -29.63 -3.67 5.87
CA GLU F 121 -28.23 -4.02 5.62
C GLU F 121 -27.50 -3.93 6.94
N ASN F 122 -27.17 -5.09 7.50
CA ASN F 122 -26.47 -5.20 8.77
C ASN F 122 -25.02 -5.56 8.50
N SER F 123 -24.09 -4.71 8.97
CA SER F 123 -22.68 -4.87 8.68
C SER F 123 -21.87 -4.83 9.97
N CYS F 124 -20.88 -5.72 10.06
CA CYS F 124 -19.91 -5.72 11.15
C CYS F 124 -18.51 -5.52 10.58
N THR F 125 -17.75 -4.63 11.22
CA THR F 125 -16.39 -4.28 10.79
C THR F 125 -15.43 -4.51 11.93
N VAL F 126 -14.25 -5.05 11.62
CA VAL F 126 -13.19 -5.26 12.59
C VAL F 126 -11.85 -4.91 11.95
N GLU F 127 -10.98 -4.27 12.72
CA GLU F 127 -9.69 -3.81 12.20
C GLU F 127 -8.76 -5.00 11.94
N LYS F 128 -8.10 -4.98 10.79
CA LYS F 128 -7.07 -5.96 10.47
C LYS F 128 -6.26 -5.40 9.31
N LYS F 129 -4.97 -5.14 9.54
CA LYS F 129 -4.10 -4.58 8.50
C LYS F 129 -3.72 -5.71 7.55
N ILE F 130 -4.39 -5.76 6.40
CA ILE F 130 -4.12 -6.75 5.36
C ILE F 130 -3.30 -6.07 4.27
N ARG F 131 -2.17 -6.68 3.93
CA ARG F 131 -1.25 -6.13 2.94
C ARG F 131 -1.17 -7.05 1.71
N ARG F 132 -0.94 -6.43 0.57
CA ARG F 132 -0.59 -7.15 -0.66
C ARG F 132 0.73 -7.88 -0.42
N LYS F 133 0.67 -9.22 -0.35
CA LYS F 133 1.86 -10.04 -0.14
C LYS F 133 2.12 -10.88 -1.38
N PHE F 134 3.41 -10.98 -1.72
CA PHE F 134 3.88 -11.74 -2.87
C PHE F 134 4.88 -12.79 -2.38
N VAL F 135 5.33 -13.63 -3.32
CA VAL F 135 6.35 -14.63 -3.05
C VAL F 135 7.46 -14.47 -4.07
N GLY F 136 8.65 -14.93 -3.70
CA GLY F 136 9.83 -14.76 -4.53
C GLY F 136 10.60 -13.51 -4.16
N ARG F 137 11.56 -13.19 -5.02
CA ARG F 137 12.49 -12.09 -4.80
C ARG F 137 12.16 -10.84 -5.59
N GLU F 138 11.05 -10.84 -6.34
CA GLU F 138 10.60 -9.66 -7.08
C GLU F 138 9.17 -9.34 -6.65
N GLU F 139 8.96 -8.09 -6.23
CA GLU F 139 7.60 -7.65 -5.94
C GLU F 139 6.78 -7.58 -7.23
N TYR F 140 5.50 -7.90 -7.11
CA TYR F 140 4.61 -7.86 -8.27
C TYR F 140 3.17 -7.71 -7.82
N LEU F 141 2.43 -6.90 -8.56
CA LEU F 141 0.97 -6.87 -8.42
C LEU F 141 0.36 -8.22 -8.72
N PHE F 142 0.82 -8.87 -9.78
CA PHE F 142 0.11 -10.01 -10.36
C PHE F 142 1.09 -11.15 -10.61
N PRO F 143 0.79 -12.37 -10.13
CA PRO F 143 1.48 -13.57 -10.65
C PRO F 143 1.55 -13.55 -12.17
N PRO F 144 2.77 -13.57 -12.75
CA PRO F 144 2.88 -13.40 -14.21
C PRO F 144 2.41 -14.63 -14.96
N VAL F 145 2.10 -14.43 -16.25
CA VAL F 145 1.74 -15.55 -17.11
C VAL F 145 2.94 -16.47 -17.33
N HIS F 146 4.13 -15.91 -17.49
CA HIS F 146 5.36 -16.66 -17.70
C HIS F 146 6.31 -16.37 -16.55
N GLY F 147 6.87 -17.44 -15.97
CA GLY F 147 7.79 -17.27 -14.86
C GLY F 147 8.11 -18.61 -14.23
N LYS F 148 9.04 -18.57 -13.28
CA LYS F 148 9.46 -19.78 -12.60
C LYS F 148 8.36 -20.26 -11.66
N LEU F 149 8.20 -21.58 -11.58
CA LEU F 149 7.24 -22.21 -10.68
C LEU F 149 7.98 -22.52 -9.38
N VAL F 150 7.72 -21.71 -8.35
CA VAL F 150 8.43 -21.81 -7.08
C VAL F 150 7.46 -22.32 -6.01
N LYS F 151 8.01 -22.94 -4.97
CA LYS F 151 7.22 -23.55 -3.91
C LYS F 151 6.52 -22.44 -3.11
N CYS F 152 5.19 -22.52 -3.03
CA CYS F 152 4.38 -21.57 -2.28
C CYS F 152 3.35 -22.35 -1.46
N HIS F 153 2.68 -21.64 -0.55
CA HIS F 153 1.67 -22.26 0.31
C HIS F 153 0.43 -21.38 0.30
N VAL F 154 -0.69 -21.97 -0.12
CA VAL F 154 -1.93 -21.25 -0.39
C VAL F 154 -3.11 -22.04 0.19
N TYR F 155 -4.15 -21.31 0.58
CA TYR F 155 -5.35 -21.95 1.10
C TYR F 155 -5.95 -22.86 0.04
N ASP F 156 -6.34 -24.06 0.45
CA ASP F 156 -7.00 -25.00 -0.45
C ASP F 156 -8.47 -24.62 -0.58
N HIS F 157 -8.91 -24.34 -1.80
CA HIS F 157 -10.30 -23.98 -2.05
C HIS F 157 -11.26 -25.13 -1.76
N LEU F 158 -10.76 -26.35 -1.60
CA LEU F 158 -11.61 -27.50 -1.28
C LEU F 158 -12.27 -27.26 0.07
N LYS F 159 -13.61 -27.25 0.08
CA LYS F 159 -14.35 -26.87 1.28
C LYS F 159 -14.38 -27.98 2.33
N GLU F 160 -13.96 -29.20 1.97
CA GLU F 160 -13.97 -30.33 2.88
C GLU F 160 -12.62 -30.58 3.54
N THR F 161 -11.68 -29.64 3.42
CA THR F 161 -10.37 -29.79 4.04
C THR F 161 -10.47 -29.51 5.53
N SER F 162 -9.32 -29.44 6.21
CA SER F 162 -9.30 -29.13 7.64
C SER F 162 -7.93 -28.58 8.01
N ALA F 163 -7.86 -27.28 8.30
CA ALA F 163 -6.66 -26.67 8.87
C ALA F 163 -6.47 -27.02 10.34
N GLY F 164 -7.46 -27.62 10.98
CA GLY F 164 -7.43 -27.90 12.41
C GLY F 164 -8.81 -28.28 12.90
N TYR F 165 -9.10 -27.89 14.14
CA TYR F 165 -10.41 -28.14 14.72
C TYR F 165 -10.72 -27.07 15.75
N ILE F 166 -12.01 -26.92 16.03
CA ILE F 166 -12.52 -25.92 16.98
C ILE F 166 -13.52 -26.60 17.89
N THR F 167 -13.44 -26.24 19.18
CA THR F 167 -14.30 -26.80 20.22
C THR F 167 -15.46 -25.87 20.48
N MET F 168 -16.67 -26.44 20.56
CA MET F 168 -17.86 -25.73 20.97
C MET F 168 -18.52 -26.46 22.14
N HIS F 169 -19.40 -25.75 22.83
CA HIS F 169 -19.96 -26.18 24.11
C HIS F 169 -21.46 -25.93 24.11
N ARG F 170 -22.10 -26.28 25.21
CA ARG F 170 -23.53 -26.05 25.33
C ARG F 170 -23.81 -24.55 25.44
N PRO F 171 -24.94 -24.06 24.92
CA PRO F 171 -25.21 -22.62 24.99
C PRO F 171 -25.31 -22.14 26.44
N GLY F 172 -24.90 -20.90 26.64
CA GLY F 172 -24.90 -20.29 27.95
C GLY F 172 -26.23 -19.61 28.25
N PRO F 173 -26.24 -18.73 29.25
CA PRO F 173 -27.48 -18.01 29.58
C PRO F 173 -27.93 -17.17 28.41
N HIS F 174 -29.26 -17.05 28.25
CA HIS F 174 -29.79 -16.08 27.30
C HIS F 174 -31.06 -15.49 27.91
N ALA F 175 -30.88 -14.39 28.65
CA ALA F 175 -31.94 -13.82 29.46
C ALA F 175 -32.77 -12.83 28.65
N TYR F 176 -34.00 -12.59 29.12
CA TYR F 176 -34.89 -11.61 28.50
C TYR F 176 -35.71 -10.92 29.57
N LYS F 177 -36.10 -9.67 29.28
CA LYS F 177 -37.09 -8.94 30.05
C LYS F 177 -38.42 -8.82 29.33
N SER F 178 -38.49 -9.16 28.04
CA SER F 178 -39.77 -9.42 27.42
C SER F 178 -40.43 -10.65 28.02
N TYR F 179 -39.64 -11.64 28.41
CA TYR F 179 -40.17 -12.76 29.19
C TYR F 179 -40.76 -12.28 30.50
N LEU F 180 -40.19 -11.24 31.08
CA LEU F 180 -40.70 -10.66 32.33
C LEU F 180 -41.76 -9.62 32.00
N GLU F 181 -42.65 -9.38 32.96
CA GLU F 181 -43.73 -8.43 32.79
C GLU F 181 -44.03 -7.79 34.14
N GLU F 182 -44.13 -6.45 34.15
CA GLU F 182 -44.36 -5.66 35.34
C GLU F 182 -45.75 -5.05 35.30
N ALA F 183 -46.52 -5.26 36.36
CA ALA F 183 -47.87 -4.70 36.46
C ALA F 183 -48.19 -4.49 37.93
N SER F 184 -48.55 -3.25 38.29
CA SER F 184 -48.87 -2.90 39.67
C SER F 184 -47.71 -3.22 40.61
N GLY F 185 -46.49 -2.98 40.14
CA GLY F 185 -45.32 -3.29 40.95
C GLY F 185 -45.19 -4.75 41.29
N GLU F 186 -45.31 -5.63 40.29
CA GLU F 186 -45.35 -7.06 40.54
C GLU F 186 -44.78 -7.77 39.31
N VAL F 187 -44.16 -8.92 39.52
CA VAL F 187 -43.41 -9.60 38.45
C VAL F 187 -44.13 -10.86 38.00
N TYR F 188 -44.25 -11.00 36.68
CA TYR F 188 -44.81 -12.17 36.03
C TYR F 188 -43.86 -12.63 34.93
N ILE F 189 -43.95 -13.90 34.57
CA ILE F 189 -43.19 -14.49 33.47
C ILE F 189 -44.19 -14.96 32.41
N LYS F 190 -43.97 -14.54 31.16
CA LYS F 190 -44.83 -14.91 30.04
C LYS F 190 -43.98 -15.67 29.03
N PRO F 191 -43.89 -17.00 29.13
CA PRO F 191 -43.12 -17.75 28.16
C PRO F 191 -43.79 -17.73 26.80
N PRO F 192 -43.05 -18.03 25.74
CA PRO F 192 -43.72 -18.28 24.45
C PRO F 192 -44.62 -19.50 24.54
N SER F 193 -45.64 -19.53 23.68
CA SER F 193 -46.68 -20.54 23.79
C SER F 193 -46.11 -21.95 23.72
N GLY F 194 -46.48 -22.79 24.69
CA GLY F 194 -46.08 -24.17 24.70
C GLY F 194 -44.63 -24.44 25.03
N LYS F 195 -43.91 -23.46 25.58
CA LYS F 195 -42.49 -23.59 25.87
C LYS F 195 -42.26 -23.51 27.38
N ASN F 196 -41.48 -24.45 27.90
CA ASN F 196 -41.07 -24.47 29.31
C ASN F 196 -39.86 -23.57 29.47
N VAL F 197 -40.05 -22.40 30.09
CA VAL F 197 -39.01 -21.41 30.29
C VAL F 197 -38.53 -21.44 31.73
N THR F 198 -37.22 -21.54 31.93
CA THR F 198 -36.64 -21.58 33.26
C THR F 198 -36.50 -20.16 33.79
N TYR F 199 -37.12 -19.89 34.93
CA TYR F 199 -37.06 -18.61 35.63
C TYR F 199 -36.32 -18.76 36.95
N GLU F 200 -35.75 -17.64 37.40
CA GLU F 200 -35.04 -17.63 38.67
C GLU F 200 -34.99 -16.18 39.15
N CYS F 201 -35.18 -15.98 40.45
CA CYS F 201 -35.28 -14.63 40.99
C CYS F 201 -34.80 -14.62 42.44
N LYS F 202 -34.62 -13.41 42.96
CA LYS F 202 -34.29 -13.22 44.38
C LYS F 202 -34.87 -11.89 44.82
N CYS F 203 -35.85 -11.95 45.71
CA CYS F 203 -36.54 -10.79 46.27
C CYS F 203 -36.48 -10.85 47.79
N GLY F 204 -35.27 -11.01 48.30
CA GLY F 204 -35.06 -11.55 49.63
C GLY F 204 -34.50 -12.95 49.47
N ASP F 205 -35.33 -13.97 49.67
CA ASP F 205 -34.89 -15.33 49.41
C ASP F 205 -34.66 -15.54 47.92
N TYR F 206 -33.69 -16.38 47.61
CA TYR F 206 -33.38 -16.78 46.25
C TYR F 206 -34.19 -18.02 45.88
N SER F 207 -34.98 -17.93 44.81
CA SER F 207 -35.90 -19.01 44.43
C SER F 207 -35.88 -19.19 42.92
N THR F 208 -35.98 -20.46 42.50
CA THR F 208 -35.84 -20.87 41.10
C THR F 208 -37.14 -21.52 40.63
N GLY F 209 -37.16 -21.93 39.38
CA GLY F 209 -38.25 -22.75 38.88
C GLY F 209 -38.30 -22.75 37.37
N ILE F 210 -39.26 -23.50 36.84
CA ILE F 210 -39.55 -23.54 35.41
C ILE F 210 -41.05 -23.35 35.24
N VAL F 211 -41.45 -22.40 34.39
CA VAL F 211 -42.85 -22.13 34.11
C VAL F 211 -43.06 -22.17 32.61
N SER F 212 -44.14 -22.82 32.18
CA SER F 212 -44.50 -22.93 30.78
C SER F 212 -45.63 -22.01 30.36
N THR F 213 -46.21 -21.25 31.28
CA THR F 213 -47.34 -20.38 31.00
C THR F 213 -47.19 -19.08 31.78
N ARG F 214 -48.14 -18.17 31.56
CA ARG F 214 -48.16 -16.90 32.28
C ARG F 214 -48.24 -17.16 33.78
N THR F 215 -47.16 -16.79 34.50
CA THR F 215 -47.00 -17.16 35.89
C THR F 215 -46.67 -15.95 36.75
N LYS F 216 -47.42 -15.80 37.84
CA LYS F 216 -47.19 -14.81 38.87
C LYS F 216 -45.99 -15.22 39.73
N MET F 217 -45.31 -14.23 40.32
CA MET F 217 -44.42 -14.47 41.45
C MET F 217 -44.80 -13.55 42.58
N ASN F 218 -44.52 -13.97 43.82
CA ASN F 218 -44.85 -13.18 45.00
C ASN F 218 -43.60 -12.55 45.63
N GLY F 219 -43.82 -11.49 46.38
CA GLY F 219 -42.76 -10.86 47.15
C GLY F 219 -41.80 -10.03 46.32
N CYS F 220 -42.13 -9.78 45.06
CA CYS F 220 -41.25 -9.10 44.11
C CYS F 220 -41.93 -7.86 43.58
N THR F 221 -41.21 -6.73 43.61
CA THR F 221 -41.72 -5.46 43.12
C THR F 221 -40.91 -4.89 41.96
N LYS F 222 -39.67 -5.33 41.76
CA LYS F 222 -38.81 -4.82 40.70
C LYS F 222 -38.48 -5.97 39.74
N ALA F 223 -38.60 -5.69 38.44
CA ALA F 223 -38.29 -6.70 37.44
C ALA F 223 -36.80 -6.98 37.33
N LYS F 224 -35.95 -6.05 37.77
CA LYS F 224 -34.51 -6.25 37.73
C LYS F 224 -34.04 -7.40 38.61
N GLN F 225 -34.85 -7.81 39.58
CA GLN F 225 -34.48 -8.85 40.52
C GLN F 225 -34.70 -10.27 39.99
N CYS F 226 -35.43 -10.42 38.88
CA CYS F 226 -35.77 -11.73 38.34
C CYS F 226 -35.24 -11.85 36.92
N ILE F 227 -35.06 -13.11 36.49
CA ILE F 227 -34.53 -13.42 35.17
C ILE F 227 -35.28 -14.65 34.65
N ALA F 228 -35.44 -14.71 33.33
CA ALA F 228 -36.06 -15.87 32.68
C ALA F 228 -35.35 -16.14 31.37
N TYR F 229 -35.30 -17.42 31.00
CA TYR F 229 -34.62 -17.84 29.78
C TYR F 229 -35.10 -19.23 29.40
N LYS F 230 -35.20 -19.48 28.10
CA LYS F 230 -35.66 -20.77 27.61
C LYS F 230 -34.60 -21.84 27.87
N SER F 231 -35.06 -23.04 28.21
CA SER F 231 -34.17 -24.16 28.48
C SER F 231 -33.73 -24.76 27.14
N ASP F 232 -32.70 -24.14 26.55
CA ASP F 232 -32.15 -24.53 25.26
C ASP F 232 -30.80 -25.23 25.46
N GLN F 233 -30.77 -26.52 25.19
CA GLN F 233 -29.55 -27.26 24.93
C GLN F 233 -29.51 -27.86 23.53
N THR F 234 -30.45 -27.47 22.65
CA THR F 234 -30.53 -28.00 21.30
C THR F 234 -29.52 -27.37 20.34
N LYS F 235 -28.57 -26.57 20.84
CA LYS F 235 -27.55 -25.93 20.02
C LYS F 235 -26.20 -26.25 20.61
N TRP F 236 -25.15 -26.03 19.83
CA TRP F 236 -23.77 -25.95 20.29
C TRP F 236 -23.21 -24.60 19.84
N VAL F 237 -22.58 -23.87 20.77
CA VAL F 237 -22.05 -22.53 20.51
C VAL F 237 -20.54 -22.56 20.73
N PHE F 238 -19.81 -21.86 19.86
CA PHE F 238 -18.37 -21.74 20.04
C PHE F 238 -18.05 -21.08 21.39
N ASN F 239 -16.87 -21.40 21.92
CA ASN F 239 -16.43 -20.80 23.18
C ASN F 239 -16.08 -19.33 22.96
N SER F 240 -17.08 -18.51 22.75
CA SER F 240 -16.87 -17.11 22.42
C SER F 240 -16.75 -16.28 23.69
N PRO F 241 -15.97 -15.20 23.70
CA PRO F 241 -15.92 -14.33 24.88
C PRO F 241 -17.09 -13.37 24.99
N ASP F 242 -17.86 -13.19 23.93
CA ASP F 242 -18.99 -12.27 23.93
C ASP F 242 -20.25 -12.86 24.57
N LEU F 243 -20.22 -14.14 24.92
CA LEU F 243 -21.36 -14.80 25.57
C LEU F 243 -20.94 -15.24 26.96
N ILE F 244 -21.77 -14.91 27.96
CA ILE F 244 -21.67 -15.57 29.24
C ILE F 244 -21.95 -17.05 29.01
N ARG F 245 -21.30 -17.91 29.80
CA ARG F 245 -21.17 -19.32 29.47
C ARG F 245 -21.99 -20.22 30.38
N HIS F 246 -22.07 -21.49 29.98
CA HIS F 246 -22.66 -22.53 30.81
C HIS F 246 -21.63 -23.01 31.82
N THR F 247 -22.12 -23.41 33.01
CA THR F 247 -21.22 -23.90 34.05
C THR F 247 -20.49 -25.16 33.59
N ASP F 248 -21.23 -26.10 33.01
CA ASP F 248 -20.64 -27.30 32.40
C ASP F 248 -20.08 -26.94 31.02
N HIS F 249 -18.90 -26.31 31.03
CA HIS F 249 -18.22 -25.96 29.78
C HIS F 249 -17.24 -27.05 29.38
N SER F 250 -17.71 -28.29 29.35
CA SER F 250 -16.92 -29.39 28.82
C SER F 250 -16.92 -29.33 27.30
N VAL F 251 -15.86 -29.86 26.69
CA VAL F 251 -15.79 -29.88 25.23
C VAL F 251 -16.85 -30.84 24.73
N GLN F 252 -17.94 -30.29 24.20
CA GLN F 252 -19.09 -31.07 23.76
C GLN F 252 -19.14 -31.24 22.25
N GLY F 253 -18.00 -31.14 21.58
CA GLY F 253 -17.94 -31.30 20.15
C GLY F 253 -16.65 -30.75 19.57
N LYS F 254 -16.36 -31.10 18.32
CA LYS F 254 -15.18 -30.61 17.62
C LYS F 254 -15.49 -30.57 16.13
N LEU F 255 -15.48 -29.37 15.55
CA LEU F 255 -15.75 -29.19 14.13
C LEU F 255 -14.48 -28.71 13.41
N HIS F 256 -14.33 -29.18 12.18
CA HIS F 256 -13.10 -28.99 11.43
C HIS F 256 -12.94 -27.53 11.01
N ILE F 257 -11.71 -27.17 10.67
CA ILE F 257 -11.38 -25.83 10.19
C ILE F 257 -11.15 -25.92 8.68
N PRO F 258 -12.20 -25.84 7.84
CA PRO F 258 -11.99 -26.05 6.40
C PRO F 258 -10.96 -25.10 5.78
N PHE F 259 -10.60 -25.36 4.53
CA PHE F 259 -9.68 -24.52 3.77
C PHE F 259 -8.28 -24.56 4.39
N ARG F 260 -7.74 -25.78 4.46
CA ARG F 260 -6.39 -25.98 4.99
C ARG F 260 -5.39 -25.22 4.13
N LEU F 261 -4.35 -24.69 4.77
CA LEU F 261 -3.27 -24.00 4.06
C LEU F 261 -2.36 -25.06 3.43
N THR F 262 -2.66 -25.44 2.12
CA THR F 262 -1.94 -26.53 1.47
C THR F 262 -0.72 -26.02 0.71
N PRO F 263 0.27 -26.89 0.47
CA PRO F 263 1.39 -26.51 -0.39
C PRO F 263 1.06 -26.66 -1.87
N THR F 264 1.71 -25.84 -2.68
CA THR F 264 1.57 -25.91 -4.14
C THR F 264 2.71 -25.12 -4.77
N VAL F 265 2.61 -24.86 -6.06
CA VAL F 265 3.60 -24.09 -6.81
C VAL F 265 2.93 -22.86 -7.39
N CYS F 266 3.66 -21.74 -7.37
CA CYS F 266 3.17 -20.44 -7.82
C CYS F 266 4.12 -19.88 -8.86
N PRO F 267 3.61 -19.11 -9.82
CA PRO F 267 4.52 -18.48 -10.80
C PRO F 267 5.06 -17.16 -10.27
N VAL F 268 6.36 -16.95 -10.49
CA VAL F 268 7.04 -15.72 -10.09
C VAL F 268 7.83 -15.19 -11.28
N PRO F 269 8.01 -13.87 -11.40
CA PRO F 269 8.56 -13.31 -12.63
C PRO F 269 10.06 -13.51 -12.74
N LEU F 270 10.56 -13.26 -13.96
CA LEU F 270 11.98 -13.33 -14.27
C LEU F 270 12.47 -11.90 -14.48
N ALA F 271 13.38 -11.46 -13.62
CA ALA F 271 13.86 -10.08 -13.67
C ALA F 271 14.72 -9.87 -14.92
N HIS F 272 15.19 -8.63 -15.07
CA HIS F 272 16.06 -8.31 -16.19
C HIS F 272 17.36 -9.12 -16.10
N THR F 273 17.87 -9.52 -17.26
CA THR F 273 19.16 -10.17 -17.34
C THR F 273 20.25 -9.10 -17.28
N PRO F 274 21.08 -9.04 -16.25
CA PRO F 274 22.01 -7.91 -16.12
C PRO F 274 23.05 -7.90 -17.24
N THR F 275 23.67 -6.72 -17.39
CA THR F 275 24.78 -6.51 -18.31
C THR F 275 26.03 -6.24 -17.47
N VAL F 276 27.00 -7.14 -17.55
CA VAL F 276 28.20 -7.04 -16.74
C VAL F 276 29.27 -6.24 -17.49
N THR F 277 29.84 -5.25 -16.81
CA THR F 277 30.94 -4.45 -17.34
C THR F 277 32.08 -4.57 -16.35
N LYS F 278 33.20 -5.16 -16.78
CA LYS F 278 34.23 -5.61 -15.85
C LYS F 278 35.48 -4.75 -15.92
N TRP F 279 36.08 -4.52 -14.76
CA TRP F 279 37.36 -3.83 -14.63
C TRP F 279 38.27 -4.68 -13.74
N PHE F 280 39.51 -4.22 -13.57
CA PHE F 280 40.54 -5.02 -12.91
C PHE F 280 40.11 -5.40 -11.50
N LYS F 281 39.85 -6.69 -11.30
CA LYS F 281 39.40 -7.21 -10.01
C LYS F 281 38.12 -6.51 -9.55
N GLY F 282 37.16 -6.38 -10.45
CA GLY F 282 35.88 -5.78 -10.10
C GLY F 282 34.97 -5.72 -11.31
N ILE F 283 33.67 -5.82 -11.02
CA ILE F 283 32.65 -5.83 -12.06
C ILE F 283 31.72 -4.63 -11.85
N THR F 284 31.10 -4.18 -12.94
CA THR F 284 30.10 -3.11 -12.89
C THR F 284 28.86 -3.66 -13.56
N LEU F 285 27.87 -4.02 -12.75
CA LEU F 285 26.67 -4.72 -13.23
C LEU F 285 25.59 -3.68 -13.47
N HIS F 286 25.06 -3.64 -14.69
CA HIS F 286 24.00 -2.72 -15.07
C HIS F 286 22.67 -3.43 -14.90
N LEU F 287 21.70 -2.78 -14.24
CA LEU F 287 20.52 -3.42 -13.68
C LEU F 287 19.26 -2.67 -14.07
N THR F 288 18.19 -3.42 -14.35
CA THR F 288 16.86 -2.88 -14.59
C THR F 288 15.86 -3.70 -13.78
N ALA F 289 14.98 -3.03 -13.03
CA ALA F 289 13.92 -3.72 -12.30
C ALA F 289 12.81 -2.71 -12.02
N THR F 290 11.72 -2.80 -12.78
CA THR F 290 10.62 -1.86 -12.59
C THR F 290 10.00 -1.98 -11.20
N ARG F 291 9.98 -3.18 -10.64
CA ARG F 291 9.45 -3.45 -9.31
C ARG F 291 10.60 -3.71 -8.33
N PRO F 292 10.33 -3.67 -7.02
CA PRO F 292 11.34 -4.08 -6.05
C PRO F 292 11.88 -5.47 -6.33
N THR F 293 13.18 -5.58 -6.64
CA THR F 293 13.84 -6.84 -6.91
C THR F 293 15.03 -6.99 -5.97
N LEU F 294 15.22 -8.20 -5.45
CA LEU F 294 16.25 -8.45 -4.45
C LEU F 294 17.52 -8.96 -5.12
N LEU F 295 18.61 -8.23 -4.97
CA LEU F 295 19.95 -8.67 -5.32
C LEU F 295 20.68 -9.08 -4.05
N THR F 296 21.20 -10.30 -4.03
CA THR F 296 22.03 -10.76 -2.93
C THR F 296 23.36 -11.27 -3.46
N THR F 297 24.45 -10.70 -2.95
CA THR F 297 25.81 -11.04 -3.34
C THR F 297 26.56 -11.56 -2.13
N ARG F 298 27.58 -12.38 -2.38
CA ARG F 298 28.43 -12.87 -1.31
C ARG F 298 29.76 -13.32 -1.88
N LYS F 299 30.84 -12.98 -1.18
CA LYS F 299 32.13 -13.59 -1.45
C LYS F 299 32.08 -15.06 -1.06
N LEU F 300 32.95 -15.84 -1.69
CA LEU F 300 33.06 -17.27 -1.41
C LEU F 300 34.32 -17.61 -0.64
N GLY F 301 34.95 -16.62 -0.01
CA GLY F 301 36.18 -16.85 0.73
C GLY F 301 35.93 -17.20 2.17
N LEU F 302 36.88 -16.89 3.06
CA LEU F 302 36.66 -17.17 4.47
C LEU F 302 35.68 -16.17 5.08
N ARG F 303 35.53 -15.00 4.46
CA ARG F 303 34.40 -14.11 4.73
C ARG F 303 33.40 -14.26 3.59
N ALA F 304 32.11 -14.27 3.94
CA ALA F 304 31.09 -14.16 2.90
C ALA F 304 30.89 -12.71 2.47
N ASP F 305 30.89 -11.79 3.43
CA ASP F 305 30.65 -10.37 3.16
C ASP F 305 29.34 -10.19 2.38
N ALA F 306 28.31 -10.90 2.81
CA ALA F 306 27.05 -10.91 2.08
C ALA F 306 26.40 -9.54 2.10
N THR F 307 25.93 -9.10 0.92
CA THR F 307 25.21 -7.85 0.76
C THR F 307 23.86 -8.12 0.14
N ALA F 308 22.87 -7.32 0.52
CA ALA F 308 21.50 -7.46 0.04
C ALA F 308 20.93 -6.09 -0.31
N GLU F 309 20.05 -6.06 -1.30
CA GLU F 309 19.46 -4.79 -1.70
C GLU F 309 18.18 -5.02 -2.49
N TRP F 310 17.16 -4.21 -2.20
CA TRP F 310 15.92 -4.17 -2.96
C TRP F 310 15.99 -2.96 -3.89
N ILE F 311 15.77 -3.20 -5.19
CA ILE F 311 16.04 -2.21 -6.23
C ILE F 311 14.78 -1.95 -7.04
N THR F 312 14.59 -0.67 -7.37
CA THR F 312 13.62 -0.24 -8.36
C THR F 312 14.32 0.66 -9.37
N GLY F 313 13.69 0.83 -10.53
CA GLY F 313 14.32 1.60 -11.59
C GLY F 313 15.50 0.85 -12.21
N THR F 314 16.36 1.61 -12.88
CA THR F 314 17.61 1.10 -13.41
C THR F 314 18.77 1.74 -12.66
N THR F 315 19.90 1.04 -12.63
CA THR F 315 21.07 1.53 -11.90
C THR F 315 22.30 0.72 -12.31
N SER F 316 23.42 1.01 -11.66
CA SER F 316 24.67 0.30 -11.88
C SER F 316 25.34 0.11 -10.53
N ARG F 317 25.92 -1.08 -10.33
CA ARG F 317 26.58 -1.41 -9.07
C ARG F 317 27.98 -1.92 -9.33
N ASN F 318 28.97 -1.33 -8.64
CA ASN F 318 30.35 -1.76 -8.72
C ASN F 318 30.63 -2.73 -7.57
N PHE F 319 31.02 -3.95 -7.91
CA PHE F 319 31.29 -5.01 -6.93
C PHE F 319 32.69 -5.54 -7.18
N SER F 320 33.57 -5.41 -6.19
CA SER F 320 34.90 -5.98 -6.32
C SER F 320 34.82 -7.50 -6.33
N VAL F 321 35.55 -8.10 -7.27
CA VAL F 321 35.65 -9.56 -7.38
C VAL F 321 37.11 -9.94 -7.19
N GLY F 322 37.36 -10.87 -6.28
CA GLY F 322 38.71 -11.32 -6.00
C GLY F 322 39.06 -12.57 -6.79
N ARG F 323 40.33 -12.97 -6.70
CA ARG F 323 40.75 -14.21 -7.33
C ARG F 323 39.95 -15.40 -6.79
N GLU F 324 39.59 -15.35 -5.50
CA GLU F 324 38.86 -16.48 -4.92
C GLU F 324 37.48 -16.62 -5.54
N GLY F 325 36.83 -15.51 -5.86
CA GLY F 325 35.57 -15.50 -6.58
C GLY F 325 34.43 -14.90 -5.77
N LEU F 326 33.28 -14.83 -6.43
CA LEU F 326 32.10 -14.13 -5.94
C LEU F 326 30.87 -14.83 -6.50
N GLU F 327 29.76 -14.75 -5.76
CA GLU F 327 28.49 -15.32 -6.18
C GLU F 327 27.39 -14.30 -5.99
N TYR F 328 26.38 -14.35 -6.86
CA TYR F 328 25.27 -13.41 -6.74
C TYR F 328 24.00 -14.05 -7.28
N VAL F 329 22.87 -13.59 -6.74
CA VAL F 329 21.54 -13.98 -7.17
C VAL F 329 20.75 -12.70 -7.40
N TRP F 330 20.17 -12.57 -8.59
CA TRP F 330 19.39 -11.42 -9.01
C TRP F 330 17.93 -11.82 -9.19
N GLY F 331 17.12 -11.51 -8.19
CA GLY F 331 15.74 -11.94 -8.20
C GLY F 331 15.64 -13.45 -8.13
N ASN F 332 14.65 -14.00 -8.84
CA ASN F 332 14.44 -15.44 -8.85
C ASN F 332 15.39 -16.16 -9.80
N HIS F 333 16.29 -15.44 -10.47
CA HIS F 333 17.24 -16.09 -11.36
C HIS F 333 18.17 -17.00 -10.57
N GLU F 334 18.89 -17.85 -11.29
CA GLU F 334 19.76 -18.83 -10.68
C GLU F 334 21.05 -18.17 -10.19
N PRO F 335 21.72 -18.76 -9.19
CA PRO F 335 22.99 -18.18 -8.72
C PRO F 335 24.03 -18.20 -9.84
N VAL F 336 24.85 -17.15 -9.86
CA VAL F 336 25.92 -17.00 -10.84
C VAL F 336 27.21 -16.72 -10.10
N ARG F 337 28.27 -17.45 -10.45
CA ARG F 337 29.54 -17.44 -9.75
C ARG F 337 30.68 -17.11 -10.70
N VAL F 338 31.61 -16.27 -10.24
CA VAL F 338 32.70 -15.74 -11.04
C VAL F 338 34.00 -15.81 -10.26
N TRP F 339 35.11 -15.73 -10.98
CA TRP F 339 36.46 -15.77 -10.39
C TRP F 339 37.35 -14.79 -11.09
N ALA F 340 37.89 -13.83 -10.35
CA ALA F 340 38.81 -12.85 -10.92
C ALA F 340 40.15 -13.48 -11.23
N GLN F 341 40.99 -12.73 -11.93
CA GLN F 341 42.32 -13.19 -12.33
C GLN F 341 43.41 -12.55 -11.46
N GLU G 1 22.74 -32.80 -54.75
CA GLU G 1 21.71 -31.99 -55.46
C GLU G 1 20.39 -32.75 -55.55
N VAL G 2 19.29 -32.04 -55.33
CA VAL G 2 17.97 -32.65 -55.39
C VAL G 2 17.58 -32.81 -56.87
N GLN G 3 17.39 -34.07 -57.29
CA GLN G 3 17.12 -34.37 -58.68
C GLN G 3 16.14 -35.54 -58.79
N LEU G 4 15.20 -35.42 -59.73
CA LEU G 4 14.23 -36.46 -60.03
C LEU G 4 14.39 -36.82 -61.51
N VAL G 5 14.53 -38.11 -61.81
CA VAL G 5 14.80 -38.57 -63.17
C VAL G 5 13.75 -39.61 -63.54
N GLU G 6 13.03 -39.37 -64.64
CA GLU G 6 11.99 -40.26 -65.11
C GLU G 6 12.53 -41.26 -66.12
N SER G 7 11.77 -42.33 -66.34
CA SER G 7 12.13 -43.36 -67.31
C SER G 7 10.94 -44.28 -67.53
N GLY G 8 11.03 -45.09 -68.58
CA GLY G 8 10.05 -46.13 -68.87
C GLY G 8 9.07 -45.80 -69.97
N GLY G 9 8.98 -44.55 -70.40
CA GLY G 9 8.00 -44.18 -71.41
C GLY G 9 8.38 -44.64 -72.80
N GLY G 10 7.49 -44.34 -73.74
CA GLY G 10 7.66 -44.78 -75.11
C GLY G 10 6.32 -44.95 -75.79
N LEU G 11 6.31 -45.75 -76.85
CA LEU G 11 5.11 -45.98 -77.65
C LEU G 11 4.40 -47.25 -77.18
N VAL G 12 3.08 -47.14 -77.03
CA VAL G 12 2.25 -48.26 -76.60
C VAL G 12 0.95 -48.23 -77.39
N GLN G 13 0.35 -49.40 -77.59
CA GLN G 13 -0.93 -49.46 -78.28
C GLN G 13 -2.06 -49.09 -77.33
N PRO G 14 -3.20 -48.61 -77.83
CA PRO G 14 -4.37 -48.45 -76.97
C PRO G 14 -4.78 -49.77 -76.36
N GLY G 15 -5.18 -49.72 -75.09
CA GLY G 15 -5.47 -50.92 -74.34
C GLY G 15 -4.25 -51.59 -73.73
N GLY G 16 -3.06 -51.06 -73.96
CA GLY G 16 -1.84 -51.64 -73.41
C GLY G 16 -1.58 -51.17 -72.00
N SER G 17 -0.38 -51.50 -71.52
CA SER G 17 0.04 -51.15 -70.16
C SER G 17 1.48 -50.68 -70.19
N LEU G 18 1.87 -49.94 -69.15
CA LEU G 18 3.22 -49.42 -69.07
C LEU G 18 3.55 -49.17 -67.60
N ARG G 19 4.84 -49.02 -67.31
CA ARG G 19 5.31 -48.73 -65.95
C ARG G 19 6.33 -47.60 -66.02
N LEU G 20 5.91 -46.40 -65.64
CA LEU G 20 6.83 -45.27 -65.54
C LEU G 20 7.54 -45.30 -64.19
N SER G 21 8.86 -45.13 -64.24
CA SER G 21 9.71 -45.10 -63.06
C SER G 21 10.26 -43.69 -62.88
N CYS G 22 10.50 -43.31 -61.63
CA CYS G 22 11.12 -42.02 -61.33
C CYS G 22 12.05 -42.20 -60.12
N VAL G 23 13.35 -42.07 -60.37
CA VAL G 23 14.34 -42.18 -59.30
C VAL G 23 14.60 -40.80 -58.72
N ALA G 24 14.70 -40.74 -57.39
CA ALA G 24 14.91 -39.49 -56.66
C ALA G 24 16.27 -39.51 -55.99
N SER G 25 16.89 -38.34 -55.89
CA SER G 25 18.19 -38.20 -55.24
C SER G 25 18.29 -36.82 -54.61
N GLY G 26 19.18 -36.70 -53.62
CA GLY G 26 19.48 -35.44 -52.99
C GLY G 26 18.60 -35.06 -51.83
N PHE G 27 17.64 -35.89 -51.44
CA PHE G 27 16.78 -35.58 -50.32
C PHE G 27 16.21 -36.89 -49.77
N THR G 28 15.61 -36.79 -48.59
CA THR G 28 14.99 -37.96 -47.95
C THR G 28 13.71 -38.28 -48.70
N PHE G 29 13.75 -39.35 -49.50
CA PHE G 29 12.60 -39.74 -50.30
C PHE G 29 11.41 -40.11 -49.42
N SER G 30 11.68 -40.60 -48.21
CA SER G 30 10.61 -41.08 -47.34
C SER G 30 9.86 -39.96 -46.65
N ASP G 31 10.40 -38.73 -46.66
CA ASP G 31 9.86 -37.66 -45.83
C ASP G 31 8.82 -36.82 -46.58
N TYR G 32 8.71 -36.98 -47.90
CA TYR G 32 7.89 -36.11 -48.72
C TYR G 32 6.84 -36.90 -49.50
N ARG G 33 5.66 -36.30 -49.63
CA ARG G 33 4.65 -36.78 -50.57
C ARG G 33 5.13 -36.57 -52.01
N MET G 34 4.71 -37.46 -52.89
CA MET G 34 5.11 -37.42 -54.30
C MET G 34 3.87 -37.42 -55.19
N ALA G 35 4.09 -37.09 -56.46
CA ALA G 35 2.99 -37.00 -57.40
C ALA G 35 3.49 -37.24 -58.82
N TRP G 36 2.56 -37.63 -59.69
CA TRP G 36 2.73 -37.58 -61.13
C TRP G 36 1.80 -36.52 -61.69
N VAL G 37 2.34 -35.65 -62.56
CA VAL G 37 1.59 -34.61 -63.24
C VAL G 37 1.84 -34.76 -64.73
N ARG G 38 0.88 -34.31 -65.53
CA ARG G 38 0.86 -34.58 -66.96
C ARG G 38 0.76 -33.27 -67.75
N GLN G 39 1.37 -33.27 -68.94
CA GLN G 39 1.20 -32.20 -69.91
C GLN G 39 1.08 -32.82 -71.29
N ALA G 40 -0.07 -32.64 -71.94
CA ALA G 40 -0.21 -32.98 -73.33
C ALA G 40 0.39 -31.88 -74.20
N THR G 41 0.70 -32.24 -75.44
CA THR G 41 1.35 -31.30 -76.34
C THR G 41 0.43 -30.12 -76.62
N GLY G 42 0.95 -28.91 -76.40
CA GLY G 42 0.18 -27.70 -76.63
C GLY G 42 -0.91 -27.43 -75.62
N LYS G 43 -1.01 -28.22 -74.56
CA LYS G 43 -2.00 -28.05 -73.51
C LYS G 43 -1.32 -27.67 -72.21
N GLY G 44 -2.13 -27.39 -71.20
CA GLY G 44 -1.64 -27.05 -69.88
C GLY G 44 -1.27 -28.28 -69.06
N LEU G 45 -0.56 -28.02 -67.98
CA LEU G 45 -0.24 -29.05 -66.99
C LEU G 45 -1.53 -29.53 -66.34
N GLU G 46 -1.57 -30.82 -66.01
CA GLU G 46 -2.75 -31.41 -65.39
C GLU G 46 -2.31 -32.49 -64.41
N TRP G 47 -2.85 -32.45 -63.20
CA TRP G 47 -2.44 -33.39 -62.16
C TRP G 47 -3.00 -34.78 -62.39
N VAL G 48 -2.14 -35.79 -62.25
CA VAL G 48 -2.52 -37.20 -62.42
C VAL G 48 -2.78 -37.88 -61.09
N SER G 49 -1.77 -37.95 -60.22
CA SER G 49 -1.94 -38.71 -58.99
C SER G 49 -0.94 -38.26 -57.93
N THR G 50 -1.27 -38.57 -56.67
CA THR G 50 -0.40 -38.32 -55.53
C THR G 50 -0.32 -39.56 -54.65
N ILE G 51 0.88 -39.82 -54.13
CA ILE G 51 1.12 -40.85 -53.13
C ILE G 51 1.75 -40.19 -51.91
N SER G 52 1.22 -40.51 -50.73
CA SER G 52 1.60 -39.85 -49.50
C SER G 52 2.92 -40.41 -48.98
N GLN G 53 3.28 -40.01 -47.76
CA GLN G 53 4.53 -40.39 -47.12
C GLN G 53 4.28 -40.78 -45.67
N PRO G 54 5.17 -41.61 -45.07
CA PRO G 54 6.34 -42.28 -45.65
C PRO G 54 5.97 -43.60 -46.33
N SER G 55 4.89 -44.23 -45.89
CA SER G 55 4.45 -45.50 -46.44
C SER G 55 3.51 -45.37 -47.63
N GLY G 56 3.04 -44.16 -47.93
CA GLY G 56 2.13 -43.96 -49.05
C GLY G 56 0.81 -44.70 -48.89
N THR G 57 0.21 -44.64 -47.70
CA THR G 57 -1.03 -45.38 -47.45
C THR G 57 -2.17 -44.86 -48.31
N ASN G 58 -2.34 -43.54 -48.37
CA ASN G 58 -3.43 -42.92 -49.11
C ASN G 58 -2.92 -42.49 -50.48
N THR G 59 -3.58 -42.97 -51.53
CA THR G 59 -3.25 -42.62 -52.90
C THR G 59 -4.44 -41.94 -53.54
N TYR G 60 -4.21 -40.78 -54.15
CA TYR G 60 -5.27 -40.00 -54.78
C TYR G 60 -5.03 -39.92 -56.28
N TYR G 61 -6.11 -39.96 -57.06
CA TYR G 61 -6.05 -40.05 -58.51
C TYR G 61 -7.06 -39.09 -59.13
N LEU G 62 -6.81 -38.75 -60.40
CA LEU G 62 -7.79 -37.96 -61.16
C LEU G 62 -8.98 -38.86 -61.47
N ASP G 63 -10.11 -38.27 -61.85
CA ASP G 63 -11.30 -39.10 -62.03
C ASP G 63 -11.20 -40.11 -63.16
N PRO G 64 -10.85 -39.75 -64.41
CA PRO G 64 -10.80 -40.80 -65.45
C PRO G 64 -9.70 -41.84 -65.23
N VAL G 65 -8.60 -41.49 -64.55
CA VAL G 65 -7.51 -42.44 -64.38
C VAL G 65 -7.71 -43.37 -63.19
N LYS G 66 -8.80 -43.22 -62.44
CA LYS G 66 -9.08 -44.15 -61.35
C LYS G 66 -9.44 -45.52 -61.91
N GLY G 67 -8.97 -46.56 -61.21
CA GLY G 67 -9.24 -47.93 -61.60
C GLY G 67 -8.33 -48.48 -62.67
N ARG G 68 -7.51 -47.65 -63.30
CA ARG G 68 -6.60 -48.07 -64.35
C ARG G 68 -5.14 -47.73 -64.06
N PHE G 69 -4.86 -46.54 -63.52
CA PHE G 69 -3.51 -46.12 -63.18
C PHE G 69 -3.32 -46.19 -61.68
N THR G 70 -2.14 -46.67 -61.27
CA THR G 70 -1.82 -46.91 -59.87
C THR G 70 -0.44 -46.34 -59.56
N VAL G 71 -0.36 -45.49 -58.52
CA VAL G 71 0.91 -45.00 -58.02
C VAL G 71 1.41 -45.94 -56.94
N SER G 72 2.74 -46.11 -56.88
CA SER G 72 3.39 -46.85 -55.82
C SER G 72 4.75 -46.22 -55.56
N ARG G 73 5.34 -46.56 -54.42
CA ARG G 73 6.61 -45.98 -54.02
C ARG G 73 7.45 -47.03 -53.32
N ASP G 74 8.77 -46.82 -53.33
CA ASP G 74 9.68 -47.62 -52.52
C ASP G 74 10.75 -46.69 -51.97
N ASN G 75 10.80 -46.59 -50.64
CA ASN G 75 11.77 -45.71 -49.98
C ASN G 75 13.17 -46.30 -49.92
N ALA G 76 13.30 -47.61 -50.12
CA ALA G 76 14.63 -48.23 -50.04
C ALA G 76 15.52 -47.78 -51.18
N LYS G 77 15.01 -47.83 -52.41
CA LYS G 77 15.73 -47.33 -53.58
C LYS G 77 15.27 -45.93 -53.99
N ASN G 78 14.40 -45.31 -53.20
CA ASN G 78 13.96 -43.93 -53.44
C ASN G 78 13.33 -43.77 -54.81
N THR G 79 12.40 -44.66 -55.16
CA THR G 79 11.83 -44.69 -56.51
C THR G 79 10.30 -44.62 -56.44
N LEU G 80 9.74 -43.68 -57.20
CA LEU G 80 8.32 -43.58 -57.43
C LEU G 80 7.95 -44.34 -58.70
N TYR G 81 6.71 -44.83 -58.75
CA TYR G 81 6.27 -45.68 -59.85
C TYR G 81 4.82 -45.35 -60.19
N LEU G 82 4.51 -45.39 -61.48
CA LEU G 82 3.13 -45.29 -61.96
C LEU G 82 2.90 -46.40 -62.98
N GLN G 83 2.04 -47.35 -62.62
CA GLN G 83 1.62 -48.40 -63.54
C GLN G 83 0.35 -47.94 -64.24
N MET G 84 0.29 -48.13 -65.55
CA MET G 84 -0.88 -47.78 -66.35
C MET G 84 -1.40 -49.03 -67.04
N HIS G 85 -2.73 -49.17 -67.08
CA HIS G 85 -3.43 -50.25 -67.74
C HIS G 85 -4.55 -49.67 -68.59
N SER G 86 -4.91 -50.40 -69.65
CA SER G 86 -5.99 -50.01 -70.55
C SER G 86 -5.75 -48.61 -71.12
N LEU G 87 -4.54 -48.38 -71.60
CA LEU G 87 -4.14 -47.06 -72.07
C LEU G 87 -4.99 -46.62 -73.25
N ARG G 88 -5.24 -45.31 -73.34
CA ARG G 88 -6.05 -44.72 -74.39
C ARG G 88 -5.27 -43.60 -75.06
N ALA G 89 -5.83 -43.09 -76.17
CA ALA G 89 -5.10 -42.16 -77.03
C ALA G 89 -4.75 -40.87 -76.29
N GLU G 90 -5.68 -40.33 -75.51
CA GLU G 90 -5.44 -39.05 -74.85
C GLU G 90 -4.43 -39.15 -73.71
N ASP G 91 -4.01 -40.35 -73.31
CA ASP G 91 -2.91 -40.47 -72.36
C ASP G 91 -1.57 -40.04 -72.95
N THR G 92 -1.49 -39.88 -74.28
CA THR G 92 -0.25 -39.44 -74.91
C THR G 92 0.18 -38.08 -74.37
N ALA G 93 1.30 -38.04 -73.65
CA ALA G 93 1.71 -36.81 -72.98
C ALA G 93 3.08 -37.02 -72.34
N VAL G 94 3.65 -35.91 -71.85
CA VAL G 94 4.88 -35.91 -71.07
C VAL G 94 4.49 -35.83 -69.59
N TYR G 95 5.04 -36.74 -68.80
CA TYR G 95 4.76 -36.84 -67.38
C TYR G 95 5.97 -36.39 -66.59
N TYR G 96 5.72 -35.54 -65.59
CA TYR G 96 6.73 -35.11 -64.63
C TYR G 96 6.42 -35.77 -63.30
N CYS G 97 7.43 -36.41 -62.70
CA CYS G 97 7.32 -36.85 -61.32
C CYS G 97 7.77 -35.72 -60.41
N ALA G 98 6.93 -35.36 -59.45
CA ALA G 98 7.06 -34.12 -58.70
C ALA G 98 7.11 -34.42 -57.21
N ARG G 99 8.06 -33.80 -56.52
CA ARG G 99 8.03 -33.81 -55.06
C ARG G 99 7.00 -32.82 -54.56
N VAL G 100 6.25 -33.22 -53.53
CA VAL G 100 5.15 -32.42 -52.98
C VAL G 100 5.57 -31.87 -51.62
N VAL G 101 5.44 -30.56 -51.45
CA VAL G 101 5.61 -29.91 -50.16
C VAL G 101 4.23 -29.44 -49.70
N THR G 102 3.78 -30.00 -48.57
CA THR G 102 2.46 -29.75 -48.00
C THR G 102 2.60 -29.00 -46.69
N GLU G 103 1.84 -27.91 -46.56
CA GLU G 103 1.80 -27.11 -45.34
C GLU G 103 0.47 -27.36 -44.65
N SER G 104 0.54 -27.63 -43.35
CA SER G 104 -0.64 -28.10 -42.62
C SER G 104 -1.77 -27.08 -42.61
N ARG G 105 -1.52 -25.90 -42.05
CA ARG G 105 -2.57 -24.94 -41.74
C ARG G 105 -2.31 -23.57 -42.39
N PRO G 106 -3.15 -23.13 -43.34
CA PRO G 106 -4.30 -23.81 -43.97
C PRO G 106 -3.81 -24.98 -44.82
N PRO G 107 -4.61 -26.04 -45.03
CA PRO G 107 -4.17 -27.12 -45.92
C PRO G 107 -3.87 -26.61 -47.32
N ALA G 108 -2.59 -26.64 -47.71
CA ALA G 108 -2.16 -26.15 -49.00
C ALA G 108 -0.99 -26.99 -49.47
N ALA G 109 -1.01 -27.37 -50.75
CA ALA G 109 0.01 -28.23 -51.35
C ALA G 109 0.48 -27.61 -52.65
N TRP G 110 1.80 -27.53 -52.80
CA TRP G 110 2.41 -27.05 -54.03
C TRP G 110 3.67 -27.87 -54.25
N PHE G 111 4.07 -27.99 -55.52
CA PHE G 111 5.17 -28.86 -55.91
C PHE G 111 6.42 -28.00 -56.02
N ASP G 112 7.55 -28.52 -55.54
CA ASP G 112 8.79 -27.75 -55.51
C ASP G 112 9.83 -28.24 -56.52
N VAL G 113 10.02 -29.56 -56.65
CA VAL G 113 11.05 -30.13 -57.50
C VAL G 113 10.37 -31.03 -58.52
N TRP G 114 10.78 -30.88 -59.78
CA TRP G 114 10.29 -31.66 -60.91
C TRP G 114 11.46 -32.30 -61.65
N GLY G 115 11.20 -33.47 -62.23
CA GLY G 115 12.13 -34.09 -63.13
C GLY G 115 11.97 -33.56 -64.54
N PRO G 116 12.93 -33.85 -65.42
CA PRO G 116 12.81 -33.37 -66.81
C PRO G 116 11.59 -33.93 -67.52
N GLY G 117 11.09 -35.10 -67.12
CA GLY G 117 9.89 -35.67 -67.67
C GLY G 117 10.17 -36.82 -68.61
N VAL G 118 9.11 -37.55 -68.95
CA VAL G 118 9.20 -38.66 -69.89
C VAL G 118 7.92 -38.74 -70.72
N LEU G 119 8.06 -39.06 -71.99
CA LEU G 119 6.93 -39.10 -72.92
C LEU G 119 6.39 -40.50 -73.05
N VAL G 120 5.06 -40.62 -73.06
CA VAL G 120 4.39 -41.82 -73.54
C VAL G 120 3.45 -41.41 -74.67
N THR G 121 3.45 -42.20 -75.73
CA THR G 121 2.55 -42.02 -76.85
C THR G 121 1.66 -43.25 -76.96
N VAL G 122 0.36 -43.02 -77.12
CA VAL G 122 -0.64 -44.08 -77.24
C VAL G 122 -1.31 -43.92 -78.60
N SER G 123 -0.91 -44.77 -79.55
CA SER G 123 -1.44 -44.69 -80.90
C SER G 123 -1.42 -46.08 -81.52
N SER G 124 -2.24 -46.26 -82.54
CA SER G 124 -2.35 -47.55 -83.23
C SER G 124 -1.42 -47.59 -84.43
N SER H 1 -16.45 -28.01 -57.76
CA SER H 1 -15.20 -27.89 -58.56
C SER H 1 -14.98 -26.46 -59.02
N TYR H 2 -13.82 -25.90 -58.69
CA TYR H 2 -13.49 -24.54 -59.07
C TYR H 2 -12.96 -24.51 -60.50
N GLU H 3 -13.32 -23.46 -61.23
CA GLU H 3 -12.87 -23.25 -62.61
C GLU H 3 -11.94 -22.03 -62.63
N LEU H 4 -10.72 -22.24 -63.12
CA LEU H 4 -9.70 -21.20 -63.14
C LEU H 4 -9.58 -20.65 -64.56
N THR H 5 -9.79 -19.33 -64.70
CA THR H 5 -9.75 -18.65 -65.99
C THR H 5 -8.68 -17.56 -65.94
N GLN H 6 -7.80 -17.55 -66.94
CA GLN H 6 -6.80 -16.52 -67.14
C GLN H 6 -6.96 -15.97 -68.55
N PRO H 7 -6.55 -14.73 -68.81
CA PRO H 7 -6.58 -14.21 -70.18
C PRO H 7 -5.67 -15.05 -71.07
N PRO H 8 -6.08 -15.31 -72.32
CA PRO H 8 -5.20 -16.13 -73.19
C PRO H 8 -3.88 -15.47 -73.49
N SER H 9 -3.77 -14.15 -73.37
CA SER H 9 -2.53 -13.46 -73.68
C SER H 9 -2.49 -12.10 -72.99
N VAL H 10 -1.27 -11.64 -72.75
CA VAL H 10 -1.00 -10.28 -72.28
C VAL H 10 0.20 -9.77 -73.05
N SER H 11 0.11 -8.55 -73.56
CA SER H 11 1.17 -7.92 -74.34
C SER H 11 1.87 -6.87 -73.50
N ALA H 12 3.19 -6.94 -73.45
CA ALA H 12 3.97 -6.02 -72.61
C ALA H 12 5.33 -5.78 -73.23
N SER H 13 5.59 -4.54 -73.63
CA SER H 13 6.92 -4.10 -73.96
C SER H 13 7.75 -4.04 -72.69
N PRO H 14 9.07 -3.99 -72.79
CA PRO H 14 9.88 -3.99 -71.57
C PRO H 14 9.87 -2.63 -70.89
N GLY H 15 9.98 -2.66 -69.55
CA GLY H 15 10.15 -1.47 -68.74
C GLY H 15 9.03 -1.21 -67.75
N GLN H 16 7.79 -1.58 -68.08
CA GLN H 16 6.64 -1.30 -67.24
C GLN H 16 6.22 -2.54 -66.45
N THR H 17 5.09 -2.43 -65.77
CA THR H 17 4.54 -3.49 -64.95
C THR H 17 3.40 -4.19 -65.68
N ALA H 18 3.34 -5.52 -65.55
CA ALA H 18 2.33 -6.34 -66.21
C ALA H 18 1.54 -7.12 -65.16
N ARG H 19 0.22 -7.15 -65.34
CA ARG H 19 -0.70 -7.87 -64.45
C ARG H 19 -1.34 -9.01 -65.23
N ILE H 20 -1.31 -10.20 -64.64
CA ILE H 20 -1.99 -11.38 -65.19
C ILE H 20 -2.99 -11.87 -64.14
N THR H 21 -4.24 -12.06 -64.55
CA THR H 21 -5.33 -12.35 -63.63
C THR H 21 -5.80 -13.79 -63.77
N CYS H 22 -6.06 -14.43 -62.63
CA CYS H 22 -6.72 -15.72 -62.57
C CYS H 22 -8.10 -15.52 -61.96
N GLY H 23 -9.13 -15.99 -62.65
CA GLY H 23 -10.52 -15.80 -62.25
C GLY H 23 -11.14 -17.12 -61.84
N GLY H 24 -11.90 -17.09 -60.74
CA GLY H 24 -12.61 -18.25 -60.26
C GLY H 24 -13.57 -17.86 -59.15
N ILE H 25 -14.57 -18.70 -58.89
CA ILE H 25 -15.57 -18.36 -57.88
C ILE H 25 -14.95 -18.48 -56.50
N ASN H 26 -14.97 -17.38 -55.75
CA ASN H 26 -14.53 -17.34 -54.36
C ASN H 26 -13.09 -17.82 -54.18
N ILE H 27 -12.22 -17.60 -55.17
CA ILE H 27 -10.83 -18.01 -55.05
C ILE H 27 -10.05 -17.19 -54.04
N GLY H 28 -10.59 -16.04 -53.60
CA GLY H 28 -9.93 -15.27 -52.57
C GLY H 28 -9.87 -15.96 -51.23
N SER H 29 -10.73 -16.96 -51.00
CA SER H 29 -10.73 -17.71 -49.76
C SER H 29 -9.73 -18.86 -49.74
N GLU H 30 -9.02 -19.10 -50.83
CA GLU H 30 -8.03 -20.16 -50.94
C GLU H 30 -6.68 -19.56 -51.30
N LEU H 31 -5.66 -20.42 -51.35
CA LEU H 31 -4.28 -20.02 -51.60
C LEU H 31 -3.92 -20.43 -53.02
N VAL H 32 -3.57 -19.43 -53.86
CA VAL H 32 -3.23 -19.68 -55.26
C VAL H 32 -1.72 -19.74 -55.39
N HIS H 33 -1.25 -20.40 -56.46
CA HIS H 33 0.17 -20.56 -56.75
C HIS H 33 0.41 -20.35 -58.24
N TRP H 34 1.37 -19.50 -58.57
CA TRP H 34 1.68 -19.16 -59.96
C TRP H 34 2.95 -19.88 -60.39
N TYR H 35 2.87 -20.54 -61.55
CA TYR H 35 4.00 -21.25 -62.15
C TYR H 35 4.30 -20.64 -63.52
N GLN H 36 5.58 -20.50 -63.84
CA GLN H 36 6.03 -19.94 -65.11
C GLN H 36 6.69 -21.04 -65.95
N GLN H 37 6.37 -21.06 -67.24
CA GLN H 37 6.83 -22.10 -68.15
C GLN H 37 7.44 -21.49 -69.39
N LYS H 38 8.59 -22.03 -69.80
CA LYS H 38 9.12 -21.88 -71.16
C LYS H 38 9.04 -23.26 -71.81
N PRO H 39 8.07 -23.53 -72.69
CA PRO H 39 8.05 -24.84 -73.35
C PRO H 39 9.28 -25.02 -74.23
N PRO H 40 9.85 -26.24 -74.30
CA PRO H 40 9.45 -27.50 -73.66
C PRO H 40 10.01 -27.70 -72.25
N GLN H 41 10.71 -26.72 -71.69
CA GLN H 41 11.22 -26.87 -70.34
C GLN H 41 10.07 -26.94 -69.34
N ALA H 42 10.29 -27.67 -68.25
CA ALA H 42 9.25 -27.80 -67.23
C ALA H 42 8.97 -26.43 -66.61
N PRO H 43 7.72 -26.15 -66.22
CA PRO H 43 7.45 -24.86 -65.56
C PRO H 43 8.20 -24.73 -64.25
N VAL H 44 8.12 -23.53 -63.66
CA VAL H 44 8.78 -23.21 -62.40
C VAL H 44 7.82 -22.40 -61.56
N LEU H 45 7.68 -22.80 -60.29
CA LEU H 45 6.82 -22.07 -59.37
C LEU H 45 7.43 -20.71 -59.07
N VAL H 46 6.61 -19.65 -59.18
CA VAL H 46 7.07 -18.29 -58.90
C VAL H 46 6.30 -17.69 -57.72
N ILE H 47 5.04 -18.09 -57.53
CA ILE H 47 4.24 -17.62 -56.40
C ILE H 47 3.68 -18.84 -55.69
N TYR H 48 3.67 -18.80 -54.36
CA TYR H 48 2.85 -19.71 -53.57
C TYR H 48 2.37 -19.02 -52.30
N ALA H 49 1.14 -19.34 -51.91
CA ALA H 49 0.50 -18.81 -50.71
C ALA H 49 0.17 -17.32 -50.84
N ASN H 50 -0.11 -16.90 -52.08
CA ASN H 50 -0.78 -15.64 -52.40
C ASN H 50 0.09 -14.39 -52.21
N GLY H 51 1.24 -14.51 -51.55
CA GLY H 51 2.03 -13.32 -51.27
C GLY H 51 3.54 -13.50 -51.21
N GLU H 52 4.04 -14.71 -51.41
CA GLU H 52 5.44 -15.01 -51.11
C GLU H 52 5.97 -16.07 -52.06
N ARG H 53 7.30 -16.17 -52.13
CA ARG H 53 8.00 -16.73 -53.26
C ARG H 53 9.13 -17.64 -52.80
N PRO H 54 9.57 -18.58 -53.66
CA PRO H 54 10.79 -19.34 -53.34
C PRO H 54 12.02 -18.45 -53.40
N SER H 55 13.14 -19.02 -52.95
CA SER H 55 14.41 -18.32 -53.06
C SER H 55 14.83 -18.20 -54.53
N GLY H 56 15.45 -17.08 -54.86
CA GLY H 56 15.93 -16.83 -56.20
C GLY H 56 14.98 -16.09 -57.12
N ILE H 57 13.72 -15.95 -56.74
CA ILE H 57 12.77 -15.19 -57.54
C ILE H 57 13.13 -13.71 -57.40
N PRO H 58 13.37 -12.96 -58.48
CA PRO H 58 13.68 -11.53 -58.33
C PRO H 58 12.57 -10.76 -57.65
N GLU H 59 12.93 -9.54 -57.21
CA GLU H 59 12.01 -8.71 -56.44
C GLU H 59 10.86 -8.17 -57.27
N ARG H 60 10.92 -8.29 -58.60
CA ARG H 60 9.86 -7.73 -59.44
C ARG H 60 8.57 -8.55 -59.38
N PHE H 61 8.64 -9.84 -59.04
CA PHE H 61 7.48 -10.70 -58.98
C PHE H 61 6.71 -10.49 -57.68
N SER H 62 5.39 -10.35 -57.78
CA SER H 62 4.55 -10.27 -56.62
C SER H 62 3.19 -10.87 -56.93
N GLY H 63 2.49 -11.31 -55.88
CA GLY H 63 1.21 -11.96 -56.04
C GLY H 63 0.19 -11.44 -55.04
N SER H 64 -1.07 -11.51 -55.44
CA SER H 64 -2.17 -11.10 -54.58
C SER H 64 -3.39 -11.94 -54.91
N ASN H 65 -4.31 -12.00 -53.94
CA ASN H 65 -5.54 -12.76 -54.12
C ASN H 65 -6.64 -12.13 -53.26
N SER H 66 -7.81 -11.94 -53.86
CA SER H 66 -8.92 -11.32 -53.14
C SER H 66 -10.21 -11.63 -53.88
N GLY H 67 -11.25 -11.96 -53.12
CA GLY H 67 -12.58 -12.18 -53.68
C GLY H 67 -12.61 -13.24 -54.75
N ASN H 68 -12.81 -12.81 -56.00
CA ASN H 68 -12.92 -13.70 -57.15
C ASN H 68 -11.72 -13.59 -58.09
N THR H 69 -10.64 -12.94 -57.68
CA THR H 69 -9.54 -12.64 -58.58
C THR H 69 -8.20 -12.80 -57.86
N ALA H 70 -7.26 -13.48 -58.52
CA ALA H 70 -5.86 -13.49 -58.13
C ALA H 70 -5.05 -12.77 -59.20
N THR H 71 -3.97 -12.12 -58.79
CA THR H 71 -3.20 -11.28 -59.68
C THR H 71 -1.70 -11.53 -59.48
N LEU H 72 -1.01 -11.77 -60.60
CA LEU H 72 0.44 -11.82 -60.67
C LEU H 72 0.94 -10.52 -61.28
N THR H 73 1.76 -9.79 -60.52
CA THR H 73 2.25 -8.48 -60.92
C THR H 73 3.75 -8.55 -61.12
N ILE H 74 4.20 -8.15 -62.31
CA ILE H 74 5.60 -8.26 -62.72
C ILE H 74 6.05 -6.85 -63.11
N SER H 75 6.69 -6.15 -62.18
CA SER H 75 7.17 -4.79 -62.42
C SER H 75 8.40 -4.81 -63.31
N GLY H 76 8.51 -3.80 -64.17
CA GLY H 76 9.67 -3.68 -65.04
C GLY H 76 9.88 -4.90 -65.92
N VAL H 77 8.95 -5.12 -66.86
CA VAL H 77 9.02 -6.29 -67.73
C VAL H 77 10.31 -6.24 -68.55
N GLU H 78 10.87 -7.41 -68.83
CA GLU H 78 11.99 -7.57 -69.74
C GLU H 78 11.67 -8.66 -70.75
N ALA H 79 12.61 -8.89 -71.67
CA ALA H 79 12.41 -9.92 -72.69
C ALA H 79 12.32 -11.31 -72.06
N GLY H 80 13.05 -11.53 -70.97
CA GLY H 80 13.04 -12.83 -70.32
C GLY H 80 11.73 -13.21 -69.67
N ASP H 81 10.88 -12.23 -69.35
CA ASP H 81 9.59 -12.54 -68.72
C ASP H 81 8.57 -13.12 -69.70
N GLU H 82 8.85 -13.08 -71.01
CA GLU H 82 7.92 -13.61 -71.98
C GLU H 82 7.81 -15.12 -71.81
N ALA H 83 6.70 -15.58 -71.23
CA ALA H 83 6.56 -16.97 -70.82
C ALA H 83 5.08 -17.29 -70.71
N ASP H 84 4.77 -18.56 -70.48
CA ASP H 84 3.43 -18.98 -70.11
C ASP H 84 3.30 -18.96 -68.60
N TYR H 85 2.12 -18.61 -68.10
CA TYR H 85 1.89 -18.50 -66.66
C TYR H 85 0.59 -19.21 -66.30
N TYR H 86 0.65 -20.08 -65.29
CA TYR H 86 -0.48 -20.90 -64.89
C TYR H 86 -0.77 -20.65 -63.41
N CYS H 87 -2.03 -20.32 -63.11
CA CYS H 87 -2.48 -20.24 -61.74
C CYS H 87 -2.98 -21.60 -61.28
N GLN H 88 -2.79 -21.87 -59.98
CA GLN H 88 -3.02 -23.19 -59.43
C GLN H 88 -3.68 -23.06 -58.06
N LEU H 89 -4.52 -24.05 -57.73
CA LEU H 89 -5.05 -24.17 -56.38
C LEU H 89 -5.33 -25.64 -56.10
N TRP H 90 -5.54 -25.93 -54.82
CA TRP H 90 -5.75 -27.29 -54.32
C TRP H 90 -7.17 -27.35 -53.77
N ASP H 91 -8.12 -27.73 -54.61
CA ASP H 91 -9.51 -27.91 -54.17
C ASP H 91 -9.59 -29.25 -53.46
N ILE H 92 -9.61 -29.22 -52.14
CA ILE H 92 -9.51 -30.44 -51.35
C ILE H 92 -10.90 -31.01 -51.06
N SER H 93 -11.94 -30.19 -51.11
CA SER H 93 -13.31 -30.69 -51.01
C SER H 93 -13.72 -31.51 -52.23
N SER H 94 -12.98 -31.43 -53.33
CA SER H 94 -13.27 -32.15 -54.56
C SER H 94 -12.33 -33.35 -54.72
N ASP H 95 -12.07 -34.04 -53.61
CA ASP H 95 -11.20 -35.23 -53.61
C ASP H 95 -9.76 -34.87 -53.96
N HIS H 96 -9.22 -33.87 -53.26
CA HIS H 96 -7.81 -33.52 -53.32
C HIS H 96 -7.38 -33.18 -54.75
N ASN H 97 -8.25 -32.48 -55.48
CA ASN H 97 -7.96 -32.11 -56.85
C ASN H 97 -7.02 -30.91 -56.90
N TYR H 98 -6.10 -30.93 -57.86
CA TYR H 98 -5.19 -29.82 -58.12
C TYR H 98 -5.62 -29.17 -59.43
N ILE H 99 -6.23 -27.99 -59.34
CA ILE H 99 -6.87 -27.33 -60.47
C ILE H 99 -5.93 -26.24 -60.97
N PHE H 100 -5.64 -26.25 -62.27
CA PHE H 100 -4.76 -25.26 -62.88
C PHE H 100 -5.62 -24.31 -63.72
N GLY H 101 -5.05 -23.16 -64.09
CA GLY H 101 -5.73 -22.27 -65.00
C GLY H 101 -5.48 -22.63 -66.46
N ASP H 102 -6.22 -21.96 -67.34
CA ASP H 102 -6.05 -22.18 -68.78
C ASP H 102 -4.70 -21.68 -69.27
N GLY H 103 -4.19 -20.59 -68.72
CA GLY H 103 -2.86 -20.10 -69.02
C GLY H 103 -2.88 -18.75 -69.71
N THR H 104 -1.77 -18.03 -69.59
CA THR H 104 -1.58 -16.73 -70.22
C THR H 104 -0.14 -16.59 -70.68
N ARG H 105 0.04 -16.09 -71.90
CA ARG H 105 1.36 -15.85 -72.45
C ARG H 105 1.70 -14.36 -72.35
N LEU H 106 2.96 -14.06 -72.06
CA LEU H 106 3.44 -12.68 -72.05
C LEU H 106 4.32 -12.43 -73.27
N GLU I 1 -13.03 -25.25 61.84
CA GLU I 1 -13.46 -26.36 60.94
C GLU I 1 -14.98 -26.37 60.78
N VAL I 2 -15.42 -26.63 59.54
CA VAL I 2 -16.84 -26.71 59.25
C VAL I 2 -17.38 -28.03 59.82
N GLN I 3 -18.40 -27.93 60.66
CA GLN I 3 -18.97 -29.12 61.30
C GLN I 3 -20.45 -28.93 61.56
N LEU I 4 -21.20 -30.02 61.41
CA LEU I 4 -22.62 -30.09 61.72
C LEU I 4 -22.83 -31.26 62.67
N VAL I 5 -23.54 -31.02 63.77
CA VAL I 5 -23.75 -32.04 64.80
C VAL I 5 -25.24 -32.11 65.11
N GLU I 6 -25.82 -33.29 64.91
CA GLU I 6 -27.24 -33.50 65.15
C GLU I 6 -27.48 -33.98 66.58
N SER I 7 -28.70 -33.77 67.06
CA SER I 7 -29.08 -34.20 68.40
C SER I 7 -30.59 -34.23 68.50
N GLY I 8 -31.08 -34.97 69.50
CA GLY I 8 -32.48 -35.06 69.80
C GLY I 8 -33.19 -36.31 69.31
N GLY I 9 -32.51 -37.18 68.55
CA GLY I 9 -33.15 -38.38 68.04
C GLY I 9 -33.33 -39.43 69.13
N GLY I 10 -34.02 -40.50 68.77
CA GLY I 10 -34.35 -41.54 69.72
C GLY I 10 -35.65 -42.23 69.34
N LEU I 11 -36.23 -42.93 70.31
CA LEU I 11 -37.44 -43.72 70.09
C LEU I 11 -38.68 -42.88 70.39
N VAL I 12 -39.73 -43.12 69.59
CA VAL I 12 -41.01 -42.42 69.77
C VAL I 12 -42.12 -43.34 69.30
N GLN I 13 -43.30 -43.19 69.89
CA GLN I 13 -44.45 -43.98 69.46
C GLN I 13 -45.01 -43.41 68.15
N PRO I 14 -45.68 -44.24 67.34
CA PRO I 14 -46.41 -43.70 66.19
C PRO I 14 -47.46 -42.68 66.65
N GLY I 15 -47.59 -41.61 65.87
CA GLY I 15 -48.45 -40.50 66.25
C GLY I 15 -47.82 -39.52 67.21
N GLY I 16 -46.58 -39.75 67.63
CA GLY I 16 -45.89 -38.85 68.54
C GLY I 16 -45.26 -37.68 67.81
N SER I 17 -44.42 -36.95 68.54
CA SER I 17 -43.75 -35.78 68.01
C SER I 17 -42.33 -35.72 68.55
N LEU I 18 -41.48 -34.97 67.85
CA LEU I 18 -40.07 -34.85 68.24
C LEU I 18 -39.52 -33.55 67.68
N ARG I 19 -38.44 -33.07 68.27
CA ARG I 19 -37.74 -31.87 67.80
C ARG I 19 -36.28 -32.20 67.57
N LEU I 20 -35.92 -32.43 66.31
CA LEU I 20 -34.54 -32.72 65.96
C LEU I 20 -33.77 -31.43 65.73
N SER I 21 -32.52 -31.41 66.21
CA SER I 21 -31.70 -30.21 66.21
C SER I 21 -30.38 -30.50 65.50
N CYS I 22 -29.78 -29.47 64.93
CA CYS I 22 -28.48 -29.57 64.28
C CYS I 22 -27.71 -28.28 64.54
N VAL I 23 -26.70 -28.36 65.39
CA VAL I 23 -25.83 -27.21 65.66
C VAL I 23 -24.74 -27.16 64.61
N ALA I 24 -24.38 -25.94 64.19
CA ALA I 24 -23.44 -25.70 63.11
C ALA I 24 -22.26 -24.89 63.62
N SER I 25 -21.08 -25.15 63.07
CA SER I 25 -19.89 -24.43 63.47
C SER I 25 -18.92 -24.32 62.29
N GLY I 26 -18.11 -23.26 62.33
CA GLY I 26 -17.03 -23.08 61.37
C GLY I 26 -17.38 -22.27 60.14
N PHE I 27 -18.48 -21.51 60.15
CA PHE I 27 -18.92 -20.82 58.94
C PHE I 27 -20.03 -19.85 59.30
N THR I 28 -20.50 -19.13 58.28
CA THR I 28 -21.60 -18.18 58.42
C THR I 28 -22.92 -18.92 58.19
N PHE I 29 -23.59 -19.26 59.29
CA PHE I 29 -24.84 -20.01 59.22
C PHE I 29 -25.90 -19.25 58.43
N SER I 30 -25.86 -17.93 58.48
CA SER I 30 -26.86 -17.11 57.81
C SER I 30 -26.67 -17.05 56.29
N ASP I 31 -25.50 -17.44 55.79
CA ASP I 31 -25.19 -17.23 54.38
C ASP I 31 -25.64 -18.37 53.47
N TYR I 32 -26.00 -19.52 54.03
CA TYR I 32 -26.27 -20.72 53.24
C TYR I 32 -27.64 -21.30 53.56
N ARG I 33 -28.25 -21.88 52.53
CA ARG I 33 -29.42 -22.75 52.69
C ARG I 33 -29.04 -24.06 53.38
N MET I 34 -29.99 -24.61 54.14
CA MET I 34 -29.78 -25.88 54.81
C MET I 34 -30.88 -26.87 54.40
N ALA I 35 -30.65 -28.14 54.70
CA ALA I 35 -31.59 -29.19 54.35
C ALA I 35 -31.51 -30.31 55.39
N TRP I 36 -32.64 -30.98 55.57
CA TRP I 36 -32.70 -32.27 56.25
C TRP I 36 -32.89 -33.35 55.21
N VAL I 37 -32.04 -34.38 55.27
CA VAL I 37 -32.10 -35.52 54.38
C VAL I 37 -32.18 -36.77 55.25
N ARG I 38 -32.75 -37.82 54.69
CA ARG I 38 -33.08 -39.03 55.44
C ARG I 38 -32.54 -40.26 54.74
N GLN I 39 -32.17 -41.27 55.53
CA GLN I 39 -31.77 -42.57 55.00
C GLN I 39 -32.35 -43.65 55.90
N ALA I 40 -33.24 -44.46 55.35
CA ALA I 40 -33.71 -45.65 56.04
C ALA I 40 -32.64 -46.74 55.97
N THR I 41 -32.69 -47.67 56.91
CA THR I 41 -31.70 -48.74 56.97
C THR I 41 -31.76 -49.58 55.70
N GLY I 42 -30.60 -49.77 55.07
CA GLY I 42 -30.50 -50.53 53.84
C GLY I 42 -31.03 -49.84 52.61
N LYS I 43 -31.52 -48.61 52.72
CA LYS I 43 -32.11 -47.87 51.61
C LYS I 43 -31.19 -46.71 51.21
N GLY I 44 -31.56 -46.07 50.10
CA GLY I 44 -30.83 -44.93 49.59
C GLY I 44 -31.21 -43.65 50.30
N LEU I 45 -30.64 -42.55 49.80
CA LEU I 45 -30.89 -41.23 50.34
C LEU I 45 -32.17 -40.65 49.76
N GLU I 46 -33.01 -40.08 50.64
CA GLU I 46 -34.22 -39.38 50.23
C GLU I 46 -34.25 -38.02 50.91
N TRP I 47 -34.52 -36.99 50.12
CA TRP I 47 -34.56 -35.63 50.64
C TRP I 47 -35.84 -35.40 51.45
N VAL I 48 -35.71 -34.72 52.58
CA VAL I 48 -36.83 -34.41 53.46
C VAL I 48 -37.27 -32.96 53.30
N SER I 49 -36.39 -32.01 53.59
CA SER I 49 -36.81 -30.60 53.56
C SER I 49 -35.62 -29.69 53.35
N THR I 50 -35.92 -28.47 52.89
CA THR I 50 -34.93 -27.40 52.74
C THR I 50 -35.47 -26.10 53.30
N ILE I 51 -34.60 -25.34 53.96
CA ILE I 51 -34.91 -24.00 54.46
C ILE I 51 -33.87 -23.03 53.92
N SER I 52 -34.36 -21.93 53.36
CA SER I 52 -33.55 -20.95 52.62
C SER I 52 -32.78 -20.06 53.59
N GLN I 53 -32.11 -19.05 53.02
CA GLN I 53 -31.25 -18.14 53.76
C GLN I 53 -31.51 -16.70 53.32
N PRO I 54 -31.21 -15.71 54.19
CA PRO I 54 -30.72 -15.81 55.57
C PRO I 54 -31.85 -16.00 56.57
N SER I 55 -33.04 -15.51 56.25
CA SER I 55 -34.19 -15.59 57.15
C SER I 55 -35.00 -16.88 57.00
N GLY I 56 -34.71 -17.70 55.99
CA GLY I 56 -35.50 -18.90 55.76
C GLY I 56 -36.96 -18.62 55.48
N THR I 57 -37.25 -17.65 54.61
CA THR I 57 -38.64 -17.29 54.34
C THR I 57 -39.38 -18.44 53.66
N ASN I 58 -38.79 -19.03 52.62
CA ASN I 58 -39.43 -20.07 51.83
C ASN I 58 -38.86 -21.43 52.24
N THR I 59 -39.75 -22.38 52.51
CA THR I 59 -39.38 -23.71 52.97
C THR I 59 -40.03 -24.76 52.06
N TYR I 60 -39.27 -25.80 51.72
CA TYR I 60 -39.75 -26.86 50.85
C TYR I 60 -39.68 -28.19 51.59
N TYR I 61 -40.63 -29.07 51.29
CA TYR I 61 -40.78 -30.35 51.98
C TYR I 61 -41.05 -31.45 50.96
N LEU I 62 -40.71 -32.69 51.34
CA LEU I 62 -41.09 -33.83 50.52
C LEU I 62 -42.60 -34.05 50.63
N ASP I 63 -43.17 -34.78 49.67
CA ASP I 63 -44.62 -34.82 49.55
C ASP I 63 -45.32 -35.44 50.77
N PRO I 64 -44.94 -36.61 51.28
CA PRO I 64 -45.67 -37.16 52.43
C PRO I 64 -45.42 -36.40 53.72
N VAL I 65 -44.30 -35.69 53.86
CA VAL I 65 -43.98 -35.00 55.11
C VAL I 65 -44.54 -33.58 55.18
N LYS I 66 -45.32 -33.15 54.18
CA LYS I 66 -45.94 -31.84 54.25
C LYS I 66 -47.08 -31.85 55.27
N GLY I 67 -47.24 -30.73 55.98
CA GLY I 67 -48.28 -30.59 56.97
C GLY I 67 -47.96 -31.17 58.33
N ARG I 68 -47.04 -32.15 58.40
CA ARG I 68 -46.65 -32.76 59.66
C ARG I 68 -45.28 -32.35 60.15
N PHE I 69 -44.29 -32.25 59.25
CA PHE I 69 -42.93 -31.87 59.61
C PHE I 69 -42.68 -30.43 59.18
N THR I 70 -42.00 -29.68 60.05
CA THR I 70 -41.70 -28.28 59.79
C THR I 70 -40.25 -27.99 60.15
N VAL I 71 -39.51 -27.41 59.20
CA VAL I 71 -38.10 -27.06 59.36
C VAL I 71 -37.99 -25.57 59.68
N SER I 72 -37.10 -25.25 60.61
CA SER I 72 -36.87 -23.87 61.04
C SER I 72 -35.38 -23.66 61.28
N ARG I 73 -35.00 -22.40 61.47
CA ARG I 73 -33.60 -22.02 61.61
C ARG I 73 -33.46 -20.89 62.62
N ASP I 74 -32.28 -20.81 63.23
CA ASP I 74 -31.92 -19.73 64.14
C ASP I 74 -30.47 -19.35 63.84
N ASN I 75 -30.28 -18.16 63.25
CA ASN I 75 -28.93 -17.70 62.91
C ASN I 75 -28.17 -17.19 64.13
N ALA I 76 -28.86 -16.82 65.20
CA ALA I 76 -28.18 -16.32 66.39
C ALA I 76 -27.31 -17.39 67.02
N LYS I 77 -27.89 -18.58 67.26
CA LYS I 77 -27.17 -19.72 67.82
C LYS I 77 -26.70 -20.71 66.75
N ASN I 78 -26.90 -20.38 65.47
CA ASN I 78 -26.36 -21.16 64.36
C ASN I 78 -26.93 -22.59 64.35
N THR I 79 -28.25 -22.70 64.53
CA THR I 79 -28.90 -24.00 64.75
C THR I 79 -30.06 -24.20 63.78
N LEU I 80 -30.07 -25.36 63.13
CA LEU I 80 -31.18 -25.82 62.30
C LEU I 80 -32.08 -26.74 63.13
N TYR I 81 -33.37 -26.77 62.78
CA TYR I 81 -34.36 -27.52 63.53
C TYR I 81 -35.37 -28.17 62.59
N LEU I 82 -35.88 -29.32 63.00
CA LEU I 82 -36.98 -29.99 62.31
C LEU I 82 -37.91 -30.58 63.36
N GLN I 83 -39.12 -30.03 63.47
CA GLN I 83 -40.15 -30.56 64.36
C GLN I 83 -41.02 -31.53 63.57
N MET I 84 -41.24 -32.71 64.15
CA MET I 84 -42.06 -33.75 63.55
C MET I 84 -43.30 -33.96 64.41
N HIS I 85 -44.45 -34.05 63.74
CA HIS I 85 -45.72 -34.40 64.34
C HIS I 85 -46.31 -35.62 63.64
N SER I 86 -47.17 -36.34 64.36
CA SER I 86 -47.91 -37.48 63.82
C SER I 86 -46.94 -38.48 63.18
N LEU I 87 -45.95 -38.90 63.95
CA LEU I 87 -44.89 -39.75 63.42
C LEU I 87 -45.45 -41.11 63.02
N ARG I 88 -44.79 -41.74 62.06
CA ARG I 88 -45.25 -42.98 61.45
C ARG I 88 -44.07 -43.94 61.35
N ALA I 89 -44.40 -45.23 61.21
CA ALA I 89 -43.39 -46.28 61.42
C ALA I 89 -42.21 -46.14 60.46
N GLU I 90 -42.48 -45.82 59.19
CA GLU I 90 -41.39 -45.73 58.22
C GLU I 90 -40.66 -44.39 58.30
N ASP I 91 -41.02 -43.51 59.22
CA ASP I 91 -40.15 -42.39 59.55
C ASP I 91 -38.88 -42.84 60.25
N THR I 92 -38.82 -44.10 60.69
CA THR I 92 -37.63 -44.64 61.33
C THR I 92 -36.45 -44.60 60.37
N ALA I 93 -35.41 -43.83 60.71
CA ALA I 93 -34.28 -43.65 59.80
C ALA I 93 -33.21 -42.82 60.48
N VAL I 94 -32.06 -42.71 59.81
CA VAL I 94 -31.00 -41.79 60.21
C VAL I 94 -31.17 -40.50 59.42
N TYR I 95 -31.28 -39.39 60.13
CA TYR I 95 -31.47 -38.07 59.53
C TYR I 95 -30.16 -37.29 59.63
N TYR I 96 -29.76 -36.69 58.50
CA TYR I 96 -28.58 -35.85 58.41
C TYR I 96 -29.01 -34.42 58.09
N CYS I 97 -28.47 -33.46 58.82
CA CYS I 97 -28.53 -32.06 58.41
C CYS I 97 -27.37 -31.78 57.48
N ALA I 98 -27.67 -31.20 56.32
CA ALA I 98 -26.66 -30.97 55.29
C ALA I 98 -26.80 -29.57 54.73
N ARG I 99 -25.65 -28.95 54.46
CA ARG I 99 -25.67 -27.65 53.79
C ARG I 99 -26.13 -27.84 52.35
N VAL I 100 -26.68 -26.77 51.78
CA VAL I 100 -27.05 -26.72 50.37
C VAL I 100 -26.24 -25.62 49.71
N VAL I 101 -25.37 -25.99 48.77
CA VAL I 101 -24.64 -25.05 47.94
C VAL I 101 -25.35 -24.99 46.59
N THR I 102 -25.99 -23.85 46.32
CA THR I 102 -26.77 -23.65 45.10
C THR I 102 -26.15 -22.54 44.28
N GLU I 103 -26.21 -22.71 42.96
CA GLU I 103 -25.71 -21.75 42.00
C GLU I 103 -26.87 -21.16 41.23
N SER I 104 -26.80 -19.84 40.97
CA SER I 104 -27.93 -19.13 40.38
C SER I 104 -28.29 -19.67 39.01
N ARG I 105 -27.28 -19.97 38.17
CA ARG I 105 -27.53 -20.44 36.83
C ARG I 105 -26.49 -21.50 36.43
N PRO I 106 -26.90 -22.68 35.93
CA PRO I 106 -28.27 -23.20 35.84
C PRO I 106 -28.75 -23.50 37.24
N PRO I 107 -30.04 -23.37 37.59
CA PRO I 107 -30.46 -23.71 38.95
C PRO I 107 -30.07 -25.13 39.32
N ALA I 108 -29.11 -25.25 40.24
CA ALA I 108 -28.52 -26.53 40.59
C ALA I 108 -28.01 -26.44 42.01
N ALA I 109 -28.39 -27.41 42.83
CA ALA I 109 -28.04 -27.43 44.25
C ALA I 109 -27.50 -28.79 44.62
N TRP I 110 -26.52 -28.79 45.51
CA TRP I 110 -25.92 -30.03 46.00
C TRP I 110 -25.50 -29.83 47.44
N PHE I 111 -25.14 -30.95 48.08
CA PHE I 111 -24.79 -30.98 49.49
C PHE I 111 -23.28 -31.19 49.62
N ASP I 112 -22.58 -30.19 50.17
CA ASP I 112 -21.14 -30.28 50.33
C ASP I 112 -20.75 -30.76 51.74
N VAL I 113 -21.50 -30.35 52.76
CA VAL I 113 -21.21 -30.67 54.14
C VAL I 113 -22.40 -31.44 54.71
N TRP I 114 -22.12 -32.59 55.32
CA TRP I 114 -23.10 -33.44 55.96
C TRP I 114 -22.72 -33.64 57.43
N GLY I 115 -23.72 -33.68 58.29
CA GLY I 115 -23.52 -34.08 59.66
C GLY I 115 -23.40 -35.59 59.74
N PRO I 116 -22.91 -36.11 60.88
CA PRO I 116 -22.82 -37.57 61.02
C PRO I 116 -24.16 -38.27 60.99
N GLY I 117 -25.24 -37.57 61.31
CA GLY I 117 -26.58 -38.14 61.32
C GLY I 117 -26.96 -38.70 62.68
N VAL I 118 -28.27 -38.81 62.90
CA VAL I 118 -28.79 -39.35 64.16
C VAL I 118 -30.07 -40.12 63.88
N LEU I 119 -30.32 -41.13 64.71
CA LEU I 119 -31.33 -42.14 64.43
C LEU I 119 -32.61 -41.82 65.19
N VAL I 120 -33.74 -41.79 64.47
CA VAL I 120 -35.07 -41.69 65.05
C VAL I 120 -35.80 -42.98 64.74
N THR I 121 -36.41 -43.59 65.75
CA THR I 121 -37.17 -44.82 65.60
C THR I 121 -38.63 -44.54 65.92
N VAL I 122 -39.52 -45.07 65.10
CA VAL I 122 -40.96 -44.96 65.29
C VAL I 122 -41.51 -46.38 65.32
N SER I 123 -41.81 -46.88 66.51
CA SER I 123 -42.32 -48.23 66.69
C SER I 123 -43.17 -48.28 67.94
N SER I 124 -44.04 -49.28 67.99
CA SER I 124 -44.94 -49.47 69.13
C SER I 124 -44.34 -50.44 70.15
N SER J 1 -42.14 -35.93 37.00
CA SER J 1 -41.19 -36.45 38.01
C SER J 1 -40.19 -37.40 37.36
N TYR J 2 -38.90 -37.05 37.44
CA TYR J 2 -37.87 -37.86 36.82
C TYR J 2 -37.58 -39.08 37.68
N GLU J 3 -37.34 -40.21 37.02
CA GLU J 3 -36.96 -41.45 37.69
C GLU J 3 -35.51 -41.77 37.34
N LEU J 4 -34.73 -42.12 38.35
CA LEU J 4 -33.31 -42.44 38.19
C LEU J 4 -33.10 -43.92 38.46
N THR J 5 -32.49 -44.61 37.50
CA THR J 5 -32.14 -46.02 37.63
C THR J 5 -30.63 -46.19 37.43
N GLN J 6 -30.01 -46.94 38.33
CA GLN J 6 -28.62 -47.35 38.22
C GLN J 6 -28.55 -48.86 38.35
N PRO J 7 -27.51 -49.51 37.82
CA PRO J 7 -27.37 -50.95 38.02
C PRO J 7 -27.24 -51.27 39.50
N PRO J 8 -27.87 -52.35 39.99
CA PRO J 8 -27.77 -52.65 41.43
C PRO J 8 -26.36 -52.94 41.89
N SER J 9 -25.49 -53.40 40.99
CA SER J 9 -24.12 -53.70 41.36
C SER J 9 -23.24 -53.65 40.12
N VAL J 10 -21.95 -53.39 40.35
CA VAL J 10 -20.93 -53.46 39.31
C VAL J 10 -19.71 -54.13 39.91
N SER J 11 -19.11 -55.05 39.17
CA SER J 11 -17.98 -55.84 39.64
C SER J 11 -16.72 -55.42 38.89
N ALA J 12 -15.67 -55.12 39.64
CA ALA J 12 -14.40 -54.70 39.05
C ALA J 12 -13.26 -55.02 40.00
N SER J 13 -12.31 -55.81 39.53
CA SER J 13 -11.07 -56.02 40.26
C SER J 13 -10.22 -54.76 40.18
N PRO J 14 -9.21 -54.62 41.03
CA PRO J 14 -8.33 -53.44 40.93
C PRO J 14 -7.59 -53.41 39.59
N GLY J 15 -7.34 -52.19 39.12
CA GLY J 15 -6.46 -51.95 37.98
C GLY J 15 -7.11 -51.29 36.78
N GLN J 16 -8.34 -51.66 36.44
CA GLN J 16 -8.98 -51.19 35.23
C GLN J 16 -9.97 -50.07 35.55
N THR J 17 -10.74 -49.68 34.53
CA THR J 17 -11.72 -48.61 34.64
C THR J 17 -13.11 -49.20 34.85
N ALA J 18 -13.93 -48.52 35.66
CA ALA J 18 -15.29 -48.94 35.96
C ALA J 18 -16.26 -47.82 35.62
N ARG J 19 -17.35 -48.19 34.92
CA ARG J 19 -18.38 -47.24 34.51
C ARG J 19 -19.68 -47.58 35.20
N ILE J 20 -20.30 -46.60 35.85
CA ILE J 20 -21.60 -46.75 36.51
C ILE J 20 -22.56 -45.77 35.86
N THR J 21 -23.72 -46.27 35.42
CA THR J 21 -24.64 -45.51 34.60
C THR J 21 -25.90 -45.13 35.37
N CYS J 22 -26.32 -43.88 35.20
CA CYS J 22 -27.58 -43.36 35.71
C CYS J 22 -28.53 -43.18 34.53
N GLY J 23 -29.70 -43.81 34.60
CA GLY J 23 -30.69 -43.75 33.54
C GLY J 23 -31.92 -42.96 33.98
N GLY J 24 -32.38 -42.08 33.10
CA GLY J 24 -33.60 -41.33 33.33
C GLY J 24 -33.92 -40.52 32.10
N ILE J 25 -35.22 -40.28 31.83
CA ILE J 25 -35.61 -39.66 30.58
C ILE J 25 -35.04 -38.26 30.49
N ASN J 26 -34.33 -37.98 29.40
CA ASN J 26 -33.83 -36.65 29.08
C ASN J 26 -32.94 -36.07 30.17
N ILE J 27 -32.22 -36.90 30.93
CA ILE J 27 -31.35 -36.38 31.98
C ILE J 27 -30.14 -35.64 31.42
N GLY J 28 -29.83 -35.81 30.13
CA GLY J 28 -28.77 -35.03 29.53
C GLY J 28 -29.05 -33.54 29.49
N SER J 29 -30.33 -33.15 29.62
CA SER J 29 -30.70 -31.75 29.66
C SER J 29 -30.56 -31.13 31.05
N GLU J 30 -30.19 -31.92 32.06
CA GLU J 30 -30.02 -31.43 33.43
C GLU J 30 -28.62 -31.78 33.90
N LEU J 31 -28.29 -31.33 35.11
CA LEU J 31 -26.97 -31.47 35.70
C LEU J 31 -27.03 -32.54 36.78
N VAL J 32 -26.16 -33.55 36.67
CA VAL J 32 -26.17 -34.69 37.58
C VAL J 32 -25.07 -34.51 38.61
N HIS J 33 -25.27 -35.10 39.79
CA HIS J 33 -24.27 -35.14 40.85
C HIS J 33 -24.17 -36.57 41.37
N TRP J 34 -22.96 -37.09 41.45
CA TRP J 34 -22.70 -38.42 42.00
C TRP J 34 -22.13 -38.28 43.40
N TYR J 35 -22.75 -38.99 44.34
CA TYR J 35 -22.32 -39.03 45.74
C TYR J 35 -21.80 -40.43 46.05
N GLN J 36 -20.69 -40.50 46.77
CA GLN J 36 -20.08 -41.77 47.16
C GLN J 36 -20.31 -41.98 48.66
N GLN J 37 -20.76 -43.17 49.03
CA GLN J 37 -21.07 -43.47 50.42
C GLN J 37 -20.48 -44.81 50.83
N LYS J 38 -19.88 -44.84 52.02
CA LYS J 38 -19.60 -46.06 52.76
C LYS J 38 -20.54 -46.10 53.96
N PRO J 39 -21.54 -46.98 54.03
CA PRO J 39 -22.36 -47.06 55.24
C PRO J 39 -21.51 -47.47 56.43
N PRO J 40 -21.74 -46.90 57.63
CA PRO J 40 -22.74 -45.91 58.02
C PRO J 40 -22.27 -44.46 57.82
N GLN J 41 -21.10 -44.23 57.23
CA GLN J 41 -20.61 -42.87 57.07
C GLN J 41 -21.48 -42.11 56.07
N ALA J 42 -21.52 -40.79 56.22
CA ALA J 42 -22.38 -39.97 55.39
C ALA J 42 -21.90 -39.98 53.94
N PRO J 43 -22.80 -39.79 52.97
CA PRO J 43 -22.36 -39.71 51.57
C PRO J 43 -21.45 -38.50 51.36
N VAL J 44 -20.53 -38.64 50.41
CA VAL J 44 -19.60 -37.58 50.02
C VAL J 44 -19.78 -37.31 48.54
N LEU J 45 -19.85 -36.02 48.18
CA LEU J 45 -19.99 -35.61 46.79
C LEU J 45 -18.69 -35.89 46.03
N VAL J 46 -18.81 -36.53 44.86
CA VAL J 46 -17.65 -36.86 44.04
C VAL J 46 -17.78 -36.25 42.65
N ILE J 47 -19.01 -36.07 42.17
CA ILE J 47 -19.26 -35.38 40.91
C ILE J 47 -20.38 -34.38 41.13
N TYR J 48 -20.25 -33.19 40.55
CA TYR J 48 -21.38 -32.27 40.46
C TYR J 48 -21.32 -31.51 39.14
N ALA J 49 -22.49 -31.30 38.56
CA ALA J 49 -22.65 -30.51 37.33
C ALA J 49 -22.04 -31.22 36.12
N ASN J 50 -22.06 -32.55 36.15
CA ASN J 50 -21.77 -33.43 35.01
C ASN J 50 -20.29 -33.48 34.62
N GLY J 51 -19.46 -32.58 35.14
CA GLY J 51 -18.10 -32.47 34.63
C GLY J 51 -16.99 -32.06 35.57
N GLU J 52 -17.29 -31.78 36.84
CA GLU J 52 -16.27 -31.31 37.78
C GLU J 52 -16.47 -31.91 39.16
N ARG J 53 -15.48 -31.67 40.02
CA ARG J 53 -15.29 -32.40 41.26
C ARG J 53 -14.95 -31.46 42.40
N PRO J 54 -15.30 -31.82 43.64
CA PRO J 54 -14.77 -31.06 44.78
C PRO J 54 -13.27 -31.26 44.94
N SER J 55 -12.65 -30.37 45.70
CA SER J 55 -11.22 -30.47 45.95
C SER J 55 -10.90 -31.76 46.70
N GLY J 56 -9.78 -32.38 46.34
CA GLY J 56 -9.33 -33.59 46.98
C GLY J 56 -9.72 -34.87 46.29
N ILE J 57 -10.60 -34.83 45.29
CA ILE J 57 -11.00 -36.02 44.56
C ILE J 57 -9.84 -36.41 43.63
N PRO J 58 -9.36 -37.66 43.64
CA PRO J 58 -8.26 -38.03 42.75
C PRO J 58 -8.60 -37.79 41.27
N GLU J 59 -7.55 -37.80 40.45
CA GLU J 59 -7.69 -37.53 39.02
C GLU J 59 -8.38 -38.66 38.27
N ARG J 60 -8.58 -39.82 38.90
CA ARG J 60 -9.21 -40.95 38.22
C ARG J 60 -10.71 -40.77 38.04
N PHE J 61 -11.36 -40.03 38.93
CA PHE J 61 -12.81 -39.87 38.89
C PHE J 61 -13.20 -38.89 37.78
N SER J 62 -14.23 -39.25 37.01
CA SER J 62 -14.74 -38.35 35.98
C SER J 62 -16.22 -38.62 35.77
N GLY J 63 -16.91 -37.63 35.23
CA GLY J 63 -18.34 -37.72 35.01
C GLY J 63 -18.73 -37.20 33.65
N SER J 64 -19.84 -37.72 33.14
CA SER J 64 -20.37 -37.30 31.85
C SER J 64 -21.89 -37.44 31.88
N ASN J 65 -22.55 -36.71 30.98
CA ASN J 65 -24.00 -36.78 30.88
C ASN J 65 -24.43 -36.46 29.46
N SER J 66 -25.36 -37.24 28.93
CA SER J 66 -25.86 -37.05 27.57
C SER J 66 -27.15 -37.81 27.39
N GLY J 67 -28.15 -37.16 26.81
CA GLY J 67 -29.40 -37.79 26.47
C GLY J 67 -30.08 -38.48 27.64
N ASN J 68 -30.11 -39.80 27.60
CA ASN J 68 -30.83 -40.62 28.57
C ASN J 68 -29.87 -41.30 29.55
N THR J 69 -28.60 -40.89 29.58
CA THR J 69 -27.61 -41.56 30.39
C THR J 69 -26.59 -40.57 30.94
N ALA J 70 -26.33 -40.67 32.23
CA ALA J 70 -25.14 -40.10 32.85
C ALA J 70 -24.22 -41.23 33.25
N THR J 71 -22.92 -40.93 33.37
CA THR J 71 -21.93 -41.95 33.60
C THR J 71 -20.84 -41.45 34.54
N LEU J 72 -20.54 -42.24 35.57
CA LEU J 72 -19.40 -42.05 36.44
C LEU J 72 -18.32 -43.04 36.05
N THR J 73 -17.15 -42.52 35.65
CA THR J 73 -16.05 -43.32 35.16
C THR J 73 -14.89 -43.23 36.14
N ILE J 74 -14.41 -44.38 36.60
CA ILE J 74 -13.41 -44.49 37.64
C ILE J 74 -12.26 -45.31 37.07
N SER J 75 -11.24 -44.62 36.55
CA SER J 75 -10.09 -45.31 35.99
C SER J 75 -9.20 -45.87 37.08
N GLY J 76 -8.60 -47.03 36.81
CA GLY J 76 -7.71 -47.64 37.76
C GLY J 76 -8.36 -47.94 39.09
N VAL J 77 -9.30 -48.89 39.10
CA VAL J 77 -10.01 -49.23 40.32
C VAL J 77 -9.03 -49.77 41.36
N GLU J 78 -9.33 -49.51 42.63
CA GLU J 78 -8.60 -50.08 43.75
C GLU J 78 -9.59 -50.64 44.76
N ALA J 79 -9.06 -51.21 45.84
CA ALA J 79 -9.91 -51.77 46.88
C ALA J 79 -10.73 -50.69 47.57
N GLY J 80 -10.14 -49.51 47.78
CA GLY J 80 -10.84 -48.42 48.44
C GLY J 80 -12.03 -47.89 47.67
N ASP J 81 -12.08 -48.10 46.35
CA ASP J 81 -13.22 -47.65 45.57
C ASP J 81 -14.47 -48.48 45.81
N GLU J 82 -14.33 -49.69 46.39
CA GLU J 82 -15.49 -50.53 46.64
C GLU J 82 -16.41 -49.84 47.64
N ALA J 83 -17.53 -49.31 47.15
CA ALA J 83 -18.42 -48.48 47.94
C ALA J 83 -19.78 -48.44 47.24
N ASP J 84 -20.68 -47.59 47.73
CA ASP J 84 -21.95 -47.35 47.07
C ASP J 84 -21.96 -45.95 46.46
N TYR J 85 -22.70 -45.80 45.35
CA TYR J 85 -22.72 -44.55 44.60
C TYR J 85 -24.15 -44.21 44.24
N TYR J 86 -24.57 -42.97 44.52
CA TYR J 86 -25.89 -42.48 44.18
C TYR J 86 -25.80 -41.41 43.11
N CYS J 87 -26.57 -41.60 42.05
CA CYS J 87 -26.94 -40.53 41.13
C CYS J 87 -27.95 -39.61 41.78
N GLN J 88 -27.85 -38.31 41.50
CA GLN J 88 -28.80 -37.34 42.03
C GLN J 88 -28.95 -36.17 41.07
N LEU J 89 -30.14 -35.58 41.07
CA LEU J 89 -30.38 -34.32 40.38
C LEU J 89 -31.46 -33.55 41.14
N TRP J 90 -31.62 -32.29 40.76
CA TRP J 90 -32.59 -31.37 41.35
C TRP J 90 -33.58 -30.98 40.26
N ASP J 91 -34.75 -31.62 40.26
CA ASP J 91 -35.81 -31.26 39.32
C ASP J 91 -36.68 -30.22 40.01
N ILE J 92 -36.76 -29.02 39.41
CA ILE J 92 -37.36 -27.90 40.11
C ILE J 92 -38.79 -27.69 39.62
N SER J 93 -39.11 -28.14 38.40
CA SER J 93 -40.48 -28.08 37.88
C SER J 93 -41.42 -29.01 38.64
N SER J 94 -40.89 -29.91 39.47
CA SER J 94 -41.68 -30.79 40.31
C SER J 94 -41.59 -30.36 41.78
N ASP J 95 -41.66 -29.05 42.01
CA ASP J 95 -41.66 -28.46 43.35
C ASP J 95 -40.31 -28.75 44.03
N HIS J 96 -39.23 -28.35 43.34
CA HIS J 96 -37.89 -28.27 43.93
C HIS J 96 -37.47 -29.59 44.58
N ASN J 97 -37.81 -30.70 43.96
CA ASN J 97 -37.51 -32.00 44.53
C ASN J 97 -36.14 -32.48 44.09
N TYR J 98 -35.49 -33.23 44.97
CA TYR J 98 -34.14 -33.75 44.76
C TYR J 98 -34.23 -35.26 44.61
N ILE J 99 -34.11 -35.74 43.37
CA ILE J 99 -34.28 -37.15 43.06
C ILE J 99 -32.91 -37.82 43.15
N PHE J 100 -32.84 -38.91 43.92
CA PHE J 100 -31.66 -39.75 44.02
C PHE J 100 -31.87 -41.04 43.23
N GLY J 101 -30.76 -41.65 42.81
CA GLY J 101 -30.83 -42.94 42.16
C GLY J 101 -30.93 -44.08 43.16
N ASP J 102 -31.29 -45.26 42.64
CA ASP J 102 -31.43 -46.42 43.49
C ASP J 102 -30.12 -46.86 44.12
N GLY J 103 -28.99 -46.54 43.50
CA GLY J 103 -27.69 -46.83 44.04
C GLY J 103 -27.02 -48.01 43.34
N THR J 104 -25.69 -47.99 43.33
CA THR J 104 -24.87 -49.04 42.73
C THR J 104 -23.69 -49.34 43.63
N ARG J 105 -23.36 -50.63 43.74
CA ARG J 105 -22.25 -51.09 44.57
C ARG J 105 -21.09 -51.54 43.68
N LEU J 106 -19.88 -51.09 44.04
CA LEU J 106 -18.66 -51.52 43.37
C LEU J 106 -17.98 -52.60 44.21
#